data_9E87
#
_entry.id   9E87
#
loop_
_entity.id
_entity.type
_entity.pdbx_description
1 polymer 'DNA-directed RNA polymerase subunit alpha'
2 polymer 'DNA-directed RNA polymerase subunit beta'
3 polymer "DNA-directed RNA polymerase subunit beta'"
4 polymer 'DNA-directed RNA polymerase subunit omega'
5 polymer 'RNA polymerase sigma factor SigA'
6 polymer 'RNA polymerase-binding protein RbpA'
7 polymer 'Ubiquitin-like protein SMT3,RNA polymerase-binding transcription factor CarD'
8 polymer 'DNA (62-MER)'
9 polymer 'DNA (54-MER)'
10 non-polymer 'ZINC ION'
11 non-polymer 'MAGNESIUM ION'
#
loop_
_entity_poly.entity_id
_entity_poly.type
_entity_poly.pdbx_seq_one_letter_code
_entity_poly.pdbx_strand_id
1 'polypeptide(L)'
;MLISQRPTLSEDVLTDNRSQFVIEPLEPGFGYTLGNSLRRTLLSSIPGAAVTSIRIDGVLHEFTTVPGVKEDVTEIILNL
KSLVVSSEEDEPVTMYLRKQGPGEVTAGDIVPPAGVTVHNPGMHIATLNDKGKLEVELVVERGRGYVPAVQNRASGAEIG
RIPVDSIYSPVLKVTYKVDATRVEQRTDFDKLILDVETKNSISPRDALASAGKTLVELFGLARELNVEAEGIEIGPSPAE
ADHIASFALPIDDLDLTVRSYNCLKREGVHTVGELVARTESDLLDIRNFGQKSIDEVKIKLHQLGLSLKDSPPSFDPSEV
AGYDVATGTWSTEGAYDEQDYAETEQL
;
A,B
2 'polypeptide(L)'
;MEGCILADSRQSKTAASPSPSRPQSSSNNSVPGAPNRVSFAKLREPLEVPGLLDVQTDSFEWLIGSPRWRESAAERGDVN
PVGGLEEVLYELSPIEDFSGSMSLSFSDPRFDDVKAPVDECKDKDMTYAAPLFVTAEFINNNTGEIKSQTVFMGDFPMMT
EKGTFIINGTERVVVSQLVRSPGVYFDETIDKSTDKTLHSVKVIPSRGAWLEFDVDKRDTVGVRIDRKRRQPVTVLLKAL
GWTSEQIVERFGFSEIMRSTLEKDNTVGTDEALLDIYRKLRPGEPPTKESAQTLLENLFFKEKRYDLARVGRYKVNKKLG
LHVGEPITSSTLTEEDVVATIEYLVRLHEGQTTMTVPGGVEVPVETDDIDHFGNRRLRTVGELIQNQIRVGMSRMERVVR
ERMTTQDVEAITPQTLINIRPVVAAIKEFFGTSQLSQFMDQNNPLSGLTHKRRLSALGPGGLSRERAGLEVRDVHPSHYG
RMCPIETPEGPNIGLIGSLSVYARVNPFGFIETPYRKVVDGVVSDEIVYLTADEEDRHVVAQANSPIDADGRFVEPRVLV
RRKAGEVEYVPSSEVDYMDVSPRQMVSVATAMIPFLEHDDANRALMGANMQRQAVPLVRSEAPLVGTGMELRAAIDAGDV
VVAEESGVIEEVSADYITVMHDNGTRRTYRMRKFARSNHGTCANQCPIVDAGDRVEAGQVIADGPCTDDGEMALGKNLLV
AIMPWEGHNYEDAIILSNRLVEEDVLTSIHIEEHEIDARDTKLGAEEITRDIPNISDEVLADLDERGIVRIGAEVRDGDI
LVGKVTPKGETELTPEERLLRAIFGEKAREVRDTSLKVPHGESGKVIGIRVFSREDEDELPAGVNELVRVYVAQKRKISD
GDKLAGRHGNKGVIGKILPVEDMPFLADGTPVDIILNTHGVPRRMNIGQILETHLGWCAHSGWKVDAAKGVPDWAARLPD
ELLEAQPNAIVSTPVFDGAQEAELQGLLSCTLPNRDGDVLVDADGKAMLFDGRSGEPFPYPVTVGYMYIMKLHHLVDDKI
HARSTGPYSMITQQPLGGKAQFGGQRFGEMECWAMQAYGAAYTLQELLTIKSDDTVGRVKVYEAIVKGENIPEPGIPESF
KVLLKELQSLCLNVEVLSSDGAAIELREGEDEDLERAAANLGINLSRNESASVEDLA
;
C
3 'polypeptide(L)'
;LARHGGSGAMLDVNFFDELRIGLATAEDIRQWSYGEVKKPETINYRTLKPEKDGLFCEKIFGPTRDWECYCGKYKRVRFK
GIICERCGVEVTRAKVRRERMGHIELAAPVTHIWYFKGVPSRLGYLLDLAPKDLEKIIYFAAYVITSVDEEMRHNELSTL
EAEMAVERKAVEDQRDGELEARAQKLEADLAELEAEGAKADARRKVRDGGEREMRQIRDRAQRELDRLEDIWSTFTKLAP
KQLIVDENLYRELVDRYGEYFTGAMGAESIQKLIENFDIDAEAESLRDVIRNGKGQKKLRALKRLKVVAAFQQSGNSPMG
MVLDAVPVIPPELRPMVQLDGGRFATSDLNDLYRRVINRNNRLKRLIDLGAPEIIVNNEKRMLQESVDALFDNGRRGRPV
TGPGNRPLKSLSDLLKGKQGRFRQNLLGKRVDYSGRSVIVVGPQLKLHQCGLPKLMALELFKPFVMKRLVDLNHAQNIKS
AKRMVERQRPQVWDVLEEVIAEHPVLLNRAPTLHRLGIQAFEPMLVEGKAIQLHPLVCEAFNADFDGDQMAVHLPLSAEA
QAEARILMLSSNNILSPASGRPLAMPRLDMVTGLYYLTTEVPGDTGEYQPASGDHPETGVYSSPAEAIMAADRGVLSVRA
KIKVRLTQLRPPVEIEAELFGHSGWQPGDAWMAETTLGRVMFNELLPLGYPFVNKQMHKKVQAAIINDLAERYPMIVVAQ
TVDKLKDAGFYWATRSGVTVSMADVLVPPRKKEILDHYEERADKVEKQFQRGALNHDERNEALVEIWKEATDEVGQALRE
HYPDDNPIITIVDSGATGNFTQTRTLAGMKGLVTNPKGEFIPRPVKSSFREGLTVLEYFINTHGARKGLADTALRTADSG
YLTRRLVDVSQDVIVREHDCQTERGIVVELAERAPDGTLIRDPYIETSAYARTLGTDAVDEAGNVIVERGQDLGDPEIDA
LLAAGITQVKVRSVLTCATSTGVCATCYGRSMATGKLVDIGEAVGIVAAQSIGEPGTQLTMRTFHQGGVGEDITGGLPRV
QELFEARVPRGKAPIADVTGRVRLEDGERFYKITIVPDDGGEEVVYDKISKRQRLRVFKHEDGSERVLSDGDHVEVGQQL
MEGSADPHEVLRVQGPREVQIHLVREVQEVYRAQGVSIHDKHIEVIVRQMLRRVTIIDSGSTEFLPGSLIDRAEFEAENR
RVVAEGGEPAAGRPVLMGITKASLATDSWLSAASFQETTRVLTDAAINCRSDKLNGLKENVIIGKLIPAGTGINRYRNIA
VQPTEEARAAAYTIPSYEDQYYSPDFGAATGAAVPLDDYGYSDYRHHHHHHHH
;
D
4 'polypeptide(L)'
;MSISQSDASLAAVPAVDQFDPSSGASGGYDTPLGITNPPIDELLDRVSSKYALVIYAAKRARQINDYYNQLGEGILEYVG
PLVEPGLQEKPLSIALREIHADLLEHTEGE
;
E
5 'polypeptide(L)'
;HHHHHHHHHHSSGLEVLFQGPHMAATKASTATDEPVKRTATKSPAASASGAKTGAKRTAAKSASGSPPAKRATKPAARSV
KPASAPQDTTTSTIPKRKTRAAAKSAAAKAPSARGHATKPRAPKDAQHEAATDPEDALDSVEELDAEPDLDVEPGEDLDL
DAADLNLDDLEDDVAPDADDDLDSGDDEDHEDLEAEAAVAPGQTADDDEEIAEPTEKDKASGDFVWDEDESEALRQARKD
AELTASADSVRAYLKQIGKVALLNAEEEVELAKRIEAGLYATQLMTELSERGEKLPAAQRRDMMWICRDGDRAKNHLLEA
NLRLVVSLAKRYTGRGMAFLDLIQEGNLGLIRAVEKFDYTKGYKFSTYATWWIRQAITRAMADQARTIRIPVHMVEVINK
LGRIQRELLQDLGREPTPEELAKEMDITPEKVLEIQQYAREPISLDQTIGDEGDSQLGDFIEDSEAVVAVDAVSFTLLQD
QLQSVLDTLSEREAGVVRLRFGLTDGQPRTLDEIGQVYGVTRERIRQIESKTMSKLRHPSRSQVLRDYLD
;
F
6 'polypeptide(L)'
;MADRVLRGSRLGAVSYETDRNHDLAPRQIARYRTDNGEEFEVPFADDAEIPGTWLCRNGMEGTLIEGDLPEPKKVKPPRT
HWDMLLERRSIEELEELLKERLELIRSRRRG
;
J
7 'polypeptide(L)'
;MGHHHHHHHHHHSSGHIEGRHMASMSDSEVNQEAKPEVKPEVKPETHINLKVSDGSSEIFFKIKKTTPLRRLMEAFAKRQ
GKEMDSLRFLYDGIRIQADQTPEDLDMEDNDIIEAHREQIGGSMIFKVGDTVVYPHHGAALVEAIETRTIKGEQKEYLVL
KVAQGDLTVRVPAENAEYVGVRDVVGQEGLDKVFQVLRAPHTEEPTNWSRRYKANLEKLASGDVNKVAEVVRDLWRRDQE
RGLSAGEKRMLAKARQILVGELALAESTDDAKAETILDEVLAAAS
;
M
8 'polydeoxyribonucleotide'
;(DC)(DT)(DT)(DA)(DA)(DA)(DA)(DG)(DA)(DT)(DT)(DA)(DA)(DT)(DT)(DT)(DA)(DA)(DA)(DA)
(DT)(DT)(DT)(DA)(DT)(DC)(DA)(DA)(DA)(DA)(DA)(DG)(DA)(DG)(DT)(DA)(DT)(DT)(DG)(DA)
(DC)(DT)(DT)(DA)(DA)(DA)(DG)(DT)(DC)(DT)(DA)(DA)(DC)(DC)(DT)(DA)(DT)(DA)(DG)(DG)
(DA)(DT)(DA)(DC)(DT)(DT)(DA)(DC)(DA)(DG)(DC)(DC)(DA)(DG)(DC)(DG)(DA)(DG)(DA)(DG)
(DG)(DG)(DA)(DC)(DA)(DC)(DG)(DG)(DC)(DG)(DA)(DA)(DT)(DA)(DG)(DC)(DC)(DA)(DT)(DC)
(DC)(DC)(DA)(DA)(DT)(DC)(DG)(DA)(DC)(DA)(DC)(DC)(DG)(DG)(DG)(DG)(DT)(DC)(DG)(DG)
(DG)(DA)(DT)(DC)(DT)(DG)(DG)
;
N
9 'polydeoxyribonucleotide'
;(DC)(DC)(DA)(DG)(DA)(DT)(DC)(DC)(DC)(DG)(DA)(DC)(DC)(DC)(DC)(DG)(DG)(DT)(DG)(DT)
(DC)(DG)(DA)(DT)(DT)(DG)(DG)(DG)(DA)(DT)(DG)(DG)(DC)(DT)(DA)(DT)(DT)(DC)(DG)(DC)
(DC)(DG)(DT)(DG)(DT)(DC)(DC)(DC)(DT)(DC)(DT)(DC)(DG)(DC)(DT)(DG)(DG)(DC)(DT)(DG)
(DT)(DA)(DA)(DG)(DT)(DA)(DT)(DC)(DC)(DT)(DA)(DT)(DA)(DG)(DG)(DT)(DT)(DA)(DG)(DA)
(DC)(DT)(DT)(DT)(DA)(DA)(DG)(DT)(DC)(DA)(DA)(DT)(DA)(DC)(DT)(DC)(DT)(DT)(DT)(DT)
(DT)(DG)(DA)(DT)(DA)(DA)(DA)(DT)(DT)(DT)(DT)(DA)(DA)(DA)(DT)(DT)(DA)(DA)(DT)(DC)
(DT)(DT)(DT)(DT)(DA)(DA)(DG)
;
T
#
loop_
_chem_comp.id
_chem_comp.type
_chem_comp.name
_chem_comp.formula
DA DNA linking 2'-DEOXYADENOSINE-5'-MONOPHOSPHATE 'C10 H14 N5 O6 P'
DC DNA linking 2'-DEOXYCYTIDINE-5'-MONOPHOSPHATE 'C9 H14 N3 O7 P'
DG DNA linking 2'-DEOXYGUANOSINE-5'-MONOPHOSPHATE 'C10 H14 N5 O7 P'
DT DNA linking THYMIDINE-5'-MONOPHOSPHATE 'C10 H15 N2 O8 P'
MG non-polymer 'MAGNESIUM ION' 'Mg 2'
ZN non-polymer 'ZINC ION' 'Zn 2'
#
# COMPACT_ATOMS: atom_id res chain seq x y z
N LEU A 2 30.74 67.91 3.30
CA LEU A 2 30.28 66.90 4.25
C LEU A 2 29.01 67.36 4.94
N ILE A 3 28.06 66.43 5.13
CA ILE A 3 26.81 66.77 5.79
C ILE A 3 27.12 67.27 7.19
N SER A 4 26.79 68.53 7.45
CA SER A 4 26.99 69.13 8.76
C SER A 4 25.76 69.06 9.64
N GLN A 5 24.66 68.48 9.15
CA GLN A 5 23.44 68.34 9.96
C GLN A 5 23.35 66.86 10.33
N ARG A 6 23.47 66.57 11.62
CA ARG A 6 23.31 65.21 12.09
C ARG A 6 21.82 64.82 12.10
N PRO A 7 21.49 63.56 11.87
CA PRO A 7 20.07 63.18 11.75
C PRO A 7 19.28 63.56 12.99
N THR A 8 18.03 63.99 12.76
CA THR A 8 17.13 64.43 13.81
C THR A 8 15.79 63.73 13.64
N LEU A 9 15.07 63.62 14.75
CA LEU A 9 13.77 62.97 14.80
C LEU A 9 12.69 63.98 15.11
N SER A 10 11.50 63.78 14.55
CA SER A 10 10.37 64.65 14.83
C SER A 10 9.12 63.79 14.92
N GLU A 11 8.47 63.85 16.08
CA GLU A 11 7.15 63.27 16.30
C GLU A 11 6.13 63.98 15.42
N ASP A 12 5.13 63.23 14.93
CA ASP A 12 3.99 63.77 14.20
C ASP A 12 2.81 62.85 14.50
N VAL A 13 2.00 63.21 15.50
CA VAL A 13 0.85 62.39 15.85
C VAL A 13 -0.25 62.59 14.82
N LEU A 14 -0.83 61.49 14.34
CA LEU A 14 -2.03 61.52 13.53
C LEU A 14 -3.27 61.14 14.31
N THR A 15 -3.18 60.14 15.19
CA THR A 15 -4.23 59.84 16.14
C THR A 15 -3.56 59.48 17.47
N ASP A 16 -4.37 59.22 18.50
CA ASP A 16 -3.81 58.87 19.80
C ASP A 16 -3.14 57.51 19.76
N ASN A 17 -3.71 56.56 19.01
CA ASN A 17 -3.16 55.21 18.98
C ASN A 17 -2.00 55.08 18.01
N ARG A 18 -2.12 55.66 16.81
CA ARG A 18 -1.08 55.59 15.80
C ARG A 18 -0.46 56.97 15.57
N SER A 19 0.75 56.97 15.04
CA SER A 19 1.52 58.20 14.90
C SER A 19 2.67 57.99 13.93
N GLN A 20 3.00 59.04 13.17
CA GLN A 20 4.09 59.03 12.22
C GLN A 20 5.30 59.73 12.81
N PHE A 21 6.48 59.21 12.53
CA PHE A 21 7.74 59.76 13.01
C PHE A 21 8.66 59.99 11.83
N VAL A 22 9.21 61.19 11.70
CA VAL A 22 10.06 61.54 10.56
C VAL A 22 11.49 61.72 11.04
N ILE A 23 12.43 61.03 10.39
CA ILE A 23 13.85 61.12 10.68
C ILE A 23 14.54 61.70 9.47
N GLU A 24 15.29 62.79 9.66
CA GLU A 24 15.89 63.51 8.57
C GLU A 24 17.02 64.38 9.11
N PRO A 25 18.06 64.65 8.32
CA PRO A 25 18.37 64.13 6.97
C PRO A 25 19.31 62.92 7.05
N LEU A 26 18.86 61.77 6.60
CA LEU A 26 19.66 60.56 6.68
C LEU A 26 20.58 60.44 5.48
N GLU A 27 21.68 59.71 5.67
CA GLU A 27 22.66 59.58 4.60
C GLU A 27 22.01 58.90 3.40
N PRO A 28 22.45 59.25 2.18
CA PRO A 28 21.80 58.68 0.99
C PRO A 28 21.88 57.15 1.00
N GLY A 29 20.78 56.52 0.61
CA GLY A 29 20.71 55.07 0.63
C GLY A 29 20.78 54.48 2.01
N PHE A 30 20.20 55.15 3.01
CA PHE A 30 20.17 54.66 4.38
C PHE A 30 18.76 54.61 4.96
N GLY A 31 17.83 55.39 4.40
CA GLY A 31 16.49 55.44 4.95
C GLY A 31 15.85 54.08 5.04
N TYR A 32 15.74 53.39 3.90
CA TYR A 32 15.05 52.10 3.86
C TYR A 32 15.56 51.19 4.96
N THR A 33 16.88 51.11 5.12
CA THR A 33 17.45 50.23 6.14
C THR A 33 17.03 50.67 7.54
N LEU A 34 17.03 51.98 7.80
CA LEU A 34 16.68 52.41 9.16
C LEU A 34 15.20 52.24 9.47
N GLY A 35 14.35 52.57 8.50
CA GLY A 35 12.93 52.32 8.65
C GLY A 35 12.71 50.87 8.94
N ASN A 36 13.42 50.00 8.24
CA ASN A 36 13.28 48.57 8.47
C ASN A 36 13.81 48.18 9.85
N SER A 37 14.88 48.81 10.32
CA SER A 37 15.39 48.51 11.64
C SER A 37 14.35 48.83 12.70
N LEU A 38 13.82 50.04 12.68
CA LEU A 38 12.83 50.42 13.67
C LEU A 38 11.55 49.61 13.53
N ARG A 39 11.23 49.16 12.32
CA ARG A 39 10.06 48.30 12.16
C ARG A 39 10.30 46.92 12.75
N ARG A 40 11.40 46.28 12.37
CA ARG A 40 11.71 44.95 12.89
C ARG A 40 11.89 44.97 14.39
N THR A 41 12.21 46.12 14.97
CA THR A 41 12.28 46.22 16.42
C THR A 41 10.90 46.40 17.02
N LEU A 42 10.20 47.45 16.59
CA LEU A 42 8.86 47.71 17.11
C LEU A 42 7.99 46.48 17.01
N LEU A 43 7.99 45.84 15.85
CA LEU A 43 7.07 44.74 15.58
C LEU A 43 7.48 43.45 16.27
N SER A 44 8.60 43.41 16.99
CA SER A 44 9.07 42.15 17.56
C SER A 44 9.34 42.19 19.05
N SER A 45 9.91 43.27 19.59
CA SER A 45 10.52 43.23 20.91
C SER A 45 10.18 44.46 21.73
N ILE A 46 8.91 44.84 21.75
CA ILE A 46 8.40 45.85 22.66
C ILE A 46 7.78 45.13 23.85
N PRO A 47 8.32 45.28 25.06
CA PRO A 47 7.75 44.54 26.20
C PRO A 47 6.31 44.96 26.44
N GLY A 48 5.45 43.96 26.66
CA GLY A 48 4.05 44.21 26.93
C GLY A 48 3.50 43.26 27.96
N ALA A 49 2.18 43.12 28.02
CA ALA A 49 1.54 42.23 28.97
C ALA A 49 0.28 41.67 28.35
N ALA A 50 0.06 40.37 28.55
CA ALA A 50 -1.12 39.71 28.04
C ALA A 50 -1.48 38.57 28.97
N VAL A 51 -2.76 38.21 28.97
CA VAL A 51 -3.23 37.11 29.78
C VAL A 51 -2.48 35.85 29.41
N THR A 52 -2.18 35.02 30.41
CA THR A 52 -1.44 33.78 30.21
C THR A 52 -2.30 32.54 30.42
N SER A 53 -3.07 32.49 31.50
CA SER A 53 -3.91 31.34 31.80
C SER A 53 -5.23 31.83 32.38
N ILE A 54 -6.32 31.23 31.93
CA ILE A 54 -7.64 31.47 32.50
C ILE A 54 -8.03 30.25 33.33
N ARG A 55 -8.94 30.42 34.28
CA ARG A 55 -9.37 29.33 35.14
C ARG A 55 -10.89 29.35 35.34
N ILE A 56 -11.66 29.37 34.25
CA ILE A 56 -13.13 29.38 34.37
C ILE A 56 -13.56 28.41 35.45
N ASP A 57 -14.46 28.87 36.32
CA ASP A 57 -14.78 28.10 37.52
C ASP A 57 -15.41 26.76 37.17
N GLY A 58 -16.36 26.75 36.25
CA GLY A 58 -17.10 25.54 35.94
C GLY A 58 -16.31 24.47 35.21
N VAL A 59 -15.57 24.86 34.19
CA VAL A 59 -14.95 23.87 33.31
C VAL A 59 -13.61 23.42 33.88
N LEU A 60 -13.11 22.31 33.33
CA LEU A 60 -11.83 21.74 33.71
C LEU A 60 -10.84 21.63 32.56
N HIS A 61 -11.32 21.58 31.32
CA HIS A 61 -10.46 21.56 30.16
C HIS A 61 -10.98 22.57 29.14
N GLU A 62 -10.12 22.92 28.18
CA GLU A 62 -10.48 23.95 27.21
C GLU A 62 -11.63 23.53 26.33
N PHE A 63 -11.66 22.26 25.91
CA PHE A 63 -12.64 21.79 24.92
C PHE A 63 -13.95 21.42 25.60
N THR A 64 -14.75 22.43 25.90
CA THR A 64 -16.07 22.18 26.48
C THR A 64 -16.92 23.44 26.51
N THR A 65 -18.04 23.38 27.22
CA THR A 65 -18.99 24.48 27.31
C THR A 65 -19.26 24.84 28.76
N VAL A 66 -19.73 26.06 28.96
CA VAL A 66 -20.15 26.56 30.27
C VAL A 66 -21.67 26.64 30.27
N PRO A 67 -22.36 26.06 31.26
CA PRO A 67 -23.82 26.16 31.28
C PRO A 67 -24.31 27.60 31.29
N GLY A 68 -24.99 28.01 30.23
CA GLY A 68 -25.57 29.34 30.15
C GLY A 68 -24.94 30.20 29.08
N VAL A 69 -23.62 30.15 28.98
CA VAL A 69 -22.91 30.91 27.96
C VAL A 69 -23.25 30.35 26.59
N LYS A 70 -23.36 31.23 25.60
CA LYS A 70 -23.54 30.80 24.22
C LYS A 70 -22.24 30.36 23.55
N GLU A 71 -21.11 30.94 23.96
CA GLU A 71 -19.81 30.63 23.39
C GLU A 71 -19.15 29.50 24.16
N ASP A 72 -18.91 28.37 23.48
CA ASP A 72 -18.10 27.32 24.08
C ASP A 72 -16.78 27.90 24.56
N VAL A 73 -16.15 27.21 25.50
CA VAL A 73 -14.98 27.72 26.20
C VAL A 73 -13.94 28.22 25.20
N THR A 74 -13.73 27.47 24.12
CA THR A 74 -12.69 27.85 23.18
C THR A 74 -12.99 29.20 22.53
N GLU A 75 -14.27 29.49 22.29
CA GLU A 75 -14.61 30.81 21.75
C GLU A 75 -14.33 31.89 22.78
N ILE A 76 -14.54 31.60 24.07
CA ILE A 76 -14.15 32.55 25.10
C ILE A 76 -12.64 32.76 25.08
N ILE A 77 -11.88 31.68 24.87
CA ILE A 77 -10.43 31.79 24.77
C ILE A 77 -10.05 32.73 23.64
N LEU A 78 -10.65 32.52 22.46
CA LEU A 78 -10.30 33.34 21.31
C LEU A 78 -10.71 34.79 21.52
N ASN A 79 -11.90 35.01 22.09
CA ASN A 79 -12.34 36.38 22.37
C ASN A 79 -11.38 37.06 23.35
N LEU A 80 -11.00 36.35 24.41
CA LEU A 80 -10.10 36.92 25.40
C LEU A 80 -8.74 37.23 24.78
N LYS A 81 -8.27 36.39 23.88
CA LYS A 81 -6.95 36.59 23.29
C LYS A 81 -6.86 37.88 22.49
N SER A 82 -7.97 38.58 22.27
CA SER A 82 -7.96 39.90 21.67
C SER A 82 -7.93 41.02 22.70
N LEU A 83 -7.91 40.68 24.00
CA LEU A 83 -7.84 41.71 25.02
C LEU A 83 -6.50 42.44 24.93
N VAL A 84 -6.48 43.66 25.45
CA VAL A 84 -5.27 44.47 25.51
C VAL A 84 -5.17 45.04 26.92
N VAL A 85 -4.32 44.44 27.75
CA VAL A 85 -4.13 44.83 29.13
C VAL A 85 -2.68 45.22 29.32
N SER A 86 -2.45 46.33 30.02
CA SER A 86 -1.11 46.81 30.33
C SER A 86 -0.85 46.64 31.82
N SER A 87 0.21 45.93 32.16
CA SER A 87 0.57 45.65 33.54
C SER A 87 1.83 46.41 33.91
N GLU A 88 1.89 46.87 35.15
CA GLU A 88 3.07 47.56 35.67
C GLU A 88 4.01 46.63 36.42
N GLU A 89 3.48 45.71 37.22
CA GLU A 89 4.31 44.75 37.93
C GLU A 89 4.75 43.64 36.98
N ASP A 90 5.94 43.09 37.25
CA ASP A 90 6.53 42.05 36.42
C ASP A 90 6.37 40.67 37.04
N GLU A 91 5.36 40.47 37.89
CA GLU A 91 5.03 39.18 38.43
C GLU A 91 3.58 38.85 38.12
N PRO A 92 3.23 37.56 37.96
CA PRO A 92 1.85 37.22 37.58
C PRO A 92 0.82 37.87 38.47
N VAL A 93 -0.15 38.57 37.89
CA VAL A 93 -1.21 39.23 38.65
C VAL A 93 -2.56 38.74 38.14
N THR A 94 -3.40 38.27 39.06
CA THR A 94 -4.64 37.62 38.69
C THR A 94 -5.79 38.62 38.68
N MET A 95 -6.45 38.75 37.54
CA MET A 95 -7.67 39.54 37.42
C MET A 95 -8.87 38.62 37.41
N TYR A 96 -10.00 39.15 37.88
CA TYR A 96 -11.20 38.34 38.09
C TYR A 96 -12.37 38.94 37.33
N LEU A 97 -13.34 38.09 37.01
CA LEU A 97 -14.55 38.52 36.33
C LEU A 97 -15.67 37.57 36.75
N ARG A 98 -16.82 38.13 37.15
CA ARG A 98 -17.91 37.36 37.79
C ARG A 98 -19.29 37.75 37.26
N LYS A 99 -19.47 37.74 35.94
CA LYS A 99 -20.76 38.14 35.41
C LYS A 99 -21.82 37.08 35.70
N GLN A 100 -23.06 37.54 35.86
CA GLN A 100 -24.15 36.69 36.32
C GLN A 100 -25.41 37.01 35.54
N GLY A 101 -26.22 35.97 35.31
CA GLY A 101 -27.55 36.15 34.79
C GLY A 101 -27.59 36.76 33.41
N PRO A 102 -28.75 37.27 33.00
CA PRO A 102 -28.87 37.81 31.64
C PRO A 102 -27.91 38.97 31.41
N GLY A 103 -27.39 39.03 30.19
CA GLY A 103 -26.52 40.13 29.80
C GLY A 103 -25.22 39.69 29.16
N GLU A 104 -24.53 40.60 28.48
CA GLU A 104 -23.27 40.26 27.84
C GLU A 104 -22.12 40.46 28.82
N VAL A 105 -21.13 39.57 28.74
CA VAL A 105 -19.93 39.67 29.58
C VAL A 105 -18.95 40.54 28.79
N THR A 106 -19.12 41.84 28.90
CA THR A 106 -18.12 42.74 28.36
C THR A 106 -16.84 42.63 29.18
N ALA A 107 -15.70 42.75 28.50
CA ALA A 107 -14.44 42.73 29.22
C ALA A 107 -14.33 43.91 30.17
N GLY A 108 -15.16 44.93 30.00
CA GLY A 108 -15.23 46.02 30.95
C GLY A 108 -15.76 45.60 32.32
N ASP A 109 -16.29 44.39 32.44
CA ASP A 109 -16.72 43.86 33.71
C ASP A 109 -15.59 43.15 34.47
N ILE A 110 -14.42 43.00 33.85
CA ILE A 110 -13.27 42.43 34.53
C ILE A 110 -12.84 43.40 35.63
N VAL A 111 -12.75 42.90 36.85
CA VAL A 111 -12.23 43.70 37.95
C VAL A 111 -10.71 43.56 37.93
N PRO A 112 -9.95 44.62 37.66
CA PRO A 112 -8.50 44.46 37.53
C PRO A 112 -7.81 44.63 38.88
N PRO A 113 -6.76 43.85 39.15
CA PRO A 113 -5.96 44.12 40.34
C PRO A 113 -5.18 45.40 40.17
N ALA A 114 -4.80 45.99 41.30
CA ALA A 114 -4.03 47.22 41.26
C ALA A 114 -2.72 47.00 40.52
N GLY A 115 -2.43 47.88 39.57
CA GLY A 115 -1.24 47.81 38.76
C GLY A 115 -1.46 47.34 37.34
N VAL A 116 -2.68 46.93 36.99
CA VAL A 116 -3.02 46.58 35.62
C VAL A 116 -4.28 47.36 35.24
N THR A 117 -4.52 47.47 33.94
CA THR A 117 -5.70 48.16 33.43
C THR A 117 -6.13 47.54 32.12
N VAL A 118 -7.44 47.42 31.94
CA VAL A 118 -8.02 46.87 30.71
C VAL A 118 -8.28 48.05 29.77
N HIS A 119 -7.62 48.05 28.62
CA HIS A 119 -7.68 49.21 27.73
C HIS A 119 -8.92 49.18 26.84
N ASN A 120 -9.28 48.00 26.31
CA ASN A 120 -10.47 47.89 25.48
C ASN A 120 -11.63 47.45 26.36
N PRO A 121 -12.57 48.33 26.72
CA PRO A 121 -13.60 47.95 27.70
C PRO A 121 -14.67 47.03 27.16
N GLY A 122 -15.17 47.32 25.95
CA GLY A 122 -16.39 46.72 25.47
C GLY A 122 -16.22 45.41 24.71
N MET A 123 -15.07 44.77 24.87
CA MET A 123 -14.84 43.49 24.22
C MET A 123 -15.90 42.48 24.66
N HIS A 124 -16.44 41.73 23.69
CA HIS A 124 -17.53 40.78 23.94
C HIS A 124 -16.92 39.43 24.27
N ILE A 125 -16.69 39.19 25.56
CA ILE A 125 -16.13 37.90 25.98
C ILE A 125 -17.14 36.78 25.77
N ALA A 126 -18.42 37.04 26.06
CA ALA A 126 -19.47 36.05 25.88
C ALA A 126 -20.81 36.73 26.11
N THR A 127 -21.88 35.96 25.96
CA THR A 127 -23.22 36.40 26.30
C THR A 127 -23.87 35.38 27.22
N LEU A 128 -24.60 35.87 28.21
CA LEU A 128 -25.16 35.04 29.26
C LEU A 128 -26.68 35.16 29.27
N ASN A 129 -27.33 34.00 29.29
CA ASN A 129 -28.78 33.91 29.36
C ASN A 129 -29.20 33.90 30.85
N ASP A 130 -30.45 33.55 31.13
CA ASP A 130 -30.92 33.57 32.50
C ASP A 130 -30.11 32.64 33.39
N LYS A 131 -29.78 31.46 32.90
CA LYS A 131 -28.95 30.53 33.65
C LYS A 131 -27.47 30.90 33.65
N GLY A 132 -27.10 31.97 32.95
CA GLY A 132 -25.71 32.35 32.82
C GLY A 132 -25.00 32.63 34.14
N LYS A 133 -23.80 32.07 34.28
CA LYS A 133 -22.93 32.37 35.42
C LYS A 133 -21.51 32.14 34.93
N LEU A 134 -20.71 33.19 34.90
CA LEU A 134 -19.33 33.08 34.44
C LEU A 134 -18.40 33.75 35.45
N GLU A 135 -17.46 32.97 35.98
CA GLU A 135 -16.48 33.44 36.96
C GLU A 135 -15.11 32.99 36.48
N VAL A 136 -14.45 33.85 35.71
CA VAL A 136 -13.13 33.55 35.17
C VAL A 136 -12.08 34.30 35.99
N GLU A 137 -10.89 33.70 36.06
CA GLU A 137 -9.75 34.27 36.78
C GLU A 137 -8.54 34.28 35.85
N LEU A 138 -8.42 35.36 35.09
CA LEU A 138 -7.32 35.50 34.14
C LEU A 138 -6.03 35.81 34.89
N VAL A 139 -4.89 35.48 34.27
CA VAL A 139 -3.58 35.75 34.87
C VAL A 139 -2.74 36.56 33.88
N VAL A 140 -2.34 37.77 34.29
CA VAL A 140 -1.51 38.64 33.46
C VAL A 140 -0.03 38.46 33.82
N GLU A 141 0.84 38.76 32.84
CA GLU A 141 2.24 38.42 33.00
C GLU A 141 2.97 39.25 31.92
N ARG A 142 4.17 39.74 32.23
CA ARG A 142 4.95 40.61 31.35
C ARG A 142 5.94 39.84 30.47
N GLY A 143 6.20 40.38 29.28
CA GLY A 143 7.17 39.73 28.42
C GLY A 143 7.17 40.31 27.02
N ARG A 144 7.71 39.51 26.09
CA ARG A 144 7.92 39.92 24.71
C ARG A 144 7.70 38.73 23.79
N GLY A 145 7.12 39.00 22.62
CA GLY A 145 6.95 37.99 21.61
C GLY A 145 5.80 37.05 21.89
N TYR A 146 5.75 35.98 21.10
CA TYR A 146 4.75 34.94 21.21
C TYR A 146 5.31 33.78 22.00
N VAL A 147 4.76 33.53 23.19
CA VAL A 147 5.16 32.41 24.02
C VAL A 147 4.06 31.34 23.89
N PRO A 148 4.36 30.15 23.38
CA PRO A 148 3.31 29.13 23.28
C PRO A 148 2.77 28.80 24.66
N ALA A 149 1.53 28.33 24.70
CA ALA A 149 0.88 28.03 25.97
C ALA A 149 1.76 27.15 26.83
N VAL A 150 2.08 27.61 28.03
CA VAL A 150 2.95 26.85 28.92
C VAL A 150 2.22 25.58 29.34
N GLN A 151 2.92 24.44 29.24
CA GLN A 151 2.31 23.17 29.57
C GLN A 151 1.84 23.17 31.01
N ASN A 152 0.63 22.66 31.23
CA ASN A 152 0.13 22.50 32.60
C ASN A 152 0.93 21.48 33.37
N ARG A 153 1.73 20.65 32.68
CA ARG A 153 2.62 19.71 33.37
C ARG A 153 3.93 20.38 33.77
N ALA A 154 4.57 21.06 32.82
CA ALA A 154 5.84 21.73 33.12
C ALA A 154 5.66 22.73 34.25
N SER A 155 4.68 23.62 34.11
CA SER A 155 4.35 24.54 35.19
C SER A 155 3.48 23.84 36.22
N GLY A 156 3.58 24.29 37.47
CA GLY A 156 2.74 23.75 38.52
C GLY A 156 1.33 24.26 38.40
N ALA A 157 0.40 23.37 38.05
CA ALA A 157 -0.97 23.77 37.78
C ALA A 157 -1.92 22.63 38.12
N GLU A 158 -3.08 23.00 38.66
CA GLU A 158 -4.15 22.04 38.89
C GLU A 158 -4.95 21.86 37.60
N ILE A 159 -5.84 20.87 37.61
CA ILE A 159 -6.62 20.51 36.44
C ILE A 159 -7.40 21.73 35.93
N GLY A 160 -7.81 22.60 36.84
CA GLY A 160 -8.64 23.73 36.45
C GLY A 160 -7.98 24.66 35.46
N ARG A 161 -6.66 24.84 35.59
CA ARG A 161 -5.94 25.78 34.74
C ARG A 161 -6.13 25.46 33.27
N ILE A 162 -6.40 26.49 32.48
CA ILE A 162 -6.55 26.39 31.03
C ILE A 162 -5.44 27.22 30.40
N PRO A 163 -4.31 26.63 30.00
CA PRO A 163 -3.24 27.43 29.40
C PRO A 163 -3.72 28.14 28.15
N VAL A 164 -3.23 29.36 27.96
CA VAL A 164 -3.62 30.20 26.84
C VAL A 164 -2.36 30.82 26.26
N ASP A 165 -2.23 30.78 24.93
CA ASP A 165 -1.12 31.45 24.28
C ASP A 165 -1.13 32.93 24.59
N SER A 166 0.04 33.49 24.84
CA SER A 166 0.20 34.90 25.10
C SER A 166 0.97 35.55 23.96
N ILE A 167 0.61 36.77 23.64
CA ILE A 167 1.28 37.54 22.60
C ILE A 167 1.62 38.90 23.20
N TYR A 168 2.82 39.03 23.75
CA TYR A 168 3.26 40.26 24.39
C TYR A 168 3.84 41.18 23.32
N SER A 169 2.98 41.97 22.70
CA SER A 169 3.46 42.98 21.76
C SER A 169 2.45 44.11 21.63
N PRO A 170 2.74 45.32 22.10
CA PRO A 170 1.78 46.43 21.96
C PRO A 170 1.62 46.94 20.54
N VAL A 171 2.55 46.65 19.65
CA VAL A 171 2.51 47.20 18.31
C VAL A 171 1.48 46.45 17.47
N LEU A 172 0.81 47.16 16.58
CA LEU A 172 -0.17 46.56 15.67
C LEU A 172 0.28 46.64 14.22
N LYS A 173 0.59 47.84 13.72
CA LYS A 173 0.95 48.00 12.32
C LYS A 173 2.01 49.07 12.16
N VAL A 174 3.06 48.76 11.39
CA VAL A 174 4.17 49.69 11.18
C VAL A 174 4.55 49.70 9.70
N THR A 175 4.76 50.89 9.16
CA THR A 175 5.22 51.05 7.78
C THR A 175 6.27 52.14 7.72
N TYR A 176 7.12 52.06 6.70
CA TYR A 176 8.16 53.06 6.46
C TYR A 176 8.18 53.44 4.99
N LYS A 177 8.75 54.60 4.70
CA LYS A 177 8.89 55.10 3.34
C LYS A 177 9.87 56.26 3.36
N VAL A 178 10.46 56.54 2.20
CA VAL A 178 11.45 57.61 2.09
C VAL A 178 11.07 58.54 0.95
N ASP A 179 11.52 59.79 1.05
CA ASP A 179 11.30 60.82 0.05
C ASP A 179 12.67 61.41 -0.30
N ALA A 180 13.61 60.53 -0.66
CA ALA A 180 14.93 60.99 -1.04
C ALA A 180 14.84 61.92 -2.24
N THR A 181 15.40 63.14 -2.08
CA THR A 181 15.45 64.07 -3.21
C THR A 181 16.57 63.67 -4.17
N ARG A 182 17.79 63.50 -3.67
CA ARG A 182 18.92 63.01 -4.44
C ARG A 182 19.04 63.75 -5.77
N VAL A 183 19.32 65.05 -5.70
CA VAL A 183 19.36 65.92 -6.88
C VAL A 183 20.72 65.82 -7.56
N GLU A 184 20.81 66.33 -8.79
CA GLU A 184 22.05 66.24 -9.56
C GLU A 184 23.20 66.95 -8.87
N GLN A 185 22.91 67.97 -8.06
CA GLN A 185 23.95 68.70 -7.36
C GLN A 185 24.67 67.86 -6.31
N ARG A 186 24.22 66.64 -6.07
CA ARG A 186 24.79 65.68 -5.12
C ARG A 186 24.49 66.06 -3.68
N THR A 187 23.71 67.11 -3.43
CA THR A 187 23.24 67.43 -2.09
C THR A 187 22.08 66.50 -1.70
N ASP A 188 22.39 65.21 -1.71
CA ASP A 188 21.40 64.17 -1.54
C ASP A 188 21.17 63.87 -0.06
N PHE A 189 19.96 63.45 0.26
CA PHE A 189 19.62 63.09 1.63
C PHE A 189 18.33 62.28 1.61
N ASP A 190 18.16 61.49 2.67
CA ASP A 190 16.98 60.66 2.85
C ASP A 190 16.11 61.25 3.95
N LYS A 191 14.79 61.21 3.74
CA LYS A 191 13.82 61.72 4.70
C LYS A 191 12.88 60.58 5.06
N LEU A 192 13.27 59.81 6.07
CA LEU A 192 12.48 58.66 6.48
C LEU A 192 11.19 59.09 7.14
N ILE A 193 10.09 58.42 6.77
CA ILE A 193 8.79 58.65 7.40
C ILE A 193 8.24 57.30 7.87
N LEU A 194 8.56 56.94 9.11
CA LEU A 194 7.98 55.75 9.72
C LEU A 194 6.58 56.07 10.22
N ASP A 195 5.74 55.04 10.33
CA ASP A 195 4.40 55.20 10.86
C ASP A 195 4.10 54.02 11.79
N VAL A 196 4.11 54.26 13.09
CA VAL A 196 3.81 53.24 14.09
C VAL A 196 2.32 53.28 14.39
N GLU A 197 1.77 52.14 14.76
CA GLU A 197 0.40 52.04 15.24
C GLU A 197 0.34 50.96 16.30
N THR A 198 0.15 51.38 17.55
CA THR A 198 0.10 50.52 18.72
C THR A 198 -1.35 50.16 19.03
N LYS A 199 -1.52 49.10 19.80
CA LYS A 199 -2.86 48.58 20.09
C LYS A 199 -3.47 49.22 21.34
N ASN A 200 -3.06 50.43 21.67
CA ASN A 200 -3.62 51.19 22.79
C ASN A 200 -3.12 50.69 24.13
N SER A 201 -2.35 49.59 24.14
CA SER A 201 -1.64 49.20 25.35
C SER A 201 -0.65 50.28 25.76
N ILE A 202 0.11 50.77 24.79
CA ILE A 202 1.10 51.83 25.02
C ILE A 202 0.94 52.85 23.92
N SER A 203 1.77 53.82 23.91
CA SER A 203 1.79 54.83 22.87
C SER A 203 2.89 54.53 21.86
N PRO A 204 2.76 54.97 20.60
CA PRO A 204 3.85 54.73 19.64
C PRO A 204 5.17 55.34 20.08
N ARG A 205 5.15 56.49 20.76
CA ARG A 205 6.38 57.10 21.21
C ARG A 205 7.16 56.17 22.12
N ASP A 206 6.47 55.59 23.11
CA ASP A 206 7.15 54.68 24.04
C ASP A 206 7.70 53.46 23.31
N ALA A 207 6.95 52.96 22.33
CA ALA A 207 7.41 51.83 21.55
C ALA A 207 8.71 52.16 20.83
N LEU A 208 8.73 53.30 20.14
CA LEU A 208 9.95 53.72 19.44
C LEU A 208 11.10 53.92 20.41
N ALA A 209 10.80 54.40 21.62
CA ALA A 209 11.87 54.63 22.59
C ALA A 209 12.48 53.31 23.07
N SER A 210 11.63 52.33 23.38
CA SER A 210 12.15 51.00 23.70
C SER A 210 12.94 50.43 22.54
N ALA A 211 12.50 50.71 21.31
CA ALA A 211 13.25 50.27 20.14
C ALA A 211 14.65 50.88 20.13
N GLY A 212 14.73 52.18 20.39
CA GLY A 212 15.99 52.87 20.47
C GLY A 212 16.87 52.22 21.52
N LYS A 213 16.32 51.91 22.68
CA LYS A 213 17.13 51.31 23.74
C LYS A 213 17.71 49.98 23.30
N THR A 214 16.86 49.08 22.79
CA THR A 214 17.33 47.75 22.42
C THR A 214 18.43 47.85 21.36
N LEU A 215 18.18 48.64 20.31
CA LEU A 215 19.14 48.71 19.22
C LEU A 215 20.42 49.42 19.64
N VAL A 216 20.31 50.41 20.53
CA VAL A 216 21.50 51.07 21.02
C VAL A 216 22.38 50.09 21.77
N GLU A 217 21.77 49.24 22.60
CA GLU A 217 22.56 48.25 23.31
C GLU A 217 23.24 47.29 22.34
N LEU A 218 22.46 46.75 21.39
CA LEU A 218 23.02 45.73 20.50
C LEU A 218 24.07 46.31 19.57
N PHE A 219 24.04 47.62 19.32
CA PHE A 219 25.05 48.23 18.46
C PHE A 219 26.23 48.75 19.27
N GLY A 220 26.02 49.06 20.55
CA GLY A 220 27.14 49.33 21.42
C GLY A 220 27.98 48.10 21.65
N LEU A 221 27.37 46.93 21.53
CA LEU A 221 28.14 45.69 21.54
C LEU A 221 29.30 45.77 20.55
N ALA A 222 29.03 46.30 19.36
CA ALA A 222 30.07 46.43 18.33
C ALA A 222 30.92 47.65 18.60
N MET B 1 14.00 43.73 29.41
CA MET B 1 14.18 42.36 29.96
C MET B 1 15.63 41.91 29.76
N LEU B 2 15.93 40.70 30.21
CA LEU B 2 17.25 40.14 30.03
C LEU B 2 17.36 39.51 28.64
N ILE B 3 18.43 39.86 27.93
CA ILE B 3 18.71 39.28 26.62
C ILE B 3 18.74 37.76 26.69
N SER B 4 19.06 37.20 27.86
CA SER B 4 19.14 35.77 28.12
C SER B 4 20.39 35.13 27.52
N GLN B 5 21.05 35.83 26.61
CA GLN B 5 22.27 35.40 25.94
C GLN B 5 22.97 36.65 25.46
N ARG B 6 24.20 36.88 25.92
CA ARG B 6 24.91 38.10 25.54
C ARG B 6 25.69 37.86 24.26
N PRO B 7 25.44 38.61 23.19
CA PRO B 7 26.23 38.45 21.97
C PRO B 7 27.68 38.89 22.18
N THR B 8 28.57 38.33 21.38
CA THR B 8 30.01 38.56 21.52
C THR B 8 30.62 38.67 20.14
N LEU B 9 31.28 39.80 19.86
CA LEU B 9 31.95 40.01 18.59
C LEU B 9 33.34 39.39 18.62
N SER B 10 33.65 38.57 17.62
CA SER B 10 34.98 37.98 17.50
C SER B 10 35.38 37.96 16.03
N GLU B 11 36.61 38.36 15.75
CA GLU B 11 37.06 38.56 14.37
C GLU B 11 38.11 37.53 13.98
N ASP B 12 38.08 37.14 12.71
CA ASP B 12 39.12 36.34 12.09
C ASP B 12 39.83 37.25 11.08
N VAL B 13 41.14 37.45 11.29
CA VAL B 13 41.94 38.28 10.40
C VAL B 13 42.40 37.40 9.25
N LEU B 14 42.10 37.81 8.01
CA LEU B 14 42.44 36.99 6.85
C LEU B 14 43.69 37.53 6.14
N THR B 15 43.65 38.79 5.74
CA THR B 15 44.80 39.52 5.23
C THR B 15 45.13 40.64 6.21
N ASP B 16 46.08 41.50 5.85
CA ASP B 16 46.34 42.66 6.69
C ASP B 16 45.09 43.51 6.84
N ASN B 17 44.37 43.74 5.74
CA ASN B 17 43.11 44.48 5.78
C ASN B 17 42.08 43.63 5.04
N ARG B 18 41.55 42.62 5.74
CA ARG B 18 40.36 41.89 5.36
C ARG B 18 39.96 41.08 6.59
N SER B 19 38.75 41.29 7.09
CA SER B 19 38.36 40.72 8.35
C SER B 19 37.00 40.03 8.22
N GLN B 20 36.79 39.05 9.10
CA GLN B 20 35.55 38.28 9.12
C GLN B 20 35.05 38.27 10.56
N PHE B 21 34.14 39.17 10.88
CA PHE B 21 33.57 39.24 12.21
C PHE B 21 32.43 38.25 12.35
N VAL B 22 32.26 37.71 13.55
CA VAL B 22 31.12 36.88 13.89
C VAL B 22 30.51 37.43 15.17
N ILE B 23 29.19 37.53 15.17
CA ILE B 23 28.46 38.09 16.31
C ILE B 23 27.41 37.08 16.73
N GLU B 24 27.76 36.20 17.65
CA GLU B 24 26.85 35.18 18.13
C GLU B 24 26.62 35.31 19.63
N PRO B 25 25.49 34.81 20.14
CA PRO B 25 24.27 34.38 19.45
C PRO B 25 23.25 35.49 19.47
N LEU B 26 22.91 36.10 18.34
CA LEU B 26 21.87 37.12 18.35
C LEU B 26 20.50 36.45 18.42
N GLU B 27 19.60 37.01 19.22
CA GLU B 27 18.31 36.40 19.42
C GLU B 27 17.52 36.42 18.11
N PRO B 28 16.56 35.52 17.96
CA PRO B 28 15.85 35.44 16.68
C PRO B 28 14.90 36.61 16.50
N GLY B 29 14.84 37.14 15.27
CA GLY B 29 15.78 37.13 14.16
C GLY B 29 16.59 38.41 14.05
N PHE B 30 17.25 38.83 15.13
CA PHE B 30 17.96 40.11 15.08
C PHE B 30 19.15 40.09 14.15
N GLY B 31 19.60 38.90 13.74
CA GLY B 31 20.70 38.81 12.80
C GLY B 31 20.57 39.82 11.66
N TYR B 32 19.50 39.72 10.89
CA TYR B 32 19.29 40.63 9.77
C TYR B 32 19.05 42.06 10.24
N THR B 33 18.23 42.22 11.29
CA THR B 33 17.91 43.56 11.80
C THR B 33 19.15 44.42 11.91
N LEU B 34 20.23 43.86 12.48
CA LEU B 34 21.44 44.64 12.61
C LEU B 34 22.46 44.39 11.51
N GLY B 35 22.40 43.26 10.82
CA GLY B 35 23.36 43.03 9.75
C GLY B 35 23.21 44.02 8.61
N ASN B 36 21.99 44.24 8.14
CA ASN B 36 21.86 45.12 6.99
C ASN B 36 22.14 46.57 7.37
N SER B 37 21.71 46.99 8.56
CA SER B 37 22.03 48.33 9.02
C SER B 37 23.53 48.51 9.16
N LEU B 38 24.22 47.51 9.69
CA LEU B 38 25.67 47.60 9.82
C LEU B 38 26.34 47.67 8.46
N ARG B 39 25.87 46.88 7.50
CA ARG B 39 26.43 46.95 6.16
C ARG B 39 26.30 48.36 5.60
N ARG B 40 25.09 48.92 5.66
CA ARG B 40 24.91 50.26 5.10
C ARG B 40 25.75 51.28 5.83
N THR B 41 25.85 51.17 7.16
CA THR B 41 26.66 52.12 7.91
C THR B 41 28.13 52.03 7.51
N LEU B 42 28.66 50.83 7.35
CA LEU B 42 30.05 50.69 6.98
C LEU B 42 30.32 51.38 5.65
N LEU B 43 29.43 51.19 4.67
CA LEU B 43 29.64 51.72 3.34
C LEU B 43 29.38 53.22 3.24
N SER B 44 28.49 53.78 4.06
CA SER B 44 27.98 55.12 3.82
C SER B 44 27.93 55.98 5.08
N SER B 45 28.81 55.71 6.05
CA SER B 45 28.85 56.55 7.24
C SER B 45 30.25 56.87 7.75
N ILE B 46 31.31 56.33 7.15
CA ILE B 46 32.67 56.58 7.60
C ILE B 46 33.24 57.72 6.75
N PRO B 47 33.61 58.85 7.34
CA PRO B 47 34.20 59.93 6.53
C PRO B 47 35.54 59.52 5.92
N GLY B 48 35.84 60.13 4.79
CA GLY B 48 37.10 59.87 4.11
C GLY B 48 37.25 60.85 2.95
N ALA B 49 38.45 60.84 2.37
CA ALA B 49 38.81 61.75 1.30
C ALA B 49 39.12 60.99 0.02
N ALA B 50 38.86 61.63 -1.10
CA ALA B 50 39.07 61.04 -2.41
C ALA B 50 39.23 62.16 -3.43
N VAL B 51 39.48 61.78 -4.67
CA VAL B 51 39.64 62.75 -5.74
C VAL B 51 38.28 63.10 -6.31
N THR B 52 38.00 64.40 -6.42
CA THR B 52 36.73 64.86 -6.99
C THR B 52 36.84 65.08 -8.50
N SER B 53 37.91 65.73 -8.94
CA SER B 53 38.10 66.02 -10.35
C SER B 53 39.59 66.19 -10.62
N ILE B 54 39.94 66.20 -11.90
CA ILE B 54 41.30 66.44 -12.33
C ILE B 54 41.29 67.35 -13.55
N ARG B 55 42.43 68.01 -13.77
CA ARG B 55 42.67 68.69 -15.04
C ARG B 55 44.10 68.40 -15.47
N ILE B 56 44.32 68.45 -16.78
CA ILE B 56 45.55 67.94 -17.38
C ILE B 56 45.95 68.84 -18.54
N ASP B 57 47.25 69.14 -18.62
CA ASP B 57 47.77 69.91 -19.74
C ASP B 57 47.83 69.05 -21.00
N GLY B 58 47.81 69.73 -22.14
CA GLY B 58 47.94 69.07 -23.41
C GLY B 58 46.68 68.41 -23.94
N VAL B 59 45.64 68.30 -23.11
CA VAL B 59 44.37 67.70 -23.51
C VAL B 59 43.28 68.74 -23.27
N LEU B 60 42.56 69.09 -24.33
CA LEU B 60 41.43 70.02 -24.26
C LEU B 60 40.13 69.36 -24.65
N HIS B 61 40.09 68.70 -25.80
CA HIS B 61 38.90 67.96 -26.22
C HIS B 61 39.21 66.58 -26.79
N GLU B 62 40.47 66.26 -27.08
CA GLU B 62 40.87 64.89 -27.45
C GLU B 62 40.98 64.08 -26.16
N PHE B 63 39.82 63.72 -25.62
CA PHE B 63 39.75 62.94 -24.39
C PHE B 63 40.04 61.47 -24.60
N THR B 64 40.52 61.07 -25.78
CA THR B 64 40.93 59.69 -25.99
C THR B 64 42.28 59.41 -25.36
N THR B 65 43.32 60.11 -25.81
CA THR B 65 44.68 59.87 -25.35
C THR B 65 45.38 61.20 -25.06
N VAL B 66 46.39 61.12 -24.19
CA VAL B 66 47.22 62.27 -23.85
C VAL B 66 48.48 62.21 -24.72
N PRO B 67 48.90 63.30 -25.35
CA PRO B 67 50.19 63.28 -26.05
C PRO B 67 51.34 63.11 -25.07
N GLY B 68 52.41 62.48 -25.57
CA GLY B 68 53.64 62.35 -24.83
C GLY B 68 53.70 61.18 -23.87
N VAL B 69 52.59 60.47 -23.67
CA VAL B 69 52.53 59.33 -22.75
C VAL B 69 52.16 58.09 -23.54
N LYS B 70 52.07 56.95 -22.84
CA LYS B 70 51.61 55.71 -23.44
C LYS B 70 50.14 55.44 -23.14
N GLU B 71 49.75 55.51 -21.87
CA GLU B 71 48.40 55.12 -21.48
C GLU B 71 47.39 56.21 -21.85
N ASP B 72 46.19 55.78 -22.22
CA ASP B 72 45.15 56.69 -22.66
C ASP B 72 44.48 57.38 -21.46
N VAL B 73 43.61 58.35 -21.75
CA VAL B 73 43.08 59.23 -20.71
C VAL B 73 42.31 58.42 -19.66
N THR B 74 41.38 57.58 -20.11
CA THR B 74 40.50 56.91 -19.16
C THR B 74 41.26 55.96 -18.24
N GLU B 75 42.35 55.37 -18.73
CA GLU B 75 43.18 54.56 -17.85
C GLU B 75 43.83 55.39 -16.77
N ILE B 76 44.31 56.59 -17.10
CA ILE B 76 44.84 57.47 -16.07
C ILE B 76 43.73 57.80 -15.08
N ILE B 77 42.51 58.02 -15.58
CA ILE B 77 41.42 58.42 -14.71
C ILE B 77 41.08 57.31 -13.71
N LEU B 78 40.90 56.09 -14.19
CA LEU B 78 40.54 55.00 -13.29
C LEU B 78 41.74 54.38 -12.60
N ASN B 79 42.96 54.88 -12.86
CA ASN B 79 44.05 54.64 -11.94
C ASN B 79 44.02 55.64 -10.79
N LEU B 80 43.85 56.94 -11.12
CA LEU B 80 43.70 57.95 -10.08
C LEU B 80 42.49 57.69 -9.21
N LYS B 81 41.43 57.10 -9.76
CA LYS B 81 40.22 56.88 -8.99
C LYS B 81 40.48 55.95 -7.80
N SER B 82 41.32 54.94 -7.99
CA SER B 82 41.69 54.04 -6.90
C SER B 82 42.97 54.56 -6.23
N LEU B 83 42.79 55.62 -5.45
CA LEU B 83 43.90 56.29 -4.79
C LEU B 83 43.47 56.63 -3.37
N VAL B 84 44.03 55.94 -2.39
CA VAL B 84 43.73 56.23 -0.99
C VAL B 84 44.42 57.51 -0.59
N VAL B 85 43.66 58.43 0.00
CA VAL B 85 44.18 59.73 0.41
C VAL B 85 43.39 60.20 1.62
N SER B 86 44.11 60.67 2.64
CA SER B 86 43.48 61.20 3.85
C SER B 86 43.64 62.71 3.89
N SER B 87 42.64 63.36 4.49
CA SER B 87 42.57 64.82 4.53
C SER B 87 41.95 65.26 5.84
N GLU B 88 42.20 66.51 6.18
CA GLU B 88 41.55 67.20 7.30
C GLU B 88 40.89 68.50 6.87
N GLU B 89 41.49 69.20 5.92
CA GLU B 89 40.95 70.49 5.47
C GLU B 89 39.69 70.24 4.65
N ASP B 90 38.55 70.73 5.14
CA ASP B 90 37.27 70.43 4.52
C ASP B 90 37.14 70.99 3.11
N GLU B 91 37.64 72.20 2.86
CA GLU B 91 37.57 72.77 1.53
C GLU B 91 38.34 71.89 0.55
N PRO B 92 37.80 71.69 -0.67
CA PRO B 92 38.61 71.06 -1.71
C PRO B 92 39.98 71.71 -1.86
N VAL B 93 41.02 70.95 -1.53
CA VAL B 93 42.39 71.39 -1.73
C VAL B 93 42.85 70.84 -3.09
N THR B 94 43.90 71.44 -3.63
CA THR B 94 44.49 71.01 -4.89
C THR B 94 45.84 70.37 -4.65
N MET B 95 46.14 69.36 -5.44
CA MET B 95 47.43 68.69 -5.40
C MET B 95 47.99 68.62 -6.82
N TYR B 96 49.31 68.58 -6.92
CA TYR B 96 50.00 68.65 -8.19
C TYR B 96 50.90 67.43 -8.34
N LEU B 97 50.74 66.69 -9.45
CA LEU B 97 51.71 65.68 -9.83
C LEU B 97 52.30 66.08 -11.17
N ARG B 98 53.63 66.03 -11.26
CA ARG B 98 54.30 66.59 -12.43
C ARG B 98 55.71 66.03 -12.58
N LYS B 99 56.02 65.53 -13.76
CA LYS B 99 57.32 64.90 -14.00
C LYS B 99 57.66 64.94 -15.47
N GLN B 100 58.90 65.30 -15.78
CA GLN B 100 59.44 65.24 -17.13
C GLN B 100 60.27 63.97 -17.30
N GLY B 101 60.63 63.68 -18.54
CA GLY B 101 61.47 62.55 -18.85
C GLY B 101 60.68 61.25 -18.89
N PRO B 102 61.14 60.27 -19.66
CA PRO B 102 60.43 58.99 -19.72
C PRO B 102 60.63 58.19 -18.44
N GLY B 103 59.64 57.38 -18.11
CA GLY B 103 59.72 56.56 -16.93
C GLY B 103 58.33 56.28 -16.39
N GLU B 104 58.30 55.56 -15.27
CA GLU B 104 57.05 55.14 -14.66
C GLU B 104 56.69 56.09 -13.53
N VAL B 105 55.57 56.80 -13.69
CA VAL B 105 55.05 57.64 -12.63
C VAL B 105 54.19 56.80 -11.70
N THR B 106 54.43 56.97 -10.40
CA THR B 106 53.83 56.23 -9.30
C THR B 106 52.94 57.19 -8.50
N ALA B 107 52.50 56.74 -7.31
CA ALA B 107 51.73 57.62 -6.44
C ALA B 107 52.61 58.54 -5.61
N GLY B 108 53.89 58.19 -5.39
CA GLY B 108 54.76 59.03 -4.59
C GLY B 108 55.29 60.26 -5.32
N ASP B 109 55.10 60.34 -6.63
CA ASP B 109 55.54 61.53 -7.37
C ASP B 109 54.79 62.78 -6.96
N ILE B 110 53.55 62.63 -6.50
CA ILE B 110 52.72 63.80 -6.21
C ILE B 110 53.24 64.48 -4.94
N VAL B 111 53.22 65.81 -4.96
CA VAL B 111 53.69 66.60 -3.82
C VAL B 111 52.49 67.15 -3.07
N PRO B 112 52.18 66.64 -1.88
CA PRO B 112 50.95 67.07 -1.19
C PRO B 112 51.17 68.36 -0.41
N PRO B 113 50.12 69.20 -0.27
CA PRO B 113 50.22 70.33 0.67
C PRO B 113 49.94 69.90 2.10
N ALA B 114 49.86 70.88 3.01
CA ALA B 114 49.76 70.58 4.43
C ALA B 114 48.46 69.83 4.74
N GLY B 115 48.60 68.65 5.35
CA GLY B 115 47.46 67.94 5.90
C GLY B 115 47.06 66.71 5.12
N VAL B 116 47.02 66.81 3.79
CA VAL B 116 46.64 65.67 2.97
C VAL B 116 47.80 64.69 2.88
N THR B 117 47.48 63.41 2.76
CA THR B 117 48.52 62.38 2.72
C THR B 117 48.07 61.21 1.87
N VAL B 118 49.05 60.50 1.32
CA VAL B 118 48.84 59.32 0.48
C VAL B 118 49.31 58.11 1.26
N HIS B 119 48.51 57.04 1.22
CA HIS B 119 48.76 55.85 2.01
C HIS B 119 49.33 54.69 1.20
N ASN B 120 49.59 54.88 -0.09
CA ASN B 120 50.29 53.88 -0.90
C ASN B 120 51.08 54.59 -1.98
N PRO B 121 52.24 55.16 -1.63
CA PRO B 121 53.04 55.86 -2.64
C PRO B 121 53.66 54.92 -3.66
N GLY B 122 53.81 53.64 -3.33
CA GLY B 122 54.36 52.67 -4.25
C GLY B 122 53.28 52.06 -5.12
N MET B 123 52.46 52.91 -5.73
CA MET B 123 51.42 52.49 -6.66
C MET B 123 51.78 52.98 -8.04
N HIS B 124 51.70 52.11 -9.03
CA HIS B 124 51.84 52.53 -10.42
C HIS B 124 50.62 53.34 -10.84
N ILE B 125 50.86 54.42 -11.58
CA ILE B 125 49.76 55.19 -12.16
C ILE B 125 49.93 55.31 -13.67
N ALA B 126 51.13 55.62 -14.16
CA ALA B 126 51.24 55.79 -15.60
C ALA B 126 52.69 55.66 -16.06
N THR B 127 52.87 55.75 -17.38
CA THR B 127 54.16 55.65 -18.03
C THR B 127 54.34 56.78 -19.03
N LEU B 128 55.57 57.28 -19.14
CA LEU B 128 55.93 58.35 -20.05
C LEU B 128 57.09 57.90 -20.93
N ASN B 129 57.09 58.40 -22.16
CA ASN B 129 58.05 57.98 -23.17
C ASN B 129 58.58 59.20 -23.91
N ASP B 130 59.87 59.16 -24.22
CA ASP B 130 60.49 60.12 -25.14
C ASP B 130 60.37 61.56 -24.62
N LYS B 131 60.97 61.79 -23.46
CA LYS B 131 61.15 63.14 -22.90
C LYS B 131 59.82 63.87 -22.70
N GLY B 132 58.71 63.14 -22.57
CA GLY B 132 57.45 63.79 -22.27
C GLY B 132 57.42 64.31 -20.84
N LYS B 133 56.61 65.34 -20.62
CA LYS B 133 56.34 65.86 -19.29
C LYS B 133 54.84 65.80 -19.03
N LEU B 134 54.46 65.06 -18.01
CA LEU B 134 53.07 64.98 -17.57
C LEU B 134 52.89 65.92 -16.39
N GLU B 135 51.74 66.59 -16.35
CA GLU B 135 51.46 67.55 -15.27
C GLU B 135 49.94 67.56 -15.08
N VAL B 136 49.48 66.88 -14.03
CA VAL B 136 48.06 66.76 -13.73
C VAL B 136 47.77 67.37 -12.37
N GLU B 137 46.68 68.14 -12.31
CA GLU B 137 46.17 68.73 -11.08
C GLU B 137 44.99 67.92 -10.58
N LEU B 138 45.06 67.55 -9.30
CA LEU B 138 44.01 66.83 -8.59
C LEU B 138 43.25 67.80 -7.70
N VAL B 139 41.94 67.60 -7.60
CA VAL B 139 41.10 68.34 -6.66
C VAL B 139 40.63 67.30 -5.66
N VAL B 140 41.12 67.38 -4.43
CA VAL B 140 40.84 66.40 -3.40
C VAL B 140 40.07 67.09 -2.28
N GLU B 141 38.91 66.55 -1.94
CA GLU B 141 38.16 66.95 -0.76
C GLU B 141 37.76 65.70 0.00
N ARG B 142 37.01 65.88 1.09
CA ARG B 142 36.54 64.77 1.88
C ARG B 142 35.03 64.69 1.81
N GLY B 143 34.52 63.47 1.97
CA GLY B 143 33.11 63.20 1.79
C GLY B 143 32.68 61.93 2.49
N ARG B 144 31.48 61.45 2.17
CA ARG B 144 30.91 60.27 2.82
C ARG B 144 30.33 59.35 1.76
N GLY B 145 30.40 58.05 2.03
CA GLY B 145 29.78 57.07 1.15
C GLY B 145 30.40 57.07 -0.23
N TYR B 146 29.55 56.97 -1.25
CA TYR B 146 29.97 56.98 -2.64
C TYR B 146 29.14 57.98 -3.41
N VAL B 147 29.80 58.89 -4.12
CA VAL B 147 29.13 59.89 -4.94
C VAL B 147 29.37 59.53 -6.41
N PRO B 148 28.42 59.74 -7.31
CA PRO B 148 28.69 59.53 -8.73
C PRO B 148 29.66 60.59 -9.25
N ALA B 149 29.95 60.53 -10.54
CA ALA B 149 30.68 61.61 -11.19
C ALA B 149 29.77 62.83 -11.20
N VAL B 150 30.03 63.78 -10.30
CA VAL B 150 29.17 64.95 -10.20
C VAL B 150 29.28 65.75 -11.48
N GLN B 151 28.14 65.97 -12.13
CA GLN B 151 28.13 66.78 -13.34
C GLN B 151 28.62 68.19 -13.02
N ASN B 152 29.40 68.76 -13.93
CA ASN B 152 30.05 70.04 -13.67
C ASN B 152 28.98 71.12 -13.52
N ARG B 153 28.81 71.62 -12.30
CA ARG B 153 27.84 72.69 -12.07
C ARG B 153 28.14 73.91 -12.92
N ALA B 154 29.41 74.27 -13.04
CA ALA B 154 29.83 75.29 -13.97
C ALA B 154 29.98 74.70 -15.37
N SER B 155 29.82 75.56 -16.37
CA SER B 155 29.98 75.12 -17.75
C SER B 155 31.45 75.07 -18.15
N GLY B 156 32.12 76.22 -18.11
CA GLY B 156 33.51 76.31 -18.50
C GLY B 156 34.33 77.20 -17.60
N ALA B 157 33.95 77.30 -16.32
CA ALA B 157 34.76 78.06 -15.38
C ALA B 157 36.15 77.46 -15.27
N GLU B 158 36.26 76.13 -15.29
CA GLU B 158 37.54 75.42 -15.39
C GLU B 158 37.44 74.52 -16.61
N ILE B 159 37.83 75.04 -17.77
CA ILE B 159 37.66 74.30 -19.02
C ILE B 159 38.40 72.98 -19.00
N GLY B 160 39.56 72.93 -18.33
CA GLY B 160 40.32 71.68 -18.26
C GLY B 160 39.83 70.71 -17.22
N ARG B 161 39.09 71.18 -16.22
CA ARG B 161 38.66 70.31 -15.13
C ARG B 161 37.56 69.38 -15.61
N ILE B 162 37.83 68.08 -15.56
CA ILE B 162 36.85 67.06 -15.92
C ILE B 162 36.54 66.25 -14.67
N PRO B 163 35.28 65.99 -14.36
CA PRO B 163 34.95 65.30 -13.10
C PRO B 163 35.16 63.80 -13.20
N VAL B 164 35.22 63.18 -12.02
CA VAL B 164 35.34 61.73 -11.89
C VAL B 164 34.44 61.28 -10.74
N ASP B 165 34.16 59.97 -10.71
CA ASP B 165 33.53 59.40 -9.54
C ASP B 165 34.43 59.59 -8.32
N SER B 166 33.88 59.34 -7.14
CA SER B 166 34.65 59.48 -5.91
C SER B 166 34.18 58.44 -4.91
N ILE B 167 35.01 57.41 -4.71
CA ILE B 167 34.76 56.37 -3.70
C ILE B 167 35.43 56.84 -2.42
N TYR B 168 34.66 57.49 -1.54
CA TYR B 168 35.21 58.03 -0.31
C TYR B 168 35.45 56.97 0.76
N SER B 169 34.56 56.00 0.90
CA SER B 169 34.55 55.14 2.07
C SER B 169 35.85 54.35 2.15
N PRO B 170 36.54 54.32 3.30
CA PRO B 170 37.70 53.43 3.43
C PRO B 170 37.37 51.96 3.26
N VAL B 171 36.13 51.55 3.54
CA VAL B 171 35.73 50.18 3.26
C VAL B 171 35.39 50.03 1.79
N LEU B 172 35.73 48.86 1.24
CA LEU B 172 35.49 48.57 -0.17
C LEU B 172 34.36 47.60 -0.37
N LYS B 173 34.39 46.44 0.29
CA LYS B 173 33.37 45.42 0.06
C LYS B 173 32.94 44.82 1.39
N VAL B 174 31.65 44.85 1.67
CA VAL B 174 31.08 44.27 2.88
C VAL B 174 29.95 43.34 2.49
N THR B 175 30.03 42.09 2.94
CA THR B 175 28.95 41.13 2.73
C THR B 175 28.67 40.41 4.04
N TYR B 176 27.49 39.80 4.14
CA TYR B 176 27.09 39.23 5.42
C TYR B 176 26.10 38.09 5.21
N LYS B 177 25.97 37.28 6.25
CA LYS B 177 25.02 36.17 6.23
C LYS B 177 24.66 35.80 7.66
N VAL B 178 23.65 34.93 7.79
CA VAL B 178 23.16 34.47 9.09
C VAL B 178 23.22 32.95 9.11
N ASP B 179 23.26 32.41 10.33
CA ASP B 179 23.24 30.96 10.55
C ASP B 179 22.19 30.65 11.62
N ALA B 180 22.17 29.40 12.09
CA ALA B 180 21.11 28.90 12.96
C ALA B 180 21.70 28.12 14.13
N THR B 181 22.66 28.74 14.83
CA THR B 181 23.41 28.02 15.85
C THR B 181 22.51 27.56 17.00
N ARG B 182 22.68 26.29 17.40
CA ARG B 182 22.11 25.73 18.63
C ARG B 182 20.58 25.88 18.66
N VAL B 183 19.95 25.10 17.80
CA VAL B 183 18.49 25.13 17.69
C VAL B 183 17.78 24.57 18.93
N GLU B 184 18.37 23.60 19.64
CA GLU B 184 17.62 22.79 20.60
C GLU B 184 17.65 23.34 22.02
N GLN B 185 18.82 23.40 22.65
CA GLN B 185 18.88 23.93 24.01
C GLN B 185 18.49 25.40 24.05
N ARG B 186 18.56 26.08 22.91
CA ARG B 186 18.43 27.53 22.83
C ARG B 186 17.19 27.97 22.08
N THR B 187 16.56 27.09 21.30
CA THR B 187 15.41 27.43 20.47
C THR B 187 15.80 28.35 19.31
N ASP B 188 16.82 27.92 18.57
CA ASP B 188 17.11 28.43 17.23
C ASP B 188 17.42 29.93 17.24
N PHE B 189 18.54 30.26 17.86
CA PHE B 189 19.08 31.61 17.75
C PHE B 189 19.73 31.79 16.39
N ASP B 190 20.47 32.89 16.22
CA ASP B 190 21.10 33.24 14.96
C ASP B 190 22.57 33.53 15.22
N LYS B 191 23.32 33.63 14.13
CA LYS B 191 24.74 33.97 14.18
C LYS B 191 25.04 34.80 12.94
N LEU B 192 25.48 36.04 13.15
CA LEU B 192 25.80 36.93 12.04
C LEU B 192 27.27 36.78 11.69
N ILE B 193 27.56 36.67 10.40
CA ILE B 193 28.92 36.62 9.90
C ILE B 193 29.09 37.76 8.89
N LEU B 194 30.08 38.61 9.13
CA LEU B 194 30.46 39.69 8.24
C LEU B 194 31.72 39.30 7.47
N ASP B 195 31.94 40.00 6.37
CA ASP B 195 33.16 39.89 5.58
C ASP B 195 33.42 41.32 5.11
N VAL B 196 34.36 42.00 5.75
CA VAL B 196 34.66 43.39 5.47
C VAL B 196 36.05 43.48 4.85
N GLU B 197 36.15 44.23 3.75
CA GLU B 197 37.40 44.45 3.05
C GLU B 197 37.57 45.93 2.83
N THR B 198 38.61 46.50 3.42
CA THR B 198 38.94 47.91 3.37
C THR B 198 40.22 48.13 2.58
N LYS B 199 40.48 49.39 2.26
CA LYS B 199 41.79 49.78 1.77
C LYS B 199 42.73 49.94 2.97
N ASN B 200 43.96 50.37 2.69
CA ASN B 200 45.01 50.42 3.70
C ASN B 200 45.00 51.77 4.43
N SER B 201 43.83 52.43 4.49
CA SER B 201 43.73 53.64 5.29
C SER B 201 43.48 53.32 6.76
N ILE B 202 42.49 52.46 7.03
CA ILE B 202 42.16 52.09 8.40
C ILE B 202 41.97 50.58 8.47
N SER B 203 42.10 50.04 9.67
CA SER B 203 41.87 48.64 9.87
C SER B 203 40.37 48.34 9.89
N PRO B 204 39.96 47.13 9.52
CA PRO B 204 38.52 46.81 9.60
C PRO B 204 37.97 46.91 10.99
N ARG B 205 38.80 46.68 12.02
CA ARG B 205 38.35 46.85 13.39
C ARG B 205 37.85 48.27 13.63
N ASP B 206 38.64 49.26 13.21
CA ASP B 206 38.24 50.65 13.40
C ASP B 206 37.05 51.00 12.53
N ALA B 207 36.96 50.39 11.34
CA ALA B 207 35.79 50.61 10.50
C ALA B 207 34.52 50.18 11.23
N LEU B 208 34.54 48.97 11.78
CA LEU B 208 33.38 48.48 12.51
C LEU B 208 33.10 49.34 13.73
N ALA B 209 34.15 49.80 14.41
CA ALA B 209 33.96 50.66 15.57
C ALA B 209 33.26 51.96 15.21
N SER B 210 33.70 52.60 14.13
CA SER B 210 33.08 53.85 13.70
C SER B 210 31.63 53.62 13.27
N ALA B 211 31.38 52.51 12.58
CA ALA B 211 30.00 52.18 12.21
C ALA B 211 29.15 52.02 13.46
N GLY B 212 29.69 51.34 14.47
CA GLY B 212 28.96 51.19 15.72
C GLY B 212 28.64 52.53 16.36
N LYS B 213 29.62 53.43 16.37
CA LYS B 213 29.39 54.75 16.94
C LYS B 213 28.25 55.48 16.23
N THR B 214 28.35 55.58 14.90
CA THR B 214 27.34 56.31 14.15
C THR B 214 25.97 55.68 14.30
N LEU B 215 25.92 54.35 14.36
CA LEU B 215 24.64 53.66 14.50
C LEU B 215 24.08 53.82 15.91
N VAL B 216 24.96 53.92 16.91
CA VAL B 216 24.51 54.21 18.27
C VAL B 216 23.77 55.55 18.28
N GLU B 217 24.32 56.54 17.56
CA GLU B 217 23.73 57.88 17.60
C GLU B 217 22.22 57.90 17.41
N LEU B 218 21.74 57.41 16.27
CA LEU B 218 20.35 57.62 15.88
C LEU B 218 19.40 56.89 16.83
N PHE B 219 19.66 55.62 17.07
CA PHE B 219 18.82 54.88 18.01
C PHE B 219 18.93 55.45 19.41
N GLY B 220 20.01 56.16 19.72
CA GLY B 220 20.08 56.85 21.00
C GLY B 220 19.17 58.06 21.03
N LEU B 221 19.03 58.75 19.89
CA LEU B 221 18.02 59.79 19.80
C LEU B 221 16.63 59.19 20.03
N ALA B 222 16.37 58.05 19.40
CA ALA B 222 15.10 57.38 19.61
C ALA B 222 14.89 57.04 21.09
N ARG B 223 15.95 56.58 21.76
CA ARG B 223 15.84 56.29 23.18
C ARG B 223 15.59 57.56 23.98
N GLU B 224 16.26 58.65 23.62
CA GLU B 224 16.06 59.91 24.31
C GLU B 224 14.61 60.36 24.20
N LEU B 225 13.94 59.96 23.13
CA LEU B 225 12.49 60.18 22.99
C LEU B 225 11.78 59.92 24.32
N ASN B 226 11.97 58.72 24.89
CA ASN B 226 11.51 58.39 26.24
C ASN B 226 12.65 57.63 26.91
N VAL B 227 13.47 58.33 27.68
CA VAL B 227 14.62 57.70 28.33
C VAL B 227 14.14 56.56 29.23
N GLU B 228 13.03 56.77 29.92
CA GLU B 228 12.43 55.73 30.76
C GLU B 228 11.63 54.79 29.88
N ALA B 229 12.36 53.88 29.23
CA ALA B 229 11.77 52.87 28.37
C ALA B 229 12.39 51.52 28.69
N GLU B 230 11.60 50.46 28.53
CA GLU B 230 12.04 49.10 28.81
C GLU B 230 12.23 48.34 27.50
N GLY B 231 13.38 47.71 27.36
CA GLY B 231 13.67 46.89 26.20
C GLY B 231 14.52 45.70 26.56
N ILE B 232 15.07 45.02 25.57
CA ILE B 232 15.95 43.90 25.83
C ILE B 232 17.34 44.44 26.16
N GLU B 233 17.64 44.58 27.44
CA GLU B 233 18.93 45.09 27.88
C GLU B 233 19.89 43.92 28.08
N ILE B 234 20.98 43.90 27.32
CA ILE B 234 21.97 42.84 27.50
C ILE B 234 22.57 42.97 28.89
N GLY B 235 22.66 41.84 29.59
CA GLY B 235 23.20 41.83 30.93
C GLY B 235 24.72 41.79 30.92
N PRO B 236 25.37 42.86 31.42
CA PRO B 236 26.85 42.86 31.42
C PRO B 236 27.43 41.62 32.06
N SER B 237 28.27 40.90 31.30
CA SER B 237 28.85 39.66 31.78
C SER B 237 30.12 39.34 30.98
N ASN C 29 -29.71 32.12 -2.11
CA ASN C 29 -31.04 32.51 -2.53
C ASN C 29 -32.04 31.39 -2.29
N SER C 30 -33.26 31.77 -1.93
CA SER C 30 -34.36 30.85 -1.63
C SER C 30 -34.14 30.09 -0.33
N VAL C 31 -33.18 30.49 0.49
CA VAL C 31 -32.99 29.93 1.83
C VAL C 31 -33.12 31.08 2.80
N PRO C 32 -34.04 31.02 3.80
CA PRO C 32 -34.36 32.21 4.60
C PRO C 32 -33.17 33.03 5.06
N GLY C 33 -32.26 32.43 5.82
CA GLY C 33 -31.11 33.15 6.34
C GLY C 33 -29.90 32.98 5.45
N ALA C 34 -30.01 33.48 4.21
CA ALA C 34 -28.98 33.27 3.21
C ALA C 34 -27.93 34.35 3.32
N PRO C 35 -26.63 34.03 3.42
CA PRO C 35 -25.62 35.08 3.31
C PRO C 35 -25.82 35.87 2.03
N ASN C 36 -25.94 37.20 2.12
CA ASN C 36 -26.19 37.97 0.91
C ASN C 36 -24.94 37.96 0.07
N ARG C 37 -24.84 36.98 -0.83
CA ARG C 37 -23.66 36.74 -1.64
C ARG C 37 -24.02 37.08 -3.08
N VAL C 38 -23.47 38.17 -3.59
CA VAL C 38 -23.83 38.66 -4.91
C VAL C 38 -23.18 37.79 -5.96
N SER C 39 -23.97 37.38 -6.94
CA SER C 39 -23.52 36.45 -7.97
C SER C 39 -23.21 37.19 -9.27
N PHE C 40 -22.29 36.62 -10.03
CA PHE C 40 -21.94 37.12 -11.35
C PHE C 40 -22.68 36.40 -12.47
N ALA C 41 -23.72 35.63 -12.13
CA ALA C 41 -24.41 34.84 -13.13
C ALA C 41 -25.03 35.73 -14.21
N LYS C 42 -24.49 35.67 -15.42
CA LYS C 42 -25.15 36.32 -16.54
C LYS C 42 -26.43 35.59 -16.92
N LEU C 43 -26.40 34.25 -16.84
CA LEU C 43 -27.56 33.44 -17.14
C LEU C 43 -28.48 33.35 -15.91
N ARG C 44 -29.58 32.64 -16.07
CA ARG C 44 -30.59 32.49 -15.01
C ARG C 44 -31.05 31.03 -14.98
N GLU C 45 -30.56 30.28 -14.01
CA GLU C 45 -30.83 28.86 -13.96
C GLU C 45 -32.27 28.60 -13.52
N PRO C 46 -33.10 27.94 -14.35
CA PRO C 46 -34.50 27.73 -13.95
C PRO C 46 -34.70 26.75 -12.81
N LEU C 47 -34.20 25.53 -12.97
CA LEU C 47 -34.46 24.47 -11.99
C LEU C 47 -33.56 24.63 -10.78
N GLU C 48 -34.13 24.39 -9.60
CA GLU C 48 -33.35 24.43 -8.38
C GLU C 48 -32.48 23.17 -8.29
N VAL C 49 -31.42 23.27 -7.50
CA VAL C 49 -30.61 22.08 -7.22
C VAL C 49 -31.47 21.08 -6.45
N PRO C 50 -31.50 19.80 -6.84
CA PRO C 50 -32.41 18.86 -6.15
C PRO C 50 -31.98 18.50 -4.74
N GLY C 51 -32.67 17.51 -4.18
CA GLY C 51 -32.46 17.06 -2.82
C GLY C 51 -31.21 16.21 -2.72
N LEU C 52 -30.06 16.87 -2.60
CA LEU C 52 -28.76 16.28 -2.93
C LEU C 52 -28.55 14.90 -2.33
N LEU C 53 -29.32 14.50 -1.31
CA LEU C 53 -29.22 13.17 -0.74
C LEU C 53 -30.40 12.29 -1.15
N ASP C 54 -31.07 12.61 -2.25
CA ASP C 54 -32.18 11.78 -2.70
C ASP C 54 -31.71 10.42 -3.19
N VAL C 55 -30.52 10.35 -3.79
CA VAL C 55 -30.03 9.08 -4.31
C VAL C 55 -29.95 8.03 -3.20
N GLN C 56 -29.79 8.45 -1.95
CA GLN C 56 -29.79 7.54 -0.82
C GLN C 56 -31.17 7.42 -0.17
N THR C 57 -31.75 8.55 0.22
CA THR C 57 -32.98 8.52 0.99
C THR C 57 -34.13 7.93 0.18
N ASP C 58 -34.31 8.37 -1.06
CA ASP C 58 -35.41 7.86 -1.87
C ASP C 58 -35.23 6.38 -2.16
N SER C 59 -34.00 5.95 -2.42
CA SER C 59 -33.77 4.51 -2.62
C SER C 59 -34.14 3.72 -1.38
N PHE C 60 -33.72 4.16 -0.19
CA PHE C 60 -34.02 3.38 0.99
C PHE C 60 -35.52 3.35 1.27
N GLU C 61 -36.19 4.50 1.21
CA GLU C 61 -37.61 4.47 1.47
C GLU C 61 -38.39 3.80 0.34
N TRP C 62 -37.80 3.65 -0.84
CA TRP C 62 -38.33 2.73 -1.83
C TRP C 62 -38.24 1.30 -1.31
N LEU C 63 -37.10 0.95 -0.72
CA LEU C 63 -36.95 -0.39 -0.16
C LEU C 63 -38.01 -0.65 0.90
N ILE C 64 -38.21 0.30 1.81
CA ILE C 64 -39.17 0.08 2.89
C ILE C 64 -40.59 0.08 2.33
N GLY C 65 -40.95 1.12 1.58
CA GLY C 65 -42.33 1.34 1.20
C GLY C 65 -42.94 2.45 2.02
N SER C 66 -42.16 3.46 2.33
CA SER C 66 -42.64 4.56 3.16
C SER C 66 -43.77 5.29 2.45
N PRO C 67 -44.68 5.95 3.18
CA PRO C 67 -45.69 6.77 2.50
C PRO C 67 -45.11 7.83 1.59
N ARG C 68 -43.89 8.29 1.87
CA ARG C 68 -43.25 9.27 1.00
C ARG C 68 -43.08 8.71 -0.41
N TRP C 69 -42.47 7.53 -0.50
CA TRP C 69 -42.31 6.91 -1.81
C TRP C 69 -43.66 6.51 -2.39
N ARG C 70 -44.63 6.18 -1.53
CA ARG C 70 -45.97 5.86 -2.03
C ARG C 70 -46.56 7.04 -2.77
N GLU C 71 -46.51 8.23 -2.17
CA GLU C 71 -47.02 9.42 -2.84
C GLU C 71 -46.16 9.79 -4.05
N SER C 72 -44.84 9.57 -3.96
CA SER C 72 -43.99 9.83 -5.11
C SER C 72 -44.40 8.95 -6.29
N ALA C 73 -44.74 7.70 -6.03
CA ALA C 73 -45.24 6.82 -7.08
C ALA C 73 -46.61 7.28 -7.57
N ALA C 74 -47.47 7.70 -6.64
CA ALA C 74 -48.76 8.26 -7.01
C ALA C 74 -48.59 9.36 -8.03
N GLU C 75 -47.54 10.17 -7.86
CA GLU C 75 -47.23 11.21 -8.83
C GLU C 75 -46.65 10.63 -10.13
N ARG C 76 -45.50 9.97 -10.03
CA ARG C 76 -44.80 9.38 -11.17
C ARG C 76 -44.64 7.89 -10.94
N GLY C 77 -45.22 7.09 -11.85
CA GLY C 77 -45.16 5.65 -11.69
C GLY C 77 -46.22 5.11 -10.75
N ASP C 78 -47.44 5.63 -10.81
CA ASP C 78 -48.53 5.18 -9.96
C ASP C 78 -49.10 3.83 -10.41
N VAL C 79 -48.46 3.14 -11.34
CA VAL C 79 -48.99 1.89 -11.87
C VAL C 79 -49.21 0.90 -10.74
N ASN C 80 -48.22 0.76 -9.85
CA ASN C 80 -48.35 -0.18 -8.73
C ASN C 80 -47.22 0.02 -7.74
N PRO C 81 -47.41 -0.35 -6.48
CA PRO C 81 -46.33 -0.23 -5.50
C PRO C 81 -45.41 -1.44 -5.52
N VAL C 82 -44.11 -1.18 -5.49
CA VAL C 82 -43.12 -2.23 -5.33
C VAL C 82 -42.27 -1.89 -4.11
N GLY C 83 -42.61 -2.49 -2.98
CA GLY C 83 -41.98 -2.12 -1.73
C GLY C 83 -40.72 -2.89 -1.44
N GLY C 84 -39.88 -3.15 -2.45
CA GLY C 84 -38.60 -3.76 -2.16
C GLY C 84 -38.82 -5.09 -1.48
N LEU C 85 -38.67 -5.07 -0.16
CA LEU C 85 -39.10 -6.16 0.71
C LEU C 85 -40.38 -6.80 0.17
N GLU C 86 -41.36 -5.97 -0.20
CA GLU C 86 -42.60 -6.52 -0.74
C GLU C 86 -42.34 -7.41 -1.93
N GLU C 87 -41.63 -6.89 -2.94
CA GLU C 87 -41.33 -7.67 -4.13
C GLU C 87 -40.65 -8.98 -3.77
N VAL C 88 -39.70 -8.92 -2.84
CA VAL C 88 -39.03 -10.16 -2.44
C VAL C 88 -40.04 -11.14 -1.88
N LEU C 89 -40.95 -10.66 -1.03
CA LEU C 89 -41.93 -11.56 -0.42
C LEU C 89 -42.88 -12.13 -1.47
N TYR C 90 -43.33 -11.29 -2.40
CA TYR C 90 -44.26 -11.73 -3.44
C TYR C 90 -43.59 -12.77 -4.34
N GLU C 91 -42.38 -12.48 -4.81
CA GLU C 91 -41.69 -13.44 -5.67
C GLU C 91 -41.45 -14.75 -4.93
N LEU C 92 -41.02 -14.67 -3.67
CA LEU C 92 -40.90 -15.88 -2.86
C LEU C 92 -42.27 -16.48 -2.59
N SER C 93 -43.28 -15.65 -2.40
CA SER C 93 -44.60 -16.13 -2.04
C SER C 93 -45.15 -17.02 -3.16
N PRO C 94 -45.56 -18.27 -2.86
CA PRO C 94 -45.41 -19.04 -1.62
C PRO C 94 -44.28 -20.06 -1.68
N ILE C 95 -43.93 -20.68 -0.57
CA ILE C 95 -42.98 -21.78 -0.54
C ILE C 95 -43.77 -23.07 -0.60
N GLU C 96 -43.80 -23.70 -1.77
CA GLU C 96 -44.58 -24.92 -1.99
C GLU C 96 -43.67 -26.14 -1.98
N ASP C 97 -44.11 -27.18 -1.29
CA ASP C 97 -43.36 -28.42 -1.24
C ASP C 97 -43.41 -29.14 -2.59
N PHE C 98 -42.49 -30.10 -2.75
CA PHE C 98 -42.47 -30.87 -3.99
C PHE C 98 -43.77 -31.63 -4.19
N SER C 99 -44.29 -32.23 -3.12
CA SER C 99 -45.57 -32.94 -3.21
C SER C 99 -46.73 -31.99 -3.50
N GLY C 100 -46.53 -30.68 -3.35
CA GLY C 100 -47.59 -29.74 -3.60
C GLY C 100 -48.76 -29.89 -2.66
N SER C 101 -48.49 -30.18 -1.38
CA SER C 101 -49.51 -30.33 -0.37
C SER C 101 -49.54 -29.20 0.65
N MET C 102 -48.48 -28.43 0.74
CA MET C 102 -48.33 -27.42 1.78
C MET C 102 -47.66 -26.20 1.19
N SER C 103 -48.19 -25.03 1.52
CA SER C 103 -47.69 -23.79 0.95
C SER C 103 -47.52 -22.77 2.07
N LEU C 104 -46.52 -21.93 1.92
CA LEU C 104 -46.27 -20.86 2.87
C LEU C 104 -46.05 -19.57 2.09
N SER C 105 -46.71 -18.49 2.51
CA SER C 105 -46.59 -17.18 1.86
C SER C 105 -46.38 -16.10 2.91
N PHE C 106 -45.11 -15.84 3.27
CA PHE C 106 -44.83 -14.65 4.06
C PHE C 106 -45.17 -13.42 3.24
N SER C 107 -45.93 -12.49 3.83
CA SER C 107 -46.46 -11.37 3.07
C SER C 107 -46.68 -10.18 3.99
N ASP C 108 -46.89 -9.03 3.37
CA ASP C 108 -47.20 -7.79 4.07
C ASP C 108 -46.08 -7.39 5.02
N PRO C 109 -44.93 -6.96 4.51
CA PRO C 109 -43.85 -6.53 5.40
C PRO C 109 -44.26 -5.30 6.19
N ARG C 110 -43.83 -5.25 7.44
CA ARG C 110 -44.18 -4.17 8.36
C ARG C 110 -42.96 -3.83 9.20
N PHE C 111 -42.88 -2.56 9.60
CA PHE C 111 -41.76 -2.05 10.38
C PHE C 111 -42.26 -1.46 11.70
N ASP C 112 -41.55 -1.76 12.78
CA ASP C 112 -41.83 -1.17 14.07
C ASP C 112 -41.06 0.14 14.20
N ASP C 113 -40.99 0.67 15.41
CA ASP C 113 -40.25 1.91 15.68
C ASP C 113 -38.82 1.56 16.08
N VAL C 114 -37.89 2.46 15.73
CA VAL C 114 -36.49 2.23 16.00
C VAL C 114 -36.29 1.95 17.49
N LYS C 115 -35.51 0.92 17.79
CA LYS C 115 -35.35 0.50 19.19
C LYS C 115 -34.73 1.61 20.02
N ALA C 116 -33.83 2.40 19.45
CA ALA C 116 -33.17 3.47 20.18
C ALA C 116 -32.90 4.67 19.28
N PRO C 117 -32.90 5.88 19.82
CA PRO C 117 -32.55 7.05 19.01
C PRO C 117 -31.10 6.98 18.56
N VAL C 118 -30.75 7.89 17.65
CA VAL C 118 -29.44 7.83 16.99
C VAL C 118 -28.31 7.97 18.00
N ASP C 119 -28.28 9.10 18.71
CA ASP C 119 -27.13 9.40 19.55
C ASP C 119 -26.88 8.31 20.59
N GLU C 120 -27.95 7.75 21.16
CA GLU C 120 -27.77 6.65 22.11
C GLU C 120 -27.12 5.44 21.44
N CYS C 121 -27.54 5.12 20.22
CA CYS C 121 -26.94 4.00 19.50
C CYS C 121 -25.46 4.28 19.22
N LYS C 122 -25.14 5.51 18.82
CA LYS C 122 -23.77 5.86 18.50
C LYS C 122 -22.89 5.83 19.75
N ASP C 123 -23.45 6.17 20.92
CA ASP C 123 -22.65 6.18 22.13
C ASP C 123 -22.46 4.77 22.66
N LYS C 124 -23.57 4.02 22.81
CA LYS C 124 -23.53 2.67 23.37
C LYS C 124 -23.20 1.60 22.34
N ASP C 125 -22.70 1.97 21.17
CA ASP C 125 -22.23 1.03 20.15
C ASP C 125 -23.32 0.09 19.66
N MET C 126 -24.58 0.48 19.78
CA MET C 126 -25.69 -0.30 19.26
C MET C 126 -25.91 0.04 17.79
N THR C 127 -26.32 -0.96 17.01
CA THR C 127 -26.69 -0.71 15.62
C THR C 127 -28.10 -0.13 15.55
N TYR C 128 -28.24 1.01 14.90
CA TYR C 128 -29.52 1.70 14.82
C TYR C 128 -30.43 0.93 13.87
N ALA C 129 -31.35 0.16 14.44
CA ALA C 129 -32.20 -0.76 13.69
C ALA C 129 -33.65 -0.59 14.09
N ALA C 130 -34.51 -1.37 13.45
CA ALA C 130 -35.92 -1.47 13.83
C ALA C 130 -36.40 -2.87 13.46
N PRO C 131 -37.30 -3.47 14.24
CA PRO C 131 -37.76 -4.82 13.91
C PRO C 131 -38.58 -4.88 12.63
N LEU C 132 -38.56 -6.07 12.03
CA LEU C 132 -39.42 -6.42 10.90
C LEU C 132 -40.50 -7.39 11.35
N PHE C 133 -41.75 -7.09 11.00
CA PHE C 133 -42.88 -7.98 11.24
C PHE C 133 -43.53 -8.30 9.91
N VAL C 134 -43.83 -9.58 9.71
CA VAL C 134 -44.36 -10.07 8.44
C VAL C 134 -45.46 -11.07 8.76
N THR C 135 -46.58 -10.98 8.05
CA THR C 135 -47.68 -11.91 8.25
C THR C 135 -47.37 -13.16 7.44
N ALA C 136 -46.94 -14.22 8.12
CA ALA C 136 -46.76 -15.50 7.47
C ALA C 136 -48.09 -16.24 7.41
N GLU C 137 -48.20 -17.15 6.44
CA GLU C 137 -49.43 -17.91 6.25
C GLU C 137 -49.05 -19.30 5.76
N PHE C 138 -49.43 -20.33 6.50
CA PHE C 138 -49.23 -21.71 6.10
C PHE C 138 -50.56 -22.35 5.78
N ILE C 139 -50.62 -23.02 4.63
CA ILE C 139 -51.85 -23.60 4.11
C ILE C 139 -51.59 -25.05 3.78
N ASN C 140 -52.45 -25.94 4.27
CA ASN C 140 -52.43 -27.34 3.90
C ASN C 140 -53.48 -27.60 2.82
N ASN C 141 -53.05 -28.21 1.71
CA ASN C 141 -53.94 -28.38 0.58
C ASN C 141 -55.00 -29.46 0.83
N ASN C 142 -54.58 -30.62 1.34
CA ASN C 142 -55.48 -31.77 1.37
C ASN C 142 -56.63 -31.58 2.37
N THR C 143 -56.33 -31.17 3.59
CA THR C 143 -57.37 -30.96 4.58
C THR C 143 -57.97 -29.57 4.50
N GLY C 144 -57.13 -28.54 4.40
CA GLY C 144 -57.60 -27.18 4.19
C GLY C 144 -57.59 -26.34 5.45
N GLU C 145 -56.55 -25.54 5.61
CA GLU C 145 -56.44 -24.56 6.68
C GLU C 145 -55.57 -23.42 6.21
N ILE C 146 -55.55 -22.33 6.98
CA ILE C 146 -54.51 -21.32 6.88
C ILE C 146 -54.01 -21.06 8.29
N LYS C 147 -52.69 -20.93 8.45
CA LYS C 147 -52.06 -20.69 9.74
C LYS C 147 -51.36 -19.34 9.63
N SER C 148 -52.08 -18.28 9.99
CA SER C 148 -51.55 -16.92 9.88
C SER C 148 -50.97 -16.48 11.22
N GLN C 149 -49.82 -15.82 11.17
CA GLN C 149 -49.15 -15.31 12.35
C GLN C 149 -48.62 -13.92 12.04
N THR C 150 -47.77 -13.42 12.94
CA THR C 150 -47.00 -12.19 12.71
C THR C 150 -45.58 -12.52 13.20
N VAL C 151 -44.75 -13.01 12.29
CA VAL C 151 -43.44 -13.55 12.64
C VAL C 151 -42.43 -12.42 12.73
N PHE C 152 -41.71 -12.36 13.85
CA PHE C 152 -40.55 -11.49 13.97
C PHE C 152 -39.48 -11.95 12.98
N MET C 153 -39.20 -11.16 11.95
CA MET C 153 -38.21 -11.56 10.96
C MET C 153 -36.79 -11.16 11.32
N GLY C 154 -36.59 -10.05 12.01
CA GLY C 154 -35.25 -9.65 12.40
C GLY C 154 -35.16 -8.14 12.57
N ASP C 155 -34.12 -7.72 13.27
CA ASP C 155 -33.85 -6.30 13.47
C ASP C 155 -33.11 -5.78 12.24
N PHE C 156 -33.82 -5.01 11.42
CA PHE C 156 -33.36 -4.48 10.16
C PHE C 156 -32.73 -3.11 10.35
N PRO C 157 -31.50 -2.86 9.90
CA PRO C 157 -30.92 -1.54 10.08
C PRO C 157 -31.64 -0.47 9.29
N MET C 158 -31.56 0.76 9.78
CA MET C 158 -32.34 1.88 9.27
C MET C 158 -31.42 3.02 8.87
N MET C 159 -31.75 3.67 7.75
CA MET C 159 -31.08 4.91 7.37
C MET C 159 -31.43 6.02 8.35
N THR C 160 -30.42 6.81 8.71
CA THR C 160 -30.65 7.99 9.52
C THR C 160 -31.22 9.10 8.62
N GLU C 161 -31.38 10.29 9.18
CA GLU C 161 -31.86 11.40 8.37
C GLU C 161 -30.81 11.88 7.39
N LYS C 162 -29.53 11.66 7.69
CA LYS C 162 -28.43 12.12 6.86
C LYS C 162 -28.03 11.12 5.79
N GLY C 163 -28.81 10.06 5.59
CA GLY C 163 -28.47 9.09 4.57
C GLY C 163 -27.39 8.11 4.96
N THR C 164 -27.17 7.88 6.25
CA THR C 164 -26.16 6.96 6.73
C THR C 164 -26.80 5.88 7.59
N PHE C 165 -26.16 4.72 7.59
CA PHE C 165 -26.52 3.61 8.47
C PHE C 165 -25.58 3.66 9.67
N ILE C 166 -26.13 3.72 10.89
CA ILE C 166 -25.29 3.53 12.05
C ILE C 166 -25.25 2.04 12.38
N ILE C 167 -24.31 1.33 11.78
CA ILE C 167 -24.17 -0.12 11.93
C ILE C 167 -22.98 -0.37 12.84
N ASN C 168 -23.24 -1.06 13.96
CA ASN C 168 -22.23 -1.49 14.91
C ASN C 168 -21.76 -0.35 15.80
N GLY C 169 -22.34 0.84 15.64
CA GLY C 169 -21.97 2.01 16.40
C GLY C 169 -21.17 3.03 15.62
N THR C 170 -20.58 2.65 14.49
CA THR C 170 -19.92 3.58 13.61
C THR C 170 -20.97 4.16 12.66
N GLU C 171 -20.53 4.93 11.66
CA GLU C 171 -21.42 5.48 10.65
C GLU C 171 -20.96 4.98 9.29
N ARG C 172 -21.63 3.96 8.79
CA ARG C 172 -21.30 3.33 7.53
C ARG C 172 -22.29 3.81 6.47
N VAL C 173 -21.77 4.02 5.26
CA VAL C 173 -22.56 4.43 4.10
C VAL C 173 -22.39 3.39 3.02
N VAL C 174 -23.49 3.04 2.36
CA VAL C 174 -23.47 2.07 1.27
C VAL C 174 -23.35 2.85 -0.03
N VAL C 175 -22.26 2.61 -0.76
CA VAL C 175 -21.95 3.39 -1.95
C VAL C 175 -22.66 2.77 -3.14
N SER C 176 -23.35 3.61 -3.92
CA SER C 176 -24.02 3.11 -5.12
C SER C 176 -23.01 2.52 -6.09
N GLN C 177 -23.40 1.45 -6.77
CA GLN C 177 -22.53 0.73 -7.68
C GLN C 177 -23.07 0.83 -9.10
N LEU C 178 -22.16 0.82 -10.08
CA LEU C 178 -22.51 0.83 -11.48
C LEU C 178 -22.22 -0.53 -12.07
N VAL C 179 -23.24 -1.18 -12.64
CA VAL C 179 -23.08 -2.50 -13.22
C VAL C 179 -23.83 -2.57 -14.55
N ARG C 180 -23.40 -3.49 -15.41
CA ARG C 180 -24.02 -3.64 -16.72
C ARG C 180 -25.48 -4.07 -16.58
N SER C 181 -26.37 -3.37 -17.25
CA SER C 181 -27.79 -3.63 -17.09
C SER C 181 -28.17 -4.90 -17.84
N PRO C 182 -29.03 -5.73 -17.28
CA PRO C 182 -29.55 -6.86 -18.07
C PRO C 182 -30.27 -6.36 -19.31
N GLY C 183 -30.12 -7.10 -20.40
CA GLY C 183 -30.74 -6.71 -21.66
C GLY C 183 -30.09 -7.45 -22.81
N VAL C 184 -30.37 -6.97 -24.01
CA VAL C 184 -29.83 -7.53 -25.24
C VAL C 184 -28.74 -6.60 -25.74
N TYR C 185 -27.54 -7.14 -25.90
CA TYR C 185 -26.38 -6.38 -26.41
C TYR C 185 -26.02 -6.95 -27.78
N PHE C 186 -26.46 -6.26 -28.83
CA PHE C 186 -26.06 -6.59 -30.19
C PHE C 186 -24.73 -5.92 -30.49
N ASP C 187 -23.68 -6.70 -30.70
CA ASP C 187 -22.36 -6.16 -30.95
C ASP C 187 -21.68 -6.95 -32.08
N GLU C 188 -20.80 -6.28 -32.81
CA GLU C 188 -20.14 -6.88 -33.95
C GLU C 188 -18.65 -6.60 -33.90
N THR C 189 -17.89 -7.45 -34.58
CA THR C 189 -16.45 -7.30 -34.71
C THR C 189 -16.02 -7.54 -36.15
N ILE C 190 -14.72 -7.42 -36.39
CA ILE C 190 -14.13 -7.67 -37.70
C ILE C 190 -13.19 -8.85 -37.59
N ASP C 191 -12.99 -9.53 -38.72
CA ASP C 191 -12.15 -10.72 -38.80
C ASP C 191 -11.06 -10.44 -39.82
N LYS C 192 -9.83 -10.23 -39.33
CA LYS C 192 -8.72 -9.89 -40.23
C LYS C 192 -8.37 -11.02 -41.18
N SER C 193 -8.75 -12.26 -40.86
CA SER C 193 -8.54 -13.37 -41.78
C SER C 193 -9.52 -13.36 -42.94
N THR C 194 -10.64 -12.65 -42.80
CA THR C 194 -11.71 -12.68 -43.81
C THR C 194 -12.17 -11.27 -44.18
N ASP C 195 -11.99 -10.31 -43.28
CA ASP C 195 -12.47 -8.95 -43.47
C ASP C 195 -13.98 -8.93 -43.70
N LYS C 196 -14.71 -9.43 -42.70
CA LYS C 196 -16.16 -9.45 -42.73
C LYS C 196 -16.70 -9.00 -41.38
N THR C 197 -17.80 -8.25 -41.41
CA THR C 197 -18.46 -7.86 -40.17
C THR C 197 -19.20 -9.07 -39.59
N LEU C 198 -18.91 -9.37 -38.33
CA LEU C 198 -19.47 -10.53 -37.63
C LEU C 198 -20.30 -9.98 -36.48
N HIS C 199 -21.61 -9.98 -36.64
CA HIS C 199 -22.52 -9.51 -35.62
C HIS C 199 -22.87 -10.65 -34.66
N SER C 200 -23.40 -10.27 -33.49
CA SER C 200 -23.63 -11.22 -32.42
C SER C 200 -24.55 -10.56 -31.40
N VAL C 201 -25.13 -11.39 -30.54
CA VAL C 201 -26.01 -10.90 -29.47
C VAL C 201 -25.73 -11.66 -28.19
N LYS C 202 -25.89 -10.97 -27.06
CA LYS C 202 -25.94 -11.60 -25.75
C LYS C 202 -27.08 -10.97 -24.96
N VAL C 203 -27.75 -11.79 -24.17
CA VAL C 203 -28.93 -11.38 -23.42
C VAL C 203 -28.74 -11.54 -21.92
N ILE C 204 -27.52 -11.33 -21.42
CA ILE C 204 -27.17 -11.63 -20.04
C ILE C 204 -28.25 -11.09 -19.10
N PRO C 205 -29.08 -11.95 -18.52
CA PRO C 205 -30.13 -11.49 -17.61
C PRO C 205 -29.72 -11.63 -16.15
N SER C 206 -30.58 -11.14 -15.25
CA SER C 206 -30.43 -11.47 -13.84
C SER C 206 -30.86 -12.91 -13.61
N ARG C 207 -30.17 -13.58 -12.69
CA ARG C 207 -30.52 -14.92 -12.21
C ARG C 207 -31.03 -15.81 -13.34
N GLY C 208 -30.28 -15.88 -14.44
CA GLY C 208 -30.70 -16.67 -15.59
C GLY C 208 -29.55 -17.44 -16.18
N ALA C 209 -29.33 -17.28 -17.48
CA ALA C 209 -28.25 -17.99 -18.16
C ALA C 209 -27.84 -17.20 -19.40
N TRP C 210 -26.68 -17.54 -19.93
CA TRP C 210 -26.10 -16.83 -21.06
C TRP C 210 -26.51 -17.51 -22.36
N LEU C 211 -26.78 -16.70 -23.38
CA LEU C 211 -27.15 -17.20 -24.70
C LEU C 211 -26.51 -16.30 -25.75
N GLU C 212 -26.03 -16.92 -26.84
CA GLU C 212 -25.31 -16.21 -27.88
C GLU C 212 -25.82 -16.64 -29.24
N PHE C 213 -26.29 -15.68 -30.04
CA PHE C 213 -26.59 -15.90 -31.45
C PHE C 213 -25.49 -15.14 -32.19
N ASP C 214 -24.61 -15.87 -32.86
CA ASP C 214 -23.49 -15.26 -33.57
C ASP C 214 -23.56 -15.62 -35.06
N VAL C 215 -22.86 -14.83 -35.87
CA VAL C 215 -22.68 -15.11 -37.29
C VAL C 215 -21.20 -15.36 -37.49
N ASP C 216 -20.85 -16.58 -37.89
CA ASP C 216 -19.45 -17.03 -37.87
C ASP C 216 -18.68 -16.58 -39.10
N LYS C 217 -17.48 -17.14 -39.28
CA LYS C 217 -16.66 -16.79 -40.43
C LYS C 217 -17.36 -17.12 -41.74
N ARG C 218 -18.04 -18.27 -41.80
CA ARG C 218 -18.90 -18.57 -42.93
C ARG C 218 -20.21 -17.81 -42.81
N ASP C 219 -21.09 -17.98 -43.79
CA ASP C 219 -22.39 -17.32 -43.80
C ASP C 219 -23.44 -18.20 -43.11
N THR C 220 -23.10 -18.66 -41.92
CA THR C 220 -24.01 -19.38 -41.04
C THR C 220 -24.12 -18.60 -39.74
N VAL C 221 -25.01 -19.04 -38.86
CA VAL C 221 -25.33 -18.27 -37.65
C VAL C 221 -25.31 -19.18 -36.43
N GLY C 222 -24.20 -19.14 -35.68
CA GLY C 222 -24.12 -19.94 -34.47
C GLY C 222 -25.09 -19.45 -33.41
N VAL C 223 -25.66 -20.40 -32.67
CA VAL C 223 -26.66 -20.11 -31.64
C VAL C 223 -26.24 -20.69 -30.29
N ARG C 224 -24.94 -20.67 -30.00
CA ARG C 224 -24.42 -21.19 -28.75
C ARG C 224 -25.32 -20.86 -27.57
N ILE C 225 -25.80 -21.91 -26.90
CA ILE C 225 -26.73 -21.80 -25.78
C ILE C 225 -26.05 -22.38 -24.56
N ASP C 226 -25.80 -21.52 -23.57
CA ASP C 226 -25.18 -21.91 -22.31
C ASP C 226 -23.78 -22.51 -22.53
N ARG C 227 -22.95 -21.74 -23.21
CA ARG C 227 -21.49 -21.82 -23.15
C ARG C 227 -20.88 -23.05 -23.82
N LYS C 228 -21.65 -23.89 -24.50
CA LYS C 228 -21.14 -25.19 -24.98
C LYS C 228 -21.39 -25.36 -26.48
N ARG C 229 -20.31 -25.23 -27.27
CA ARG C 229 -20.21 -25.69 -28.66
C ARG C 229 -21.40 -25.34 -29.56
N ARG C 230 -21.63 -24.04 -29.75
CA ARG C 230 -22.48 -23.44 -30.79
C ARG C 230 -23.76 -24.21 -31.10
N GLN C 231 -24.52 -23.75 -32.11
CA GLN C 231 -25.72 -24.41 -32.62
C GLN C 231 -26.12 -23.69 -33.91
N PRO C 232 -26.67 -24.38 -34.91
CA PRO C 232 -27.36 -23.63 -35.96
C PRO C 232 -28.73 -23.20 -35.48
N VAL C 233 -29.26 -22.12 -36.06
CA VAL C 233 -30.56 -21.62 -35.63
C VAL C 233 -31.63 -22.69 -35.70
N THR C 234 -31.72 -23.39 -36.84
CA THR C 234 -32.88 -24.21 -37.14
C THR C 234 -33.22 -25.20 -36.04
N VAL C 235 -32.21 -25.76 -35.38
CA VAL C 235 -32.45 -26.61 -34.22
C VAL C 235 -33.43 -25.93 -33.26
N LEU C 236 -33.06 -24.75 -32.77
CA LEU C 236 -33.92 -24.02 -31.85
C LEU C 236 -35.24 -23.63 -32.52
N LEU C 237 -35.17 -23.09 -33.73
CA LEU C 237 -36.39 -22.55 -34.35
C LEU C 237 -37.48 -23.60 -34.42
N LYS C 238 -37.13 -24.81 -34.88
CA LYS C 238 -38.11 -25.89 -34.82
C LYS C 238 -38.45 -26.23 -33.38
N ALA C 239 -37.43 -26.33 -32.51
CA ALA C 239 -37.72 -26.56 -31.10
C ALA C 239 -38.58 -25.44 -30.52
N LEU C 240 -38.53 -24.25 -31.12
CA LEU C 240 -39.37 -23.14 -30.72
C LEU C 240 -40.75 -23.17 -31.38
N GLY C 241 -41.05 -24.19 -32.17
CA GLY C 241 -42.33 -24.29 -32.83
C GLY C 241 -42.38 -23.67 -34.21
N TRP C 242 -41.24 -23.37 -34.81
CA TRP C 242 -41.18 -22.72 -36.12
C TRP C 242 -40.66 -23.73 -37.14
N THR C 243 -41.52 -24.14 -38.06
CA THR C 243 -41.12 -25.05 -39.12
C THR C 243 -40.26 -24.31 -40.15
N SER C 244 -39.53 -25.08 -40.95
CA SER C 244 -38.75 -24.50 -42.03
C SER C 244 -39.61 -23.58 -42.90
N GLU C 245 -40.85 -23.99 -43.16
CA GLU C 245 -41.76 -23.12 -43.89
C GLU C 245 -42.01 -21.83 -43.12
N GLN C 246 -42.24 -21.93 -41.81
CA GLN C 246 -42.42 -20.73 -41.00
C GLN C 246 -41.13 -19.90 -40.95
N ILE C 247 -39.98 -20.59 -40.88
CA ILE C 247 -38.70 -19.88 -40.91
C ILE C 247 -38.61 -19.00 -42.14
N VAL C 248 -38.94 -19.56 -43.31
CA VAL C 248 -38.99 -18.74 -44.53
C VAL C 248 -40.06 -17.66 -44.37
N GLU C 249 -41.18 -18.01 -43.75
CA GLU C 249 -42.32 -17.10 -43.68
C GLU C 249 -41.94 -15.78 -43.03
N ARG C 250 -41.18 -15.84 -41.95
CA ARG C 250 -40.76 -14.61 -41.27
C ARG C 250 -39.39 -14.13 -41.72
N PHE C 251 -38.47 -15.03 -42.02
CA PHE C 251 -37.10 -14.69 -42.38
C PHE C 251 -36.86 -14.76 -43.89
N GLY C 252 -37.89 -14.53 -44.70
CA GLY C 252 -37.71 -14.58 -46.15
C GLY C 252 -36.74 -13.54 -46.65
N PHE C 253 -36.91 -12.30 -46.20
CA PHE C 253 -35.96 -11.24 -46.57
C PHE C 253 -34.56 -11.53 -46.05
N SER C 254 -34.44 -12.38 -45.03
CA SER C 254 -33.16 -12.67 -44.38
C SER C 254 -32.43 -13.72 -45.22
N GLU C 255 -31.71 -13.23 -46.24
CA GLU C 255 -30.97 -14.13 -47.11
C GLU C 255 -29.94 -14.93 -46.33
N ILE C 256 -29.41 -14.36 -45.24
CA ILE C 256 -28.48 -15.10 -44.41
C ILE C 256 -29.22 -16.21 -43.66
N MET C 257 -30.39 -15.90 -43.12
CA MET C 257 -31.17 -16.92 -42.43
C MET C 257 -31.69 -17.95 -43.44
N ARG C 258 -32.04 -17.50 -44.64
CA ARG C 258 -32.46 -18.43 -45.68
C ARG C 258 -31.32 -19.37 -46.08
N SER C 259 -30.11 -18.83 -46.18
CA SER C 259 -28.94 -19.66 -46.44
C SER C 259 -28.68 -20.62 -45.28
N THR C 260 -28.88 -20.16 -44.05
CA THR C 260 -28.71 -21.06 -42.90
C THR C 260 -29.82 -22.10 -42.87
N LEU C 261 -31.00 -21.75 -43.36
CA LEU C 261 -32.07 -22.74 -43.53
C LEU C 261 -31.65 -23.81 -44.52
N GLU C 262 -31.01 -23.41 -45.61
CA GLU C 262 -30.45 -24.38 -46.54
C GLU C 262 -29.37 -25.23 -45.85
N LYS C 263 -28.55 -24.60 -45.00
CA LYS C 263 -27.50 -25.26 -44.24
C LYS C 263 -28.05 -26.00 -43.02
N ASP C 264 -29.38 -25.98 -42.82
CA ASP C 264 -29.96 -26.40 -41.54
C ASP C 264 -29.39 -27.74 -41.08
N ASN C 265 -29.16 -28.66 -42.02
CA ASN C 265 -28.63 -29.99 -41.75
C ASN C 265 -29.50 -30.77 -40.79
N THR C 266 -30.71 -30.31 -40.48
CA THR C 266 -31.58 -30.96 -39.52
C THR C 266 -32.93 -30.25 -39.55
N VAL C 267 -34.00 -31.03 -39.39
CA VAL C 267 -35.35 -30.50 -39.41
C VAL C 267 -36.20 -31.33 -38.45
N GLY C 268 -37.20 -30.67 -37.86
CA GLY C 268 -38.10 -31.32 -36.91
C GLY C 268 -37.94 -30.81 -35.49
N THR C 269 -39.03 -30.31 -34.91
CA THR C 269 -38.96 -29.78 -33.56
C THR C 269 -38.59 -30.87 -32.56
N ASP C 270 -39.19 -32.04 -32.69
CA ASP C 270 -38.92 -33.12 -31.74
C ASP C 270 -37.48 -33.57 -31.83
N GLU C 271 -37.01 -33.84 -33.05
CA GLU C 271 -35.63 -34.28 -33.23
C GLU C 271 -34.65 -33.18 -32.82
N ALA C 272 -34.96 -31.93 -33.16
CA ALA C 272 -34.06 -30.83 -32.83
C ALA C 272 -33.95 -30.65 -31.32
N LEU C 273 -35.08 -30.64 -30.61
CA LEU C 273 -35.06 -30.49 -29.16
C LEU C 273 -34.45 -31.72 -28.50
N LEU C 274 -34.63 -32.89 -29.10
CA LEU C 274 -34.01 -34.11 -28.60
C LEU C 274 -32.49 -34.02 -28.69
N ASP C 275 -31.98 -33.55 -29.83
CA ASP C 275 -30.54 -33.33 -29.98
C ASP C 275 -30.07 -32.23 -29.03
N ILE C 276 -30.91 -31.22 -28.81
CA ILE C 276 -30.62 -30.22 -27.77
C ILE C 276 -30.36 -30.94 -26.45
N TYR C 277 -31.33 -31.71 -25.96
CA TYR C 277 -31.14 -32.35 -24.66
C TYR C 277 -29.90 -33.24 -24.66
N ARG C 278 -29.66 -33.94 -25.77
CA ARG C 278 -28.50 -34.84 -25.85
C ARG C 278 -27.18 -34.07 -25.76
N LYS C 279 -27.11 -32.88 -26.33
CA LYS C 279 -25.85 -32.12 -26.39
C LYS C 279 -25.67 -31.22 -25.16
N LEU C 280 -26.63 -30.30 -24.95
CA LEU C 280 -26.57 -29.38 -23.83
C LEU C 280 -26.48 -30.13 -22.52
N ARG C 281 -27.23 -31.20 -22.40
CA ARG C 281 -27.07 -32.11 -21.28
C ARG C 281 -26.27 -33.31 -21.82
N PRO C 282 -24.94 -33.24 -21.80
CA PRO C 282 -24.15 -34.29 -22.44
C PRO C 282 -24.40 -35.65 -21.79
N GLY C 283 -24.76 -36.62 -22.61
CA GLY C 283 -24.96 -37.99 -22.16
C GLY C 283 -26.26 -38.24 -21.44
N GLU C 284 -27.07 -37.23 -21.19
CA GLU C 284 -28.34 -37.44 -20.52
C GLU C 284 -29.32 -38.08 -21.49
N PRO C 285 -30.06 -39.11 -21.10
CA PRO C 285 -31.04 -39.72 -22.00
C PRO C 285 -31.96 -38.67 -22.59
N PRO C 286 -31.95 -38.47 -23.93
CA PRO C 286 -32.78 -37.43 -24.54
C PRO C 286 -34.25 -37.81 -24.72
N THR C 287 -34.89 -38.18 -23.61
CA THR C 287 -36.32 -38.42 -23.62
C THR C 287 -37.06 -37.11 -23.88
N LYS C 288 -38.17 -37.20 -24.64
CA LYS C 288 -38.82 -36.00 -25.13
C LYS C 288 -39.33 -35.11 -24.00
N GLU C 289 -39.95 -35.71 -22.98
CA GLU C 289 -40.62 -34.91 -21.97
C GLU C 289 -39.62 -34.17 -21.10
N SER C 290 -38.51 -34.82 -20.73
CA SER C 290 -37.48 -34.14 -19.98
C SER C 290 -36.88 -33.01 -20.80
N ALA C 291 -36.68 -33.22 -22.09
CA ALA C 291 -36.13 -32.18 -22.96
C ALA C 291 -37.11 -31.01 -23.11
N GLN C 292 -38.38 -31.33 -23.37
CA GLN C 292 -39.39 -30.29 -23.49
C GLN C 292 -39.46 -29.47 -22.21
N THR C 293 -39.47 -30.15 -21.06
CA THR C 293 -39.51 -29.43 -19.79
C THR C 293 -38.23 -28.66 -19.55
N LEU C 294 -37.09 -29.18 -20.01
CA LEU C 294 -35.82 -28.49 -19.79
C LEU C 294 -35.77 -27.18 -20.54
N LEU C 295 -36.32 -27.14 -21.75
CA LEU C 295 -36.37 -25.88 -22.48
C LEU C 295 -37.02 -24.81 -21.62
N GLU C 296 -38.20 -25.12 -21.05
CA GLU C 296 -38.88 -24.17 -20.18
C GLU C 296 -38.02 -23.89 -18.95
N ASN C 297 -37.53 -24.96 -18.32
CA ASN C 297 -36.81 -24.85 -17.06
C ASN C 297 -35.69 -23.84 -17.16
N LEU C 298 -34.91 -23.92 -18.24
CA LEU C 298 -33.81 -22.98 -18.43
C LEU C 298 -34.30 -21.62 -18.88
N PHE C 299 -35.31 -21.54 -19.76
CA PHE C 299 -35.67 -20.26 -20.35
C PHE C 299 -37.06 -19.72 -19.99
N PHE C 300 -38.04 -20.56 -19.65
CA PHE C 300 -39.40 -20.05 -19.45
C PHE C 300 -40.00 -20.38 -18.09
N LYS C 301 -39.60 -21.49 -17.47
CA LYS C 301 -39.96 -21.76 -16.07
C LYS C 301 -39.12 -20.84 -15.19
N GLU C 302 -39.76 -19.81 -14.66
CA GLU C 302 -39.05 -18.66 -14.10
C GLU C 302 -38.33 -18.96 -12.79
N LYS C 303 -38.38 -20.18 -12.25
CA LYS C 303 -37.65 -20.46 -11.03
C LYS C 303 -36.14 -20.59 -11.25
N ARG C 304 -35.72 -20.86 -12.48
CA ARG C 304 -34.30 -20.90 -12.82
C ARG C 304 -33.92 -19.84 -13.85
N TYR C 305 -34.75 -18.83 -14.06
CA TYR C 305 -34.47 -17.80 -15.05
C TYR C 305 -35.35 -16.59 -14.76
N ASP C 306 -34.72 -15.45 -14.44
CA ASP C 306 -35.51 -14.25 -14.15
C ASP C 306 -34.68 -13.02 -14.53
N LEU C 307 -34.85 -12.56 -15.78
CA LEU C 307 -34.40 -11.22 -16.12
C LEU C 307 -35.34 -10.22 -15.46
N ALA C 308 -34.78 -9.29 -14.71
CA ALA C 308 -35.57 -8.53 -13.74
C ALA C 308 -36.39 -7.45 -14.40
N ARG C 309 -36.98 -6.57 -13.57
CA ARG C 309 -37.75 -5.44 -14.07
C ARG C 309 -36.90 -4.54 -14.96
N VAL C 310 -35.67 -4.24 -14.52
CA VAL C 310 -34.80 -3.35 -15.28
C VAL C 310 -34.50 -3.94 -16.65
N GLY C 311 -34.11 -5.21 -16.69
CA GLY C 311 -33.79 -5.83 -17.95
C GLY C 311 -35.00 -5.97 -18.84
N ARG C 312 -36.16 -6.23 -18.24
CA ARG C 312 -37.36 -6.39 -19.03
C ARG C 312 -37.72 -5.08 -19.71
N TYR C 313 -37.67 -3.98 -18.97
CA TYR C 313 -37.93 -2.68 -19.59
C TYR C 313 -36.90 -2.37 -20.67
N LYS C 314 -35.63 -2.68 -20.40
CA LYS C 314 -34.58 -2.43 -21.38
C LYS C 314 -34.87 -3.15 -22.69
N VAL C 315 -35.16 -4.45 -22.60
CA VAL C 315 -35.39 -5.24 -23.82
C VAL C 315 -36.68 -4.81 -24.50
N ASN C 316 -37.72 -4.50 -23.71
CA ASN C 316 -38.95 -4.00 -24.29
C ASN C 316 -38.69 -2.78 -25.15
N LYS C 317 -37.92 -1.83 -24.62
CA LYS C 317 -37.59 -0.64 -25.39
C LYS C 317 -36.76 -1.01 -26.62
N LYS C 318 -35.78 -1.89 -26.46
CA LYS C 318 -34.91 -2.22 -27.58
C LYS C 318 -35.71 -2.81 -28.74
N LEU C 319 -36.48 -3.86 -28.46
CA LEU C 319 -37.28 -4.52 -29.47
C LEU C 319 -38.65 -3.87 -29.64
N GLY C 320 -38.99 -2.88 -28.82
CA GLY C 320 -40.24 -2.17 -28.95
C GLY C 320 -41.44 -3.08 -28.87
N LEU C 321 -41.32 -4.18 -28.10
CA LEU C 321 -42.40 -5.16 -28.05
C LEU C 321 -43.67 -4.56 -27.45
N HIS C 322 -43.52 -3.76 -26.39
CA HIS C 322 -44.67 -3.24 -25.67
C HIS C 322 -44.36 -1.83 -25.17
N VAL C 323 -45.42 -1.03 -25.00
CA VAL C 323 -45.26 0.36 -24.60
C VAL C 323 -46.03 0.64 -23.30
N GLY C 324 -47.35 0.57 -23.37
CA GLY C 324 -48.17 0.85 -22.19
C GLY C 324 -48.37 -0.36 -21.31
N GLU C 325 -47.95 -1.53 -21.76
CA GLU C 325 -48.07 -2.74 -20.96
C GLU C 325 -47.27 -2.56 -19.67
N PRO C 326 -47.84 -2.89 -18.51
CA PRO C 326 -47.10 -2.68 -17.26
C PRO C 326 -45.83 -3.51 -17.25
N ILE C 327 -44.80 -3.00 -16.57
CA ILE C 327 -43.54 -3.73 -16.48
C ILE C 327 -43.77 -4.89 -15.53
N THR C 328 -43.97 -6.07 -16.09
CA THR C 328 -44.22 -7.29 -15.33
C THR C 328 -43.69 -8.46 -16.14
N SER C 329 -44.08 -9.68 -15.76
CA SER C 329 -43.69 -10.87 -16.47
C SER C 329 -42.17 -10.94 -16.62
N SER C 330 -41.47 -10.86 -15.49
CA SER C 330 -40.02 -10.79 -15.50
C SER C 330 -39.44 -12.17 -15.81
N THR C 331 -39.76 -12.68 -17.00
CA THR C 331 -39.24 -13.94 -17.50
C THR C 331 -39.28 -13.87 -19.02
N LEU C 332 -38.51 -14.73 -19.67
CA LEU C 332 -38.35 -14.60 -21.11
C LEU C 332 -39.61 -15.04 -21.84
N THR C 333 -39.87 -14.36 -22.95
CA THR C 333 -40.96 -14.67 -23.87
C THR C 333 -40.38 -15.08 -25.22
N GLU C 334 -40.72 -16.28 -25.69
CA GLU C 334 -40.18 -16.78 -26.95
C GLU C 334 -40.47 -15.83 -28.10
N GLU C 335 -41.62 -15.14 -28.03
CA GLU C 335 -41.90 -14.03 -28.92
C GLU C 335 -40.68 -13.13 -29.07
N ASP C 336 -39.99 -12.88 -27.96
CA ASP C 336 -38.80 -12.04 -28.00
C ASP C 336 -37.62 -12.78 -28.61
N VAL C 337 -37.57 -14.10 -28.48
CA VAL C 337 -36.46 -14.88 -29.02
C VAL C 337 -36.44 -14.74 -30.54
N VAL C 338 -37.60 -14.98 -31.16
CA VAL C 338 -37.61 -14.91 -32.62
C VAL C 338 -37.36 -13.48 -33.09
N ALA C 339 -37.85 -12.48 -32.34
CA ALA C 339 -37.54 -11.10 -32.68
C ALA C 339 -36.05 -10.82 -32.56
N THR C 340 -35.39 -11.40 -31.57
CA THR C 340 -33.93 -11.25 -31.45
C THR C 340 -33.24 -11.81 -32.68
N ILE C 341 -33.65 -13.00 -33.12
CA ILE C 341 -33.01 -13.61 -34.28
C ILE C 341 -33.25 -12.76 -35.53
N GLU C 342 -34.49 -12.29 -35.70
CA GLU C 342 -34.80 -11.44 -36.85
C GLU C 342 -34.00 -10.15 -36.84
N TYR C 343 -33.92 -9.50 -35.68
CA TYR C 343 -33.17 -8.27 -35.55
C TYR C 343 -31.70 -8.49 -35.85
N LEU C 344 -31.14 -9.61 -35.37
CA LEU C 344 -29.74 -9.91 -35.63
C LEU C 344 -29.48 -10.12 -37.12
N VAL C 345 -30.32 -10.92 -37.77
CA VAL C 345 -30.06 -11.22 -39.17
C VAL C 345 -30.28 -9.98 -40.03
N ARG C 346 -31.21 -9.11 -39.66
CA ARG C 346 -31.38 -7.85 -40.38
C ARG C 346 -30.26 -6.87 -40.06
N LEU C 347 -29.68 -6.94 -38.86
CA LEU C 347 -28.50 -6.15 -38.56
C LEU C 347 -27.33 -6.54 -39.46
N HIS C 348 -27.14 -7.86 -39.65
CA HIS C 348 -26.15 -8.30 -40.62
C HIS C 348 -26.55 -7.90 -42.04
N GLU C 349 -27.86 -7.85 -42.31
CA GLU C 349 -28.33 -7.41 -43.61
C GLU C 349 -28.04 -5.92 -43.85
N GLY C 350 -27.79 -5.16 -42.80
CA GLY C 350 -27.55 -3.73 -42.96
C GLY C 350 -28.82 -2.91 -43.03
N GLN C 351 -29.85 -3.30 -42.29
CA GLN C 351 -31.10 -2.55 -42.26
C GLN C 351 -30.99 -1.39 -41.30
N THR C 352 -31.90 -0.42 -41.48
CA THR C 352 -31.95 0.77 -40.63
C THR C 352 -32.95 0.63 -39.49
N THR C 353 -34.16 0.19 -39.80
CA THR C 353 -35.19 -0.03 -38.79
C THR C 353 -35.85 -1.38 -39.03
N MET C 354 -36.61 -1.83 -38.02
CA MET C 354 -37.27 -3.13 -38.08
C MET C 354 -38.60 -3.04 -37.36
N THR C 355 -39.66 -3.51 -38.01
CA THR C 355 -40.98 -3.60 -37.41
C THR C 355 -41.25 -5.05 -37.04
N VAL C 356 -41.56 -5.29 -35.76
CA VAL C 356 -41.96 -6.60 -35.29
C VAL C 356 -43.48 -6.62 -35.28
N PRO C 357 -44.13 -7.69 -35.73
CA PRO C 357 -45.60 -7.74 -35.64
C PRO C 357 -46.04 -7.72 -34.18
N GLY C 358 -47.02 -6.86 -33.88
CA GLY C 358 -47.47 -6.67 -32.52
C GLY C 358 -46.76 -5.59 -31.74
N GLY C 359 -45.84 -4.85 -32.37
CA GLY C 359 -45.12 -3.80 -31.69
C GLY C 359 -44.65 -2.73 -32.65
N VAL C 360 -44.43 -1.54 -32.10
CA VAL C 360 -43.97 -0.41 -32.90
C VAL C 360 -42.51 -0.65 -33.30
N GLU C 361 -42.16 -0.23 -34.51
CA GLU C 361 -40.84 -0.51 -35.03
C GLU C 361 -39.76 0.19 -34.20
N VAL C 362 -38.55 -0.35 -34.30
CA VAL C 362 -37.39 0.17 -33.59
C VAL C 362 -36.25 0.31 -34.58
N PRO C 363 -35.28 1.19 -34.30
CA PRO C 363 -34.13 1.32 -35.19
C PRO C 363 -33.08 0.27 -34.88
N VAL C 364 -32.21 0.02 -35.84
CA VAL C 364 -31.27 -1.10 -35.79
C VAL C 364 -29.86 -0.57 -35.52
N GLU C 365 -29.32 -0.89 -34.34
CA GLU C 365 -27.96 -0.48 -33.98
C GLU C 365 -27.30 -1.56 -33.15
N THR C 366 -26.07 -1.27 -32.73
CA THR C 366 -25.33 -2.05 -31.75
C THR C 366 -25.39 -1.34 -30.39
N ASP C 367 -24.66 -1.90 -29.42
CA ASP C 367 -24.67 -1.38 -28.06
C ASP C 367 -23.26 -1.37 -27.49
N ASP C 368 -23.02 -0.41 -26.60
CA ASP C 368 -21.74 -0.24 -25.92
C ASP C 368 -21.91 -0.57 -24.44
N ILE C 369 -20.80 -0.94 -23.79
CA ILE C 369 -20.85 -1.33 -22.39
C ILE C 369 -20.41 -0.17 -21.51
N ASP C 370 -20.45 1.06 -22.04
CA ASP C 370 -20.18 2.24 -21.24
C ASP C 370 -21.38 3.18 -21.27
N HIS C 371 -21.91 3.43 -22.46
CA HIS C 371 -23.07 4.29 -22.66
C HIS C 371 -24.09 4.02 -21.57
N PHE C 372 -24.50 5.05 -20.84
CA PHE C 372 -25.28 4.87 -19.62
C PHE C 372 -26.68 4.34 -19.90
N GLY C 373 -26.97 4.00 -21.15
CA GLY C 373 -28.08 3.14 -21.46
C GLY C 373 -27.81 1.68 -21.23
N ASN C 374 -26.58 1.32 -20.90
CA ASN C 374 -26.22 -0.07 -20.66
C ASN C 374 -25.52 -0.29 -19.33
N ARG C 375 -25.20 0.78 -18.60
CA ARG C 375 -24.68 0.69 -17.24
C ARG C 375 -25.66 1.38 -16.31
N ARG C 376 -26.09 0.66 -15.28
CA ARG C 376 -27.12 1.12 -14.37
C ARG C 376 -26.56 1.25 -12.97
N LEU C 377 -27.35 1.89 -12.12
CA LEU C 377 -26.97 2.21 -10.75
C LEU C 377 -27.74 1.30 -9.80
N ARG C 378 -27.07 0.26 -9.32
CA ARG C 378 -27.67 -0.59 -8.29
C ARG C 378 -27.61 0.14 -6.96
N THR C 379 -28.54 1.05 -6.74
CA THR C 379 -28.50 1.89 -5.55
C THR C 379 -28.70 1.05 -4.29
N VAL C 380 -28.50 1.70 -3.14
CA VAL C 380 -28.55 1.05 -1.84
C VAL C 380 -29.79 0.20 -1.71
N GLY C 381 -30.92 0.70 -2.20
CA GLY C 381 -32.15 -0.05 -2.13
C GLY C 381 -32.01 -1.40 -2.82
N GLU C 382 -31.50 -1.38 -4.05
CA GLU C 382 -31.41 -2.62 -4.82
C GLU C 382 -30.37 -3.56 -4.23
N LEU C 383 -29.27 -3.03 -3.72
CA LEU C 383 -28.25 -3.88 -3.11
C LEU C 383 -28.80 -4.59 -1.88
N ILE C 384 -29.49 -3.84 -1.03
CA ILE C 384 -30.08 -4.46 0.16
C ILE C 384 -31.15 -5.46 -0.23
N GLN C 385 -31.91 -5.16 -1.30
CA GLN C 385 -32.90 -6.12 -1.77
C GLN C 385 -32.22 -7.42 -2.21
N ASN C 386 -31.11 -7.32 -2.95
CA ASN C 386 -30.42 -8.51 -3.40
C ASN C 386 -29.87 -9.32 -2.22
N GLN C 387 -29.29 -8.64 -1.24
CA GLN C 387 -28.78 -9.37 -0.09
C GLN C 387 -29.90 -10.02 0.69
N ILE C 388 -31.02 -9.31 0.88
CA ILE C 388 -32.17 -9.91 1.56
C ILE C 388 -32.65 -11.12 0.79
N ARG C 389 -32.59 -11.08 -0.54
CA ARG C 389 -32.98 -12.24 -1.33
C ARG C 389 -32.04 -13.42 -1.07
N VAL C 390 -30.75 -13.13 -1.01
CA VAL C 390 -29.77 -14.19 -0.75
C VAL C 390 -30.06 -14.79 0.61
N GLY C 391 -30.63 -14.00 1.52
CA GLY C 391 -31.05 -14.54 2.80
C GLY C 391 -32.32 -15.35 2.71
N MET C 392 -33.31 -14.82 1.98
CA MET C 392 -34.63 -15.42 1.95
C MET C 392 -34.61 -16.77 1.25
N SER C 393 -33.76 -16.92 0.23
CA SER C 393 -33.68 -18.21 -0.45
C SER C 393 -33.15 -19.30 0.49
N ARG C 394 -32.12 -18.96 1.29
CA ARG C 394 -31.63 -19.90 2.28
C ARG C 394 -32.73 -20.23 3.29
N MET C 395 -33.46 -19.20 3.74
CA MET C 395 -34.56 -19.45 4.65
C MET C 395 -35.57 -20.40 4.03
N GLU C 396 -35.89 -20.20 2.76
CA GLU C 396 -36.89 -21.03 2.10
C GLU C 396 -36.42 -22.47 2.05
N ARG C 397 -35.15 -22.67 1.68
CA ARG C 397 -34.59 -24.03 1.66
C ARG C 397 -34.77 -24.71 2.99
N VAL C 398 -34.32 -24.04 4.06
CA VAL C 398 -34.41 -24.63 5.39
C VAL C 398 -35.87 -24.88 5.76
N VAL C 399 -36.74 -23.90 5.49
CA VAL C 399 -38.14 -24.02 5.84
C VAL C 399 -38.74 -25.26 5.20
N ARG C 400 -38.47 -25.48 3.92
CA ARG C 400 -39.11 -26.60 3.24
C ARG C 400 -38.51 -27.93 3.69
N GLU C 401 -37.19 -27.97 3.91
CA GLU C 401 -36.62 -29.21 4.43
C GLU C 401 -37.29 -29.58 5.76
N ARG C 402 -37.32 -28.64 6.71
CA ARG C 402 -37.95 -28.93 7.99
C ARG C 402 -39.42 -29.28 7.82
N MET C 403 -40.13 -28.58 6.93
CA MET C 403 -41.54 -28.87 6.73
C MET C 403 -41.72 -30.32 6.33
N THR C 404 -40.89 -30.79 5.40
CA THR C 404 -40.98 -32.19 4.98
C THR C 404 -40.69 -33.13 6.15
N THR C 405 -39.65 -32.84 6.95
CA THR C 405 -39.39 -33.70 8.09
C THR C 405 -40.47 -33.58 9.15
N GLN C 406 -41.03 -32.39 9.34
CA GLN C 406 -42.01 -32.18 10.40
C GLN C 406 -43.30 -32.94 10.13
N ASP C 407 -43.96 -33.35 11.20
CA ASP C 407 -45.24 -34.04 11.10
C ASP C 407 -46.37 -33.06 10.83
N VAL C 408 -47.37 -33.52 10.08
CA VAL C 408 -48.47 -32.65 9.69
C VAL C 408 -49.48 -32.54 10.84
N GLU C 409 -50.34 -31.52 10.74
CA GLU C 409 -51.35 -31.23 11.76
C GLU C 409 -50.72 -30.86 13.10
N ALA C 410 -49.46 -30.44 13.09
CA ALA C 410 -48.77 -30.05 14.31
C ALA C 410 -47.93 -28.79 14.19
N ILE C 411 -47.67 -28.30 12.99
CA ILE C 411 -46.64 -27.29 12.77
C ILE C 411 -47.30 -25.97 12.37
N THR C 412 -46.50 -24.92 12.41
CA THR C 412 -46.94 -23.54 12.23
C THR C 412 -45.77 -22.74 11.72
N PRO C 413 -46.00 -21.62 11.03
CA PRO C 413 -44.87 -20.82 10.56
C PRO C 413 -43.90 -20.44 11.67
N GLN C 414 -44.34 -20.34 12.92
CA GLN C 414 -43.38 -20.11 14.00
C GLN C 414 -42.38 -21.25 14.07
N THR C 415 -42.84 -22.47 13.84
CA THR C 415 -41.99 -23.65 13.87
C THR C 415 -41.30 -23.93 12.54
N LEU C 416 -41.67 -23.21 11.48
CA LEU C 416 -41.06 -23.41 10.17
C LEU C 416 -39.98 -22.38 9.87
N ILE C 417 -40.25 -21.10 10.11
CA ILE C 417 -39.34 -20.04 9.73
C ILE C 417 -38.11 -20.07 10.63
N ASN C 418 -36.95 -20.09 10.01
CA ASN C 418 -35.69 -19.83 10.69
C ASN C 418 -35.20 -18.45 10.23
N ILE C 419 -35.05 -17.54 11.18
CA ILE C 419 -34.69 -16.16 10.86
C ILE C 419 -33.20 -15.92 11.00
N ARG C 420 -32.42 -16.95 11.33
CA ARG C 420 -30.97 -16.82 11.32
C ARG C 420 -30.43 -16.40 9.97
N PRO C 421 -30.82 -17.02 8.85
CA PRO C 421 -30.19 -16.64 7.57
C PRO C 421 -30.36 -15.18 7.20
N VAL C 422 -31.54 -14.60 7.42
CA VAL C 422 -31.75 -13.20 7.03
C VAL C 422 -30.86 -12.28 7.85
N VAL C 423 -30.81 -12.51 9.16
CA VAL C 423 -29.97 -11.70 10.03
C VAL C 423 -28.51 -11.85 9.63
N ALA C 424 -28.09 -13.08 9.35
CA ALA C 424 -26.70 -13.31 8.95
C ALA C 424 -26.37 -12.57 7.67
N ALA C 425 -27.28 -12.62 6.69
CA ALA C 425 -27.02 -11.95 5.42
C ALA C 425 -26.92 -10.44 5.61
N ILE C 426 -27.88 -9.85 6.32
CA ILE C 426 -27.86 -8.40 6.48
C ILE C 426 -26.62 -7.97 7.24
N LYS C 427 -26.24 -8.74 8.27
CA LYS C 427 -25.03 -8.40 9.03
C LYS C 427 -23.80 -8.48 8.15
N GLU C 428 -23.62 -9.59 7.43
CA GLU C 428 -22.46 -9.72 6.58
C GLU C 428 -22.46 -8.71 5.45
N PHE C 429 -23.61 -8.10 5.14
CA PHE C 429 -23.60 -7.02 4.16
C PHE C 429 -23.10 -5.73 4.81
N PHE C 430 -23.82 -5.23 5.80
CA PHE C 430 -23.47 -3.92 6.34
C PHE C 430 -22.08 -3.92 6.94
N GLY C 431 -21.80 -4.85 7.84
CA GLY C 431 -20.43 -5.13 8.19
C GLY C 431 -19.81 -6.08 7.19
N THR C 432 -18.47 -6.07 7.14
CA THR C 432 -17.72 -6.98 6.29
C THR C 432 -18.29 -7.01 4.88
N SER C 433 -18.19 -5.89 4.18
CA SER C 433 -18.50 -5.85 2.76
C SER C 433 -17.67 -4.76 2.12
N GLN C 434 -17.47 -4.89 0.81
CA GLN C 434 -16.74 -3.90 0.06
C GLN C 434 -17.56 -2.62 -0.14
N LEU C 435 -18.89 -2.75 -0.28
CA LEU C 435 -19.73 -1.62 -0.64
C LEU C 435 -20.44 -0.99 0.53
N SER C 436 -19.96 -1.19 1.75
CA SER C 436 -20.47 -0.52 2.95
C SER C 436 -19.27 0.04 3.69
N GLN C 437 -18.91 1.28 3.39
CA GLN C 437 -17.66 1.85 3.85
C GLN C 437 -17.92 2.87 4.96
N PHE C 438 -16.94 3.01 5.85
CA PHE C 438 -17.00 4.06 6.85
C PHE C 438 -17.17 5.40 6.16
N MET C 439 -18.14 6.20 6.61
CA MET C 439 -18.32 7.51 5.98
C MET C 439 -17.07 8.32 6.25
N ASP C 440 -16.28 8.56 5.22
CA ASP C 440 -15.17 9.48 5.39
C ASP C 440 -15.78 10.86 5.67
N GLN C 441 -15.58 11.35 6.87
CA GLN C 441 -16.07 12.67 7.25
C GLN C 441 -14.94 13.42 7.91
N ASN C 442 -14.08 14.02 7.09
CA ASN C 442 -13.13 15.01 7.57
C ASN C 442 -13.79 16.38 7.62
N ASN C 443 -14.45 16.76 6.54
CA ASN C 443 -15.27 17.94 6.47
C ASN C 443 -16.64 17.57 5.91
N PRO C 444 -17.69 18.31 6.27
CA PRO C 444 -19.04 17.99 5.77
C PRO C 444 -19.10 17.62 4.30
N LEU C 445 -18.33 18.30 3.46
CA LEU C 445 -18.34 17.97 2.04
C LEU C 445 -17.87 16.54 1.80
N SER C 446 -16.83 16.12 2.52
CA SER C 446 -16.39 14.74 2.36
C SER C 446 -17.49 13.76 2.75
N GLY C 447 -18.36 14.15 3.67
CA GLY C 447 -19.51 13.33 3.97
C GLY C 447 -20.48 13.28 2.81
N LEU C 448 -20.92 14.44 2.33
CA LEU C 448 -21.90 14.49 1.25
C LEU C 448 -21.36 13.93 -0.06
N THR C 449 -20.03 13.79 -0.16
CA THR C 449 -19.40 13.26 -1.36
C THR C 449 -19.02 11.79 -1.22
N HIS C 450 -18.90 11.28 0.01
CA HIS C 450 -18.80 9.83 0.14
C HIS C 450 -20.14 9.17 -0.13
N LYS C 451 -21.23 9.85 0.18
CA LYS C 451 -22.50 9.57 -0.47
C LYS C 451 -22.44 10.14 -1.89
N ARG C 452 -23.47 9.86 -2.68
CA ARG C 452 -23.49 10.26 -4.09
C ARG C 452 -22.30 9.71 -4.86
N ARG C 453 -21.61 8.71 -4.33
CA ARG C 453 -20.42 8.17 -4.97
C ARG C 453 -20.82 6.98 -5.83
N LEU C 454 -20.31 6.94 -7.04
CA LEU C 454 -20.48 5.80 -7.93
C LEU C 454 -19.20 4.99 -7.91
N SER C 455 -19.31 3.70 -7.62
CA SER C 455 -18.15 2.84 -7.53
C SER C 455 -18.39 1.60 -8.37
N ALA C 456 -17.59 1.44 -9.42
CA ALA C 456 -17.73 0.29 -10.30
C ALA C 456 -17.02 -0.95 -9.79
N LEU C 457 -16.20 -0.83 -8.75
CA LEU C 457 -15.37 -1.92 -8.26
C LEU C 457 -16.03 -2.61 -7.07
N GLY C 458 -17.19 -3.23 -7.33
CA GLY C 458 -17.93 -3.90 -6.29
C GLY C 458 -18.22 -5.35 -6.60
N PRO C 459 -18.59 -6.14 -5.59
CA PRO C 459 -19.06 -7.50 -5.84
C PRO C 459 -20.23 -7.49 -6.83
N GLY C 460 -20.05 -8.22 -7.93
CA GLY C 460 -20.93 -8.11 -9.07
C GLY C 460 -20.46 -7.15 -10.13
N GLY C 461 -19.28 -6.55 -9.97
CA GLY C 461 -18.74 -5.64 -10.94
C GLY C 461 -17.40 -6.12 -11.49
N LEU C 462 -16.35 -5.34 -11.27
CA LEU C 462 -15.03 -5.67 -11.78
C LEU C 462 -13.99 -5.31 -10.73
N SER C 463 -12.92 -6.10 -10.68
CA SER C 463 -11.81 -5.81 -9.80
C SER C 463 -10.86 -4.82 -10.45
N ARG C 464 -9.94 -4.28 -9.64
CA ARG C 464 -8.93 -3.35 -10.16
C ARG C 464 -7.90 -4.03 -11.05
N GLU C 465 -8.01 -5.34 -11.30
CA GLU C 465 -7.16 -6.06 -12.22
C GLU C 465 -7.90 -6.54 -13.45
N ARG C 466 -9.18 -6.91 -13.32
CA ARG C 466 -10.04 -7.21 -14.46
C ARG C 466 -10.68 -5.97 -15.03
N ALA C 467 -10.13 -4.79 -14.75
CA ALA C 467 -10.72 -3.52 -15.16
C ALA C 467 -10.29 -3.22 -16.58
N GLY C 468 -11.18 -3.46 -17.53
CA GLY C 468 -10.91 -3.06 -18.90
C GLY C 468 -10.62 -1.58 -18.95
N LEU C 469 -9.52 -1.20 -19.60
CA LEU C 469 -9.14 0.21 -19.69
C LEU C 469 -10.13 1.04 -20.49
N GLU C 470 -11.17 0.41 -21.06
CA GLU C 470 -12.24 1.10 -21.75
C GLU C 470 -13.37 1.48 -20.82
N VAL C 471 -13.32 1.05 -19.55
CA VAL C 471 -14.35 1.37 -18.58
C VAL C 471 -14.02 2.63 -17.78
N ARG C 472 -12.80 3.16 -17.91
CA ARG C 472 -12.36 4.32 -17.13
C ARG C 472 -12.42 5.62 -17.92
N ASP C 473 -12.66 5.57 -19.23
CA ASP C 473 -12.72 6.77 -20.04
C ASP C 473 -14.11 7.38 -19.97
N VAL C 474 -14.18 8.68 -20.21
CA VAL C 474 -15.44 9.42 -20.08
C VAL C 474 -16.15 9.31 -21.43
N HIS C 475 -16.93 8.24 -21.56
CA HIS C 475 -17.79 8.06 -22.71
C HIS C 475 -18.72 9.26 -22.82
N PRO C 476 -18.99 9.79 -24.02
CA PRO C 476 -19.75 11.05 -24.12
C PRO C 476 -21.17 10.98 -23.56
N SER C 477 -21.61 9.85 -23.04
CA SER C 477 -22.90 9.79 -22.36
C SER C 477 -22.82 10.23 -20.90
N HIS C 478 -21.62 10.42 -20.37
CA HIS C 478 -21.45 10.85 -18.98
C HIS C 478 -21.87 12.30 -18.76
N TYR C 479 -22.12 13.07 -19.81
CA TYR C 479 -22.41 14.49 -19.67
C TYR C 479 -23.76 14.67 -19.00
N GLY C 480 -23.75 15.15 -17.76
CA GLY C 480 -24.97 15.34 -17.01
C GLY C 480 -25.41 14.14 -16.19
N ARG C 481 -24.63 13.06 -16.20
CA ARG C 481 -24.94 11.86 -15.43
C ARG C 481 -23.81 11.41 -14.53
N MET C 482 -22.60 11.94 -14.73
CA MET C 482 -21.45 11.56 -13.92
C MET C 482 -20.35 12.56 -14.20
N CYS C 483 -19.72 13.07 -13.16
CA CYS C 483 -18.77 14.15 -13.34
C CYS C 483 -17.48 13.62 -13.95
N PRO C 484 -17.00 14.19 -15.07
CA PRO C 484 -15.72 13.75 -15.63
C PRO C 484 -14.51 14.20 -14.83
N ILE C 485 -14.65 15.15 -13.90
CA ILE C 485 -13.49 15.69 -13.19
C ILE C 485 -13.15 14.83 -11.98
N GLU C 486 -14.09 14.70 -11.05
CA GLU C 486 -13.79 14.17 -9.73
C GLU C 486 -13.66 12.66 -9.79
N THR C 487 -12.43 12.16 -9.66
CA THR C 487 -12.17 10.75 -9.40
C THR C 487 -10.90 10.68 -8.56
N PRO C 488 -10.76 9.68 -7.70
CA PRO C 488 -9.50 9.54 -6.95
C PRO C 488 -8.33 9.40 -7.91
N GLU C 489 -7.22 10.06 -7.57
CA GLU C 489 -6.06 10.10 -8.44
C GLU C 489 -5.12 8.92 -8.22
N GLY C 490 -5.44 8.01 -7.31
CA GLY C 490 -4.64 6.84 -7.09
C GLY C 490 -4.81 5.84 -8.22
N PRO C 491 -4.69 4.54 -7.91
CA PRO C 491 -4.95 3.50 -8.91
C PRO C 491 -6.43 3.14 -9.01
N ASN C 492 -7.28 4.17 -9.07
CA ASN C 492 -8.72 3.99 -9.10
C ASN C 492 -9.37 4.95 -10.09
N ILE C 493 -8.57 5.58 -10.95
CA ILE C 493 -9.05 6.67 -11.77
C ILE C 493 -10.11 6.12 -12.73
N GLY C 494 -11.31 6.65 -12.64
CA GLY C 494 -12.42 6.24 -13.47
C GLY C 494 -13.27 5.14 -12.89
N LEU C 495 -12.71 4.29 -12.02
CA LEU C 495 -13.51 3.26 -11.37
C LEU C 495 -14.41 3.84 -10.29
N ILE C 496 -14.02 4.96 -9.70
CA ILE C 496 -14.83 5.66 -8.70
C ILE C 496 -15.06 7.08 -9.18
N GLY C 497 -16.32 7.48 -9.27
CA GLY C 497 -16.71 8.82 -9.62
C GLY C 497 -17.82 9.31 -8.72
N SER C 498 -18.48 10.39 -9.14
CA SER C 498 -19.56 10.94 -8.33
C SER C 498 -20.65 11.46 -9.24
N LEU C 499 -21.88 11.40 -8.74
CA LEU C 499 -23.03 11.81 -9.53
C LEU C 499 -22.94 13.30 -9.86
N SER C 500 -23.65 13.69 -10.91
CA SER C 500 -23.73 15.10 -11.26
C SER C 500 -24.58 15.83 -10.25
N VAL C 501 -24.66 17.16 -10.41
CA VAL C 501 -25.46 17.95 -9.49
C VAL C 501 -26.95 17.66 -9.69
N TYR C 502 -27.40 17.66 -10.94
CA TYR C 502 -28.81 17.55 -11.25
C TYR C 502 -29.25 16.13 -11.58
N ALA C 503 -28.35 15.16 -11.52
CA ALA C 503 -28.72 13.80 -11.90
C ALA C 503 -29.76 13.24 -10.95
N ARG C 504 -30.58 12.32 -11.48
CA ARG C 504 -31.65 11.70 -10.74
C ARG C 504 -31.78 10.28 -11.25
N VAL C 505 -31.97 9.32 -10.35
CA VAL C 505 -31.91 7.90 -10.71
C VAL C 505 -33.31 7.39 -11.01
N ASN C 506 -33.45 6.81 -12.20
CA ASN C 506 -34.73 6.25 -12.61
C ASN C 506 -35.12 5.09 -11.70
N PRO C 507 -36.41 4.91 -11.39
CA PRO C 507 -36.84 3.68 -10.70
C PRO C 507 -36.12 2.42 -11.16
N PHE C 508 -36.03 2.23 -12.47
CA PHE C 508 -35.29 1.08 -12.98
C PHE C 508 -33.81 1.15 -12.63
N GLY C 509 -33.28 2.34 -12.40
CA GLY C 509 -31.88 2.51 -12.02
C GLY C 509 -30.99 3.16 -13.05
N PHE C 510 -31.56 3.68 -14.14
CA PHE C 510 -30.80 4.41 -15.14
C PHE C 510 -30.74 5.87 -14.75
N ILE C 511 -29.57 6.48 -14.93
CA ILE C 511 -29.32 7.82 -14.41
C ILE C 511 -29.99 8.82 -15.35
N GLU C 512 -31.17 9.31 -14.95
CA GLU C 512 -31.84 10.34 -15.72
C GLU C 512 -31.13 11.68 -15.55
N THR C 513 -31.50 12.65 -16.39
CA THR C 513 -30.89 13.96 -16.38
C THR C 513 -31.92 14.98 -16.83
N PRO C 514 -32.02 16.14 -16.18
CA PRO C 514 -33.03 17.13 -16.61
C PRO C 514 -32.54 17.92 -17.81
N TYR C 515 -33.44 18.18 -18.74
CA TYR C 515 -33.20 19.07 -19.86
C TYR C 515 -34.41 19.98 -20.00
N ARG C 516 -34.24 21.05 -20.78
CA ARG C 516 -35.33 21.95 -21.12
C ARG C 516 -35.83 21.62 -22.51
N LYS C 517 -37.15 21.50 -22.64
CA LYS C 517 -37.77 21.16 -23.92
C LYS C 517 -37.94 22.44 -24.72
N VAL C 518 -37.30 22.49 -25.88
CA VAL C 518 -37.43 23.62 -26.81
C VAL C 518 -38.33 23.17 -27.95
N VAL C 519 -39.40 23.91 -28.18
CA VAL C 519 -40.42 23.56 -29.17
C VAL C 519 -40.68 24.78 -30.03
N ASP C 520 -40.71 24.58 -31.35
CA ASP C 520 -40.99 25.67 -32.30
C ASP C 520 -39.98 26.79 -32.02
N GLY C 521 -38.72 26.41 -31.84
CA GLY C 521 -37.70 27.37 -31.49
C GLY C 521 -38.00 28.15 -30.22
N VAL C 522 -38.88 27.64 -29.36
CA VAL C 522 -39.27 28.31 -28.13
C VAL C 522 -38.77 27.47 -26.96
N VAL C 523 -37.82 28.00 -26.21
CA VAL C 523 -37.37 27.37 -24.98
C VAL C 523 -38.40 27.62 -23.89
N SER C 524 -38.89 26.56 -23.27
CA SER C 524 -39.91 26.63 -22.24
C SER C 524 -39.25 26.45 -20.87
N ASP C 525 -40.08 26.34 -19.83
CA ASP C 525 -39.62 26.05 -18.48
C ASP C 525 -40.10 24.69 -17.98
N GLU C 526 -40.61 23.85 -18.87
CA GLU C 526 -41.11 22.52 -18.49
C GLU C 526 -39.95 21.55 -18.51
N ILE C 527 -39.26 21.46 -17.37
CA ILE C 527 -38.13 20.56 -17.25
C ILE C 527 -38.59 19.13 -17.51
N VAL C 528 -37.86 18.42 -18.36
CA VAL C 528 -38.18 17.04 -18.70
C VAL C 528 -36.91 16.20 -18.54
N TYR C 529 -37.05 15.05 -17.89
CA TYR C 529 -35.91 14.21 -17.60
C TYR C 529 -35.74 13.13 -18.66
N LEU C 530 -34.49 12.86 -19.02
CA LEU C 530 -34.15 11.97 -20.12
C LEU C 530 -33.03 11.03 -19.67
N THR C 531 -33.11 9.77 -20.09
CA THR C 531 -32.02 8.82 -19.88
C THR C 531 -31.04 8.95 -21.05
N ALA C 532 -29.99 8.13 -21.03
CA ALA C 532 -28.98 8.21 -22.07
C ALA C 532 -29.50 7.79 -23.45
N ASP C 533 -30.45 6.86 -23.50
CA ASP C 533 -30.96 6.43 -24.80
C ASP C 533 -31.71 7.55 -25.50
N GLU C 534 -32.64 8.20 -24.80
CA GLU C 534 -33.33 9.34 -25.39
C GLU C 534 -32.39 10.54 -25.56
N GLU C 535 -31.31 10.60 -24.79
CA GLU C 535 -30.26 11.56 -25.07
C GLU C 535 -29.63 11.29 -26.43
N ASP C 536 -29.45 10.03 -26.79
CA ASP C 536 -28.94 9.68 -28.12
C ASP C 536 -29.97 9.93 -29.21
N ARG C 537 -31.24 9.62 -28.96
CA ARG C 537 -32.28 9.80 -29.97
C ARG C 537 -32.39 11.26 -30.39
N HIS C 538 -32.57 12.14 -29.42
CA HIS C 538 -32.90 13.53 -29.67
C HIS C 538 -31.61 14.33 -29.75
N VAL C 539 -31.74 15.66 -29.76
CA VAL C 539 -30.63 16.54 -30.01
C VAL C 539 -30.66 17.69 -29.00
N VAL C 540 -29.50 17.99 -28.43
CA VAL C 540 -29.39 18.74 -27.18
C VAL C 540 -28.59 20.01 -27.42
N ALA C 541 -29.15 21.15 -26.98
CA ALA C 541 -28.52 22.45 -27.12
C ALA C 541 -27.73 22.81 -25.87
N GLN C 542 -27.29 24.06 -25.77
CA GLN C 542 -26.50 24.55 -24.65
C GLN C 542 -27.24 25.66 -23.91
N ALA C 543 -26.99 25.73 -22.61
CA ALA C 543 -27.66 26.73 -21.77
C ALA C 543 -27.08 28.13 -21.94
N ASN C 544 -25.80 28.25 -22.25
CA ASN C 544 -25.21 29.56 -22.53
C ASN C 544 -25.44 29.96 -23.98
N SER C 545 -26.70 29.93 -24.40
CA SER C 545 -27.10 30.30 -25.75
C SER C 545 -27.97 31.54 -25.71
N PRO C 546 -27.98 32.35 -26.78
CA PRO C 546 -28.75 33.59 -26.73
C PRO C 546 -30.26 33.38 -26.80
N ILE C 547 -30.89 33.14 -25.66
CA ILE C 547 -32.34 33.12 -25.58
C ILE C 547 -32.84 34.55 -25.55
N ASP C 548 -33.76 34.86 -26.46
CA ASP C 548 -34.23 36.25 -26.64
C ASP C 548 -35.46 36.56 -25.79
N ALA C 549 -35.37 36.26 -24.49
CA ALA C 549 -36.36 36.64 -23.49
C ALA C 549 -37.77 36.17 -23.83
N ASP C 550 -37.92 35.25 -24.78
CA ASP C 550 -39.22 34.73 -25.16
C ASP C 550 -39.19 33.23 -25.38
N GLY C 551 -38.13 32.55 -24.98
CA GLY C 551 -37.86 31.20 -25.42
C GLY C 551 -37.21 31.12 -26.79
N ARG C 552 -37.11 32.24 -27.50
CA ARG C 552 -36.61 32.24 -28.86
C ARG C 552 -35.10 32.31 -28.89
N PHE C 553 -34.50 31.44 -29.70
CA PHE C 553 -33.09 31.58 -30.02
C PHE C 553 -32.88 32.84 -30.85
N VAL C 554 -31.62 33.24 -30.99
CA VAL C 554 -31.25 34.42 -31.77
C VAL C 554 -30.54 34.02 -33.06
N GLU C 555 -29.35 33.36 -32.95
CA GLU C 555 -28.65 32.99 -34.17
C GLU C 555 -29.07 31.59 -34.63
N PRO C 556 -29.30 31.40 -35.94
CA PRO C 556 -29.75 30.08 -36.40
C PRO C 556 -28.72 28.98 -36.17
N ARG C 557 -27.44 29.29 -36.30
CA ARG C 557 -26.38 28.29 -36.18
C ARG C 557 -26.06 28.13 -34.70
N VAL C 558 -26.47 26.99 -34.13
CA VAL C 558 -26.47 26.77 -32.69
C VAL C 558 -25.59 25.55 -32.37
N LEU C 559 -24.81 25.67 -31.29
CA LEU C 559 -24.03 24.53 -30.82
C LEU C 559 -24.93 23.46 -30.22
N VAL C 560 -24.63 22.20 -30.54
CA VAL C 560 -25.54 21.10 -30.28
C VAL C 560 -24.74 19.81 -30.25
N ARG C 561 -25.30 18.78 -29.61
CA ARG C 561 -24.68 17.46 -29.51
C ARG C 561 -25.52 16.42 -30.23
N ARG C 562 -24.87 15.60 -31.05
CA ARG C 562 -25.52 14.52 -31.78
C ARG C 562 -25.36 13.21 -31.00
N LYS C 563 -25.82 12.09 -31.58
CA LYS C 563 -25.91 10.84 -30.84
C LYS C 563 -24.54 10.33 -30.41
N ALA C 564 -23.59 10.28 -31.33
CA ALA C 564 -22.30 9.62 -31.07
C ALA C 564 -21.29 10.54 -30.41
N GLY C 565 -21.74 11.55 -29.68
CA GLY C 565 -20.86 12.51 -29.08
C GLY C 565 -20.39 13.60 -30.01
N GLU C 566 -20.89 13.64 -31.23
CA GLU C 566 -20.45 14.65 -32.19
C GLU C 566 -21.01 16.02 -31.81
N VAL C 567 -20.31 17.06 -32.23
CA VAL C 567 -20.67 18.44 -31.96
C VAL C 567 -20.83 19.15 -33.30
N GLU C 568 -21.97 19.83 -33.49
CA GLU C 568 -22.38 20.30 -34.79
C GLU C 568 -23.17 21.60 -34.63
N TYR C 569 -23.20 22.40 -35.69
CA TYR C 569 -23.90 23.69 -35.74
C TYR C 569 -25.23 23.48 -36.46
N VAL C 570 -26.24 23.06 -35.72
CA VAL C 570 -27.55 22.78 -36.30
C VAL C 570 -28.25 24.11 -36.57
N PRO C 571 -29.07 24.23 -37.61
CA PRO C 571 -29.98 25.38 -37.68
C PRO C 571 -30.97 25.32 -36.52
N SER C 572 -31.38 26.49 -36.06
CA SER C 572 -32.14 26.57 -34.81
C SER C 572 -33.62 26.23 -35.04
N SER C 573 -33.88 25.07 -35.65
CA SER C 573 -35.24 24.60 -35.82
C SER C 573 -35.36 23.13 -35.40
N GLU C 574 -34.26 22.38 -35.52
CA GLU C 574 -34.26 20.97 -35.17
C GLU C 574 -33.83 20.70 -33.74
N VAL C 575 -33.52 21.74 -32.97
CA VAL C 575 -33.23 21.56 -31.55
C VAL C 575 -34.54 21.28 -30.82
N ASP C 576 -34.60 20.16 -30.10
CA ASP C 576 -35.78 19.80 -29.34
C ASP C 576 -35.52 19.73 -27.83
N TYR C 577 -34.28 19.88 -27.40
CA TYR C 577 -33.96 19.88 -25.98
C TYR C 577 -32.74 20.76 -25.73
N MET C 578 -32.77 21.47 -24.61
CA MET C 578 -31.69 22.36 -24.21
C MET C 578 -31.32 22.07 -22.76
N ASP C 579 -30.05 22.31 -22.42
CA ASP C 579 -29.59 22.01 -21.08
C ASP C 579 -30.27 22.92 -20.07
N VAL C 580 -30.45 22.38 -18.86
CA VAL C 580 -31.15 23.12 -17.82
C VAL C 580 -30.32 24.28 -17.32
N SER C 581 -29.00 24.12 -17.26
CA SER C 581 -28.11 25.20 -16.84
C SER C 581 -26.68 24.78 -17.15
N PRO C 582 -25.72 25.69 -17.10
CA PRO C 582 -24.32 25.25 -17.13
C PRO C 582 -23.99 24.51 -15.85
N ARG C 583 -22.74 24.12 -15.67
CA ARG C 583 -22.31 23.35 -14.50
C ARG C 583 -23.28 22.19 -14.22
N GLN C 584 -23.84 21.63 -15.28
CA GLN C 584 -24.66 20.44 -15.16
C GLN C 584 -23.83 19.17 -15.25
N MET C 585 -22.72 19.21 -15.98
CA MET C 585 -21.86 18.06 -16.16
C MET C 585 -21.11 17.68 -14.90
N VAL C 586 -21.12 18.52 -13.88
CA VAL C 586 -20.09 18.51 -12.85
C VAL C 586 -20.67 18.04 -11.52
N SER C 587 -19.79 17.55 -10.64
CA SER C 587 -20.22 16.95 -9.40
C SER C 587 -20.58 18.02 -8.39
N VAL C 588 -20.71 17.62 -7.13
CA VAL C 588 -20.99 18.59 -6.06
C VAL C 588 -19.71 19.29 -5.64
N ALA C 589 -18.65 18.53 -5.35
CA ALA C 589 -17.44 19.13 -4.82
C ALA C 589 -16.75 20.00 -5.86
N THR C 590 -16.78 19.59 -7.12
CA THR C 590 -16.09 20.35 -8.15
C THR C 590 -16.86 21.62 -8.51
N ALA C 591 -18.15 21.66 -8.25
CA ALA C 591 -18.92 22.87 -8.53
C ALA C 591 -18.62 23.99 -7.54
N MET C 592 -17.83 23.71 -6.50
CA MET C 592 -17.47 24.71 -5.50
C MET C 592 -16.15 25.40 -5.81
N ILE C 593 -15.54 25.12 -6.97
CA ILE C 593 -14.26 25.70 -7.35
C ILE C 593 -14.56 26.93 -8.21
N PRO C 594 -14.22 28.14 -7.75
CA PRO C 594 -14.41 29.30 -8.62
C PRO C 594 -13.42 29.28 -9.77
N PHE C 595 -13.82 29.89 -10.88
CA PHE C 595 -12.99 29.93 -12.07
C PHE C 595 -12.52 28.54 -12.48
N LEU C 596 -13.42 27.57 -12.40
CA LEU C 596 -13.06 26.22 -12.80
C LEU C 596 -12.76 26.15 -14.29
N GLU C 597 -13.51 26.89 -15.11
CA GLU C 597 -13.38 26.74 -16.54
C GLU C 597 -12.02 27.17 -17.06
N HIS C 598 -11.22 27.85 -16.25
CA HIS C 598 -9.86 28.22 -16.65
C HIS C 598 -8.84 27.16 -16.30
N ASP C 599 -9.12 26.31 -15.31
CA ASP C 599 -8.15 25.33 -14.86
C ASP C 599 -8.10 24.11 -15.77
N ASP C 600 -6.92 23.51 -15.86
CA ASP C 600 -6.79 22.25 -16.59
C ASP C 600 -7.46 21.13 -15.81
N ALA C 601 -7.82 20.07 -16.54
CA ALA C 601 -8.57 19.00 -15.90
C ALA C 601 -7.75 18.24 -14.87
N ASN C 602 -6.44 18.12 -15.07
CA ASN C 602 -5.62 17.45 -14.08
C ASN C 602 -5.64 18.19 -12.74
N ARG C 603 -5.36 19.49 -12.77
CA ARG C 603 -5.29 20.23 -11.53
C ARG C 603 -6.67 20.50 -10.95
N ALA C 604 -7.70 20.59 -11.79
CA ALA C 604 -9.06 20.64 -11.25
C ALA C 604 -9.45 19.33 -10.58
N LEU C 605 -9.04 18.21 -11.16
CA LEU C 605 -9.25 16.92 -10.52
C LEU C 605 -8.59 16.88 -9.17
N MET C 606 -7.34 17.33 -9.10
CA MET C 606 -6.65 17.39 -7.82
C MET C 606 -7.36 18.32 -6.84
N GLY C 607 -7.81 19.48 -7.33
CA GLY C 607 -8.51 20.40 -6.45
C GLY C 607 -9.77 19.79 -5.87
N ALA C 608 -10.53 19.06 -6.69
CA ALA C 608 -11.72 18.42 -6.18
C ALA C 608 -11.39 17.31 -5.20
N ASN C 609 -10.31 16.56 -5.44
CA ASN C 609 -9.97 15.48 -4.53
C ASN C 609 -9.33 15.97 -3.23
N MET C 610 -8.81 17.19 -3.20
CA MET C 610 -8.31 17.75 -1.94
C MET C 610 -9.29 18.70 -1.29
N GLN C 611 -10.35 19.11 -1.96
CA GLN C 611 -11.38 19.88 -1.27
C GLN C 611 -12.17 19.03 -0.30
N ARG C 612 -12.03 17.71 -0.36
CA ARG C 612 -12.65 16.83 0.61
C ARG C 612 -11.73 16.45 1.76
N GLN C 613 -10.52 16.99 1.81
CA GLN C 613 -9.54 16.62 2.82
C GLN C 613 -9.21 17.76 3.78
N ALA C 614 -9.90 18.89 3.69
CA ALA C 614 -9.66 19.94 4.65
C ALA C 614 -10.09 19.47 6.04
N VAL C 615 -9.55 20.14 7.06
CA VAL C 615 -9.89 19.79 8.44
C VAL C 615 -10.71 20.92 9.03
N PRO C 616 -11.60 20.67 9.99
CA PRO C 616 -12.39 21.76 10.58
C PRO C 616 -11.53 22.62 11.49
N LEU C 617 -11.35 23.88 11.11
CA LEU C 617 -10.59 24.80 11.93
C LEU C 617 -11.43 25.30 13.09
N VAL C 618 -10.79 26.05 13.99
CA VAL C 618 -11.49 26.55 15.17
C VAL C 618 -12.29 27.81 14.90
N ARG C 619 -12.09 28.45 13.75
CA ARG C 619 -12.77 29.71 13.42
C ARG C 619 -13.64 29.61 12.18
N SER C 620 -13.23 28.84 11.16
CA SER C 620 -14.12 28.50 10.06
C SER C 620 -14.63 29.72 9.30
N GLU C 621 -13.76 30.39 8.56
CA GLU C 621 -14.11 31.61 7.83
C GLU C 621 -14.66 31.28 6.45
N ALA C 622 -15.76 31.92 6.08
CA ALA C 622 -16.38 31.68 4.79
C ALA C 622 -15.46 32.15 3.66
N PRO C 623 -15.51 31.51 2.49
CA PRO C 623 -14.63 31.94 1.39
C PRO C 623 -15.08 33.27 0.81
N LEU C 624 -14.12 34.17 0.60
CA LEU C 624 -14.43 35.48 0.07
C LEU C 624 -14.96 35.37 -1.37
N VAL C 625 -14.41 34.45 -2.15
CA VAL C 625 -14.84 34.21 -3.52
C VAL C 625 -15.24 32.76 -3.65
N GLY C 626 -16.45 32.51 -4.13
CA GLY C 626 -16.97 31.16 -4.24
C GLY C 626 -18.02 31.01 -5.32
N THR C 627 -18.65 29.86 -5.38
CA THR C 627 -19.74 29.59 -6.31
C THR C 627 -21.07 29.68 -5.56
N GLY C 628 -22.15 29.23 -6.19
CA GLY C 628 -23.42 29.15 -5.50
C GLY C 628 -23.59 27.92 -4.63
N MET C 629 -22.61 27.01 -4.64
CA MET C 629 -22.74 25.71 -4.02
C MET C 629 -22.10 25.63 -2.63
N GLU C 630 -21.86 26.76 -1.98
CA GLU C 630 -21.40 26.72 -0.60
C GLU C 630 -22.53 26.65 0.41
N LEU C 631 -23.72 27.16 0.07
CA LEU C 631 -24.87 27.15 0.95
C LEU C 631 -25.67 25.86 0.80
N ARG C 632 -25.94 25.47 -0.45
CA ARG C 632 -26.69 24.26 -0.74
C ARG C 632 -25.91 22.99 -0.44
N ALA C 633 -24.60 23.08 -0.28
CA ALA C 633 -23.79 21.93 0.09
C ALA C 633 -23.66 21.79 1.60
N ALA C 634 -24.08 22.78 2.37
CA ALA C 634 -24.12 22.68 3.83
C ALA C 634 -25.51 22.38 4.34
N ILE C 635 -26.53 23.10 3.86
CA ILE C 635 -27.88 22.84 4.35
C ILE C 635 -28.38 21.46 3.97
N ASP C 636 -27.68 20.76 3.06
CA ASP C 636 -28.05 19.43 2.63
C ASP C 636 -27.04 18.37 3.03
N ALA C 637 -25.91 18.75 3.62
CA ALA C 637 -24.93 17.77 4.09
C ALA C 637 -25.25 17.24 5.47
N GLY C 638 -26.21 17.84 6.18
CA GLY C 638 -26.66 17.37 7.46
C GLY C 638 -25.85 17.84 8.64
N ASP C 639 -24.70 18.48 8.40
CA ASP C 639 -23.87 19.00 9.49
C ASP C 639 -24.21 20.44 9.83
N VAL C 640 -25.45 20.85 9.62
CA VAL C 640 -25.92 22.16 10.02
C VAL C 640 -27.34 22.00 10.51
N VAL C 641 -27.59 22.31 11.79
CA VAL C 641 -28.94 22.21 12.31
C VAL C 641 -29.85 23.12 11.48
N VAL C 642 -31.06 22.66 11.20
CA VAL C 642 -32.00 23.38 10.36
C VAL C 642 -33.29 23.58 11.14
N ALA C 643 -33.82 24.79 11.11
CA ALA C 643 -35.10 25.06 11.75
C ALA C 643 -36.21 24.31 11.04
N GLU C 644 -36.81 23.33 11.71
CA GLU C 644 -37.77 22.46 11.04
C GLU C 644 -39.02 23.23 10.65
N GLU C 645 -39.62 23.97 11.60
CA GLU C 645 -40.78 24.79 11.32
C GLU C 645 -40.58 26.16 11.98
N SER C 646 -41.18 27.18 11.36
CA SER C 646 -40.93 28.55 11.78
C SER C 646 -41.22 28.74 13.26
N GLY C 647 -40.53 29.69 13.86
CA GLY C 647 -40.70 29.97 15.28
C GLY C 647 -39.78 31.09 15.69
N VAL C 648 -39.80 31.39 16.98
CA VAL C 648 -38.95 32.39 17.59
C VAL C 648 -38.09 31.71 18.63
N ILE C 649 -36.79 32.02 18.64
CA ILE C 649 -35.90 31.40 19.59
C ILE C 649 -36.15 31.99 20.97
N GLU C 650 -36.00 31.17 22.00
CA GLU C 650 -36.14 31.64 23.38
C GLU C 650 -34.83 31.52 24.15
N GLU C 651 -34.28 30.32 24.24
CA GLU C 651 -33.03 30.05 24.96
C GLU C 651 -32.03 29.57 23.93
N VAL C 652 -31.03 30.40 23.65
CA VAL C 652 -29.89 30.05 22.83
C VAL C 652 -28.71 29.87 23.76
N SER C 653 -28.26 28.62 23.91
CA SER C 653 -27.10 28.31 24.72
C SER C 653 -26.19 27.41 23.91
N ALA C 654 -24.94 27.33 24.34
CA ALA C 654 -23.93 26.59 23.60
C ALA C 654 -24.28 25.12 23.42
N ASP C 655 -25.30 24.61 24.11
CA ASP C 655 -25.72 23.22 23.98
C ASP C 655 -27.11 23.02 23.40
N TYR C 656 -28.05 23.91 23.66
CA TYR C 656 -29.43 23.70 23.26
C TYR C 656 -30.06 24.99 22.79
N ILE C 657 -30.82 24.90 21.70
CA ILE C 657 -31.67 26.00 21.22
C ILE C 657 -33.11 25.58 21.41
N THR C 658 -33.89 26.41 22.08
CA THR C 658 -35.32 26.16 22.23
C THR C 658 -36.08 27.09 21.27
N VAL C 659 -36.74 26.50 20.28
CA VAL C 659 -37.55 27.24 19.32
C VAL C 659 -39.01 27.07 19.71
N MET C 660 -39.75 28.18 19.69
CA MET C 660 -41.18 28.19 20.01
C MET C 660 -41.97 28.19 18.71
N HIS C 661 -42.19 27.00 18.17
CA HIS C 661 -43.04 26.87 16.99
C HIS C 661 -44.37 27.55 17.25
N ASP C 662 -44.76 28.44 16.34
CA ASP C 662 -45.83 29.41 16.56
C ASP C 662 -47.03 28.80 17.27
N ASN C 663 -47.58 27.73 16.72
CA ASN C 663 -48.79 27.13 17.29
C ASN C 663 -48.45 26.32 18.54
N GLY C 664 -48.19 27.01 19.65
CA GLY C 664 -48.10 26.36 20.94
C GLY C 664 -46.82 25.60 21.21
N THR C 665 -46.46 24.68 20.31
CA THR C 665 -45.42 23.71 20.59
C THR C 665 -44.03 24.36 20.66
N ARG C 666 -43.15 23.72 21.42
CA ARG C 666 -41.76 24.13 21.53
C ARG C 666 -40.88 22.92 21.27
N ARG C 667 -39.65 23.17 20.82
CA ARG C 667 -38.74 22.09 20.51
C ARG C 667 -37.30 22.51 20.83
N THR C 668 -36.55 21.60 21.44
CA THR C 668 -35.17 21.85 21.85
C THR C 668 -34.22 21.08 20.93
N TYR C 669 -33.57 21.79 20.04
CA TYR C 669 -32.48 21.23 19.25
C TYR C 669 -31.23 21.15 20.12
N ARG C 670 -30.53 20.03 20.06
CA ARG C 670 -29.36 19.79 20.91
C ARG C 670 -28.11 19.64 20.06
N MET C 671 -27.03 20.31 20.48
CA MET C 671 -25.78 20.30 19.75
C MET C 671 -24.94 19.08 20.09
N ARG C 672 -23.75 19.02 19.50
CA ARG C 672 -22.83 17.88 19.64
C ARG C 672 -21.43 18.43 19.91
N LYS C 673 -21.33 19.34 20.88
CA LYS C 673 -20.07 20.05 21.12
C LYS C 673 -18.93 19.06 21.31
N PHE C 674 -17.86 19.25 20.53
CA PHE C 674 -16.62 18.48 20.65
C PHE C 674 -16.91 16.97 20.61
N ALA C 675 -17.52 16.55 19.51
CA ALA C 675 -17.79 15.14 19.25
C ALA C 675 -16.78 14.61 18.25
N ARG C 676 -16.22 13.45 18.55
CA ARG C 676 -15.17 12.88 17.70
C ARG C 676 -15.78 12.41 16.39
N SER C 677 -15.14 12.78 15.29
CA SER C 677 -15.54 12.32 13.97
C SER C 677 -14.95 10.93 13.73
N ASN C 678 -15.12 10.40 12.53
CA ASN C 678 -14.58 9.09 12.20
C ASN C 678 -13.13 9.12 11.77
N HIS C 679 -12.51 10.31 11.72
CA HIS C 679 -11.10 10.44 11.40
C HIS C 679 -10.40 11.35 12.41
N GLY C 680 -10.96 11.46 13.60
CA GLY C 680 -10.29 12.14 14.70
C GLY C 680 -10.48 13.64 14.76
N THR C 681 -11.34 14.22 13.93
CA THR C 681 -11.52 15.67 13.89
C THR C 681 -12.74 16.10 14.68
N CYS C 682 -12.74 17.38 15.05
CA CYS C 682 -13.82 17.95 15.86
C CYS C 682 -15.12 18.04 15.06
N ALA C 683 -16.24 18.09 15.78
CA ALA C 683 -17.56 18.18 15.17
C ALA C 683 -18.44 19.14 15.96
N ASN C 684 -17.90 20.30 16.32
CA ASN C 684 -18.65 21.27 17.09
C ASN C 684 -19.83 21.81 16.29
N GLN C 685 -20.86 22.24 17.01
CA GLN C 685 -22.01 22.94 16.43
C GLN C 685 -22.39 24.08 17.35
N CYS C 686 -22.05 25.30 16.96
CA CYS C 686 -22.43 26.45 17.75
C CYS C 686 -23.61 27.17 17.11
N PRO C 687 -24.53 27.74 17.89
CA PRO C 687 -25.66 28.46 17.30
C PRO C 687 -25.21 29.80 16.72
N ILE C 688 -26.09 30.36 15.89
CA ILE C 688 -25.82 31.66 15.27
C ILE C 688 -26.96 32.65 15.51
N VAL C 689 -27.99 32.23 16.23
CA VAL C 689 -29.15 33.06 16.45
C VAL C 689 -29.10 33.65 17.85
N ASP C 690 -29.91 34.68 18.06
CA ASP C 690 -30.04 35.33 19.35
C ASP C 690 -31.44 35.06 19.91
N ALA C 691 -31.62 35.43 21.18
CA ALA C 691 -32.81 35.01 21.92
C ALA C 691 -34.09 35.66 21.41
N GLY C 692 -34.01 36.66 20.55
CA GLY C 692 -35.20 37.35 20.07
C GLY C 692 -35.46 37.20 18.59
N ASP C 693 -34.60 36.48 17.89
CA ASP C 693 -34.72 36.35 16.44
C ASP C 693 -35.89 35.44 16.07
N ARG C 694 -36.54 35.75 14.95
CA ARG C 694 -37.55 34.90 14.37
C ARG C 694 -36.93 34.10 13.24
N VAL C 695 -37.18 32.79 13.24
CA VAL C 695 -36.66 31.90 12.21
C VAL C 695 -37.81 31.35 11.39
N GLU C 696 -37.50 31.04 10.14
CA GLU C 696 -38.42 30.40 9.22
C GLU C 696 -37.99 28.96 8.97
N ALA C 697 -38.93 28.14 8.50
CA ALA C 697 -38.63 26.74 8.23
C ALA C 697 -37.62 26.64 7.10
N GLY C 698 -36.67 25.71 7.25
CA GLY C 698 -35.63 25.53 6.27
C GLY C 698 -34.46 26.48 6.41
N GLN C 699 -34.36 27.20 7.52
CA GLN C 699 -33.29 28.16 7.75
C GLN C 699 -32.14 27.48 8.48
N VAL C 700 -30.92 27.96 8.21
CA VAL C 700 -29.78 27.54 9.00
C VAL C 700 -29.89 28.14 10.38
N ILE C 701 -29.79 27.29 11.41
CA ILE C 701 -29.96 27.72 12.79
C ILE C 701 -28.70 27.52 13.62
N ALA C 702 -27.72 26.74 13.13
CA ALA C 702 -26.49 26.51 13.87
C ALA C 702 -25.43 25.99 12.92
N ASP C 703 -24.28 26.66 12.88
CA ASP C 703 -23.18 26.19 12.04
C ASP C 703 -22.67 24.84 12.51
N GLY C 704 -22.00 24.16 11.59
CA GLY C 704 -21.37 22.89 11.87
C GLY C 704 -19.87 23.04 11.99
N PRO C 705 -19.14 21.97 11.70
CA PRO C 705 -17.68 22.05 11.80
C PRO C 705 -17.09 23.04 10.82
N CYS C 706 -17.33 22.81 9.53
CA CYS C 706 -16.86 23.71 8.48
C CYS C 706 -18.06 24.46 7.92
N THR C 707 -18.42 25.56 8.57
CA THR C 707 -19.49 26.40 8.09
C THR C 707 -19.45 27.74 8.82
N ASP C 708 -19.97 28.77 8.16
CA ASP C 708 -20.03 30.10 8.73
C ASP C 708 -21.23 30.81 8.11
N ASP C 709 -22.32 30.93 8.87
CA ASP C 709 -23.56 31.51 8.40
C ASP C 709 -24.28 30.58 7.42
N GLY C 710 -23.86 29.31 7.34
CA GLY C 710 -24.50 28.33 6.50
C GLY C 710 -23.79 28.01 5.21
N GLU C 711 -22.67 28.67 4.93
CA GLU C 711 -21.94 28.50 3.67
C GLU C 711 -20.67 27.70 3.91
N MET C 712 -20.53 26.60 3.19
CA MET C 712 -19.42 25.67 3.37
C MET C 712 -18.10 26.41 3.33
N ALA C 713 -17.35 26.34 4.43
CA ALA C 713 -16.11 27.07 4.59
C ALA C 713 -15.05 26.12 5.13
N LEU C 714 -14.16 25.65 4.27
CA LEU C 714 -13.17 24.66 4.63
C LEU C 714 -11.83 25.26 5.04
N GLY C 715 -11.59 26.52 4.74
CA GLY C 715 -10.29 27.12 5.00
C GLY C 715 -10.40 28.61 5.27
N LYS C 716 -9.30 29.33 5.15
CA LYS C 716 -9.25 30.73 5.50
C LYS C 716 -8.81 31.55 4.30
N ASN C 717 -9.20 32.83 4.31
CA ASN C 717 -8.84 33.78 3.25
C ASN C 717 -7.52 34.43 3.61
N LEU C 718 -6.43 33.89 3.10
CA LEU C 718 -5.09 34.34 3.45
C LEU C 718 -4.53 35.24 2.36
N LEU C 719 -3.83 36.30 2.78
CA LEU C 719 -3.17 37.18 1.82
C LEU C 719 -2.00 36.45 1.21
N VAL C 720 -1.92 36.50 -0.11
CA VAL C 720 -0.95 35.71 -0.86
C VAL C 720 -0.25 36.61 -1.86
N ALA C 721 1.06 36.43 -1.98
CA ALA C 721 1.88 37.06 -2.99
C ALA C 721 2.61 35.97 -3.77
N ILE C 722 2.93 36.26 -5.03
CA ILE C 722 3.32 35.21 -5.96
C ILE C 722 4.76 35.36 -6.40
N MET C 723 5.64 35.83 -5.51
CA MET C 723 7.05 35.91 -5.85
C MET C 723 7.79 34.67 -5.38
N PRO C 724 8.88 34.30 -6.03
CA PRO C 724 9.77 33.29 -5.44
C PRO C 724 10.73 33.92 -4.45
N TRP C 725 10.66 33.55 -3.17
CA TRP C 725 11.34 34.28 -2.11
C TRP C 725 12.40 33.39 -1.49
N GLU C 726 13.66 33.66 -1.80
CA GLU C 726 14.82 33.12 -1.07
C GLU C 726 14.88 31.60 -1.13
N GLY C 727 14.19 30.97 -2.08
CA GLY C 727 14.29 29.54 -2.23
C GLY C 727 13.54 28.73 -1.20
N HIS C 728 12.85 29.35 -0.26
CA HIS C 728 12.03 28.59 0.67
C HIS C 728 10.74 28.12 0.02
N ASN C 729 10.17 28.90 -0.89
CA ASN C 729 9.03 28.46 -1.70
C ASN C 729 9.53 27.91 -3.03
N TYR C 730 10.34 26.87 -2.94
CA TYR C 730 10.98 26.26 -4.10
C TYR C 730 10.30 24.94 -4.42
N GLU C 731 9.77 24.82 -5.64
CA GLU C 731 9.16 23.59 -6.12
C GLU C 731 7.99 23.19 -5.21
N ASP C 732 6.95 24.02 -5.25
CA ASP C 732 5.65 23.82 -4.62
C ASP C 732 5.66 24.09 -3.12
N ALA C 733 6.81 24.36 -2.51
CA ALA C 733 6.81 24.69 -1.09
C ALA C 733 6.14 26.04 -0.88
N ILE C 734 5.62 26.24 0.32
CA ILE C 734 4.86 27.43 0.68
C ILE C 734 5.43 27.97 1.98
N ILE C 735 5.60 29.28 2.07
CA ILE C 735 6.00 29.88 3.34
C ILE C 735 4.81 30.62 3.93
N LEU C 736 4.85 30.80 5.24
CA LEU C 736 3.77 31.42 5.97
C LEU C 736 4.30 32.51 6.88
N SER C 737 3.46 33.50 7.15
CA SER C 737 3.73 34.39 8.27
C SER C 737 3.62 33.59 9.57
N ASN C 738 4.21 34.13 10.62
CA ASN C 738 3.93 33.62 11.95
C ASN C 738 2.61 34.12 12.49
N ARG C 739 1.95 35.04 11.78
CA ARG C 739 0.61 35.46 12.18
C ARG C 739 -0.38 34.30 12.12
N LEU C 740 -0.23 33.42 11.12
CA LEU C 740 -1.14 32.30 10.99
C LEU C 740 -1.08 31.38 12.20
N VAL C 741 0.12 31.14 12.73
CA VAL C 741 0.25 30.30 13.91
C VAL C 741 -0.26 31.05 15.14
N GLU C 742 0.18 32.29 15.32
CA GLU C 742 -0.08 33.04 16.54
C GLU C 742 -1.58 33.28 16.75
N GLU C 743 -2.19 33.99 15.82
CA GLU C 743 -3.59 34.37 15.95
C GLU C 743 -4.52 33.18 15.74
N ASP C 744 -3.95 31.97 15.63
CA ASP C 744 -4.73 30.74 15.54
C ASP C 744 -5.64 30.77 14.32
N VAL C 745 -5.08 31.24 13.20
CA VAL C 745 -5.84 31.27 11.95
C VAL C 745 -6.02 29.86 11.41
N LEU C 746 -4.91 29.16 11.20
CA LEU C 746 -4.94 27.76 10.80
C LEU C 746 -4.62 26.90 12.01
N THR C 747 -5.63 26.18 12.50
CA THR C 747 -5.47 25.34 13.68
C THR C 747 -6.60 24.34 13.77
N SER C 748 -6.28 23.05 13.75
CA SER C 748 -7.27 21.99 13.72
C SER C 748 -7.23 21.22 15.02
N ILE C 749 -8.40 20.95 15.58
CA ILE C 749 -8.52 20.13 16.78
C ILE C 749 -8.64 18.69 16.36
N HIS C 750 -7.82 17.82 16.95
CA HIS C 750 -7.88 16.39 16.66
C HIS C 750 -8.17 15.65 17.96
N ILE C 751 -9.27 14.89 17.94
CA ILE C 751 -9.70 14.11 19.09
C ILE C 751 -9.44 12.64 18.78
N GLU C 752 -8.51 12.05 19.52
CA GLU C 752 -8.12 10.65 19.36
C GLU C 752 -8.74 9.81 20.48
N GLU C 753 -9.03 8.56 20.15
CA GLU C 753 -9.70 7.62 21.04
C GLU C 753 -8.77 6.46 21.35
N HIS C 754 -8.61 6.17 22.63
CA HIS C 754 -7.85 5.03 23.11
C HIS C 754 -8.80 4.12 23.87
N GLU C 755 -8.48 2.83 23.93
CA GLU C 755 -9.46 1.85 24.38
C GLU C 755 -8.74 0.66 25.00
N ILE C 756 -9.09 0.31 26.24
CA ILE C 756 -8.52 -0.85 26.90
C ILE C 756 -9.65 -1.67 27.49
N ASP C 757 -9.59 -2.99 27.29
CA ASP C 757 -10.59 -3.94 27.77
C ASP C 757 -10.00 -4.77 28.90
N ALA C 758 -10.79 -4.97 29.95
CA ALA C 758 -10.38 -5.78 31.10
C ALA C 758 -10.80 -7.24 30.90
N ARG C 759 -10.27 -7.83 29.84
CA ARG C 759 -10.69 -9.18 29.45
C ARG C 759 -10.33 -10.20 30.53
N ASP C 760 -11.16 -11.21 30.64
CA ASP C 760 -10.87 -12.34 31.53
C ASP C 760 -9.70 -13.15 30.99
N THR C 761 -8.97 -13.77 31.90
CA THR C 761 -7.86 -14.65 31.54
C THR C 761 -7.91 -15.89 32.42
N LYS C 762 -7.24 -16.95 31.95
CA LYS C 762 -7.25 -18.21 32.68
C LYS C 762 -6.60 -18.07 34.05
N LEU C 763 -5.50 -17.32 34.13
CA LEU C 763 -4.77 -17.20 35.39
C LEU C 763 -5.58 -16.45 36.43
N GLY C 764 -6.50 -15.59 36.00
CA GLY C 764 -7.28 -14.79 36.92
C GLY C 764 -8.12 -13.74 36.22
N ALA C 765 -8.28 -12.58 36.84
CA ALA C 765 -9.06 -11.48 36.28
C ALA C 765 -8.21 -10.23 36.24
N GLU C 766 -8.19 -9.56 35.09
CA GLU C 766 -7.46 -8.31 34.96
C GLU C 766 -8.27 -7.18 35.58
N GLU C 767 -7.69 -6.49 36.54
CA GLU C 767 -8.39 -5.49 37.36
C GLU C 767 -7.87 -4.11 36.97
N ILE C 768 -8.77 -3.24 36.51
CA ILE C 768 -8.43 -1.85 36.29
C ILE C 768 -8.39 -1.19 37.66
N THR C 769 -7.19 -1.07 38.23
CA THR C 769 -7.02 -0.51 39.56
C THR C 769 -5.86 0.46 39.54
N ARG C 770 -5.87 1.40 40.49
CA ARG C 770 -4.82 2.40 40.53
C ARG C 770 -3.45 1.74 40.72
N ASP C 771 -3.31 0.90 41.74
CA ASP C 771 -2.02 0.29 42.03
C ASP C 771 -1.51 -0.52 40.86
N ILE C 772 -0.21 -0.39 40.56
CA ILE C 772 0.43 -1.15 39.50
C ILE C 772 1.81 -1.56 40.02
N PRO C 773 2.33 -2.75 39.65
CA PRO C 773 3.52 -3.30 40.32
C PRO C 773 4.70 -2.36 40.58
N ASN C 774 5.30 -1.80 39.52
CA ASN C 774 6.48 -0.95 39.69
C ASN C 774 6.14 0.52 39.60
N ILE C 775 4.95 0.85 39.08
CA ILE C 775 4.55 2.24 38.88
C ILE C 775 4.61 2.97 40.21
N SER C 776 5.38 4.05 40.24
CA SER C 776 5.52 4.86 41.45
C SER C 776 4.36 5.83 41.56
N ASP C 777 4.23 6.43 42.74
CA ASP C 777 3.16 7.40 42.96
C ASP C 777 3.32 8.64 42.10
N GLU C 778 4.52 8.92 41.60
CA GLU C 778 4.75 10.10 40.79
C GLU C 778 3.96 10.02 39.48
N VAL C 779 4.16 8.93 38.73
CA VAL C 779 3.41 8.74 37.49
C VAL C 779 1.94 8.45 37.79
N LEU C 780 1.69 7.79 38.92
CA LEU C 780 0.34 7.41 39.30
C LEU C 780 -0.53 8.62 39.57
N ALA C 781 0.07 9.78 39.83
CA ALA C 781 -0.64 10.98 40.25
C ALA C 781 -1.90 11.26 39.44
N ASP C 782 -1.84 11.04 38.12
CA ASP C 782 -2.97 11.38 37.26
C ASP C 782 -4.17 10.48 37.56
N LEU C 783 -3.93 9.17 37.61
CA LEU C 783 -5.03 8.21 37.79
C LEU C 783 -5.83 8.55 39.03
N ASP C 784 -7.16 8.56 38.91
CA ASP C 784 -7.94 9.05 40.04
C ASP C 784 -8.13 8.00 41.13
N GLU C 785 -9.04 7.05 40.95
CA GLU C 785 -9.11 5.88 41.83
C GLU C 785 -9.45 4.62 41.03
N ARG C 786 -10.41 4.75 40.11
CA ARG C 786 -10.85 3.60 39.34
C ARG C 786 -9.75 3.09 38.44
N GLY C 787 -8.82 3.96 38.07
CA GLY C 787 -7.75 3.61 37.17
C GLY C 787 -7.68 4.55 36.00
N ILE C 788 -8.76 5.29 35.77
CA ILE C 788 -8.83 6.19 34.65
C ILE C 788 -8.20 7.53 35.04
N VAL C 789 -7.72 8.26 34.05
CA VAL C 789 -7.21 9.61 34.28
C VAL C 789 -8.37 10.53 34.64
N ARG C 790 -8.06 11.72 35.11
CA ARG C 790 -9.05 12.73 35.43
C ARG C 790 -9.22 13.64 34.22
N ILE C 791 -10.46 14.05 33.97
CA ILE C 791 -10.73 14.87 32.79
C ILE C 791 -9.94 16.16 32.91
N GLY C 792 -8.92 16.32 32.07
CA GLY C 792 -8.15 17.55 32.03
C GLY C 792 -6.65 17.36 32.18
N ALA C 793 -6.23 16.18 32.64
CA ALA C 793 -4.80 15.95 32.86
C ALA C 793 -4.07 15.95 31.53
N GLU C 794 -3.03 16.79 31.41
CA GLU C 794 -2.26 16.87 30.17
C GLU C 794 -1.38 15.65 30.02
N VAL C 795 -1.86 14.64 29.29
CA VAL C 795 -1.08 13.42 29.12
C VAL C 795 -0.01 13.65 28.05
N ARG C 796 1.09 12.91 28.18
CA ARG C 796 2.18 12.95 27.22
C ARG C 796 2.63 11.52 26.96
N ASP C 797 3.34 11.32 25.84
CA ASP C 797 3.76 9.99 25.45
C ASP C 797 4.38 9.24 26.62
N GLY C 798 3.72 8.18 27.07
CA GLY C 798 4.16 7.41 28.23
C GLY C 798 3.27 7.54 29.46
N ASP C 799 2.24 8.37 29.46
CA ASP C 799 1.40 8.49 30.65
C ASP C 799 0.45 7.29 30.77
N ILE C 800 -0.02 7.07 31.99
CA ILE C 800 -0.87 5.93 32.31
C ILE C 800 -2.32 6.43 32.20
N LEU C 801 -2.91 6.28 31.02
CA LEU C 801 -4.30 6.70 30.85
C LEU C 801 -5.23 5.82 31.67
N VAL C 802 -5.09 4.50 31.55
CA VAL C 802 -5.89 3.55 32.30
C VAL C 802 -4.94 2.53 32.92
N GLY C 803 -5.05 2.33 34.22
CA GLY C 803 -4.16 1.42 34.92
C GLY C 803 -4.78 0.06 35.13
N LYS C 804 -4.32 -0.93 34.37
CA LYS C 804 -4.85 -2.28 34.44
C LYS C 804 -3.72 -3.25 34.77
N VAL C 805 -3.98 -4.17 35.68
CA VAL C 805 -2.99 -5.10 36.20
C VAL C 805 -3.49 -6.51 35.90
N THR C 806 -2.62 -7.34 35.32
CA THR C 806 -3.01 -8.66 34.83
C THR C 806 -2.35 -9.75 35.66
N PRO C 807 -3.08 -10.79 36.08
CA PRO C 807 -2.43 -11.87 36.83
C PRO C 807 -1.36 -12.55 35.99
N LYS C 808 -0.25 -12.89 36.64
CA LYS C 808 0.86 -13.57 35.99
C LYS C 808 1.22 -14.89 36.64
N GLY C 809 0.91 -15.08 37.93
CA GLY C 809 1.29 -16.27 38.62
C GLY C 809 2.75 -16.23 39.03
N GLU C 810 3.18 -17.30 39.69
CA GLU C 810 4.56 -17.39 40.16
C GLU C 810 5.45 -17.78 38.98
N THR C 811 6.48 -16.96 38.74
CA THR C 811 7.53 -17.27 37.78
C THR C 811 8.87 -17.12 38.48
N GLU C 812 9.88 -17.80 37.97
CA GLU C 812 11.19 -17.75 38.61
C GLU C 812 11.75 -16.34 38.54
N LEU C 813 12.39 -15.92 39.63
CA LEU C 813 13.07 -14.64 39.70
C LEU C 813 14.58 -14.90 39.64
N THR C 814 15.26 -14.18 38.74
CA THR C 814 16.68 -14.38 38.59
C THR C 814 17.38 -14.05 39.91
N PRO C 815 18.35 -14.88 40.35
CA PRO C 815 19.07 -14.59 41.60
C PRO C 815 19.40 -13.12 41.81
N GLU C 816 19.91 -12.47 40.77
CA GLU C 816 20.27 -11.06 40.88
C GLU C 816 19.04 -10.22 41.20
N GLU C 817 17.94 -10.47 40.51
CA GLU C 817 16.72 -9.69 40.75
C GLU C 817 16.19 -9.94 42.15
N ARG C 818 16.26 -11.18 42.62
CA ARG C 818 15.84 -11.47 43.99
C ARG C 818 16.68 -10.68 44.99
N LEU C 819 18.00 -10.67 44.79
CA LEU C 819 18.86 -9.90 45.68
C LEU C 819 18.44 -8.44 45.71
N LEU C 820 18.28 -7.83 44.53
CA LEU C 820 17.91 -6.42 44.49
C LEU C 820 16.57 -6.19 45.16
N ARG C 821 15.60 -7.06 44.89
CA ARG C 821 14.27 -6.90 45.46
C ARG C 821 14.33 -6.92 46.98
N ALA C 822 15.15 -7.80 47.55
CA ALA C 822 15.24 -7.88 49.00
C ALA C 822 15.99 -6.68 49.57
N ILE C 823 17.11 -6.31 48.94
CA ILE C 823 17.92 -5.21 49.46
C ILE C 823 17.11 -3.93 49.50
N PHE C 824 16.38 -3.63 48.43
CA PHE C 824 15.60 -2.42 48.35
C PHE C 824 14.20 -2.60 48.92
N GLY C 825 13.89 -3.76 49.46
CA GLY C 825 12.64 -3.97 50.17
C GLY C 825 11.41 -3.88 49.29
N GLU C 826 11.47 -4.39 48.07
CA GLU C 826 10.34 -4.45 47.17
C GLU C 826 9.99 -5.90 46.90
N LYS C 827 8.73 -6.27 47.14
CA LYS C 827 8.29 -7.65 46.92
C LYS C 827 7.87 -7.83 45.47
N ALA C 828 7.21 -8.95 45.16
CA ALA C 828 6.91 -9.34 43.79
C ALA C 828 5.57 -8.81 43.30
N ARG C 829 4.49 -9.07 44.02
CA ARG C 829 3.14 -8.80 43.53
C ARG C 829 3.00 -9.32 42.10
N GLU C 830 3.06 -10.65 41.99
CA GLU C 830 3.17 -11.33 40.71
C GLU C 830 2.27 -10.73 39.63
N VAL C 831 1.10 -10.23 40.03
CA VAL C 831 0.12 -9.69 39.09
C VAL C 831 0.82 -8.64 38.24
N ARG C 832 0.90 -8.87 36.93
CA ARG C 832 1.74 -8.09 36.04
C ARG C 832 0.99 -6.87 35.52
N ASP C 833 1.76 -5.88 35.06
CA ASP C 833 1.24 -4.61 34.59
C ASP C 833 1.07 -4.62 33.08
N THR C 834 -0.13 -4.24 32.61
CA THR C 834 -0.37 -4.05 31.18
C THR C 834 -1.25 -2.83 30.95
N SER C 835 -0.96 -1.74 31.66
CA SER C 835 -1.79 -0.55 31.58
C SER C 835 -1.72 0.09 30.19
N LEU C 836 -2.80 0.74 29.81
CA LEU C 836 -2.81 1.52 28.58
C LEU C 836 -1.93 2.75 28.75
N LYS C 837 -1.14 3.04 27.72
CA LYS C 837 -0.29 4.22 27.69
C LYS C 837 -0.51 4.96 26.39
N VAL C 838 -0.55 6.28 26.46
CA VAL C 838 -0.81 7.12 25.30
C VAL C 838 0.22 6.79 24.24
N PRO C 839 -0.17 6.52 22.99
CA PRO C 839 0.83 6.20 21.96
C PRO C 839 1.86 7.29 21.82
N HIS C 840 3.01 6.95 21.24
CA HIS C 840 4.07 7.91 21.03
C HIS C 840 3.57 9.08 20.21
N GLY C 841 3.84 10.29 20.69
CA GLY C 841 3.45 11.51 20.00
C GLY C 841 1.95 11.70 19.88
N GLU C 842 1.22 11.50 20.98
CA GLU C 842 -0.23 11.68 21.00
C GLU C 842 -0.66 12.42 22.27
N SER C 843 0.03 13.52 22.57
CA SER C 843 -0.24 14.27 23.79
C SER C 843 -1.59 14.97 23.72
N GLY C 844 -1.91 15.75 24.75
CA GLY C 844 -3.11 16.57 24.76
C GLY C 844 -3.89 16.39 26.05
N LYS C 845 -5.01 17.11 26.13
CA LYS C 845 -5.92 16.99 27.25
C LYS C 845 -6.83 15.78 27.07
N VAL C 846 -7.51 15.40 28.15
CA VAL C 846 -8.44 14.28 28.15
C VAL C 846 -9.84 14.87 28.12
N ILE C 847 -10.46 14.90 26.94
CA ILE C 847 -11.77 15.53 26.81
C ILE C 847 -12.80 14.80 27.66
N GLY C 848 -12.82 13.48 27.58
CA GLY C 848 -13.82 12.70 28.28
C GLY C 848 -13.41 11.25 28.38
N ILE C 849 -13.92 10.58 29.41
CA ILE C 849 -13.66 9.17 29.65
C ILE C 849 -15.00 8.45 29.70
N ARG C 850 -15.12 7.38 28.94
CA ARG C 850 -16.33 6.57 28.90
C ARG C 850 -16.00 5.17 29.37
N VAL C 851 -16.69 4.69 30.39
CA VAL C 851 -16.41 3.41 31.02
C VAL C 851 -17.62 2.50 30.81
N PHE C 852 -17.41 1.37 30.15
CA PHE C 852 -18.43 0.34 29.98
C PHE C 852 -18.04 -0.83 30.85
N SER C 853 -18.99 -1.38 31.60
CA SER C 853 -18.71 -2.48 32.50
C SER C 853 -19.85 -3.48 32.49
N ARG C 854 -19.51 -4.73 32.79
CA ARG C 854 -20.52 -5.78 32.84
C ARG C 854 -21.46 -5.60 34.02
N GLU C 855 -20.97 -5.03 35.13
CA GLU C 855 -21.83 -4.83 36.29
C GLU C 855 -22.99 -3.90 35.96
N ASP C 856 -22.74 -2.88 35.15
CA ASP C 856 -23.78 -1.98 34.67
C ASP C 856 -24.65 -2.63 33.58
N GLU C 857 -24.48 -3.93 33.33
CA GLU C 857 -25.23 -4.68 32.33
C GLU C 857 -24.87 -4.27 30.91
N ASP C 858 -23.84 -3.44 30.74
CA ASP C 858 -23.39 -3.09 29.39
C ASP C 858 -22.99 -4.36 28.64
N GLU C 859 -23.44 -4.45 27.39
CA GLU C 859 -23.33 -5.69 26.63
C GLU C 859 -21.99 -5.74 25.90
N LEU C 860 -20.92 -5.82 26.70
CA LEU C 860 -19.60 -5.98 26.14
C LEU C 860 -19.46 -7.36 25.52
N PRO C 861 -18.61 -7.51 24.50
CA PRO C 861 -18.34 -8.85 23.98
C PRO C 861 -17.91 -9.80 25.10
N ALA C 862 -18.17 -11.09 24.89
CA ALA C 862 -17.90 -12.07 25.92
C ALA C 862 -16.43 -12.06 26.32
N GLY C 863 -16.17 -12.18 27.62
CA GLY C 863 -14.84 -12.15 28.16
C GLY C 863 -14.38 -10.80 28.66
N VAL C 864 -15.06 -9.72 28.28
CA VAL C 864 -14.67 -8.36 28.65
C VAL C 864 -15.54 -7.93 29.82
N ASN C 865 -14.96 -7.88 31.01
CA ASN C 865 -15.66 -7.36 32.17
C ASN C 865 -15.74 -5.84 32.17
N GLU C 866 -14.81 -5.17 31.51
CA GLU C 866 -14.82 -3.71 31.46
C GLU C 866 -14.01 -3.23 30.28
N LEU C 867 -14.57 -2.28 29.54
CA LEU C 867 -13.94 -1.67 28.37
C LEU C 867 -14.04 -0.17 28.57
N VAL C 868 -12.91 0.51 28.70
CA VAL C 868 -12.89 1.95 28.93
C VAL C 868 -12.22 2.62 27.76
N ARG C 869 -12.86 3.68 27.26
CA ARG C 869 -12.41 4.47 26.13
C ARG C 869 -12.10 5.88 26.62
N VAL C 870 -10.89 6.34 26.37
CA VAL C 870 -10.45 7.68 26.77
C VAL C 870 -10.25 8.51 25.52
N TYR C 871 -10.86 9.69 25.49
CA TYR C 871 -10.80 10.59 24.34
C TYR C 871 -9.81 11.71 24.64
N VAL C 872 -8.57 11.51 24.21
CA VAL C 872 -7.56 12.57 24.31
C VAL C 872 -7.72 13.50 23.12
N ALA C 873 -7.22 14.73 23.23
CA ALA C 873 -7.42 15.69 22.16
C ALA C 873 -6.38 16.79 22.20
N GLN C 874 -5.96 17.23 21.03
CA GLN C 874 -4.92 18.25 20.91
C GLN C 874 -5.29 19.29 19.87
N LYS C 875 -4.85 20.52 20.12
CA LYS C 875 -5.14 21.66 19.26
C LYS C 875 -3.95 21.90 18.33
N ARG C 876 -3.85 21.05 17.31
CA ARG C 876 -2.68 21.10 16.45
C ARG C 876 -2.66 22.39 15.65
N LYS C 877 -1.52 23.08 15.68
CA LYS C 877 -1.30 24.30 14.92
C LYS C 877 -0.50 23.99 13.67
N ILE C 878 -0.45 24.97 12.77
CA ILE C 878 0.25 24.77 11.51
C ILE C 878 1.74 24.62 11.77
N SER C 879 2.39 23.74 11.00
CA SER C 879 3.75 23.35 11.28
C SER C 879 4.47 22.99 9.98
N ASP C 880 5.78 23.18 9.97
CA ASP C 880 6.60 22.82 8.82
C ASP C 880 6.34 21.38 8.42
N GLY C 881 5.89 21.18 7.18
CA GLY C 881 5.55 19.87 6.66
C GLY C 881 4.06 19.64 6.52
N ASP C 882 3.24 20.41 7.23
CA ASP C 882 1.80 20.38 7.01
C ASP C 882 1.50 20.75 5.57
N LYS C 883 0.46 20.15 5.02
CA LYS C 883 0.12 20.31 3.61
C LYS C 883 -1.00 21.33 3.48
N LEU C 884 -0.74 22.41 2.74
CA LEU C 884 -1.74 23.43 2.45
C LEU C 884 -2.03 23.42 0.96
N ALA C 885 -3.29 23.67 0.61
CA ALA C 885 -3.68 23.72 -0.78
C ALA C 885 -4.81 24.72 -0.96
N GLY C 886 -4.84 25.31 -2.14
CA GLY C 886 -5.96 26.14 -2.54
C GLY C 886 -7.09 25.28 -3.05
N ARG C 887 -7.99 25.92 -3.80
CA ARG C 887 -9.10 25.22 -4.43
C ARG C 887 -8.81 24.82 -5.87
N HIS C 888 -7.55 24.92 -6.30
CA HIS C 888 -7.19 24.76 -7.71
C HIS C 888 -6.14 23.68 -7.93
N GLY C 889 -5.94 22.80 -6.96
CA GLY C 889 -4.94 21.77 -7.11
C GLY C 889 -3.53 22.19 -6.75
N ASN C 890 -3.33 23.42 -6.27
CA ASN C 890 -1.98 23.94 -6.04
C ASN C 890 -1.53 23.59 -4.62
N LYS C 891 -1.36 22.29 -4.39
CA LYS C 891 -0.96 21.81 -3.08
C LYS C 891 0.49 22.21 -2.79
N GLY C 892 0.90 21.99 -1.54
CA GLY C 892 2.27 22.22 -1.16
C GLY C 892 2.49 22.18 0.34
N VAL C 893 3.64 21.67 0.77
CA VAL C 893 3.95 21.64 2.19
C VAL C 893 4.43 23.02 2.64
N ILE C 894 4.49 23.22 3.95
CA ILE C 894 4.96 24.47 4.52
C ILE C 894 6.46 24.37 4.70
N GLY C 895 7.21 25.02 3.82
CA GLY C 895 8.66 25.00 3.91
C GLY C 895 9.19 25.70 5.14
N LYS C 896 8.62 26.86 5.48
CA LYS C 896 9.12 27.59 6.64
C LYS C 896 8.09 28.61 7.09
N ILE C 897 7.85 28.69 8.39
CA ILE C 897 7.00 29.70 8.99
C ILE C 897 7.92 30.84 9.41
N LEU C 898 7.99 31.88 8.59
CA LEU C 898 8.87 33.01 8.87
C LEU C 898 8.24 33.90 9.95
N PRO C 899 9.07 34.63 10.71
CA PRO C 899 8.51 35.63 11.60
C PRO C 899 7.77 36.71 10.82
N VAL C 900 7.04 37.58 11.51
CA VAL C 900 6.20 38.54 10.81
C VAL C 900 6.97 39.71 10.22
N GLU C 901 8.18 40.01 10.73
CA GLU C 901 8.91 41.18 10.26
C GLU C 901 9.73 40.91 9.00
N ASP C 902 10.23 39.69 8.81
CA ASP C 902 10.91 39.33 7.57
C ASP C 902 9.92 38.73 6.57
N MET C 903 8.85 39.46 6.33
CA MET C 903 7.84 39.08 5.36
C MET C 903 7.55 40.28 4.45
N PRO C 904 7.55 40.10 3.14
CA PRO C 904 7.29 41.24 2.26
C PRO C 904 5.99 41.92 2.61
N PHE C 905 6.08 43.16 3.07
CA PHE C 905 4.89 43.92 3.43
C PHE C 905 4.61 44.98 2.38
N LEU C 906 3.36 45.43 2.35
CA LEU C 906 2.91 46.38 1.34
C LEU C 906 3.43 47.77 1.69
N ALA C 907 3.01 48.78 0.94
CA ALA C 907 3.33 50.16 1.30
C ALA C 907 2.59 50.61 2.55
N ASP C 908 1.53 49.90 2.93
CA ASP C 908 0.71 50.23 4.08
C ASP C 908 1.31 49.64 5.37
N GLY C 909 2.27 48.74 5.22
CA GLY C 909 2.83 48.01 6.35
C GLY C 909 2.14 46.71 6.65
N THR C 910 1.15 46.32 5.87
CA THR C 910 0.46 45.07 6.07
C THR C 910 1.30 43.92 5.50
N PRO C 911 1.76 42.98 6.32
CA PRO C 911 2.55 41.87 5.77
C PRO C 911 1.68 40.87 5.02
N VAL C 912 2.27 40.29 3.98
CA VAL C 912 1.62 39.17 3.31
C VAL C 912 1.69 37.95 4.22
N ASP C 913 0.77 37.01 4.01
CA ASP C 913 0.57 35.89 4.92
C ASP C 913 1.15 34.59 4.39
N ILE C 914 1.02 34.32 3.09
CA ILE C 914 1.75 33.23 2.46
C ILE C 914 2.40 33.78 1.21
N ILE C 915 3.40 33.05 0.71
CA ILE C 915 4.07 33.39 -0.54
C ILE C 915 4.20 32.13 -1.37
N LEU C 916 3.36 31.99 -2.38
CA LEU C 916 3.48 30.87 -3.29
C LEU C 916 4.65 31.10 -4.23
N ASN C 917 4.88 30.15 -5.12
CA ASN C 917 5.93 30.24 -6.12
C ASN C 917 5.34 30.58 -7.47
N THR C 918 6.15 31.22 -8.32
CA THR C 918 5.69 31.56 -9.66
C THR C 918 5.82 30.38 -10.62
N HIS C 919 6.93 29.64 -10.55
CA HIS C 919 7.21 28.64 -11.56
C HIS C 919 6.19 27.52 -11.58
N GLY C 920 5.40 27.36 -10.53
CA GLY C 920 4.36 26.35 -10.54
C GLY C 920 3.09 26.74 -11.26
N VAL C 921 2.93 28.01 -11.62
CA VAL C 921 1.69 28.48 -12.23
C VAL C 921 1.63 28.18 -13.72
N PRO C 922 2.59 28.62 -14.54
CA PRO C 922 2.41 28.52 -15.99
C PRO C 922 2.48 27.12 -16.54
N ARG C 923 3.27 26.23 -15.94
CA ARG C 923 3.45 24.90 -16.48
C ARG C 923 2.42 23.89 -15.98
N ARG C 924 1.57 24.29 -15.05
CA ARG C 924 0.49 23.44 -14.57
C ARG C 924 -0.87 23.86 -15.09
N MET C 925 -0.97 24.99 -15.79
CA MET C 925 -2.18 25.36 -16.52
C MET C 925 -3.39 25.49 -15.59
N ASN C 926 -3.20 26.22 -14.50
CA ASN C 926 -4.24 26.41 -13.50
C ASN C 926 -4.31 27.87 -13.07
N ILE C 927 -4.36 28.78 -14.03
CA ILE C 927 -4.34 30.20 -13.71
C ILE C 927 -5.63 30.63 -13.03
N GLY C 928 -6.54 29.70 -12.80
CA GLY C 928 -7.64 29.99 -11.91
C GLY C 928 -7.19 30.69 -10.65
N GLN C 929 -6.18 30.14 -9.96
CA GLN C 929 -5.71 30.75 -8.73
C GLN C 929 -5.34 32.21 -8.94
N ILE C 930 -4.79 32.55 -10.10
CA ILE C 930 -4.47 33.95 -10.34
C ILE C 930 -5.74 34.78 -10.43
N LEU C 931 -6.71 34.34 -11.22
CA LEU C 931 -7.95 35.08 -11.29
C LEU C 931 -8.61 35.14 -9.92
N GLU C 932 -8.72 34.00 -9.25
CA GLU C 932 -9.22 34.00 -7.87
C GLU C 932 -8.45 34.99 -7.02
N THR C 933 -7.14 35.08 -7.21
CA THR C 933 -6.37 36.05 -6.44
C THR C 933 -6.88 37.46 -6.73
N HIS C 934 -6.91 37.84 -8.01
CA HIS C 934 -7.25 39.22 -8.33
C HIS C 934 -8.66 39.54 -7.85
N LEU C 935 -9.64 38.73 -8.25
CA LEU C 935 -10.99 38.93 -7.75
C LEU C 935 -10.99 39.00 -6.23
N GLY C 936 -10.24 38.13 -5.57
CA GLY C 936 -10.20 38.17 -4.12
C GLY C 936 -9.88 39.54 -3.61
N TRP C 937 -8.81 40.15 -4.12
CA TRP C 937 -8.46 41.49 -3.68
C TRP C 937 -9.61 42.45 -3.96
N CYS C 938 -10.20 42.36 -5.17
CA CYS C 938 -11.33 43.22 -5.49
C CYS C 938 -12.43 43.08 -4.45
N ALA C 939 -12.70 41.85 -4.00
CA ALA C 939 -13.78 41.63 -3.05
C ALA C 939 -13.41 42.13 -1.66
N HIS C 940 -12.12 42.22 -1.35
CA HIS C 940 -11.71 42.71 -0.05
C HIS C 940 -11.76 44.22 0.03
N SER C 941 -11.12 44.90 -0.92
CA SER C 941 -11.10 46.34 -0.87
C SER C 941 -12.43 46.94 -1.29
N GLY C 942 -13.22 46.20 -2.06
CA GLY C 942 -14.48 46.72 -2.55
C GLY C 942 -14.23 47.66 -3.71
N TRP C 943 -15.08 47.59 -4.72
CA TRP C 943 -14.94 48.36 -5.94
C TRP C 943 -16.04 49.40 -6.02
N LYS C 944 -15.91 50.31 -6.98
CA LYS C 944 -16.98 51.27 -7.25
C LYS C 944 -16.94 51.60 -8.75
N VAL C 945 -17.73 50.86 -9.52
CA VAL C 945 -17.81 51.03 -10.97
C VAL C 945 -18.00 52.49 -11.32
N ASP C 946 -17.03 53.05 -12.05
CA ASP C 946 -17.02 54.47 -12.37
C ASP C 946 -18.05 54.71 -13.46
N ALA C 947 -19.32 54.62 -13.08
CA ALA C 947 -20.44 54.80 -13.98
C ALA C 947 -20.96 56.24 -13.96
N ALA C 948 -20.19 57.18 -13.41
CA ALA C 948 -20.60 58.57 -13.42
C ALA C 948 -20.90 59.03 -14.84
N LYS C 949 -20.10 58.59 -15.81
CA LYS C 949 -20.34 58.82 -17.22
C LYS C 949 -21.11 57.65 -17.84
N GLY C 950 -21.97 57.02 -17.05
CA GLY C 950 -22.65 55.81 -17.50
C GLY C 950 -21.80 54.59 -17.27
N VAL C 951 -22.48 53.45 -17.16
CA VAL C 951 -21.79 52.20 -16.84
C VAL C 951 -20.83 51.91 -17.99
N PRO C 952 -19.53 51.72 -17.72
CA PRO C 952 -18.61 51.39 -18.82
C PRO C 952 -18.99 50.05 -19.43
N ASP C 953 -18.59 49.87 -20.70
CA ASP C 953 -18.88 48.60 -21.38
C ASP C 953 -18.33 47.44 -20.58
N TRP C 954 -17.25 47.68 -19.84
CA TRP C 954 -16.68 46.63 -19.00
C TRP C 954 -17.71 46.03 -18.06
N ALA C 955 -18.67 46.83 -17.61
CA ALA C 955 -19.75 46.36 -16.74
C ALA C 955 -21.13 46.45 -17.40
N ALA C 956 -21.18 46.56 -18.72
CA ALA C 956 -22.47 46.71 -19.40
C ALA C 956 -23.36 45.49 -19.17
N ARG C 957 -22.75 44.31 -19.08
CA ARG C 957 -23.48 43.08 -18.87
C ARG C 957 -23.44 42.60 -17.42
N LEU C 958 -22.81 43.37 -16.53
CA LEU C 958 -22.72 42.97 -15.13
C LEU C 958 -24.02 43.29 -14.41
N PRO C 959 -24.52 42.40 -13.55
CA PRO C 959 -25.79 42.66 -12.88
C PRO C 959 -25.76 43.94 -12.07
N ASP C 960 -26.96 44.38 -11.66
CA ASP C 960 -27.08 45.53 -10.80
C ASP C 960 -26.52 45.19 -9.41
N GLU C 961 -26.46 46.21 -8.56
CA GLU C 961 -25.80 46.14 -7.25
C GLU C 961 -24.50 45.34 -7.31
N LEU C 962 -23.80 45.47 -8.43
CA LEU C 962 -22.38 45.17 -8.51
C LEU C 962 -21.61 46.39 -8.97
N LEU C 963 -22.31 47.48 -9.28
CA LEU C 963 -21.65 48.71 -9.67
C LEU C 963 -20.87 49.32 -8.51
N GLU C 964 -21.10 48.83 -7.30
CA GLU C 964 -20.32 49.22 -6.14
C GLU C 964 -20.42 48.12 -5.10
N ALA C 965 -19.37 48.00 -4.29
CA ALA C 965 -19.30 46.94 -3.30
C ALA C 965 -18.54 47.45 -2.08
N GLN C 966 -18.74 46.76 -0.96
CA GLN C 966 -18.13 47.19 0.30
C GLN C 966 -16.93 46.34 0.62
N PRO C 967 -16.03 46.84 1.48
CA PRO C 967 -14.87 46.02 1.86
C PRO C 967 -15.30 44.76 2.58
N ASN C 968 -14.57 43.68 2.32
CA ASN C 968 -14.88 42.36 2.88
C ASN C 968 -16.28 41.91 2.48
N ALA C 969 -16.74 42.36 1.31
CA ALA C 969 -18.04 41.98 0.81
C ALA C 969 -17.93 40.67 0.04
N ILE C 970 -18.84 39.76 0.31
CA ILE C 970 -18.78 38.42 -0.27
C ILE C 970 -19.34 38.44 -1.68
N VAL C 971 -18.67 37.72 -2.58
CA VAL C 971 -19.01 37.66 -3.99
C VAL C 971 -19.02 36.19 -4.40
N SER C 972 -19.67 35.90 -5.53
CA SER C 972 -19.67 34.54 -6.04
C SER C 972 -19.65 34.54 -7.56
N THR C 973 -18.83 33.68 -8.13
CA THR C 973 -18.85 33.39 -9.55
C THR C 973 -19.30 31.95 -9.77
N PRO C 974 -20.48 31.70 -10.30
CA PRO C 974 -20.82 30.32 -10.69
C PRO C 974 -19.74 29.77 -11.61
N VAL C 975 -19.80 28.46 -11.83
CA VAL C 975 -18.64 27.76 -12.38
C VAL C 975 -18.42 28.14 -13.83
N PHE C 976 -19.38 27.83 -14.71
CA PHE C 976 -19.20 28.02 -16.14
C PHE C 976 -19.88 29.29 -16.66
N ASP C 977 -20.37 30.14 -15.77
CA ASP C 977 -20.91 31.44 -16.14
C ASP C 977 -20.35 32.51 -15.20
N GLY C 978 -19.05 32.46 -14.97
CA GLY C 978 -18.41 33.24 -13.93
C GLY C 978 -18.03 34.62 -14.40
N ALA C 979 -16.86 35.08 -13.95
CA ALA C 979 -16.38 36.42 -14.23
C ALA C 979 -15.56 36.41 -15.52
N GLN C 980 -16.10 37.02 -16.57
CA GLN C 980 -15.32 37.18 -17.79
C GLN C 980 -14.09 38.03 -17.48
N GLU C 981 -12.95 37.59 -18.01
CA GLU C 981 -11.65 38.22 -17.70
C GLU C 981 -11.71 39.74 -17.74
N ALA C 982 -12.41 40.29 -18.73
CA ALA C 982 -12.55 41.74 -18.82
C ALA C 982 -13.17 42.29 -17.54
N GLU C 983 -14.14 41.58 -16.99
CA GLU C 983 -14.77 42.03 -15.76
C GLU C 983 -13.73 42.12 -14.64
N LEU C 984 -12.84 41.13 -14.56
CA LEU C 984 -11.81 41.17 -13.53
C LEU C 984 -10.85 42.32 -13.75
N GLN C 985 -10.42 42.55 -14.98
CA GLN C 985 -9.52 43.68 -15.22
C GLN C 985 -10.14 44.97 -14.72
N GLY C 986 -11.37 45.25 -15.16
CA GLY C 986 -11.98 46.52 -14.78
C GLY C 986 -12.19 46.64 -13.29
N LEU C 987 -12.64 45.55 -12.65
CA LEU C 987 -12.85 45.60 -11.20
C LEU C 987 -11.53 45.87 -10.50
N LEU C 988 -10.47 45.21 -10.94
CA LEU C 988 -9.15 45.38 -10.34
C LEU C 988 -8.67 46.82 -10.49
N SER C 989 -9.07 47.50 -11.56
CA SER C 989 -8.70 48.88 -11.76
C SER C 989 -9.67 49.86 -11.11
N CYS C 990 -10.66 49.38 -10.38
CA CYS C 990 -11.70 50.24 -9.83
C CYS C 990 -11.93 49.97 -8.34
N THR C 991 -10.86 49.69 -7.60
CA THR C 991 -10.96 49.48 -6.17
C THR C 991 -10.84 50.81 -5.42
N LEU C 992 -11.55 50.89 -4.24
CA LEU C 992 -11.51 52.11 -3.44
C LEU C 992 -10.39 52.05 -2.40
N PRO C 993 -9.77 53.18 -2.05
CA PRO C 993 -8.60 53.13 -1.17
C PRO C 993 -8.95 52.74 0.26
N ASN C 994 -7.95 52.17 0.94
CA ASN C 994 -8.15 51.56 2.25
C ASN C 994 -8.57 52.55 3.34
N ARG C 995 -7.65 53.41 3.78
CA ARG C 995 -7.94 54.41 4.80
C ARG C 995 -7.44 55.79 4.42
N ASP C 996 -6.26 55.87 3.81
CA ASP C 996 -5.71 57.10 3.27
C ASP C 996 -6.06 57.17 1.79
N GLY C 997 -5.47 58.12 1.09
CA GLY C 997 -5.54 58.08 -0.35
C GLY C 997 -4.43 57.19 -0.86
N ASP C 998 -4.75 55.92 -1.08
CA ASP C 998 -3.74 54.92 -1.39
C ASP C 998 -4.42 53.76 -2.11
N VAL C 999 -4.27 53.71 -3.42
CA VAL C 999 -4.67 52.55 -4.22
C VAL C 999 -3.46 51.63 -4.26
N LEU C 1000 -3.45 50.63 -3.38
CA LEU C 1000 -2.26 49.81 -3.22
C LEU C 1000 -2.00 48.91 -4.42
N VAL C 1001 -3.06 48.39 -5.04
CA VAL C 1001 -2.94 47.47 -6.16
C VAL C 1001 -3.42 48.18 -7.42
N ASP C 1002 -2.51 48.39 -8.36
CA ASP C 1002 -2.79 49.18 -9.55
C ASP C 1002 -3.65 48.35 -10.52
N ALA C 1003 -3.90 48.92 -11.70
CA ALA C 1003 -4.79 48.27 -12.66
C ALA C 1003 -4.25 46.92 -13.12
N ASP C 1004 -2.93 46.75 -13.16
CA ASP C 1004 -2.36 45.48 -13.60
C ASP C 1004 -2.60 44.36 -12.60
N GLY C 1005 -2.91 44.69 -11.34
CA GLY C 1005 -3.09 43.70 -10.31
C GLY C 1005 -1.90 43.45 -9.42
N LYS C 1006 -0.87 44.28 -9.48
CA LYS C 1006 0.38 44.09 -8.77
C LYS C 1006 0.64 45.27 -7.85
N ALA C 1007 1.57 45.10 -6.91
CA ALA C 1007 1.82 46.11 -5.90
C ALA C 1007 3.31 46.14 -5.59
N MET C 1008 3.76 47.27 -5.06
CA MET C 1008 5.19 47.48 -4.77
C MET C 1008 5.47 46.99 -3.35
N LEU C 1009 6.01 45.79 -3.25
CA LEU C 1009 6.34 45.21 -1.95
C LEU C 1009 7.70 45.68 -1.47
N PHE C 1010 7.78 45.93 -0.17
CA PHE C 1010 9.05 46.19 0.50
C PHE C 1010 9.56 44.89 1.10
N ASP C 1011 10.85 44.62 0.93
CA ASP C 1011 11.45 43.45 1.55
C ASP C 1011 11.53 43.65 3.05
N GLY C 1012 10.89 42.76 3.80
CA GLY C 1012 10.91 42.90 5.25
C GLY C 1012 12.26 42.59 5.85
N ARG C 1013 13.07 41.78 5.16
CA ARG C 1013 14.36 41.36 5.69
C ARG C 1013 15.44 42.40 5.43
N SER C 1014 15.74 42.66 4.15
CA SER C 1014 16.77 43.63 3.83
C SER C 1014 16.26 45.05 4.05
N GLY C 1015 15.21 45.44 3.33
CA GLY C 1015 14.61 46.74 3.50
C GLY C 1015 14.31 47.42 2.19
N GLU C 1016 15.13 47.16 1.18
CA GLU C 1016 14.97 47.81 -0.10
C GLU C 1016 13.67 47.36 -0.78
N PRO C 1017 12.97 48.24 -1.48
CA PRO C 1017 11.81 47.80 -2.26
C PRO C 1017 12.22 46.82 -3.33
N PHE C 1018 11.32 45.90 -3.64
CA PHE C 1018 11.58 45.01 -4.77
C PHE C 1018 11.53 45.82 -6.06
N PRO C 1019 12.47 45.62 -6.98
CA PRO C 1019 12.53 46.48 -8.17
C PRO C 1019 11.37 46.32 -9.13
N TYR C 1020 10.53 45.30 -8.96
CA TYR C 1020 9.42 45.08 -9.87
C TYR C 1020 8.14 44.83 -9.08
N PRO C 1021 7.01 45.35 -9.55
CA PRO C 1021 5.76 45.12 -8.82
C PRO C 1021 5.40 43.65 -8.82
N VAL C 1022 4.70 43.23 -7.77
CA VAL C 1022 4.42 41.82 -7.51
C VAL C 1022 2.93 41.62 -7.31
N THR C 1023 2.43 40.48 -7.76
CA THR C 1023 1.01 40.16 -7.60
C THR C 1023 0.70 39.86 -6.14
N VAL C 1024 -0.34 40.52 -5.63
CA VAL C 1024 -0.85 40.26 -4.30
C VAL C 1024 -2.37 40.09 -4.41
N GLY C 1025 -2.94 39.41 -3.43
CA GLY C 1025 -4.38 39.28 -3.36
C GLY C 1025 -4.76 38.39 -2.20
N TYR C 1026 -6.05 38.11 -2.11
CA TYR C 1026 -6.60 37.27 -1.07
C TYR C 1026 -7.06 35.96 -1.68
N MET C 1027 -6.36 34.89 -1.35
CA MET C 1027 -6.69 33.57 -1.85
C MET C 1027 -7.22 32.72 -0.70
N TYR C 1028 -8.21 31.90 -1.00
CA TYR C 1028 -8.84 31.03 -0.01
C TYR C 1028 -8.12 29.70 -0.01
N ILE C 1029 -7.39 29.41 1.06
CA ILE C 1029 -6.60 28.19 1.14
C ILE C 1029 -7.02 27.38 2.36
N MET C 1030 -6.79 26.07 2.26
CA MET C 1030 -7.26 25.09 3.21
C MET C 1030 -6.08 24.45 3.92
N LYS C 1031 -6.38 23.71 4.98
CA LYS C 1031 -5.40 22.92 5.71
C LYS C 1031 -5.75 21.46 5.50
N LEU C 1032 -4.91 20.74 4.75
CA LEU C 1032 -5.22 19.36 4.43
C LEU C 1032 -4.88 18.45 5.60
N HIS C 1033 -5.45 17.25 5.56
CA HIS C 1033 -5.26 16.27 6.63
C HIS C 1033 -4.09 15.34 6.29
N HIS C 1034 -2.92 15.94 6.13
CA HIS C 1034 -1.65 15.23 5.96
C HIS C 1034 -0.60 15.83 6.88
N LEU C 1035 -0.98 16.02 8.13
CA LEU C 1035 -0.12 16.70 9.10
C LEU C 1035 1.11 15.87 9.39
N VAL C 1036 2.18 16.57 9.82
CA VAL C 1036 3.45 15.91 10.06
C VAL C 1036 3.34 14.94 11.23
N ASP C 1037 2.65 15.36 12.30
CA ASP C 1037 2.57 14.54 13.50
C ASP C 1037 1.97 13.17 13.23
N ASP C 1038 1.17 13.03 12.16
CA ASP C 1038 0.66 11.72 11.75
C ASP C 1038 1.65 10.94 10.92
N LYS C 1039 2.76 11.55 10.48
CA LYS C 1039 3.67 10.92 9.54
C LYS C 1039 5.06 10.66 10.09
N ILE C 1040 5.59 11.53 10.94
CA ILE C 1040 6.95 11.33 11.45
C ILE C 1040 7.01 10.04 12.23
N HIS C 1041 8.09 9.28 12.03
CA HIS C 1041 8.20 7.99 12.69
C HIS C 1041 9.68 7.60 12.82
N ALA C 1042 9.98 6.84 13.86
CA ALA C 1042 11.35 6.43 14.15
C ALA C 1042 11.34 5.13 14.93
N ARG C 1043 12.40 4.35 14.76
CA ARG C 1043 12.56 3.09 15.49
C ARG C 1043 14.04 2.80 15.67
N SER C 1044 14.43 2.48 16.90
CA SER C 1044 15.76 1.92 17.17
C SER C 1044 15.66 0.42 17.46
N THR C 1045 14.79 0.03 18.38
CA THR C 1045 14.46 -1.37 18.58
C THR C 1045 13.07 -1.44 19.16
N GLY C 1046 12.21 -2.24 18.55
CA GLY C 1046 10.82 -2.32 18.94
C GLY C 1046 10.26 -3.72 18.77
N PRO C 1047 8.97 -3.82 18.43
CA PRO C 1047 8.35 -5.14 18.33
C PRO C 1047 8.91 -5.92 17.14
N TYR C 1048 8.67 -7.22 17.16
CA TYR C 1048 9.16 -8.13 16.14
C TYR C 1048 8.05 -9.04 15.66
N SER C 1049 8.07 -9.37 14.38
CA SER C 1049 7.06 -10.26 13.83
C SER C 1049 7.21 -11.65 14.44
N MET C 1050 6.26 -12.52 14.11
CA MET C 1050 6.15 -13.81 14.81
C MET C 1050 6.84 -14.95 14.07
N ILE C 1051 6.36 -15.29 12.87
CA ILE C 1051 6.91 -16.44 12.17
C ILE C 1051 8.33 -16.15 11.70
N THR C 1052 8.46 -15.18 10.81
CA THR C 1052 9.77 -14.59 10.55
C THR C 1052 10.08 -13.55 11.62
N GLN C 1053 11.37 -13.30 11.81
CA GLN C 1053 11.83 -12.47 12.92
C GLN C 1053 12.20 -11.06 12.46
N GLN C 1054 11.52 -10.55 11.44
CA GLN C 1054 11.77 -9.19 10.98
C GLN C 1054 11.12 -8.18 11.91
N PRO C 1055 11.57 -6.94 11.90
CA PRO C 1055 10.84 -5.87 12.57
C PRO C 1055 9.45 -5.70 11.97
N LEU C 1056 8.52 -5.26 12.82
CA LEU C 1056 7.12 -5.23 12.44
C LEU C 1056 6.88 -4.08 11.48
N GLY C 1057 5.61 -3.78 11.18
CA GLY C 1057 5.30 -2.78 10.18
C GLY C 1057 4.19 -1.84 10.54
N GLY C 1058 4.40 -0.55 10.29
CA GLY C 1058 3.38 0.46 10.43
C GLY C 1058 3.59 1.35 11.64
N LYS C 1059 3.01 2.56 11.56
CA LYS C 1059 3.13 3.52 12.65
C LYS C 1059 2.32 3.13 13.87
N ALA C 1060 1.29 2.29 13.71
CA ALA C 1060 0.55 1.81 14.86
C ALA C 1060 1.49 1.06 15.81
N GLN C 1061 2.30 0.18 15.26
CA GLN C 1061 3.43 -0.39 15.98
C GLN C 1061 4.61 0.55 15.74
N PHE C 1062 5.84 0.16 16.10
CA PHE C 1062 6.98 0.96 15.64
C PHE C 1062 7.33 0.59 14.21
N GLY C 1063 7.82 -0.63 13.99
CA GLY C 1063 8.16 -1.04 12.65
C GLY C 1063 9.26 -0.20 12.04
N GLY C 1064 9.87 -0.73 10.98
CA GLY C 1064 10.83 -0.01 10.18
C GLY C 1064 10.31 0.18 8.76
N GLN C 1065 11.11 0.87 7.96
CA GLN C 1065 10.76 1.12 6.57
C GLN C 1065 11.30 0.00 5.69
N ARG C 1066 10.46 -0.48 4.78
CA ARG C 1066 10.82 -1.63 3.96
C ARG C 1066 12.01 -1.25 3.10
N PHE C 1067 13.17 -1.80 3.42
CA PHE C 1067 14.36 -1.67 2.58
C PHE C 1067 14.23 -2.64 1.42
N GLY C 1068 13.39 -2.28 0.46
CA GLY C 1068 12.90 -3.20 -0.53
C GLY C 1068 13.95 -3.65 -1.53
N GLU C 1069 13.47 -4.33 -2.57
CA GLU C 1069 14.37 -4.88 -3.57
C GLU C 1069 15.09 -3.79 -4.34
N MET C 1070 14.38 -2.74 -4.73
CA MET C 1070 15.00 -1.71 -5.55
C MET C 1070 16.11 -0.99 -4.80
N GLU C 1071 15.96 -0.79 -3.49
CA GLU C 1071 17.04 -0.20 -2.73
C GLU C 1071 18.23 -1.15 -2.64
N CYS C 1072 17.98 -2.46 -2.56
CA CYS C 1072 19.08 -3.41 -2.63
C CYS C 1072 19.82 -3.28 -3.95
N TRP C 1073 19.09 -3.10 -5.06
CA TRP C 1073 19.75 -2.85 -6.33
C TRP C 1073 20.57 -1.56 -6.27
N ALA C 1074 20.00 -0.52 -5.68
CA ALA C 1074 20.69 0.77 -5.63
C ALA C 1074 22.03 0.64 -4.91
N MET C 1075 22.05 -0.05 -3.77
CA MET C 1075 23.30 -0.18 -3.04
C MET C 1075 24.21 -1.29 -3.55
N GLN C 1076 23.69 -2.22 -4.35
CA GLN C 1076 24.58 -3.07 -5.12
C GLN C 1076 25.30 -2.25 -6.18
N ALA C 1077 24.59 -1.30 -6.78
CA ALA C 1077 25.18 -0.48 -7.84
C ALA C 1077 26.28 0.42 -7.31
N TYR C 1078 26.14 0.94 -6.10
CA TYR C 1078 27.23 1.71 -5.49
C TYR C 1078 28.42 0.81 -5.18
N GLY C 1079 28.19 -0.47 -4.94
CA GLY C 1079 29.21 -1.35 -4.43
C GLY C 1079 29.29 -1.41 -2.93
N ALA C 1080 28.33 -0.81 -2.23
CA ALA C 1080 28.30 -0.88 -0.77
C ALA C 1080 27.89 -2.27 -0.37
N ALA C 1081 28.87 -3.12 -0.07
CA ALA C 1081 28.57 -4.48 0.34
C ALA C 1081 28.36 -4.59 1.84
N TYR C 1082 29.20 -3.91 2.63
CA TYR C 1082 29.09 -4.04 4.08
C TYR C 1082 27.77 -3.46 4.59
N THR C 1083 27.33 -2.33 4.03
CA THR C 1083 26.06 -1.79 4.47
C THR C 1083 24.91 -2.72 4.10
N LEU C 1084 24.93 -3.30 2.90
CA LEU C 1084 23.88 -4.25 2.53
C LEU C 1084 23.85 -5.43 3.50
N GLN C 1085 25.03 -5.97 3.81
CA GLN C 1085 25.10 -7.06 4.77
C GLN C 1085 24.52 -6.65 6.11
N GLU C 1086 24.85 -5.43 6.56
CA GLU C 1086 24.27 -4.90 7.79
C GLU C 1086 22.74 -4.93 7.73
N LEU C 1087 22.17 -4.18 6.79
CA LEU C 1087 20.73 -3.98 6.73
C LEU C 1087 19.96 -5.26 6.48
N LEU C 1088 20.61 -6.31 5.98
CA LEU C 1088 19.90 -7.55 5.75
C LEU C 1088 20.25 -8.66 6.75
N THR C 1089 21.22 -8.46 7.64
CA THR C 1089 21.48 -9.44 8.67
C THR C 1089 21.24 -8.90 10.08
N ILE C 1090 21.93 -7.85 10.51
CA ILE C 1090 21.94 -7.49 11.93
C ILE C 1090 21.11 -6.24 12.20
N LYS C 1091 20.13 -5.96 11.35
CA LYS C 1091 19.09 -5.02 11.66
C LYS C 1091 17.69 -5.57 11.48
N SER C 1092 17.55 -6.71 10.81
CA SER C 1092 16.25 -7.30 10.53
C SER C 1092 16.08 -8.69 11.10
N ASP C 1093 17.04 -9.58 10.91
CA ASP C 1093 16.79 -11.00 11.17
C ASP C 1093 17.84 -11.71 12.02
N ASP C 1094 19.10 -11.27 12.04
CA ASP C 1094 20.09 -12.08 12.73
C ASP C 1094 19.76 -12.07 14.22
N THR C 1095 19.01 -13.08 14.64
CA THR C 1095 18.35 -13.04 15.95
C THR C 1095 19.36 -12.92 17.08
N VAL C 1096 20.38 -13.79 17.09
CA VAL C 1096 21.43 -13.67 18.10
C VAL C 1096 22.34 -12.49 17.86
N GLY C 1097 22.31 -11.90 16.66
CA GLY C 1097 23.20 -10.80 16.35
C GLY C 1097 22.70 -9.45 16.80
N ARG C 1098 21.38 -9.26 16.84
CA ARG C 1098 20.84 -7.96 17.22
C ARG C 1098 21.20 -7.60 18.64
N VAL C 1099 21.02 -8.53 19.59
CA VAL C 1099 21.33 -8.23 20.97
C VAL C 1099 22.82 -8.02 21.16
N LYS C 1100 23.65 -8.76 20.43
CA LYS C 1100 25.09 -8.53 20.50
C LYS C 1100 25.44 -7.15 19.96
N VAL C 1101 24.78 -6.72 18.89
CA VAL C 1101 25.02 -5.38 18.36
C VAL C 1101 24.66 -4.31 19.37
N TYR C 1102 23.48 -4.45 19.98
CA TYR C 1102 23.06 -3.47 20.98
C TYR C 1102 24.02 -3.43 22.16
N GLU C 1103 24.43 -4.60 22.64
CA GLU C 1103 25.37 -4.66 23.75
C GLU C 1103 26.70 -4.03 23.39
N ALA C 1104 27.17 -4.26 22.16
CA ALA C 1104 28.45 -3.71 21.75
C ALA C 1104 28.37 -2.21 21.53
N ILE C 1105 27.21 -1.70 21.11
CA ILE C 1105 27.03 -0.26 21.00
C ILE C 1105 27.07 0.38 22.38
N VAL C 1106 26.32 -0.19 23.34
CA VAL C 1106 26.27 0.40 24.67
C VAL C 1106 27.64 0.32 25.34
N LYS C 1107 28.33 -0.82 25.22
CA LYS C 1107 29.66 -0.95 25.78
C LYS C 1107 30.72 -0.21 24.97
N GLY C 1108 30.39 0.29 23.79
CA GLY C 1108 31.34 1.05 23.00
C GLY C 1108 32.41 0.19 22.36
N GLU C 1109 31.98 -0.78 21.56
CA GLU C 1109 32.89 -1.69 20.89
C GLU C 1109 32.51 -1.76 19.41
N ASN C 1110 33.43 -2.27 18.60
CA ASN C 1110 33.18 -2.43 17.18
C ASN C 1110 31.92 -3.26 16.98
N ILE C 1111 31.07 -2.80 16.07
CA ILE C 1111 29.80 -3.50 15.81
C ILE C 1111 30.15 -4.92 15.35
N PRO C 1112 29.55 -5.95 15.93
CA PRO C 1112 30.02 -7.31 15.65
C PRO C 1112 29.82 -7.72 14.20
N GLU C 1113 30.64 -8.67 13.77
CA GLU C 1113 30.54 -9.19 12.41
C GLU C 1113 29.20 -9.87 12.23
N PRO C 1114 28.45 -9.59 11.16
CA PRO C 1114 27.10 -10.10 11.07
C PRO C 1114 27.08 -11.59 10.73
N GLY C 1115 25.94 -12.22 11.00
CA GLY C 1115 25.78 -13.65 10.82
C GLY C 1115 24.76 -13.99 9.75
N ILE C 1116 24.52 -15.30 9.62
CA ILE C 1116 23.51 -15.76 8.67
C ILE C 1116 22.14 -15.24 9.12
N PRO C 1117 21.27 -14.78 8.23
CA PRO C 1117 19.98 -14.28 8.66
C PRO C 1117 19.06 -15.40 9.12
N GLU C 1118 17.81 -15.07 9.44
CA GLU C 1118 16.80 -16.05 9.76
C GLU C 1118 15.83 -16.25 8.60
N SER C 1119 16.22 -15.89 7.39
CA SER C 1119 15.50 -16.25 6.19
C SER C 1119 16.31 -17.14 5.27
N PHE C 1120 17.53 -17.51 5.68
CA PHE C 1120 18.28 -18.58 5.05
C PHE C 1120 18.44 -19.78 5.98
N LYS C 1121 17.65 -19.84 7.05
CA LYS C 1121 17.56 -21.04 7.85
C LYS C 1121 16.16 -21.61 7.89
N VAL C 1122 15.14 -20.76 7.88
CA VAL C 1122 13.79 -21.26 7.65
C VAL C 1122 13.71 -21.92 6.29
N LEU C 1123 14.34 -21.32 5.28
CA LEU C 1123 14.40 -21.95 3.97
C LEU C 1123 15.10 -23.30 4.05
N LEU C 1124 16.21 -23.39 4.76
CA LEU C 1124 16.93 -24.64 4.83
C LEU C 1124 16.08 -25.73 5.46
N LYS C 1125 15.36 -25.40 6.54
CA LYS C 1125 14.53 -26.41 7.18
C LYS C 1125 13.30 -26.73 6.34
N GLU C 1126 12.82 -25.79 5.52
CA GLU C 1126 11.73 -26.14 4.61
C GLU C 1126 12.21 -27.09 3.53
N LEU C 1127 13.41 -26.86 2.98
CA LEU C 1127 13.92 -27.75 1.95
C LEU C 1127 14.29 -29.11 2.50
N GLN C 1128 14.75 -29.16 3.75
CA GLN C 1128 14.85 -30.43 4.46
C GLN C 1128 13.51 -30.90 5.00
N SER C 1129 12.43 -30.18 4.69
CA SER C 1129 11.07 -30.60 4.99
C SER C 1129 10.26 -31.00 3.78
N LEU C 1130 10.58 -30.46 2.59
CA LEU C 1130 10.03 -30.98 1.34
C LEU C 1130 10.87 -32.11 0.78
N CYS C 1131 11.79 -32.65 1.59
CA CYS C 1131 12.63 -33.77 1.20
C CYS C 1131 13.50 -33.40 0.01
N LEU C 1132 14.27 -32.33 0.17
CA LEU C 1132 15.30 -31.93 -0.79
C LEU C 1132 16.54 -31.59 0.04
N ASN C 1133 17.53 -32.47 0.03
CA ASN C 1133 18.68 -32.30 0.93
C ASN C 1133 19.53 -31.13 0.48
N VAL C 1134 19.27 -29.94 1.02
CA VAL C 1134 20.04 -28.75 0.71
C VAL C 1134 21.11 -28.62 1.79
N GLU C 1135 22.37 -28.68 1.38
CA GLU C 1135 23.49 -28.69 2.30
C GLU C 1135 24.54 -27.67 1.85
N VAL C 1136 25.36 -27.23 2.79
CA VAL C 1136 26.43 -26.28 2.53
C VAL C 1136 27.75 -26.97 2.81
N LEU C 1137 28.61 -27.05 1.81
CA LEU C 1137 29.95 -27.62 1.93
C LEU C 1137 30.94 -26.61 1.35
N SER C 1138 31.76 -26.02 2.21
CA SER C 1138 32.78 -25.10 1.73
C SER C 1138 33.69 -25.77 0.71
N SER C 1139 33.97 -27.06 0.89
CA SER C 1139 34.76 -27.83 -0.06
C SER C 1139 34.31 -29.28 -0.08
N ALA D 9 24.83 -25.55 8.86
CA ALA D 9 24.57 -26.86 9.52
C ALA D 9 23.87 -26.62 10.85
N MET D 10 24.09 -27.50 11.82
CA MET D 10 23.70 -27.18 13.19
C MET D 10 24.45 -25.94 13.66
N LEU D 11 25.76 -25.90 13.42
CA LEU D 11 26.59 -24.74 13.66
C LEU D 11 26.99 -24.13 12.33
N ASP D 12 26.77 -22.83 12.19
CA ASP D 12 26.91 -22.12 10.92
C ASP D 12 28.00 -21.05 11.00
N VAL D 13 28.49 -20.67 9.83
CA VAL D 13 29.46 -19.61 9.67
C VAL D 13 29.10 -18.82 8.41
N ASN D 14 29.86 -17.76 8.14
CA ASN D 14 29.71 -16.98 6.93
C ASN D 14 30.65 -17.44 5.82
N PHE D 15 31.24 -18.62 5.97
CA PHE D 15 32.11 -19.20 4.96
C PHE D 15 31.36 -20.10 3.98
N PHE D 16 30.02 -20.12 4.04
CA PHE D 16 29.20 -20.87 3.09
C PHE D 16 29.71 -20.63 1.68
N ASP D 17 30.03 -21.71 0.96
CA ASP D 17 30.63 -21.57 -0.37
C ASP D 17 29.97 -22.47 -1.40
N GLU D 18 28.95 -23.25 -1.03
CA GLU D 18 28.28 -24.10 -2.00
C GLU D 18 26.95 -24.58 -1.46
N LEU D 19 25.84 -24.16 -2.07
CA LEU D 19 24.51 -24.66 -1.71
C LEU D 19 24.12 -25.74 -2.72
N ARG D 20 24.12 -27.00 -2.27
CA ARG D 20 23.94 -28.15 -3.15
C ARG D 20 22.63 -28.85 -2.80
N ILE D 21 21.67 -28.77 -3.71
CA ILE D 21 20.38 -29.45 -3.56
C ILE D 21 20.56 -30.90 -3.97
N GLY D 22 19.57 -31.74 -3.65
CA GLY D 22 19.57 -33.13 -4.04
C GLY D 22 18.53 -33.89 -3.26
N LEU D 23 17.82 -34.81 -3.90
CA LEU D 23 16.77 -35.55 -3.21
C LEU D 23 17.36 -36.28 -2.01
N ALA D 24 16.55 -36.43 -0.96
CA ALA D 24 17.00 -37.04 0.29
C ALA D 24 16.42 -38.44 0.41
N THR D 25 17.26 -39.38 0.83
CA THR D 25 16.83 -40.74 1.11
C THR D 25 16.29 -40.84 2.53
N ALA D 26 15.37 -41.77 2.74
CA ALA D 26 14.86 -42.01 4.09
C ALA D 26 15.95 -42.40 5.06
N GLU D 27 17.04 -43.00 4.57
CA GLU D 27 18.19 -43.28 5.41
C GLU D 27 18.79 -42.01 5.97
N ASP D 28 18.83 -40.95 5.17
CA ASP D 28 19.22 -39.63 5.63
C ASP D 28 18.16 -38.98 6.52
N ILE D 29 16.92 -39.42 6.44
CA ILE D 29 15.82 -38.82 7.18
C ILE D 29 15.79 -39.31 8.61
N ARG D 30 15.81 -40.62 8.83
CA ARG D 30 15.80 -41.09 10.21
C ARG D 30 17.14 -40.87 10.90
N GLN D 31 18.08 -40.19 10.25
CA GLN D 31 19.28 -39.68 10.92
C GLN D 31 19.25 -38.17 11.09
N TRP D 32 18.38 -37.45 10.38
CA TRP D 32 18.13 -36.05 10.72
C TRP D 32 17.34 -35.94 12.02
N SER D 33 16.26 -36.70 12.11
CA SER D 33 15.26 -36.48 13.15
C SER D 33 15.87 -36.66 14.53
N TYR D 34 15.50 -35.78 15.43
CA TYR D 34 15.83 -35.93 16.84
C TYR D 34 14.72 -36.65 17.60
N GLY D 35 13.70 -37.11 16.90
CA GLY D 35 12.69 -37.94 17.52
C GLY D 35 11.70 -38.41 16.48
N GLU D 36 10.52 -38.81 16.93
CA GLU D 36 9.50 -39.33 16.02
C GLU D 36 8.13 -38.95 16.56
N VAL D 37 7.37 -38.18 15.78
CA VAL D 37 6.01 -37.88 16.18
C VAL D 37 5.09 -39.02 15.76
N LYS D 38 4.16 -39.37 16.64
CA LYS D 38 3.28 -40.51 16.39
C LYS D 38 1.83 -40.22 16.77
N LYS D 39 1.58 -39.17 17.54
CA LYS D 39 0.23 -38.84 17.97
C LYS D 39 -0.19 -37.50 17.40
N PRO D 40 -1.40 -37.37 16.88
CA PRO D 40 -1.83 -36.12 16.25
C PRO D 40 -2.29 -35.05 17.25
N GLU D 41 -1.49 -34.86 18.29
CA GLU D 41 -1.85 -33.97 19.39
C GLU D 41 -0.99 -32.71 19.36
N THR D 42 -1.64 -31.55 19.48
CA THR D 42 -0.94 -30.28 19.39
C THR D 42 -0.55 -29.75 20.76
N ILE D 43 -1.53 -29.46 21.61
CA ILE D 43 -1.29 -28.97 22.96
C ILE D 43 -2.47 -29.36 23.85
N ASN D 44 -2.17 -29.74 25.09
CA ASN D 44 -3.20 -30.16 26.03
C ASN D 44 -4.27 -29.08 26.13
N TYR D 45 -5.53 -29.48 26.28
CA TYR D 45 -6.64 -28.55 26.27
C TYR D 45 -6.76 -27.76 27.56
N ARG D 46 -6.28 -28.29 28.68
CA ARG D 46 -6.53 -27.71 30.00
C ARG D 46 -5.32 -27.04 30.61
N THR D 47 -4.13 -27.65 30.53
CA THR D 47 -2.92 -27.06 31.10
C THR D 47 -2.10 -26.29 30.06
N LEU D 48 -2.37 -26.51 28.77
CA LEU D 48 -1.69 -25.81 27.69
C LEU D 48 -0.18 -26.05 27.75
N LYS D 49 0.18 -27.33 27.77
CA LYS D 49 1.55 -27.78 27.68
C LYS D 49 1.63 -28.85 26.60
N PRO D 50 2.74 -28.94 25.88
CA PRO D 50 2.81 -29.91 24.78
C PRO D 50 2.71 -31.35 25.27
N GLU D 51 2.26 -32.23 24.37
CA GLU D 51 2.04 -33.62 24.71
C GLU D 51 3.31 -34.43 24.50
N LYS D 52 3.34 -35.60 25.12
CA LYS D 52 4.43 -36.54 24.92
C LYS D 52 4.20 -37.31 23.62
N ASP D 53 5.25 -37.42 22.82
CA ASP D 53 5.21 -38.12 21.53
C ASP D 53 4.16 -37.52 20.61
N GLY D 54 3.89 -36.23 20.75
CA GLY D 54 2.98 -35.52 19.88
C GLY D 54 3.71 -34.71 18.83
N LEU D 55 3.04 -33.67 18.33
CA LEU D 55 3.63 -32.77 17.35
C LEU D 55 4.37 -31.60 17.98
N PHE D 56 4.47 -31.55 19.30
CA PHE D 56 5.21 -30.49 19.97
C PHE D 56 6.02 -31.01 21.14
N CYS D 57 6.24 -32.32 21.20
CA CYS D 57 6.81 -32.94 22.39
C CYS D 57 8.20 -32.38 22.67
N GLU D 58 8.40 -31.89 23.89
CA GLU D 58 9.68 -31.29 24.23
C GLU D 58 10.81 -32.31 24.18
N LYS D 59 10.55 -33.58 24.52
CA LYS D 59 11.58 -34.59 24.41
C LYS D 59 12.05 -34.71 22.96
N ILE D 60 11.10 -34.76 22.01
CA ILE D 60 11.46 -34.88 20.61
C ILE D 60 12.08 -33.59 20.08
N PHE D 61 11.53 -32.43 20.48
CA PHE D 61 11.82 -31.18 19.79
C PHE D 61 12.47 -30.11 20.66
N GLY D 62 12.72 -30.38 21.94
CA GLY D 62 13.47 -29.47 22.76
C GLY D 62 12.58 -28.57 23.60
N PRO D 63 13.12 -28.01 24.68
CA PRO D 63 12.27 -27.34 25.66
C PRO D 63 11.64 -26.07 25.11
N THR D 64 10.46 -25.76 25.64
CA THR D 64 9.81 -24.49 25.38
C THR D 64 10.28 -23.38 26.31
N ARG D 65 11.00 -23.73 27.37
CA ARG D 65 11.47 -22.79 28.37
C ARG D 65 12.98 -22.93 28.50
N ASP D 66 13.66 -21.79 28.62
CA ASP D 66 15.12 -21.77 28.60
C ASP D 66 15.67 -22.53 29.80
N TRP D 67 16.41 -23.61 29.53
CA TRP D 67 17.08 -24.38 30.57
C TRP D 67 16.09 -24.87 31.63
N GLU D 68 15.01 -25.50 31.17
CA GLU D 68 14.08 -26.17 32.06
C GLU D 68 13.56 -27.43 31.36
N CYS D 69 13.61 -28.56 32.05
CA CYS D 69 13.03 -29.77 31.50
C CYS D 69 11.53 -29.75 31.80
N TYR D 70 10.82 -30.81 31.40
CA TYR D 70 9.35 -30.77 31.45
C TYR D 70 8.85 -30.84 32.89
N CYS D 71 9.34 -31.81 33.65
CA CYS D 71 8.83 -32.00 35.01
C CYS D 71 9.44 -31.03 36.00
N GLY D 72 10.42 -30.23 35.58
CA GLY D 72 10.93 -29.18 36.43
C GLY D 72 12.06 -29.57 37.37
N LYS D 73 12.64 -30.75 37.21
CA LYS D 73 13.76 -31.14 38.05
C LYS D 73 14.95 -30.21 37.81
N TYR D 74 15.47 -30.22 36.59
CA TYR D 74 16.56 -29.31 36.22
C TYR D 74 15.97 -28.04 35.64
N LYS D 75 16.37 -26.89 36.22
CA LYS D 75 15.78 -25.61 35.83
C LYS D 75 16.81 -24.50 35.75
N ARG D 76 18.09 -24.81 35.52
CA ARG D 76 19.12 -23.79 35.46
C ARG D 76 20.22 -24.24 34.51
N VAL D 77 21.12 -23.29 34.20
CA VAL D 77 22.15 -23.54 33.20
C VAL D 77 23.10 -24.63 33.67
N ARG D 78 23.49 -24.60 34.95
CA ARG D 78 24.47 -25.56 35.45
C ARG D 78 24.12 -26.99 35.05
N PHE D 79 22.84 -27.27 34.87
CA PHE D 79 22.40 -28.51 34.23
C PHE D 79 22.10 -28.19 32.77
N LYS D 80 23.10 -28.39 31.91
CA LYS D 80 22.92 -28.24 30.48
C LYS D 80 23.61 -29.40 29.77
N GLY D 81 23.14 -29.69 28.56
CA GLY D 81 23.61 -30.83 27.82
C GLY D 81 23.16 -32.17 28.36
N ILE D 82 22.51 -32.19 29.51
CA ILE D 82 22.06 -33.43 30.13
C ILE D 82 20.59 -33.62 29.81
N ILE D 83 20.10 -34.83 30.04
CA ILE D 83 18.71 -35.20 29.84
C ILE D 83 18.16 -35.66 31.17
N CYS D 84 17.05 -35.09 31.60
CA CYS D 84 16.48 -35.49 32.87
C CYS D 84 15.87 -36.88 32.75
N GLU D 85 16.16 -37.74 33.73
CA GLU D 85 15.94 -39.16 33.58
C GLU D 85 14.48 -39.56 33.73
N ARG D 86 13.58 -38.62 34.02
CA ARG D 86 12.17 -38.95 34.21
C ARG D 86 11.26 -38.37 33.15
N CYS D 87 11.38 -37.09 32.79
CA CYS D 87 10.54 -36.55 31.72
C CYS D 87 11.24 -36.64 30.36
N GLY D 88 12.55 -36.87 30.35
CA GLY D 88 13.25 -37.17 29.12
C GLY D 88 13.58 -35.98 28.24
N VAL D 89 13.28 -34.76 28.66
CA VAL D 89 13.55 -33.58 27.87
C VAL D 89 14.98 -33.14 28.10
N GLU D 90 15.73 -32.97 27.02
CA GLU D 90 17.11 -32.50 27.13
C GLU D 90 17.12 -31.02 27.49
N VAL D 91 17.74 -30.69 28.61
CA VAL D 91 17.74 -29.31 29.11
C VAL D 91 18.73 -28.51 28.28
N THR D 92 18.24 -27.46 27.62
CA THR D 92 19.08 -26.62 26.78
C THR D 92 18.33 -25.32 26.50
N ARG D 93 18.88 -24.52 25.58
CA ARG D 93 18.25 -23.28 25.18
C ARG D 93 16.98 -23.57 24.38
N ALA D 94 16.03 -22.63 24.43
CA ALA D 94 14.70 -22.84 23.90
C ALA D 94 14.53 -22.30 22.49
N LYS D 95 15.60 -22.25 21.69
CA LYS D 95 15.49 -22.01 20.26
C LYS D 95 15.88 -23.23 19.44
N VAL D 96 16.27 -24.34 20.09
CA VAL D 96 16.44 -25.56 19.34
C VAL D 96 15.13 -25.98 18.70
N ARG D 97 14.00 -25.70 19.34
CA ARG D 97 12.70 -25.95 18.72
C ARG D 97 12.57 -25.24 17.37
N ARG D 98 13.47 -24.33 17.04
CA ARG D 98 13.51 -23.77 15.70
C ARG D 98 14.15 -24.73 14.70
N GLU D 99 14.97 -25.67 15.18
CA GLU D 99 15.88 -26.40 14.31
C GLU D 99 15.81 -27.91 14.42
N ARG D 100 15.38 -28.47 15.55
CA ARG D 100 15.31 -29.92 15.66
C ARG D 100 14.10 -30.40 14.86
N MET D 101 14.28 -31.50 14.14
CA MET D 101 13.25 -32.07 13.28
C MET D 101 12.79 -33.41 13.81
N GLY D 102 11.66 -33.89 13.28
CA GLY D 102 11.17 -35.21 13.60
C GLY D 102 11.05 -36.05 12.35
N HIS D 103 10.61 -37.29 12.54
CA HIS D 103 10.26 -38.15 11.42
C HIS D 103 9.09 -39.03 11.80
N ILE D 104 8.49 -39.64 10.78
CA ILE D 104 7.36 -40.54 10.93
C ILE D 104 7.70 -41.83 10.22
N GLU D 105 7.84 -42.91 10.98
CA GLU D 105 8.03 -44.25 10.41
C GLU D 105 6.71 -44.72 9.84
N LEU D 106 6.59 -44.72 8.52
CA LEU D 106 5.36 -45.15 7.88
C LEU D 106 5.24 -46.67 7.91
N ALA D 107 3.99 -47.14 7.95
CA ALA D 107 3.75 -48.57 7.91
C ALA D 107 3.78 -49.14 6.49
N ALA D 108 3.56 -48.31 5.49
CA ALA D 108 3.68 -48.72 4.09
C ALA D 108 4.33 -47.60 3.29
N PRO D 109 5.01 -47.93 2.19
CA PRO D 109 5.69 -46.89 1.40
C PRO D 109 4.70 -45.92 0.77
N VAL D 110 5.24 -44.76 0.38
CA VAL D 110 4.46 -43.68 -0.23
C VAL D 110 5.39 -42.93 -1.16
N THR D 111 4.81 -42.25 -2.15
CA THR D 111 5.58 -41.54 -3.17
C THR D 111 5.33 -40.04 -3.10
N HIS D 112 6.24 -39.29 -3.73
CA HIS D 112 6.21 -37.84 -3.74
C HIS D 112 5.08 -37.35 -4.66
N ILE D 113 4.97 -36.03 -4.78
CA ILE D 113 3.99 -35.42 -5.69
C ILE D 113 4.73 -34.47 -6.62
N TRP D 114 5.99 -34.17 -6.31
CA TRP D 114 6.78 -33.24 -7.12
C TRP D 114 7.48 -33.93 -8.27
N TYR D 115 8.17 -35.03 -8.01
CA TYR D 115 8.86 -35.74 -9.08
C TYR D 115 7.94 -36.69 -9.83
N PHE D 116 6.62 -36.63 -9.59
CA PHE D 116 5.70 -37.50 -10.32
C PHE D 116 4.67 -36.74 -11.14
N LYS D 117 3.91 -35.83 -10.51
CA LYS D 117 2.78 -35.22 -11.21
C LYS D 117 3.21 -33.96 -11.94
N GLY D 118 4.18 -33.24 -11.39
CA GLY D 118 4.66 -32.02 -12.01
C GLY D 118 5.15 -32.27 -13.42
N VAL D 119 4.65 -31.50 -14.37
CA VAL D 119 5.01 -31.72 -15.78
C VAL D 119 6.46 -31.31 -16.00
N PRO D 120 7.27 -32.12 -16.69
CA PRO D 120 7.00 -33.49 -17.17
C PRO D 120 7.18 -34.48 -16.03
N SER D 121 6.52 -35.64 -16.08
CA SER D 121 6.61 -36.62 -15.00
C SER D 121 8.00 -37.23 -15.00
N ARG D 122 8.84 -36.82 -14.05
CA ARG D 122 10.20 -37.33 -14.00
C ARG D 122 10.21 -38.82 -13.76
N LEU D 123 9.36 -39.30 -12.86
CA LEU D 123 9.19 -40.74 -12.68
C LEU D 123 8.65 -41.38 -13.96
N GLY D 124 7.73 -40.68 -14.64
CA GLY D 124 7.14 -41.24 -15.85
C GLY D 124 8.18 -41.56 -16.90
N TYR D 125 9.13 -40.66 -17.11
CA TYR D 125 10.27 -41.02 -17.95
C TYR D 125 11.09 -42.12 -17.30
N LEU D 126 11.32 -42.02 -15.99
CA LEU D 126 12.32 -42.87 -15.36
C LEU D 126 11.99 -44.33 -15.57
N LEU D 127 10.76 -44.73 -15.25
CA LEU D 127 10.35 -46.11 -15.37
C LEU D 127 9.72 -46.40 -16.74
N ASP D 128 9.63 -45.39 -17.61
CA ASP D 128 9.17 -45.53 -18.99
C ASP D 128 7.66 -45.74 -19.09
N LEU D 129 6.91 -45.01 -18.26
CA LEU D 129 5.46 -45.09 -18.26
C LEU D 129 4.88 -43.69 -18.40
N ALA D 130 3.71 -43.60 -19.04
CA ALA D 130 3.06 -42.32 -19.23
C ALA D 130 2.49 -41.83 -17.90
N PRO D 131 2.32 -40.50 -17.75
CA PRO D 131 1.84 -39.98 -16.45
C PRO D 131 0.48 -40.53 -16.06
N LYS D 132 -0.50 -40.48 -16.97
CA LYS D 132 -1.84 -40.94 -16.65
C LYS D 132 -1.83 -42.41 -16.28
N ASP D 133 -0.99 -43.20 -16.94
CA ASP D 133 -0.87 -44.62 -16.61
C ASP D 133 -0.39 -44.81 -15.17
N LEU D 134 0.61 -44.01 -14.76
CA LEU D 134 1.14 -44.13 -13.41
C LEU D 134 0.16 -43.62 -12.37
N GLU D 135 -0.68 -42.66 -12.75
CA GLU D 135 -1.68 -42.11 -11.84
C GLU D 135 -2.75 -43.15 -11.55
N LYS D 136 -2.68 -44.31 -12.22
CA LYS D 136 -3.51 -45.46 -11.91
C LYS D 136 -2.72 -46.52 -11.14
N ILE D 137 -1.40 -46.42 -11.08
CA ILE D 137 -0.58 -47.39 -10.39
C ILE D 137 -0.23 -46.96 -8.97
N ILE D 138 0.02 -45.67 -8.73
CA ILE D 138 0.41 -45.19 -7.41
C ILE D 138 -0.77 -44.59 -6.66
N TYR D 139 -1.99 -44.78 -7.15
CA TYR D 139 -3.20 -44.47 -6.39
C TYR D 139 -4.08 -45.71 -6.28
N PHE D 140 -3.45 -46.88 -6.36
CA PHE D 140 -4.08 -48.16 -6.04
C PHE D 140 -5.30 -48.41 -6.90
N ALA D 141 -5.07 -48.48 -8.22
CA ALA D 141 -6.15 -48.77 -9.16
C ALA D 141 -5.67 -49.68 -10.29
N ALA D 142 -4.50 -50.31 -10.12
CA ALA D 142 -3.99 -51.24 -11.12
C ALA D 142 -2.80 -52.03 -10.58
N TYR D 143 -2.79 -53.34 -10.81
CA TYR D 143 -1.72 -54.21 -10.33
C TYR D 143 -0.44 -53.92 -11.13
N VAL D 144 0.63 -54.66 -10.83
CA VAL D 144 1.84 -54.64 -11.62
C VAL D 144 2.66 -55.90 -11.35
N ILE D 145 3.12 -56.54 -12.42
CA ILE D 145 3.98 -57.72 -12.32
C ILE D 145 5.41 -57.24 -12.16
N THR D 146 6.10 -57.76 -11.14
CA THR D 146 7.44 -57.26 -10.85
C THR D 146 8.54 -58.13 -11.47
N SER D 147 8.27 -59.41 -11.70
CA SER D 147 9.27 -60.31 -12.28
C SER D 147 8.57 -61.61 -12.69
N VAL D 148 9.24 -62.38 -13.54
CA VAL D 148 8.65 -63.59 -14.10
C VAL D 148 9.76 -64.43 -14.74
N ASP D 149 9.55 -65.75 -14.81
CA ASP D 149 10.50 -66.65 -15.46
C ASP D 149 9.92 -67.35 -16.67
N GLU D 150 8.84 -68.13 -16.48
CA GLU D 150 8.00 -68.67 -17.55
C GLU D 150 8.61 -69.84 -18.34
N GLU D 151 9.86 -70.22 -18.05
CA GLU D 151 10.46 -71.34 -18.76
C GLU D 151 9.58 -72.58 -18.67
N MET D 152 9.22 -72.97 -17.45
CA MET D 152 8.32 -74.10 -17.27
C MET D 152 6.87 -73.72 -17.57
N ARG D 153 6.57 -72.42 -17.64
CA ARG D 153 5.26 -72.01 -18.12
C ARG D 153 5.05 -72.46 -19.55
N HIS D 154 6.14 -72.59 -20.32
CA HIS D 154 5.99 -73.11 -21.68
C HIS D 154 5.34 -74.50 -21.66
N ASN D 155 5.86 -75.41 -20.84
CA ASN D 155 5.30 -76.76 -20.81
C ASN D 155 3.98 -76.80 -20.06
N GLU D 156 3.85 -75.99 -19.01
CA GLU D 156 2.59 -75.95 -18.26
C GLU D 156 1.44 -75.48 -19.15
N LEU D 157 1.75 -74.58 -20.10
CA LEU D 157 0.76 -74.11 -21.07
C LEU D 157 0.07 -75.27 -21.77
N SER D 158 0.88 -76.20 -22.30
CA SER D 158 0.36 -77.36 -23.02
C SER D 158 -0.63 -78.14 -22.15
N THR D 159 -0.30 -78.31 -20.87
CA THR D 159 -1.22 -79.00 -19.97
C THR D 159 -2.52 -78.22 -19.82
N LEU D 160 -2.43 -76.90 -19.78
CA LEU D 160 -3.61 -76.09 -19.50
C LEU D 160 -4.42 -75.77 -20.73
N GLU D 161 -3.85 -75.82 -21.94
CA GLU D 161 -4.72 -75.85 -23.11
C GLU D 161 -5.44 -77.18 -23.22
N ALA D 162 -4.84 -78.27 -22.74
CA ALA D 162 -5.57 -79.52 -22.65
C ALA D 162 -6.73 -79.41 -21.67
N GLU D 163 -6.46 -78.84 -20.48
CA GLU D 163 -7.55 -78.65 -19.53
C GLU D 163 -8.57 -77.64 -20.04
N MET D 164 -8.13 -76.69 -20.87
CA MET D 164 -9.05 -75.74 -21.48
C MET D 164 -9.94 -76.43 -22.50
N ALA D 165 -9.37 -77.33 -23.29
CA ALA D 165 -10.19 -78.13 -24.21
C ALA D 165 -11.18 -78.97 -23.43
N VAL D 166 -10.75 -79.54 -22.30
CA VAL D 166 -11.67 -80.31 -21.46
C VAL D 166 -12.80 -79.42 -20.96
N GLU D 167 -12.46 -78.22 -20.49
CA GLU D 167 -13.48 -77.32 -19.96
C GLU D 167 -14.45 -76.89 -21.05
N ARG D 168 -13.94 -76.52 -22.23
CA ARG D 168 -14.81 -76.08 -23.31
C ARG D 168 -15.63 -77.24 -23.85
N LYS D 169 -15.13 -78.47 -23.76
CA LYS D 169 -15.92 -79.62 -24.16
C LYS D 169 -17.03 -79.91 -23.15
N ALA D 170 -16.76 -79.70 -21.86
CA ALA D 170 -17.84 -79.75 -20.88
C ALA D 170 -18.86 -78.65 -21.13
N VAL D 171 -18.38 -77.48 -21.51
CA VAL D 171 -19.27 -76.38 -21.89
C VAL D 171 -20.16 -76.81 -23.05
N GLU D 172 -19.57 -77.46 -24.06
CA GLU D 172 -20.36 -77.92 -25.19
C GLU D 172 -21.25 -79.11 -24.82
N ASP D 173 -20.89 -79.88 -23.81
CA ASP D 173 -21.83 -80.86 -23.27
C ASP D 173 -23.05 -80.15 -22.70
N GLN D 174 -22.83 -79.08 -21.96
CA GLN D 174 -23.94 -78.25 -21.50
C GLN D 174 -24.71 -77.65 -22.69
N ARG D 175 -23.99 -77.26 -23.74
CA ARG D 175 -24.61 -76.56 -24.86
C ARG D 175 -25.46 -77.50 -25.71
N ASP D 176 -24.99 -78.71 -25.98
CA ASP D 176 -25.82 -79.66 -26.69
C ASP D 176 -26.85 -80.31 -25.77
N GLY D 177 -26.66 -80.24 -24.44
CA GLY D 177 -27.78 -80.49 -23.55
C GLY D 177 -28.87 -79.47 -23.74
N GLU D 178 -28.50 -78.20 -23.87
CA GLU D 178 -29.47 -77.16 -24.21
C GLU D 178 -30.13 -77.45 -25.55
N LEU D 179 -29.33 -77.79 -26.55
CA LEU D 179 -29.87 -78.11 -27.87
C LEU D 179 -30.89 -79.24 -27.79
N GLU D 180 -30.53 -80.33 -27.11
CA GLU D 180 -31.40 -81.49 -27.02
C GLU D 180 -32.65 -81.18 -26.20
N ALA D 181 -32.50 -80.48 -25.08
CA ALA D 181 -33.65 -80.19 -24.23
C ALA D 181 -34.64 -79.28 -24.95
N ARG D 182 -34.14 -78.23 -25.61
CA ARG D 182 -35.04 -77.37 -26.36
C ARG D 182 -35.55 -78.04 -27.63
N ALA D 183 -34.82 -79.00 -28.19
CA ALA D 183 -35.36 -79.78 -29.30
C ALA D 183 -36.53 -80.64 -28.85
N GLN D 184 -36.41 -81.26 -27.68
CA GLN D 184 -37.54 -82.02 -27.14
C GLN D 184 -38.71 -81.10 -26.82
N LYS D 185 -38.45 -79.94 -26.22
CA LYS D 185 -39.51 -78.98 -25.97
C LYS D 185 -40.10 -78.44 -27.27
N LEU D 186 -39.30 -78.40 -28.33
CA LEU D 186 -39.79 -77.90 -29.61
C LEU D 186 -40.63 -78.93 -30.33
N GLU D 187 -40.31 -80.21 -30.19
CA GLU D 187 -41.21 -81.24 -30.67
C GLU D 187 -42.44 -81.38 -29.79
N ALA D 188 -42.35 -80.97 -28.52
CA ALA D 188 -43.55 -80.80 -27.71
C ALA D 188 -44.38 -79.64 -28.23
N ASP D 189 -43.73 -78.57 -28.68
CA ASP D 189 -44.45 -77.50 -29.37
C ASP D 189 -45.14 -78.03 -30.61
N LEU D 190 -44.44 -78.87 -31.38
CA LEU D 190 -45.06 -79.55 -32.51
C LEU D 190 -46.31 -80.32 -32.06
N ALA D 191 -46.17 -81.14 -31.02
CA ALA D 191 -47.22 -82.06 -30.62
C ALA D 191 -48.37 -81.40 -29.88
N GLU D 192 -48.19 -80.16 -29.40
CA GLU D 192 -49.30 -79.39 -28.84
C GLU D 192 -49.70 -78.22 -29.73
N LEU D 193 -49.10 -78.12 -30.92
CA LEU D 193 -49.44 -77.07 -31.87
C LEU D 193 -50.14 -77.65 -33.10
N GLU D 194 -49.47 -78.57 -33.80
CA GLU D 194 -50.07 -79.23 -34.94
C GLU D 194 -51.23 -80.12 -34.52
N ALA D 195 -51.05 -80.84 -33.40
CA ALA D 195 -52.11 -81.71 -32.91
C ALA D 195 -53.35 -80.91 -32.52
N GLU D 196 -53.15 -79.73 -31.93
CA GLU D 196 -54.25 -78.89 -31.49
C GLU D 196 -54.72 -78.00 -32.64
N GLY D 197 -55.70 -77.14 -32.37
CA GLY D 197 -56.27 -76.27 -33.39
C GLY D 197 -55.87 -74.81 -33.24
N ALA D 198 -54.69 -74.56 -32.68
CA ALA D 198 -54.24 -73.18 -32.50
C ALA D 198 -54.00 -72.52 -33.85
N LYS D 199 -53.92 -71.19 -33.84
CA LYS D 199 -53.64 -70.44 -35.06
C LYS D 199 -52.29 -70.86 -35.62
N ALA D 200 -52.19 -70.90 -36.95
CA ALA D 200 -50.98 -71.36 -37.60
C ALA D 200 -49.75 -70.63 -37.07
N ASP D 201 -49.88 -69.32 -36.83
CA ASP D 201 -48.81 -68.60 -36.15
C ASP D 201 -48.77 -68.94 -34.66
N ALA D 202 -49.93 -69.00 -34.00
CA ALA D 202 -49.97 -69.26 -32.57
C ALA D 202 -49.39 -70.63 -32.25
N ARG D 203 -49.80 -71.65 -33.01
CA ARG D 203 -49.24 -72.98 -32.84
C ARG D 203 -47.72 -72.96 -33.03
N ARG D 204 -47.19 -71.99 -33.78
CA ARG D 204 -45.76 -71.84 -33.96
C ARG D 204 -45.18 -70.64 -33.20
N LYS D 205 -45.98 -69.94 -32.40
CA LYS D 205 -45.36 -68.97 -31.50
C LYS D 205 -44.52 -69.67 -30.44
N VAL D 206 -44.94 -70.84 -29.98
CA VAL D 206 -44.07 -71.64 -29.13
C VAL D 206 -42.87 -72.19 -29.90
N ARG D 207 -43.04 -72.49 -31.19
CA ARG D 207 -41.88 -72.85 -32.02
C ARG D 207 -40.84 -71.74 -32.01
N ASP D 208 -41.28 -70.52 -32.30
CA ASP D 208 -40.38 -69.37 -32.29
C ASP D 208 -39.82 -69.13 -30.90
N GLY D 209 -40.63 -69.32 -29.85
CA GLY D 209 -40.13 -69.14 -28.50
C GLY D 209 -39.00 -70.10 -28.17
N GLY D 210 -39.17 -71.37 -28.54
CA GLY D 210 -38.12 -72.35 -28.30
C GLY D 210 -36.87 -72.08 -29.12
N GLU D 211 -37.04 -71.74 -30.40
CA GLU D 211 -35.87 -71.46 -31.22
C GLU D 211 -35.14 -70.21 -30.71
N ARG D 212 -35.89 -69.21 -30.26
CA ARG D 212 -35.27 -68.03 -29.66
C ARG D 212 -34.58 -68.37 -28.35
N GLU D 213 -35.16 -69.30 -27.58
CA GLU D 213 -34.50 -69.77 -26.37
C GLU D 213 -33.14 -70.38 -26.71
N MET D 214 -33.10 -71.20 -27.76
CA MET D 214 -31.81 -71.78 -28.16
C MET D 214 -30.88 -70.72 -28.71
N ARG D 215 -31.40 -69.69 -29.40
CA ARG D 215 -30.53 -68.63 -29.90
C ARG D 215 -29.88 -67.87 -28.75
N GLN D 216 -30.67 -67.44 -27.76
CA GLN D 216 -30.07 -66.74 -26.63
C GLN D 216 -29.23 -67.67 -25.78
N ILE D 217 -29.57 -68.96 -25.72
CA ILE D 217 -28.81 -69.89 -24.91
C ILE D 217 -27.45 -70.19 -25.53
N ARG D 218 -27.41 -70.38 -26.86
CA ARG D 218 -26.13 -70.51 -27.51
C ARG D 218 -25.37 -69.20 -27.46
N ASP D 219 -26.06 -68.06 -27.37
CA ASP D 219 -25.36 -66.82 -27.07
C ASP D 219 -24.69 -66.88 -25.70
N ARG D 220 -25.40 -67.41 -24.69
CA ARG D 220 -24.80 -67.59 -23.36
C ARG D 220 -23.54 -68.44 -23.45
N ALA D 221 -23.68 -69.63 -24.05
CA ALA D 221 -22.57 -70.56 -24.12
C ALA D 221 -21.41 -69.97 -24.92
N GLN D 222 -21.71 -69.32 -26.04
CA GLN D 222 -20.68 -68.70 -26.85
C GLN D 222 -19.96 -67.60 -26.10
N ARG D 223 -20.70 -66.76 -25.37
CA ARG D 223 -20.05 -65.67 -24.63
C ARG D 223 -19.14 -66.19 -23.54
N GLU D 224 -19.59 -67.20 -22.79
CA GLU D 224 -18.67 -67.74 -21.79
C GLU D 224 -17.50 -68.48 -22.44
N LEU D 225 -17.71 -69.09 -23.61
CA LEU D 225 -16.57 -69.68 -24.31
C LEU D 225 -15.59 -68.62 -24.80
N ASP D 226 -16.08 -67.45 -25.22
CA ASP D 226 -15.16 -66.37 -25.55
C ASP D 226 -14.45 -65.86 -24.31
N ARG D 227 -15.12 -65.87 -23.15
CA ARG D 227 -14.43 -65.51 -21.91
C ARG D 227 -13.28 -66.46 -21.64
N LEU D 228 -13.53 -67.76 -21.79
CA LEU D 228 -12.47 -68.74 -21.55
C LEU D 228 -11.35 -68.64 -22.59
N GLU D 229 -11.72 -68.41 -23.85
CA GLU D 229 -10.72 -68.17 -24.88
C GLU D 229 -9.88 -66.95 -24.53
N ASP D 230 -10.51 -65.89 -24.05
CA ASP D 230 -9.79 -64.68 -23.66
C ASP D 230 -8.82 -64.95 -22.52
N ILE D 231 -9.27 -65.67 -21.50
CA ILE D 231 -8.37 -65.91 -20.37
C ILE D 231 -7.22 -66.80 -20.80
N TRP D 232 -7.46 -67.78 -21.68
CA TRP D 232 -6.36 -68.59 -22.17
C TRP D 232 -5.37 -67.76 -22.98
N SER D 233 -5.88 -66.95 -23.90
CA SER D 233 -4.99 -66.08 -24.68
C SER D 233 -4.19 -65.16 -23.78
N THR D 234 -4.79 -64.70 -22.69
CA THR D 234 -4.08 -63.84 -21.76
C THR D 234 -2.96 -64.61 -21.06
N PHE D 235 -3.25 -65.84 -20.60
CA PHE D 235 -2.19 -66.60 -19.95
C PHE D 235 -1.04 -66.91 -20.90
N THR D 236 -1.35 -67.24 -22.16
CA THR D 236 -0.29 -67.51 -23.12
C THR D 236 0.59 -66.29 -23.31
N LYS D 237 -0.02 -65.09 -23.35
CA LYS D 237 0.68 -63.84 -23.58
C LYS D 237 0.99 -63.11 -22.26
N LEU D 238 0.99 -63.80 -21.13
CA LEU D 238 1.40 -63.17 -19.89
C LEU D 238 2.87 -62.76 -19.99
N ALA D 239 3.15 -61.52 -19.62
CA ALA D 239 4.51 -60.96 -19.74
C ALA D 239 4.70 -59.88 -18.69
N PRO D 240 5.95 -59.54 -18.32
CA PRO D 240 6.20 -58.70 -17.15
C PRO D 240 6.36 -57.21 -17.42
N LYS D 241 6.38 -56.43 -16.35
CA LYS D 241 6.60 -54.98 -16.40
C LYS D 241 5.54 -54.31 -17.28
N GLN D 242 4.28 -54.46 -16.87
CA GLN D 242 3.16 -53.93 -17.63
C GLN D 242 2.05 -53.51 -16.68
N LEU D 243 1.03 -52.89 -17.26
CA LEU D 243 -0.14 -52.42 -16.53
C LEU D 243 -1.32 -53.33 -16.85
N ILE D 244 -1.99 -53.81 -15.81
CA ILE D 244 -3.08 -54.76 -15.95
C ILE D 244 -4.25 -54.31 -15.09
N VAL D 245 -5.46 -54.43 -15.64
CA VAL D 245 -6.70 -54.14 -14.93
C VAL D 245 -7.45 -55.48 -14.86
N ASP D 246 -8.68 -55.47 -14.37
CA ASP D 246 -9.45 -56.69 -14.18
C ASP D 246 -8.80 -57.57 -13.11
N GLU D 247 -8.79 -57.01 -11.89
CA GLU D 247 -8.32 -57.73 -10.71
C GLU D 247 -8.85 -59.16 -10.64
N ASN D 248 -10.03 -59.41 -11.19
CA ASN D 248 -10.59 -60.75 -11.17
C ASN D 248 -9.70 -61.71 -11.96
N LEU D 249 -9.29 -61.29 -13.15
CA LEU D 249 -8.35 -62.07 -13.94
C LEU D 249 -7.08 -62.31 -13.14
N TYR D 250 -6.58 -61.26 -12.49
CA TYR D 250 -5.36 -61.39 -11.70
C TYR D 250 -5.52 -62.45 -10.62
N ARG D 251 -6.68 -62.48 -9.96
CA ARG D 251 -6.93 -63.48 -8.93
C ARG D 251 -6.88 -64.88 -9.52
N GLU D 252 -7.63 -65.10 -10.61
CA GLU D 252 -7.65 -66.43 -11.22
C GLU D 252 -6.26 -66.82 -11.69
N LEU D 253 -5.49 -65.87 -12.20
CA LEU D 253 -4.14 -66.13 -12.68
C LEU D 253 -3.22 -66.51 -11.52
N VAL D 254 -3.36 -65.84 -10.38
CA VAL D 254 -2.49 -66.13 -9.24
C VAL D 254 -2.83 -67.50 -8.64
N ASP D 255 -4.10 -67.72 -8.31
CA ASP D 255 -4.46 -68.90 -7.55
C ASP D 255 -4.41 -70.17 -8.39
N ARG D 256 -4.20 -70.05 -9.70
CA ARG D 256 -3.87 -71.21 -10.53
C ARG D 256 -2.40 -71.24 -10.93
N TYR D 257 -1.72 -70.09 -10.91
CA TYR D 257 -0.31 -70.00 -11.27
C TYR D 257 0.46 -69.26 -10.17
N GLY D 258 0.25 -69.65 -8.91
CA GLY D 258 0.89 -68.95 -7.80
C GLY D 258 2.40 -68.91 -7.86
N GLU D 259 3.02 -69.83 -8.60
CA GLU D 259 4.45 -69.86 -8.77
C GLU D 259 4.82 -69.03 -10.01
N TYR D 260 6.08 -69.07 -10.42
CA TYR D 260 6.54 -68.57 -11.71
C TYR D 260 6.63 -67.05 -11.79
N PHE D 261 6.16 -66.33 -10.77
CA PHE D 261 6.16 -64.88 -10.87
C PHE D 261 5.76 -64.28 -9.53
N THR D 262 6.12 -63.01 -9.36
CA THR D 262 5.62 -62.19 -8.25
C THR D 262 5.05 -60.90 -8.82
N GLY D 263 3.87 -60.53 -8.33
CA GLY D 263 3.23 -59.30 -8.77
C GLY D 263 2.49 -58.65 -7.62
N ALA D 264 2.64 -57.35 -7.48
CA ALA D 264 2.06 -56.62 -6.36
C ALA D 264 1.39 -55.35 -6.85
N MET D 265 0.90 -54.55 -5.91
CA MET D 265 0.11 -53.36 -6.21
C MET D 265 0.57 -52.23 -5.31
N GLY D 266 0.94 -51.11 -5.90
CA GLY D 266 1.09 -49.87 -5.17
C GLY D 266 2.53 -49.48 -4.90
N ALA D 267 2.71 -48.66 -3.85
CA ALA D 267 3.99 -47.97 -3.66
C ALA D 267 5.11 -48.95 -3.32
N GLU D 268 4.79 -50.09 -2.71
CA GLU D 268 5.84 -51.08 -2.43
C GLU D 268 6.31 -51.78 -3.71
N SER D 269 5.36 -52.13 -4.59
CA SER D 269 5.73 -52.74 -5.87
C SER D 269 6.57 -51.79 -6.71
N ILE D 270 6.25 -50.50 -6.73
CA ILE D 270 7.08 -49.53 -7.46
C ILE D 270 8.42 -49.32 -6.77
N GLN D 271 8.45 -49.38 -5.43
CA GLN D 271 9.74 -49.44 -4.75
C GLN D 271 10.58 -50.56 -5.32
N LYS D 272 9.97 -51.73 -5.49
CA LYS D 272 10.68 -52.86 -6.07
C LYS D 272 11.08 -52.58 -7.51
N LEU D 273 10.19 -51.94 -8.29
CA LEU D 273 10.50 -51.61 -9.68
C LEU D 273 11.76 -50.77 -9.76
N ILE D 274 11.83 -49.70 -8.95
CA ILE D 274 13.04 -48.90 -8.88
C ILE D 274 14.20 -49.75 -8.39
N GLU D 275 13.92 -50.66 -7.45
CA GLU D 275 14.94 -51.60 -6.97
C GLU D 275 15.48 -52.43 -8.12
N ASN D 276 14.60 -52.88 -9.02
CA ASN D 276 14.98 -53.70 -10.16
C ASN D 276 15.12 -52.88 -11.43
N PHE D 277 15.36 -51.58 -11.31
CA PHE D 277 15.65 -50.73 -12.45
C PHE D 277 17.15 -50.47 -12.50
N ASP D 278 17.76 -50.79 -13.63
CA ASP D 278 19.19 -50.56 -13.84
C ASP D 278 19.33 -49.35 -14.75
N ILE D 279 19.80 -48.23 -14.20
CA ILE D 279 19.99 -47.03 -14.99
C ILE D 279 21.02 -47.27 -16.09
N ASP D 280 22.02 -48.12 -15.82
CA ASP D 280 23.09 -48.32 -16.78
C ASP D 280 22.56 -48.90 -18.08
N ALA D 281 21.93 -50.07 -18.02
CA ALA D 281 21.45 -50.74 -19.23
C ALA D 281 20.45 -49.88 -20.00
N GLU D 282 19.50 -49.29 -19.27
CA GLU D 282 18.54 -48.40 -19.90
C GLU D 282 19.24 -47.24 -20.57
N ALA D 283 20.26 -46.68 -19.92
CA ALA D 283 20.99 -45.57 -20.49
C ALA D 283 21.72 -45.97 -21.76
N GLU D 284 22.33 -47.16 -21.77
CA GLU D 284 23.01 -47.60 -22.98
C GLU D 284 22.00 -47.78 -24.12
N SER D 285 20.84 -48.35 -23.81
CA SER D 285 19.81 -48.50 -24.84
C SER D 285 19.36 -47.14 -25.35
N LEU D 286 19.22 -46.17 -24.46
CA LEU D 286 18.80 -44.83 -24.88
C LEU D 286 19.87 -44.16 -25.73
N ARG D 287 21.15 -44.36 -25.39
CA ARG D 287 22.23 -43.87 -26.25
C ARG D 287 22.14 -44.53 -27.62
N ASP D 288 21.88 -45.83 -27.65
CA ASP D 288 21.75 -46.52 -28.93
C ASP D 288 20.62 -45.93 -29.76
N VAL D 289 19.48 -45.66 -29.11
CA VAL D 289 18.32 -45.13 -29.83
C VAL D 289 18.64 -43.74 -30.38
N ILE D 290 19.14 -42.85 -29.51
CA ILE D 290 19.40 -41.49 -29.96
C ILE D 290 20.52 -41.46 -30.99
N ARG D 291 21.38 -42.48 -30.99
CA ARG D 291 22.48 -42.54 -31.95
C ARG D 291 22.02 -43.05 -33.30
N ASN D 292 21.14 -44.06 -33.30
CA ASN D 292 20.71 -44.73 -34.51
C ASN D 292 19.25 -44.51 -34.86
N GLY D 293 18.39 -44.30 -33.87
CA GLY D 293 16.99 -44.07 -34.13
C GLY D 293 16.77 -42.76 -34.87
N LYS D 294 15.49 -42.47 -35.13
CA LYS D 294 15.13 -41.27 -35.87
C LYS D 294 13.72 -40.85 -35.47
N GLY D 295 13.36 -39.63 -35.89
CA GLY D 295 12.01 -39.15 -35.73
C GLY D 295 11.61 -39.03 -34.28
N GLN D 296 10.40 -39.50 -33.97
CA GLN D 296 9.85 -39.32 -32.64
C GLN D 296 10.58 -40.19 -31.61
N LYS D 297 11.02 -41.38 -32.01
CA LYS D 297 11.68 -42.27 -31.06
C LYS D 297 12.96 -41.64 -30.52
N LYS D 298 13.74 -41.03 -31.42
CA LYS D 298 14.99 -40.40 -31.00
C LYS D 298 14.75 -39.29 -30.00
N LEU D 299 13.75 -38.44 -30.26
CA LEU D 299 13.45 -37.33 -29.36
C LEU D 299 12.93 -37.82 -28.01
N ARG D 300 11.99 -38.77 -28.04
CA ARG D 300 11.50 -39.33 -26.79
C ARG D 300 12.63 -39.95 -25.99
N ALA D 301 13.59 -40.58 -26.67
CA ALA D 301 14.78 -41.08 -26.00
C ALA D 301 15.58 -39.92 -25.41
N LEU D 302 15.72 -38.83 -26.16
CA LEU D 302 16.46 -37.66 -25.70
C LEU D 302 15.94 -37.18 -24.36
N LYS D 303 14.64 -36.88 -24.28
CA LYS D 303 14.11 -36.36 -23.03
C LYS D 303 14.25 -37.40 -21.91
N ARG D 304 13.93 -38.66 -22.19
CA ARG D 304 14.20 -39.71 -21.22
C ARG D 304 15.70 -39.82 -20.96
N LEU D 305 16.50 -39.77 -22.02
CA LEU D 305 17.95 -39.84 -21.87
C LEU D 305 18.47 -38.78 -20.90
N LYS D 306 17.84 -37.61 -20.92
CA LYS D 306 18.24 -36.53 -20.04
C LYS D 306 18.12 -36.93 -18.57
N VAL D 307 16.92 -37.29 -18.13
CA VAL D 307 16.69 -37.54 -16.71
C VAL D 307 17.41 -38.80 -16.26
N VAL D 308 17.52 -39.81 -17.13
CA VAL D 308 18.16 -41.05 -16.71
C VAL D 308 19.65 -40.82 -16.46
N ALA D 309 20.33 -40.14 -17.38
CA ALA D 309 21.73 -39.80 -17.16
C ALA D 309 21.87 -38.84 -15.99
N ALA D 310 20.90 -37.94 -15.83
CA ALA D 310 20.90 -37.05 -14.68
C ALA D 310 20.98 -37.83 -13.38
N PHE D 311 20.15 -38.87 -13.26
CA PHE D 311 20.25 -39.76 -12.11
C PHE D 311 21.54 -40.57 -12.13
N GLN D 312 21.99 -40.97 -13.32
CA GLN D 312 23.23 -41.74 -13.41
C GLN D 312 24.42 -40.89 -12.98
N GLN D 313 24.48 -39.64 -13.43
CA GLN D 313 25.62 -38.80 -13.09
C GLN D 313 25.55 -38.33 -11.64
N SER D 314 24.35 -38.04 -11.13
CA SER D 314 24.23 -37.71 -9.72
C SER D 314 24.50 -38.91 -8.84
N GLY D 315 24.31 -40.13 -9.37
CA GLY D 315 24.46 -41.33 -8.58
C GLY D 315 23.51 -41.30 -7.40
N ASN D 316 22.28 -40.83 -7.64
CA ASN D 316 21.34 -40.59 -6.56
C ASN D 316 20.25 -41.63 -6.44
N SER D 317 20.19 -42.61 -7.34
CA SER D 317 19.35 -43.77 -7.10
C SER D 317 17.90 -43.35 -6.83
N PRO D 318 17.08 -43.18 -7.87
CA PRO D 318 15.81 -42.44 -7.77
C PRO D 318 14.89 -42.74 -6.59
N MET D 319 15.26 -43.67 -5.70
CA MET D 319 14.44 -44.03 -4.55
C MET D 319 13.82 -42.80 -3.88
N GLY D 320 14.48 -41.64 -3.95
CA GLY D 320 13.92 -40.44 -3.37
C GLY D 320 12.48 -40.14 -3.78
N MET D 321 11.99 -40.76 -4.86
CA MET D 321 10.60 -40.60 -5.27
C MET D 321 9.64 -41.42 -4.42
N VAL D 322 10.02 -42.61 -3.98
CA VAL D 322 9.23 -43.39 -3.04
C VAL D 322 9.64 -42.89 -1.65
N LEU D 323 8.75 -42.13 -1.03
CA LEU D 323 9.09 -41.52 0.26
C LEU D 323 8.63 -42.42 1.39
N ASP D 324 9.58 -43.13 1.98
CA ASP D 324 9.43 -43.79 3.26
C ASP D 324 9.65 -42.70 4.31
N ALA D 325 10.05 -43.07 5.53
CA ALA D 325 9.88 -42.23 6.72
C ALA D 325 9.94 -40.74 6.40
N VAL D 326 8.91 -40.03 6.85
CA VAL D 326 8.61 -38.68 6.37
C VAL D 326 9.03 -37.68 7.44
N PRO D 327 9.82 -36.65 7.11
CA PRO D 327 10.31 -35.73 8.14
C PRO D 327 9.36 -34.59 8.48
N VAL D 328 9.42 -34.20 9.75
CA VAL D 328 8.51 -33.24 10.35
C VAL D 328 9.27 -31.96 10.67
N ILE D 329 8.77 -30.86 10.13
CA ILE D 329 9.37 -29.52 10.22
C ILE D 329 9.35 -29.02 11.66
N PRO D 330 10.33 -28.25 12.12
CA PRO D 330 10.40 -27.91 13.55
C PRO D 330 9.18 -27.12 14.00
N PRO D 331 8.80 -27.26 15.28
CA PRO D 331 7.55 -26.65 15.73
C PRO D 331 7.49 -25.14 15.54
N GLU D 332 8.60 -24.43 15.72
CA GLU D 332 8.54 -22.98 15.73
C GLU D 332 8.26 -22.40 14.34
N LEU D 333 8.68 -23.09 13.28
CA LEU D 333 8.41 -22.60 11.93
C LEU D 333 6.94 -22.67 11.58
N ARG D 334 6.13 -23.39 12.37
CA ARG D 334 4.68 -23.52 12.19
C ARG D 334 4.03 -23.15 13.51
N PRO D 335 4.11 -21.88 13.92
CA PRO D 335 3.80 -21.53 15.30
C PRO D 335 2.33 -21.71 15.65
N MET D 336 2.08 -22.08 16.91
CA MET D 336 0.75 -22.00 17.50
C MET D 336 0.65 -20.78 18.41
N VAL D 337 0.72 -19.57 17.83
CA VAL D 337 0.63 -18.37 18.66
C VAL D 337 -0.76 -18.26 19.27
N GLN D 338 -0.82 -17.80 20.51
CA GLN D 338 -2.07 -17.52 21.22
C GLN D 338 -2.26 -16.02 21.22
N LEU D 339 -3.18 -15.53 20.39
CA LEU D 339 -3.56 -14.13 20.46
C LEU D 339 -4.30 -13.88 21.77
N ASP D 340 -3.93 -12.80 22.45
CA ASP D 340 -4.50 -12.49 23.76
C ASP D 340 -6.03 -12.55 23.71
N GLY D 341 -6.59 -13.23 24.70
CA GLY D 341 -8.00 -13.57 24.71
C GLY D 341 -8.28 -15.06 24.61
N GLY D 342 -7.23 -15.86 24.45
CA GLY D 342 -7.38 -17.30 24.34
C GLY D 342 -7.52 -17.81 22.92
N ARG D 343 -7.87 -16.94 21.97
CA ARG D 343 -7.94 -17.36 20.59
C ARG D 343 -6.57 -17.83 20.13
N PHE D 344 -6.46 -19.11 19.85
CA PHE D 344 -5.22 -19.66 19.32
C PHE D 344 -5.14 -19.40 17.83
N ALA D 345 -3.91 -19.41 17.33
CA ALA D 345 -3.64 -19.19 15.92
C ALA D 345 -2.76 -20.32 15.42
N THR D 346 -3.33 -21.19 14.61
CA THR D 346 -2.56 -22.24 13.95
C THR D 346 -1.73 -21.62 12.83
N SER D 347 -1.06 -22.47 12.05
CA SER D 347 -0.32 -22.02 10.88
C SER D 347 -0.71 -22.82 9.64
N ASP D 348 -1.70 -23.71 9.78
CA ASP D 348 -2.26 -24.45 8.66
C ASP D 348 -1.33 -25.52 8.14
N LEU D 349 -0.08 -25.53 8.61
CA LEU D 349 0.77 -26.70 8.43
C LEU D 349 0.53 -27.68 9.56
N ASN D 350 0.06 -27.18 10.69
CA ASN D 350 -0.38 -28.04 11.78
C ASN D 350 -1.52 -28.93 11.32
N ASP D 351 -2.49 -28.35 10.61
CA ASP D 351 -3.67 -29.12 10.22
C ASP D 351 -3.32 -30.20 9.20
N LEU D 352 -2.50 -29.86 8.21
CA LEU D 352 -2.13 -30.83 7.19
C LEU D 352 -1.32 -31.98 7.80
N TYR D 353 -0.35 -31.63 8.65
CA TYR D 353 0.42 -32.66 9.33
C TYR D 353 -0.48 -33.55 10.17
N ARG D 354 -1.46 -32.95 10.85
CA ARG D 354 -2.40 -33.74 11.64
C ARG D 354 -3.17 -34.70 10.76
N ARG D 355 -3.61 -34.23 9.58
CA ARG D 355 -4.32 -35.13 8.68
C ARG D 355 -3.46 -36.32 8.32
N VAL D 356 -2.22 -36.07 7.90
CA VAL D 356 -1.35 -37.18 7.50
C VAL D 356 -1.15 -38.14 8.66
N ILE D 357 -0.95 -37.61 9.87
CA ILE D 357 -0.67 -38.47 11.01
C ILE D 357 -1.89 -39.31 11.36
N ASN D 358 -3.08 -38.70 11.34
CA ASN D 358 -4.30 -39.45 11.61
C ASN D 358 -4.43 -40.59 10.63
N ARG D 359 -4.24 -40.32 9.34
CA ARG D 359 -4.43 -41.35 8.34
C ARG D 359 -3.38 -42.44 8.46
N ASN D 360 -2.15 -42.08 8.81
CA ASN D 360 -1.12 -43.10 9.02
C ASN D 360 -1.47 -43.99 10.21
N ASN D 361 -1.92 -43.39 11.31
CA ASN D 361 -2.27 -44.19 12.48
C ASN D 361 -3.41 -45.14 12.15
N ARG D 362 -4.44 -44.63 11.47
CA ARG D 362 -5.57 -45.49 11.12
C ARG D 362 -5.14 -46.59 10.17
N LEU D 363 -4.23 -46.29 9.24
CA LEU D 363 -3.72 -47.32 8.35
C LEU D 363 -2.99 -48.41 9.12
N LYS D 364 -2.14 -48.01 10.07
CA LYS D 364 -1.45 -49.00 10.88
C LYS D 364 -2.47 -49.90 11.58
N ARG D 365 -3.48 -49.28 12.17
CA ARG D 365 -4.52 -50.03 12.87
C ARG D 365 -5.18 -51.04 11.95
N LEU D 366 -5.65 -50.57 10.78
CA LEU D 366 -6.33 -51.45 9.85
C LEU D 366 -5.44 -52.59 9.40
N ILE D 367 -4.15 -52.30 9.17
CA ILE D 367 -3.23 -53.36 8.80
C ILE D 367 -3.17 -54.41 9.89
N ASP D 368 -3.10 -53.99 11.16
CA ASP D 368 -3.06 -54.99 12.22
C ASP D 368 -4.32 -55.84 12.23
N LEU D 369 -5.49 -55.20 12.07
CA LEU D 369 -6.73 -55.97 12.10
C LEU D 369 -6.79 -56.97 10.95
N GLY D 370 -6.33 -56.59 9.77
CA GLY D 370 -6.41 -57.45 8.61
C GLY D 370 -7.67 -57.20 7.80
N ALA D 371 -7.99 -55.93 7.60
CA ALA D 371 -9.20 -55.56 6.90
C ALA D 371 -9.17 -56.08 5.46
N PRO D 372 -10.32 -56.20 4.81
CA PRO D 372 -10.33 -56.64 3.42
C PRO D 372 -9.58 -55.65 2.53
N GLU D 373 -9.16 -56.14 1.36
CA GLU D 373 -8.26 -55.35 0.53
C GLU D 373 -8.85 -53.99 0.18
N ILE D 374 -10.18 -53.91 0.15
CA ILE D 374 -10.86 -52.65 -0.16
C ILE D 374 -10.43 -51.57 0.84
N ILE D 375 -10.53 -51.88 2.13
CA ILE D 375 -10.31 -50.84 3.14
C ILE D 375 -8.84 -50.47 3.23
N VAL D 376 -7.97 -51.48 3.24
CA VAL D 376 -6.53 -51.20 3.34
C VAL D 376 -6.06 -50.41 2.13
N ASN D 377 -6.51 -50.77 0.93
CA ASN D 377 -6.08 -50.02 -0.25
C ASN D 377 -6.66 -48.62 -0.25
N ASN D 378 -7.91 -48.45 0.20
CA ASN D 378 -8.46 -47.11 0.31
C ASN D 378 -7.64 -46.26 1.27
N GLU D 379 -7.23 -46.84 2.39
CA GLU D 379 -6.49 -46.04 3.37
C GLU D 379 -5.07 -45.74 2.90
N LYS D 380 -4.45 -46.68 2.18
CA LYS D 380 -3.17 -46.34 1.56
C LYS D 380 -3.33 -45.23 0.55
N ARG D 381 -4.41 -45.27 -0.23
CA ARG D 381 -4.70 -44.18 -1.15
C ARG D 381 -4.83 -42.86 -0.42
N MET D 382 -5.47 -42.88 0.75
CA MET D 382 -5.67 -41.64 1.47
C MET D 382 -4.38 -41.15 2.10
N LEU D 383 -3.53 -42.05 2.59
CA LEU D 383 -2.20 -41.63 2.99
C LEU D 383 -1.51 -40.92 1.86
N GLN D 384 -1.36 -41.59 0.72
CA GLN D 384 -0.71 -41.00 -0.44
C GLN D 384 -1.31 -39.64 -0.77
N GLU D 385 -2.64 -39.55 -0.77
CA GLU D 385 -3.29 -38.29 -1.09
C GLU D 385 -2.89 -37.21 -0.12
N SER D 386 -2.82 -37.52 1.17
CA SER D 386 -2.56 -36.48 2.16
C SER D 386 -1.08 -36.07 2.17
N VAL D 387 -0.17 -37.03 1.97
CA VAL D 387 1.24 -36.67 1.83
C VAL D 387 1.42 -35.75 0.62
N ASP D 388 0.76 -36.10 -0.49
CA ASP D 388 0.81 -35.24 -1.66
C ASP D 388 0.23 -33.86 -1.36
N ALA D 389 -0.87 -33.81 -0.61
CA ALA D 389 -1.47 -32.54 -0.25
C ALA D 389 -0.49 -31.69 0.56
N LEU D 390 0.16 -32.30 1.54
CA LEU D 390 1.08 -31.56 2.40
C LEU D 390 2.26 -31.02 1.61
N PHE D 391 2.85 -31.83 0.73
CA PHE D 391 3.97 -31.32 -0.06
C PHE D 391 3.52 -30.38 -1.16
N ASP D 392 2.24 -30.40 -1.52
CA ASP D 392 1.68 -29.37 -2.38
C ASP D 392 0.16 -29.48 -2.37
N ASN D 393 -0.53 -28.39 -2.03
CA ASN D 393 -1.99 -28.37 -2.00
C ASN D 393 -2.51 -27.66 -3.24
N GLY D 394 -3.41 -28.32 -3.96
CA GLY D 394 -3.92 -27.84 -5.23
C GLY D 394 -3.43 -28.63 -6.42
N ARG D 395 -2.41 -29.46 -6.25
CA ARG D 395 -1.92 -30.36 -7.29
C ARG D 395 -2.57 -31.73 -7.13
N ARG D 396 -2.73 -32.42 -8.26
CA ARG D 396 -3.36 -33.74 -8.29
C ARG D 396 -4.72 -33.69 -7.58
N GLY D 397 -5.59 -32.84 -8.08
CA GLY D 397 -6.95 -32.74 -7.62
C GLY D 397 -7.26 -31.38 -7.04
N ARG D 398 -8.50 -31.25 -6.58
CA ARG D 398 -8.96 -29.99 -6.01
C ARG D 398 -8.24 -29.71 -4.70
N PRO D 399 -8.09 -28.43 -4.34
CA PRO D 399 -7.36 -28.10 -3.11
C PRO D 399 -8.06 -28.65 -1.88
N VAL D 400 -7.26 -29.11 -0.92
CA VAL D 400 -7.76 -29.44 0.41
C VAL D 400 -8.00 -28.12 1.14
N THR D 401 -9.24 -27.84 1.49
CA THR D 401 -9.65 -26.56 2.03
C THR D 401 -10.05 -26.71 3.49
N GLY D 402 -10.54 -25.65 4.10
CA GLY D 402 -10.98 -25.67 5.48
C GLY D 402 -12.06 -24.63 5.73
N PRO D 403 -11.99 -23.91 6.85
CA PRO D 403 -13.02 -22.90 7.11
C PRO D 403 -13.04 -21.84 6.04
N GLY D 404 -14.25 -21.35 5.74
CA GLY D 404 -14.40 -20.36 4.68
C GLY D 404 -13.99 -20.84 3.32
N ASN D 405 -13.90 -22.17 3.13
CA ASN D 405 -13.45 -22.77 1.88
C ASN D 405 -12.17 -22.12 1.37
N ARG D 406 -11.29 -21.74 2.30
CA ARG D 406 -9.98 -21.20 1.94
C ARG D 406 -9.01 -22.36 1.72
N PRO D 407 -8.33 -22.44 0.57
CA PRO D 407 -7.30 -23.47 0.41
C PRO D 407 -6.22 -23.32 1.47
N LEU D 408 -5.67 -24.46 1.90
CA LEU D 408 -4.65 -24.42 2.94
C LEU D 408 -3.33 -23.96 2.36
N LYS D 409 -2.26 -24.08 3.14
CA LYS D 409 -0.95 -23.55 2.76
C LYS D 409 0.07 -24.68 2.93
N SER D 410 0.19 -25.52 1.91
CA SER D 410 1.17 -26.59 1.94
C SER D 410 2.57 -25.99 1.94
N LEU D 411 3.56 -26.83 2.24
CA LEU D 411 4.94 -26.36 2.28
C LEU D 411 5.31 -25.68 0.97
N SER D 412 4.78 -26.18 -0.15
CA SER D 412 5.10 -25.60 -1.44
C SER D 412 4.61 -24.16 -1.54
N ASP D 413 3.41 -23.89 -1.04
CA ASP D 413 2.85 -22.54 -1.11
C ASP D 413 3.61 -21.58 -0.19
N LEU D 414 4.54 -22.10 0.59
CA LEU D 414 5.51 -21.29 1.30
C LEU D 414 6.81 -21.12 0.52
N LEU D 415 6.94 -21.79 -0.62
CA LEU D 415 8.18 -21.74 -1.40
C LEU D 415 7.88 -21.66 -2.89
N LYS D 416 6.78 -21.03 -3.27
CA LYS D 416 6.40 -20.93 -4.67
C LYS D 416 5.71 -19.60 -4.89
N GLY D 417 5.46 -19.29 -6.16
CA GLY D 417 4.69 -18.12 -6.53
C GLY D 417 5.25 -16.84 -5.94
N LYS D 418 4.36 -15.89 -5.63
CA LYS D 418 4.81 -14.58 -5.19
C LYS D 418 4.87 -14.49 -3.67
N GLN D 419 4.19 -15.40 -2.96
CA GLN D 419 4.16 -15.36 -1.50
C GLN D 419 5.11 -16.37 -0.86
N GLY D 420 5.80 -17.17 -1.66
CA GLY D 420 6.84 -18.00 -1.11
C GLY D 420 8.04 -17.16 -0.66
N ARG D 421 8.87 -17.76 0.19
CA ARG D 421 10.09 -17.07 0.60
C ARG D 421 10.92 -16.68 -0.62
N PHE D 422 10.85 -17.47 -1.68
CA PHE D 422 11.70 -17.28 -2.84
C PHE D 422 11.16 -16.19 -3.78
N ARG D 423 10.14 -15.46 -3.36
CA ARG D 423 9.74 -14.28 -4.11
C ARG D 423 9.25 -13.15 -3.21
N GLN D 424 9.67 -13.18 -1.95
CA GLN D 424 9.13 -12.33 -0.90
C GLN D 424 10.28 -12.07 0.05
N ASN D 425 10.03 -11.98 1.36
CA ASN D 425 10.95 -11.41 2.35
C ASN D 425 12.42 -11.65 2.05
N LEU D 426 12.75 -12.62 1.20
CA LEU D 426 14.05 -12.71 0.56
C LEU D 426 14.22 -11.68 -0.57
N LEU D 427 13.35 -10.67 -0.64
CA LEU D 427 13.56 -9.51 -1.53
C LEU D 427 13.74 -8.24 -0.70
N GLY D 428 12.86 -8.03 0.27
CA GLY D 428 12.90 -6.82 1.08
C GLY D 428 12.64 -7.14 2.53
N LYS D 429 13.29 -6.36 3.40
CA LYS D 429 13.25 -6.62 4.84
C LYS D 429 13.05 -5.32 5.58
N ARG D 430 12.08 -5.29 6.49
CA ARG D 430 11.99 -4.19 7.43
C ARG D 430 13.28 -4.13 8.24
N VAL D 431 13.74 -2.92 8.54
CA VAL D 431 15.02 -2.73 9.20
C VAL D 431 14.83 -1.85 10.42
N ASP D 432 15.55 -2.18 11.50
CA ASP D 432 15.62 -1.35 12.68
C ASP D 432 16.53 -0.16 12.42
N TYR D 433 16.60 0.75 13.38
CA TYR D 433 17.40 1.96 13.24
C TYR D 433 17.00 2.70 11.96
N SER D 434 15.72 3.01 11.88
CA SER D 434 15.12 3.57 10.69
C SER D 434 14.01 4.53 11.08
N GLY D 435 13.64 5.37 10.12
CA GLY D 435 12.52 6.27 10.30
C GLY D 435 12.11 6.83 8.96
N ARG D 436 11.04 7.62 8.99
CA ARG D 436 10.62 8.34 7.80
C ARG D 436 9.99 9.65 8.22
N SER D 437 9.87 10.57 7.26
CA SER D 437 9.11 11.79 7.54
C SER D 437 8.89 12.54 6.23
N VAL D 438 7.99 13.51 6.30
CA VAL D 438 7.70 14.39 5.18
C VAL D 438 8.84 15.38 5.05
N ILE D 439 9.11 15.81 3.82
CA ILE D 439 10.30 16.61 3.53
C ILE D 439 9.92 18.03 3.16
N VAL D 440 10.84 18.95 3.45
CA VAL D 440 10.72 20.36 3.11
C VAL D 440 12.06 20.81 2.54
N VAL D 441 12.03 21.93 1.85
CA VAL D 441 13.21 22.45 1.17
C VAL D 441 13.97 23.36 2.13
N GLY D 442 15.27 23.11 2.26
CA GLY D 442 16.13 24.01 3.01
C GLY D 442 17.14 24.69 2.12
N PRO D 443 16.92 25.97 1.79
CA PRO D 443 17.90 26.73 1.01
C PRO D 443 18.97 27.38 1.89
N GLN D 444 19.45 26.63 2.86
CA GLN D 444 20.51 27.05 3.76
C GLN D 444 21.56 25.97 3.98
N LEU D 445 21.22 24.71 3.76
CA LEU D 445 22.13 23.61 3.94
C LEU D 445 23.17 23.60 2.83
N LYS D 446 24.32 23.02 3.11
CA LYS D 446 25.26 22.71 2.05
C LYS D 446 24.85 21.39 1.42
N LEU D 447 25.49 21.07 0.29
CA LEU D 447 25.05 19.90 -0.45
C LEU D 447 25.20 18.62 0.37
N HIS D 448 26.24 18.53 1.19
CA HIS D 448 26.43 17.31 1.98
C HIS D 448 25.48 17.27 3.18
N GLN D 449 25.20 18.41 3.81
CA GLN D 449 24.37 18.40 5.00
C GLN D 449 22.93 18.05 4.66
N CYS D 450 22.14 17.83 5.70
CA CYS D 450 20.70 17.63 5.56
C CYS D 450 20.05 17.92 6.91
N GLY D 451 18.77 18.23 6.86
CA GLY D 451 18.02 18.42 8.08
C GLY D 451 17.63 17.11 8.71
N LEU D 452 17.29 17.19 9.99
CA LEU D 452 16.85 16.01 10.71
C LEU D 452 16.05 16.47 11.93
N PRO D 453 14.74 16.24 11.97
CA PRO D 453 13.98 16.71 13.14
C PRO D 453 14.50 16.09 14.42
N LYS D 454 14.62 16.91 15.45
CA LYS D 454 15.21 16.45 16.71
C LYS D 454 14.44 15.27 17.28
N LEU D 455 13.11 15.30 17.17
CA LEU D 455 12.26 14.23 17.70
C LEU D 455 12.39 12.96 16.88
N MET D 456 13.26 12.97 15.87
CA MET D 456 13.55 11.79 15.08
C MET D 456 15.02 11.42 15.12
N ALA D 457 15.90 12.30 15.58
CA ALA D 457 17.27 11.94 15.85
C ALA D 457 17.50 11.55 17.30
N LEU D 458 16.52 11.75 18.17
CA LEU D 458 16.62 11.23 19.52
C LEU D 458 16.09 9.81 19.65
N GLU D 459 15.45 9.27 18.62
CA GLU D 459 14.93 7.91 18.64
C GLU D 459 15.55 7.06 17.55
N LEU D 460 16.54 7.58 16.83
CA LEU D 460 17.39 6.79 15.96
C LEU D 460 18.77 6.54 16.56
N PHE D 461 19.37 7.58 17.14
CA PHE D 461 20.67 7.49 17.76
C PHE D 461 20.58 7.12 19.24
N LYS D 462 19.41 6.68 19.71
CA LYS D 462 19.14 6.59 21.13
C LYS D 462 20.22 5.81 21.86
N PRO D 463 20.74 4.72 21.32
CA PRO D 463 21.88 4.07 22.00
C PRO D 463 23.10 4.97 22.09
N PHE D 464 23.43 5.71 21.03
CA PHE D 464 24.61 6.57 21.07
C PHE D 464 24.46 7.64 22.13
N VAL D 465 23.32 8.34 22.14
CA VAL D 465 23.11 9.38 23.13
C VAL D 465 23.05 8.78 24.54
N MET D 466 22.50 7.57 24.66
CA MET D 466 22.49 6.89 25.95
C MET D 466 23.91 6.70 26.48
N LYS D 467 24.77 6.08 25.66
CA LYS D 467 26.15 5.89 26.09
C LYS D 467 26.80 7.22 26.42
N ARG D 468 26.60 8.22 25.57
CA ARG D 468 27.34 9.46 25.74
C ARG D 468 26.94 10.17 27.03
N LEU D 469 25.64 10.26 27.32
CA LEU D 469 25.23 10.93 28.54
C LEU D 469 25.31 10.01 29.75
N VAL D 470 25.73 8.77 29.58
CA VAL D 470 26.25 8.02 30.72
C VAL D 470 27.71 8.38 30.96
N ASP D 471 28.49 8.55 29.89
CA ASP D 471 29.91 8.83 30.03
C ASP D 471 30.16 10.20 30.66
N LEU D 472 29.23 11.14 30.50
CA LEU D 472 29.39 12.48 31.03
C LEU D 472 28.77 12.63 32.42
N ASN D 473 28.41 11.53 33.07
CA ASN D 473 27.96 11.52 34.45
C ASN D 473 26.64 12.25 34.64
N HIS D 474 25.79 12.29 33.61
CA HIS D 474 24.43 12.79 33.77
C HIS D 474 23.48 11.70 34.23
N ALA D 475 23.88 10.43 34.16
CA ALA D 475 23.06 9.33 34.63
C ALA D 475 23.94 8.36 35.41
N GLN D 476 23.34 7.75 36.44
CA GLN D 476 24.09 6.80 37.25
C GLN D 476 24.41 5.53 36.46
N ASN D 477 23.56 5.15 35.52
CA ASN D 477 23.74 3.93 34.76
C ASN D 477 22.87 4.00 33.52
N ILE D 478 22.76 2.87 32.80
CA ILE D 478 22.11 2.86 31.50
C ILE D 478 20.61 3.07 31.63
N LYS D 479 19.98 2.44 32.62
CA LYS D 479 18.52 2.55 32.73
C LYS D 479 18.09 3.99 32.95
N SER D 480 18.82 4.70 33.82
CA SER D 480 18.53 6.12 34.02
C SER D 480 18.65 6.89 32.72
N ALA D 481 19.66 6.56 31.92
CA ALA D 481 19.85 7.24 30.65
C ALA D 481 18.68 6.97 29.71
N LYS D 482 18.21 5.71 29.66
CA LYS D 482 17.08 5.39 28.79
C LYS D 482 15.84 6.18 29.20
N ARG D 483 15.54 6.19 30.50
CA ARG D 483 14.36 6.93 30.95
C ARG D 483 14.51 8.41 30.67
N MET D 484 15.69 8.97 30.95
CA MET D 484 15.92 10.40 30.74
C MET D 484 15.74 10.75 29.27
N VAL D 485 16.40 10.00 28.38
CA VAL D 485 16.28 10.25 26.95
C VAL D 485 14.82 10.15 26.52
N GLU D 486 14.13 9.10 26.98
CA GLU D 486 12.73 8.95 26.62
C GLU D 486 11.86 10.09 27.14
N ARG D 487 12.29 10.78 28.20
CA ARG D 487 11.55 11.92 28.71
C ARG D 487 12.10 13.25 28.21
N GLN D 488 13.07 13.20 27.29
CA GLN D 488 13.59 14.41 26.64
C GLN D 488 14.01 15.44 27.68
N ARG D 489 14.84 15.00 28.62
CA ARG D 489 15.29 15.88 29.68
C ARG D 489 16.28 16.91 29.14
N PRO D 490 16.24 18.14 29.65
CA PRO D 490 16.94 19.27 28.99
C PRO D 490 18.31 18.99 28.39
N GLN D 491 19.15 18.19 29.05
CA GLN D 491 20.51 18.03 28.61
C GLN D 491 20.72 16.89 27.63
N VAL D 492 19.66 16.19 27.22
CA VAL D 492 19.82 15.18 26.18
C VAL D 492 20.20 15.84 24.87
N TRP D 493 19.60 16.99 24.58
CA TRP D 493 19.85 17.66 23.30
C TRP D 493 21.31 18.02 23.13
N ASP D 494 21.93 18.57 24.19
CA ASP D 494 23.31 19.01 24.08
C ASP D 494 24.22 17.84 23.75
N VAL D 495 23.97 16.68 24.35
CA VAL D 495 24.72 15.47 23.99
C VAL D 495 24.37 15.03 22.57
N LEU D 496 23.11 15.19 22.17
CA LEU D 496 22.68 14.73 20.86
C LEU D 496 23.45 15.41 19.73
N GLU D 497 23.76 16.70 19.88
CA GLU D 497 24.58 17.36 18.86
C GLU D 497 25.95 16.70 18.78
N GLU D 498 26.52 16.33 19.92
CA GLU D 498 27.86 15.74 19.92
C GLU D 498 27.84 14.36 19.28
N VAL D 499 26.81 13.56 19.54
CA VAL D 499 26.78 12.23 18.94
C VAL D 499 26.37 12.26 17.47
N ILE D 500 25.86 13.40 16.99
CA ILE D 500 25.42 13.49 15.60
C ILE D 500 26.55 13.92 14.69
N ALA D 501 27.37 14.87 15.13
CA ALA D 501 28.34 15.50 14.25
C ALA D 501 29.24 14.46 13.59
N GLU D 502 29.34 14.51 12.27
CA GLU D 502 30.16 13.61 11.47
C GLU D 502 29.70 12.15 11.64
N HIS D 503 28.45 11.92 11.26
CA HIS D 503 27.91 10.56 11.28
C HIS D 503 26.81 10.45 10.24
N PRO D 504 27.08 9.88 9.06
CA PRO D 504 26.11 9.92 7.97
C PRO D 504 24.77 9.29 8.28
N VAL D 505 23.74 9.68 7.53
CA VAL D 505 22.43 9.05 7.61
C VAL D 505 21.88 8.93 6.20
N LEU D 506 21.78 7.71 5.69
CA LEU D 506 21.28 7.51 4.33
C LEU D 506 19.85 7.97 4.24
N LEU D 507 19.56 8.81 3.24
CA LEU D 507 18.23 9.38 3.04
C LEU D 507 17.69 8.82 1.73
N ASN D 508 16.85 7.79 1.82
CA ASN D 508 16.30 7.12 0.67
C ASN D 508 14.92 7.67 0.34
N ARG D 509 14.58 7.65 -0.94
CA ARG D 509 13.22 7.91 -1.40
C ARG D 509 12.69 6.70 -2.14
N ALA D 510 11.36 6.60 -2.20
CA ALA D 510 10.68 5.48 -2.85
C ALA D 510 9.72 6.02 -3.89
N PRO D 511 9.76 5.54 -5.14
CA PRO D 511 10.54 4.42 -5.67
C PRO D 511 12.00 4.76 -5.90
N THR D 512 12.91 3.84 -5.57
CA THR D 512 14.33 4.03 -5.81
C THR D 512 14.66 3.68 -7.27
N LEU D 513 14.13 4.52 -8.17
CA LEU D 513 14.22 4.25 -9.60
C LEU D 513 15.64 3.92 -10.02
N HIS D 514 16.62 4.72 -9.60
CA HIS D 514 18.00 4.47 -9.99
C HIS D 514 18.97 4.67 -8.83
N ARG D 515 20.26 4.65 -9.15
CA ARG D 515 21.29 4.49 -8.13
C ARG D 515 21.30 5.63 -7.13
N LEU D 516 20.89 6.83 -7.52
CA LEU D 516 20.94 7.98 -6.65
C LEU D 516 19.66 8.14 -5.81
N GLY D 517 18.83 7.10 -5.73
CA GLY D 517 17.72 7.14 -4.81
C GLY D 517 18.15 7.05 -3.37
N ILE D 518 19.35 6.54 -3.11
CA ILE D 518 19.93 6.49 -1.77
C ILE D 518 21.22 7.32 -1.80
N GLN D 519 21.32 8.26 -0.86
CA GLN D 519 22.51 9.10 -0.72
C GLN D 519 22.75 9.35 0.76
N ALA D 520 24.00 9.60 1.12
CA ALA D 520 24.39 9.76 2.51
C ALA D 520 24.66 11.22 2.80
N PHE D 521 24.00 11.76 3.81
CA PHE D 521 24.17 13.14 4.21
C PHE D 521 24.66 13.19 5.65
N GLU D 522 25.47 14.19 5.97
CA GLU D 522 25.77 14.43 7.37
C GLU D 522 24.56 15.11 8.00
N PRO D 523 23.92 14.50 9.00
CA PRO D 523 22.73 15.13 9.57
C PRO D 523 23.07 16.45 10.23
N MET D 524 22.09 17.35 10.23
CA MET D 524 22.17 18.60 10.97
C MET D 524 20.86 18.77 11.70
N LEU D 525 20.91 18.77 13.04
CA LEU D 525 19.70 18.83 13.83
C LEU D 525 18.96 20.13 13.57
N VAL D 526 17.72 20.02 13.12
CA VAL D 526 16.85 21.16 12.88
C VAL D 526 15.51 20.91 13.56
N GLU D 527 14.83 22.00 13.90
CA GLU D 527 13.58 21.90 14.64
C GLU D 527 12.46 21.51 13.67
N GLY D 528 11.22 21.62 14.12
CA GLY D 528 10.10 21.15 13.34
C GLY D 528 10.01 19.64 13.39
N LYS D 529 9.22 19.09 12.46
CA LYS D 529 9.10 17.64 12.34
C LYS D 529 9.21 17.18 10.88
N ALA D 530 9.77 18.01 10.02
CA ALA D 530 9.90 17.70 8.59
C ALA D 530 11.37 17.68 8.23
N ILE D 531 11.82 16.57 7.65
CA ILE D 531 13.20 16.43 7.19
C ILE D 531 13.50 17.53 6.17
N GLN D 532 14.47 18.39 6.48
CA GLN D 532 14.86 19.44 5.55
C GLN D 532 15.87 18.87 4.57
N LEU D 533 15.50 18.84 3.31
CA LEU D 533 16.34 18.29 2.24
C LEU D 533 16.96 19.42 1.45
N HIS D 534 18.21 19.24 1.07
CA HIS D 534 18.88 20.23 0.24
C HIS D 534 18.21 20.28 -1.13
N PRO D 535 17.97 21.47 -1.70
CA PRO D 535 17.16 21.56 -2.91
C PRO D 535 17.82 21.03 -4.18
N LEU D 536 19.13 20.81 -4.18
CA LEU D 536 19.84 20.39 -5.39
C LEU D 536 19.89 18.88 -5.57
N VAL D 537 19.31 18.11 -4.66
CA VAL D 537 19.16 16.68 -4.84
C VAL D 537 17.73 16.31 -5.20
N CYS D 538 16.86 17.30 -5.43
CA CYS D 538 15.50 17.00 -5.83
C CYS D 538 15.47 16.34 -7.21
N GLU D 539 16.39 16.71 -8.09
CA GLU D 539 16.39 16.11 -9.42
C GLU D 539 16.78 14.65 -9.37
N ALA D 540 17.74 14.29 -8.52
CA ALA D 540 18.10 12.88 -8.38
C ALA D 540 17.00 12.08 -7.72
N PHE D 541 16.45 12.58 -6.62
CA PHE D 541 15.37 11.88 -5.93
C PHE D 541 14.05 11.96 -6.66
N ASN D 542 13.93 12.81 -7.69
CA ASN D 542 12.66 13.07 -8.34
C ASN D 542 11.61 13.48 -7.32
N ALA D 543 12.02 14.37 -6.43
CA ALA D 543 11.26 14.72 -5.23
C ALA D 543 10.78 16.16 -5.33
N ASP D 544 9.54 16.34 -5.75
CA ASP D 544 8.84 17.59 -5.48
C ASP D 544 8.43 17.62 -4.01
N PHE D 545 7.91 18.77 -3.58
CA PHE D 545 7.56 18.97 -2.19
C PHE D 545 6.04 19.05 -2.00
N ASP D 546 5.31 18.31 -2.81
CA ASP D 546 3.86 18.22 -2.67
C ASP D 546 3.43 17.30 -1.54
N GLY D 547 4.37 16.85 -0.70
CA GLY D 547 4.07 15.95 0.38
C GLY D 547 4.81 14.63 0.26
N ASP D 548 5.93 14.63 -0.45
CA ASP D 548 6.75 13.43 -0.53
C ASP D 548 7.32 13.11 0.85
N GLN D 549 7.59 11.83 1.07
CA GLN D 549 8.18 11.36 2.32
C GLN D 549 9.46 10.62 1.99
N MET D 550 10.41 10.67 2.91
CA MET D 550 11.68 9.97 2.73
C MET D 550 12.04 9.21 3.98
N ALA D 551 12.80 8.14 3.79
CA ALA D 551 13.18 7.24 4.86
C ALA D 551 14.64 7.47 5.23
N VAL D 552 14.88 7.74 6.49
CA VAL D 552 16.23 7.87 7.03
C VAL D 552 16.64 6.53 7.60
N HIS D 553 17.74 6.00 7.11
CA HIS D 553 18.36 4.82 7.68
C HIS D 553 19.56 5.26 8.50
N LEU D 554 20.26 4.30 9.06
CA LEU D 554 21.42 4.62 9.90
C LEU D 554 22.49 3.55 9.77
N PRO D 555 23.61 3.84 9.12
CA PRO D 555 24.71 2.87 9.14
C PRO D 555 25.34 2.81 10.53
N LEU D 556 25.79 1.61 10.91
CA LEU D 556 26.31 1.37 12.24
C LEU D 556 27.80 1.06 12.24
N SER D 557 28.23 0.05 11.52
CA SER D 557 29.60 -0.41 11.62
C SER D 557 30.55 0.61 11.03
N ALA D 558 31.84 0.46 11.35
CA ALA D 558 32.84 1.35 10.78
C ALA D 558 32.84 1.28 9.26
N GLU D 559 32.72 0.08 8.70
CA GLU D 559 32.67 -0.05 7.25
C GLU D 559 31.47 0.70 6.68
N ALA D 560 30.32 0.62 7.33
CA ALA D 560 29.11 1.24 6.78
C ALA D 560 29.22 2.75 6.77
N GLN D 561 29.67 3.34 7.88
CA GLN D 561 29.81 4.79 7.91
C GLN D 561 30.92 5.27 6.98
N ALA D 562 31.99 4.50 6.82
CA ALA D 562 32.99 4.83 5.82
C ALA D 562 32.39 4.79 4.42
N GLU D 563 31.54 3.79 4.16
CA GLU D 563 30.88 3.69 2.87
C GLU D 563 30.05 4.93 2.59
N ALA D 564 29.25 5.34 3.56
CA ALA D 564 28.45 6.54 3.39
C ALA D 564 29.31 7.78 3.20
N ARG D 565 30.32 7.95 4.05
CA ARG D 565 31.14 9.15 4.02
C ARG D 565 31.95 9.27 2.74
N ILE D 566 32.30 8.15 2.11
CA ILE D 566 33.19 8.15 0.96
C ILE D 566 32.44 7.92 -0.34
N LEU D 567 31.60 6.89 -0.40
CA LEU D 567 30.97 6.47 -1.64
C LEU D 567 29.68 7.23 -1.93
N MET D 568 28.78 7.31 -0.95
CA MET D 568 27.41 7.75 -1.18
C MET D 568 27.17 9.19 -0.76
N LEU D 569 28.17 9.88 -0.23
CA LEU D 569 27.97 11.26 0.18
C LEU D 569 27.56 12.09 -1.03
N SER D 570 26.61 12.99 -0.83
CA SER D 570 26.01 13.69 -1.96
C SER D 570 27.05 14.43 -2.77
N SER D 571 27.98 15.11 -2.09
CA SER D 571 28.93 15.95 -2.81
C SER D 571 29.76 15.14 -3.80
N ASN D 572 30.01 13.87 -3.49
CA ASN D 572 30.81 13.05 -4.41
C ASN D 572 30.00 12.56 -5.59
N ASN D 573 28.72 12.24 -5.39
CA ASN D 573 27.86 11.78 -6.47
C ASN D 573 27.08 12.95 -7.05
N ILE D 574 27.79 13.76 -7.80
CA ILE D 574 27.20 14.88 -8.52
C ILE D 574 26.70 14.45 -9.88
N LEU D 575 27.59 13.83 -10.66
CA LEU D 575 27.28 13.42 -12.02
C LEU D 575 26.33 12.24 -12.02
N SER D 576 25.60 12.10 -13.10
CA SER D 576 24.65 11.02 -13.24
C SER D 576 25.35 9.74 -13.69
N PRO D 577 24.80 8.57 -13.39
CA PRO D 577 25.43 7.33 -13.86
C PRO D 577 25.22 7.06 -15.33
N ALA D 578 24.17 7.64 -15.93
CA ALA D 578 23.81 7.26 -17.29
C ALA D 578 24.66 7.98 -18.33
N SER D 579 24.57 9.30 -18.39
CA SER D 579 25.20 10.07 -19.44
C SER D 579 26.26 11.03 -18.94
N GLY D 580 26.48 11.12 -17.64
CA GLY D 580 27.51 11.99 -17.11
C GLY D 580 27.16 13.45 -17.02
N ARG D 581 25.92 13.82 -17.35
CA ARG D 581 25.48 15.18 -17.13
C ARG D 581 25.22 15.39 -15.63
N PRO D 582 25.50 16.58 -15.10
CA PRO D 582 25.30 16.81 -13.68
C PRO D 582 23.84 16.76 -13.30
N LEU D 583 23.58 16.26 -12.09
CA LEU D 583 22.25 16.30 -11.49
C LEU D 583 22.16 17.21 -10.28
N ALA D 584 23.27 17.76 -9.82
CA ALA D 584 23.22 18.90 -8.91
C ALA D 584 23.21 20.21 -9.65
N MET D 585 23.12 20.17 -10.98
CA MET D 585 22.96 21.38 -11.76
C MET D 585 21.86 22.24 -11.16
N PRO D 586 22.08 23.55 -11.03
CA PRO D 586 20.99 24.41 -10.56
C PRO D 586 19.84 24.39 -11.55
N ARG D 587 18.64 24.02 -11.11
CA ARG D 587 17.48 23.85 -11.95
C ARG D 587 16.40 24.86 -11.54
N LEU D 588 15.26 24.83 -12.24
CA LEU D 588 14.09 25.64 -11.94
C LEU D 588 14.43 27.05 -11.46
N ASP D 589 14.17 27.35 -10.19
CA ASP D 589 14.19 28.72 -9.70
C ASP D 589 15.57 29.34 -9.84
N MET D 590 16.59 28.54 -9.52
CA MET D 590 17.95 29.04 -9.52
C MET D 590 18.38 29.45 -10.91
N VAL D 591 17.93 28.72 -11.93
CA VAL D 591 18.27 29.05 -13.30
C VAL D 591 17.66 30.38 -13.70
N THR D 592 16.42 30.64 -13.28
CA THR D 592 15.82 31.93 -13.57
C THR D 592 16.59 33.04 -12.89
N GLY D 593 17.01 32.82 -11.64
CA GLY D 593 17.82 33.82 -10.97
C GLY D 593 19.09 34.14 -11.73
N LEU D 594 19.82 33.09 -12.14
CA LEU D 594 21.09 33.30 -12.82
C LEU D 594 20.89 33.90 -14.21
N TYR D 595 19.84 33.49 -14.92
CA TYR D 595 19.51 34.16 -16.18
C TYR D 595 19.33 35.65 -15.95
N TYR D 596 18.39 36.04 -15.10
CA TYR D 596 18.17 37.45 -14.86
C TYR D 596 19.45 38.15 -14.42
N LEU D 597 20.31 37.44 -13.69
CA LEU D 597 21.56 38.03 -13.24
C LEU D 597 22.50 38.32 -14.40
N THR D 598 22.57 37.42 -15.39
CA THR D 598 23.55 37.54 -16.46
C THR D 598 22.97 38.05 -17.77
N THR D 599 21.67 38.25 -17.86
CA THR D 599 21.12 38.79 -19.10
C THR D 599 21.54 40.25 -19.23
N GLU D 600 21.47 40.76 -20.46
CA GLU D 600 21.95 42.08 -20.80
C GLU D 600 20.82 42.89 -21.43
N VAL D 601 20.62 44.09 -20.94
CA VAL D 601 19.53 44.97 -21.37
C VAL D 601 20.14 46.17 -22.09
N PRO D 602 20.02 46.27 -23.42
CA PRO D 602 20.43 47.53 -24.07
C PRO D 602 19.53 48.67 -23.65
N GLY D 603 20.12 49.86 -23.57
CA GLY D 603 19.37 51.02 -23.13
C GLY D 603 19.04 51.05 -21.65
N ASP D 604 19.89 50.45 -20.83
CA ASP D 604 19.67 50.41 -19.39
C ASP D 604 20.40 51.58 -18.71
N THR D 605 20.21 51.69 -17.40
CA THR D 605 20.72 52.82 -16.65
C THR D 605 22.22 52.65 -16.38
N GLY D 606 23.02 53.58 -16.88
CA GLY D 606 24.44 53.60 -16.59
C GLY D 606 25.27 52.77 -17.54
N GLU D 607 24.94 52.81 -18.83
CA GLU D 607 25.71 52.07 -19.82
C GLU D 607 27.05 52.74 -20.06
N TYR D 608 27.88 52.08 -20.86
CA TYR D 608 29.11 52.68 -21.39
C TYR D 608 28.81 53.26 -22.77
N GLN D 609 28.83 54.58 -22.89
CA GLN D 609 28.78 55.21 -24.19
C GLN D 609 30.04 56.04 -24.40
N PRO D 610 30.69 55.94 -25.57
CA PRO D 610 31.96 56.66 -25.76
C PRO D 610 31.75 58.10 -26.20
N ALA D 611 30.53 58.61 -26.09
CA ALA D 611 30.24 59.98 -26.53
C ALA D 611 31.16 60.95 -25.81
N SER D 612 31.68 61.92 -26.58
CA SER D 612 32.73 62.81 -26.09
C SER D 612 32.44 64.21 -26.60
N GLY D 613 33.43 65.08 -26.49
CA GLY D 613 33.29 66.48 -26.87
C GLY D 613 32.76 67.35 -25.76
N ASP D 614 31.62 66.96 -25.19
CA ASP D 614 31.02 67.68 -24.07
C ASP D 614 31.32 67.05 -22.73
N HIS D 615 31.43 65.73 -22.66
CA HIS D 615 31.69 65.04 -21.40
C HIS D 615 32.31 63.68 -21.71
N PRO D 616 33.09 63.12 -20.78
CA PRO D 616 33.74 61.83 -21.05
C PRO D 616 32.78 60.64 -21.06
N GLU D 617 33.33 59.43 -21.13
CA GLU D 617 32.50 58.26 -21.42
C GLU D 617 31.52 57.93 -20.29
N THR D 618 31.91 58.08 -19.04
CA THR D 618 31.04 57.79 -17.90
C THR D 618 30.55 56.35 -17.94
N GLY D 619 31.45 55.44 -18.34
CA GLY D 619 31.13 54.01 -18.33
C GLY D 619 32.15 53.16 -17.63
N VAL D 620 33.36 53.67 -17.47
CA VAL D 620 34.45 52.90 -16.90
C VAL D 620 34.27 52.80 -15.39
N TYR D 621 34.72 51.69 -14.82
CA TYR D 621 34.69 51.47 -13.38
C TYR D 621 35.98 50.79 -12.97
N SER D 622 36.69 51.39 -12.02
CA SER D 622 38.04 50.93 -11.70
C SER D 622 38.06 49.54 -11.09
N SER D 623 36.98 49.11 -10.45
CA SER D 623 36.97 47.81 -9.78
C SER D 623 35.54 47.35 -9.64
N PRO D 624 35.30 46.03 -9.55
CA PRO D 624 33.95 45.57 -9.24
C PRO D 624 33.45 46.05 -7.90
N ALA D 625 34.34 46.40 -6.97
CA ALA D 625 33.90 46.99 -5.70
C ALA D 625 33.24 48.34 -5.95
N GLU D 626 33.90 49.20 -6.73
CA GLU D 626 33.28 50.47 -7.10
C GLU D 626 31.99 50.24 -7.86
N ALA D 627 31.96 49.21 -8.70
CA ALA D 627 30.74 48.92 -9.46
C ALA D 627 29.60 48.54 -8.51
N ILE D 628 29.89 47.74 -7.50
CA ILE D 628 28.85 47.36 -6.54
C ILE D 628 28.38 48.59 -5.75
N MET D 629 29.31 49.47 -5.38
CA MET D 629 28.91 50.69 -4.68
C MET D 629 28.01 51.55 -5.56
N ALA D 630 28.37 51.72 -6.83
CA ALA D 630 27.53 52.47 -7.75
C ALA D 630 26.22 51.75 -8.06
N ALA D 631 26.15 50.45 -7.82
CA ALA D 631 24.91 49.71 -7.97
C ALA D 631 24.00 49.86 -6.77
N ASP D 632 24.57 49.94 -5.56
CA ASP D 632 23.76 50.22 -4.38
C ASP D 632 23.12 51.59 -4.48
N ARG D 633 23.91 52.61 -4.80
CA ARG D 633 23.34 53.85 -5.28
C ARG D 633 22.66 53.58 -6.61
N GLY D 634 21.62 54.37 -6.91
CA GLY D 634 20.78 54.07 -8.05
C GLY D 634 21.34 54.46 -9.40
N VAL D 635 22.67 54.45 -9.54
CA VAL D 635 23.30 54.83 -10.79
C VAL D 635 23.39 53.63 -11.72
N LEU D 636 24.07 52.59 -11.27
CA LEU D 636 24.31 51.44 -12.14
C LEU D 636 23.23 50.39 -11.97
N SER D 637 22.60 50.02 -13.07
CA SER D 637 21.80 48.80 -13.10
C SER D 637 22.71 47.59 -13.15
N VAL D 638 22.21 46.46 -12.66
CA VAL D 638 23.03 45.27 -12.61
C VAL D 638 23.28 44.71 -14.00
N ARG D 639 22.48 45.09 -14.99
CA ARG D 639 22.50 44.47 -16.31
C ARG D 639 22.86 45.45 -17.41
N ALA D 640 23.62 46.48 -17.10
CA ALA D 640 24.07 47.44 -18.10
C ALA D 640 25.48 47.09 -18.56
N LYS D 641 25.81 47.51 -19.78
CA LYS D 641 27.12 47.23 -20.36
C LYS D 641 28.09 48.30 -19.89
N ILE D 642 29.18 47.87 -19.26
CA ILE D 642 30.20 48.74 -18.70
C ILE D 642 31.56 48.13 -18.96
N LYS D 643 32.60 48.90 -18.64
CA LYS D 643 33.99 48.50 -18.85
C LYS D 643 34.65 48.46 -17.48
N VAL D 644 34.80 47.27 -16.92
CA VAL D 644 35.43 47.11 -15.61
C VAL D 644 36.89 46.74 -15.80
N ARG D 645 37.69 46.92 -14.76
CA ARG D 645 39.11 46.60 -14.78
C ARG D 645 39.34 45.53 -13.73
N LEU D 646 39.37 44.27 -14.15
CA LEU D 646 39.44 43.15 -13.24
C LEU D 646 40.87 42.76 -12.93
N THR D 647 41.06 42.25 -11.71
CA THR D 647 42.36 41.80 -11.24
C THR D 647 42.32 40.44 -10.56
N GLN D 648 41.13 39.84 -10.43
CA GLN D 648 40.99 38.55 -9.76
C GLN D 648 40.22 37.54 -10.60
N LEU D 649 40.07 37.77 -11.90
CA LEU D 649 39.32 36.88 -12.78
C LEU D 649 40.12 36.63 -14.03
N ARG D 650 40.07 35.39 -14.53
CA ARG D 650 40.89 35.01 -15.66
C ARG D 650 40.19 35.38 -16.96
N PRO D 651 40.81 36.15 -17.85
CA PRO D 651 40.14 36.53 -19.08
C PRO D 651 39.96 35.34 -20.00
N PRO D 652 39.08 35.43 -20.99
CA PRO D 652 38.93 34.34 -21.95
C PRO D 652 40.22 34.13 -22.73
N VAL D 653 40.26 33.01 -23.45
CA VAL D 653 41.52 32.55 -24.04
C VAL D 653 42.08 33.60 -25.00
N GLU D 654 41.23 34.17 -25.85
CA GLU D 654 41.73 35.12 -26.85
C GLU D 654 42.35 36.34 -26.17
N ILE D 655 41.70 36.89 -25.15
CA ILE D 655 42.24 38.08 -24.52
C ILE D 655 43.49 37.73 -23.73
N GLU D 656 43.55 36.54 -23.15
CA GLU D 656 44.77 36.13 -22.46
C GLU D 656 45.95 36.03 -23.43
N ALA D 657 45.72 35.41 -24.59
CA ALA D 657 46.78 35.31 -25.59
C ALA D 657 47.12 36.67 -26.20
N GLU D 658 46.19 37.63 -26.15
CA GLU D 658 46.47 38.96 -26.66
C GLU D 658 47.32 39.76 -25.69
N LEU D 659 46.81 39.95 -24.46
CA LEU D 659 47.47 40.83 -23.50
C LEU D 659 48.69 40.19 -22.86
N PHE D 660 48.69 38.87 -22.69
CA PHE D 660 49.78 38.18 -22.01
C PHE D 660 50.42 37.07 -22.83
N GLY D 661 49.77 36.57 -23.88
CA GLY D 661 50.37 35.60 -24.75
C GLY D 661 50.37 34.19 -24.19
N HIS D 662 51.21 33.95 -23.19
CA HIS D 662 51.47 32.59 -22.71
C HIS D 662 51.12 32.37 -21.25
N SER D 663 51.55 33.25 -20.36
CA SER D 663 51.57 32.95 -18.93
C SER D 663 51.01 34.11 -18.11
N GLY D 664 49.85 34.62 -18.51
CA GLY D 664 49.18 35.58 -17.66
C GLY D 664 48.61 34.91 -16.42
N TRP D 665 49.26 35.09 -15.28
CA TRP D 665 48.73 34.60 -14.01
C TRP D 665 47.94 35.74 -13.37
N GLN D 666 46.75 35.42 -12.92
CA GLN D 666 45.71 36.42 -12.68
C GLN D 666 45.79 37.13 -11.33
N PRO D 667 46.10 36.45 -10.23
CA PRO D 667 45.97 37.11 -8.91
C PRO D 667 46.61 38.48 -8.83
N GLY D 668 47.57 38.80 -9.70
CA GLY D 668 48.20 40.11 -9.70
C GLY D 668 47.88 40.93 -10.94
N ASP D 669 47.70 40.26 -12.08
CA ASP D 669 47.55 40.98 -13.34
C ASP D 669 46.21 41.71 -13.39
N ALA D 670 46.17 42.73 -14.23
CA ALA D 670 44.99 43.57 -14.40
C ALA D 670 44.62 43.63 -15.87
N TRP D 671 43.32 43.65 -16.17
CA TRP D 671 42.88 43.70 -17.55
C TRP D 671 41.46 44.23 -17.61
N MET D 672 41.14 44.97 -18.67
CA MET D 672 39.83 45.56 -18.83
C MET D 672 38.90 44.63 -19.60
N ALA D 673 37.60 44.81 -19.38
CA ALA D 673 36.60 44.04 -20.10
C ALA D 673 35.30 44.80 -20.18
N GLU D 674 34.70 44.81 -21.37
CA GLU D 674 33.36 45.34 -21.59
C GLU D 674 32.38 44.21 -21.33
N THR D 675 31.84 44.17 -20.12
CA THR D 675 30.83 43.19 -19.75
C THR D 675 29.74 43.87 -18.94
N THR D 676 28.81 43.10 -18.41
CA THR D 676 27.84 43.63 -17.45
C THR D 676 28.33 43.29 -16.04
N LEU D 677 27.84 44.06 -15.08
CA LEU D 677 28.20 43.78 -13.70
C LEU D 677 27.72 42.41 -13.27
N GLY D 678 26.54 42.00 -13.75
CA GLY D 678 26.02 40.71 -13.36
C GLY D 678 26.97 39.57 -13.72
N ARG D 679 27.57 39.64 -14.90
CA ARG D 679 28.46 38.56 -15.31
C ARG D 679 29.74 38.54 -14.49
N VAL D 680 30.23 39.70 -14.07
CA VAL D 680 31.38 39.72 -13.16
C VAL D 680 31.01 39.08 -11.84
N MET D 681 29.87 39.48 -11.26
CA MET D 681 29.43 38.89 -10.01
C MET D 681 29.20 37.39 -10.16
N PHE D 682 28.80 36.95 -11.34
CA PHE D 682 28.58 35.52 -11.58
C PHE D 682 29.90 34.77 -11.66
N ASN D 683 30.87 35.32 -12.39
CA ASN D 683 32.15 34.64 -12.53
C ASN D 683 32.98 34.71 -11.26
N GLU D 684 32.60 35.56 -10.31
CA GLU D 684 33.23 35.47 -8.99
C GLU D 684 32.84 34.20 -8.25
N LEU D 685 31.71 33.57 -8.61
CA LEU D 685 31.36 32.30 -7.98
C LEU D 685 32.28 31.18 -8.44
N LEU D 686 32.57 31.12 -9.74
CA LEU D 686 33.41 30.06 -10.27
C LEU D 686 34.84 30.22 -9.74
N PRO D 687 35.62 29.14 -9.75
CA PRO D 687 36.98 29.23 -9.18
C PRO D 687 37.88 30.19 -9.92
N LEU D 688 39.12 30.34 -9.42
CA LEU D 688 40.06 31.29 -10.00
C LEU D 688 40.58 30.79 -11.35
N GLY D 689 40.99 29.53 -11.43
CA GLY D 689 41.54 29.02 -12.67
C GLY D 689 40.59 29.07 -13.85
N TYR D 690 39.29 29.09 -13.60
CA TYR D 690 38.35 29.03 -14.71
C TYR D 690 38.34 30.36 -15.46
N PRO D 691 38.40 30.33 -16.80
CA PRO D 691 38.36 31.59 -17.56
C PRO D 691 37.03 32.31 -17.37
N PHE D 692 37.04 33.58 -17.77
CA PHE D 692 35.83 34.38 -17.82
C PHE D 692 34.86 33.76 -18.81
N VAL D 693 33.57 33.91 -18.53
CA VAL D 693 32.54 33.28 -19.36
C VAL D 693 31.91 34.29 -20.31
N ASN D 694 31.24 35.30 -19.77
CA ASN D 694 30.65 36.38 -20.56
C ASN D 694 29.64 35.85 -21.58
N LYS D 695 28.57 35.24 -21.08
CA LYS D 695 27.45 34.82 -21.90
C LYS D 695 26.16 35.10 -21.14
N GLN D 696 25.06 34.51 -21.59
CA GLN D 696 23.76 34.62 -20.94
C GLN D 696 23.33 33.24 -20.48
N MET D 697 23.26 33.06 -19.16
CA MET D 697 23.23 31.72 -18.55
C MET D 697 21.91 31.02 -18.84
N HIS D 698 21.78 30.57 -20.08
CA HIS D 698 20.80 29.55 -20.41
C HIS D 698 21.14 28.26 -19.67
N LYS D 699 20.12 27.43 -19.45
CA LYS D 699 20.36 26.21 -18.68
C LYS D 699 21.39 25.31 -19.34
N LYS D 700 21.41 25.26 -20.68
CA LYS D 700 22.40 24.44 -21.35
C LYS D 700 23.81 24.97 -21.13
N VAL D 701 23.97 26.29 -21.09
CA VAL D 701 25.28 26.87 -20.83
C VAL D 701 25.77 26.47 -19.45
N GLN D 702 24.88 26.50 -18.46
CA GLN D 702 25.28 26.06 -17.12
C GLN D 702 25.60 24.58 -17.09
N ALA D 703 24.84 23.77 -17.84
CA ALA D 703 25.18 22.35 -17.94
C ALA D 703 26.58 22.17 -18.48
N ALA D 704 26.91 22.89 -19.55
CA ALA D 704 28.25 22.76 -20.14
C ALA D 704 29.32 23.24 -19.17
N ILE D 705 29.06 24.36 -18.48
CA ILE D 705 30.04 24.89 -17.54
C ILE D 705 30.32 23.87 -16.45
N ILE D 706 29.25 23.32 -15.84
CA ILE D 706 29.48 22.39 -14.75
C ILE D 706 30.09 21.10 -15.25
N ASN D 707 29.74 20.67 -16.47
CA ASN D 707 30.36 19.47 -17.02
C ASN D 707 31.86 19.67 -17.20
N ASP D 708 32.27 20.81 -17.75
CA ASP D 708 33.69 21.09 -17.92
C ASP D 708 34.39 21.19 -16.57
N LEU D 709 33.75 21.90 -15.63
CA LEU D 709 34.34 22.13 -14.31
C LEU D 709 34.40 20.85 -13.49
N ALA D 710 33.57 19.86 -13.81
CA ALA D 710 33.65 18.55 -13.17
C ALA D 710 34.62 17.62 -13.88
N GLU D 711 34.82 17.80 -15.17
CA GLU D 711 35.77 16.97 -15.91
C GLU D 711 37.21 17.40 -15.66
N ARG D 712 37.46 18.67 -15.33
CA ARG D 712 38.83 19.14 -15.17
C ARG D 712 39.27 19.40 -13.74
N TYR D 713 38.36 19.67 -12.81
CA TYR D 713 38.71 20.01 -11.45
C TYR D 713 38.28 18.91 -10.48
N PRO D 714 38.88 18.88 -9.29
CA PRO D 714 38.46 17.89 -8.29
C PRO D 714 37.00 18.05 -7.91
N MET D 715 36.50 17.08 -7.14
CA MET D 715 35.07 17.02 -6.86
C MET D 715 34.67 18.05 -5.81
N ILE D 716 35.52 18.29 -4.82
CA ILE D 716 35.17 19.23 -3.76
C ILE D 716 34.98 20.63 -4.34
N VAL D 717 35.81 21.01 -5.32
CA VAL D 717 35.64 22.30 -5.98
C VAL D 717 34.29 22.34 -6.68
N VAL D 718 33.89 21.24 -7.33
CA VAL D 718 32.61 21.20 -8.00
C VAL D 718 31.48 21.41 -7.00
N ALA D 719 31.55 20.72 -5.86
CA ALA D 719 30.49 20.85 -4.86
C ALA D 719 30.38 22.28 -4.35
N GLN D 720 31.52 22.89 -4.00
CA GLN D 720 31.47 24.25 -3.48
C GLN D 720 30.96 25.24 -4.54
N THR D 721 31.39 25.08 -5.79
CA THR D 721 30.92 25.96 -6.85
C THR D 721 29.42 25.80 -7.07
N VAL D 722 28.92 24.57 -7.03
CA VAL D 722 27.49 24.35 -7.21
C VAL D 722 26.71 25.01 -6.08
N ASP D 723 27.20 24.89 -4.85
CA ASP D 723 26.52 25.54 -3.73
C ASP D 723 26.49 27.05 -3.91
N LYS D 724 27.61 27.64 -4.33
CA LYS D 724 27.63 29.08 -4.55
C LYS D 724 26.63 29.48 -5.63
N LEU D 725 26.57 28.71 -6.72
CA LEU D 725 25.60 29.00 -7.77
C LEU D 725 24.18 28.93 -7.25
N LYS D 726 23.89 27.95 -6.40
CA LYS D 726 22.56 27.87 -5.79
C LYS D 726 22.23 29.13 -5.01
N ASP D 727 23.16 29.57 -4.16
CA ASP D 727 22.89 30.75 -3.34
C ASP D 727 22.64 31.97 -4.21
N ALA D 728 23.53 32.23 -5.17
CA ALA D 728 23.34 33.39 -6.03
C ALA D 728 22.03 33.28 -6.81
N GLY D 729 21.70 32.07 -7.27
CA GLY D 729 20.49 31.90 -8.05
C GLY D 729 19.24 32.25 -7.27
N PHE D 730 19.13 31.77 -6.03
CA PHE D 730 17.96 32.14 -5.25
C PHE D 730 17.94 33.64 -4.96
N TYR D 731 19.09 34.20 -4.57
CA TYR D 731 19.10 35.61 -4.19
C TYR D 731 18.66 36.50 -5.34
N TRP D 732 19.08 36.18 -6.57
CA TRP D 732 18.68 36.97 -7.72
C TRP D 732 17.44 36.47 -8.41
N ALA D 733 16.90 35.33 -8.00
CA ALA D 733 15.58 34.94 -8.45
C ALA D 733 14.50 35.71 -7.74
N THR D 734 14.73 36.04 -6.48
CA THR D 734 13.76 36.89 -5.79
C THR D 734 13.62 38.25 -6.47
N ARG D 735 14.73 38.84 -6.89
CA ARG D 735 14.71 40.17 -7.48
C ARG D 735 14.21 40.20 -8.92
N SER D 736 14.16 39.05 -9.61
CA SER D 736 13.82 39.06 -11.02
C SER D 736 12.40 39.51 -11.29
N GLY D 737 11.54 39.54 -10.27
CA GLY D 737 10.19 39.99 -10.46
C GLY D 737 9.39 39.11 -11.40
N VAL D 738 9.66 37.81 -11.43
CA VAL D 738 8.89 36.88 -12.26
C VAL D 738 7.58 36.59 -11.52
N THR D 739 6.53 37.27 -11.93
CA THR D 739 5.19 37.06 -11.41
C THR D 739 4.27 36.66 -12.53
N VAL D 740 3.08 36.19 -12.17
CA VAL D 740 2.05 35.84 -13.12
C VAL D 740 0.81 36.64 -12.74
N SER D 741 0.36 37.49 -13.65
CA SER D 741 -0.89 38.21 -13.52
C SER D 741 -1.58 38.21 -14.87
N MET D 742 -2.91 38.17 -14.85
CA MET D 742 -3.64 38.05 -16.11
C MET D 742 -3.39 39.23 -17.03
N ALA D 743 -2.95 40.38 -16.50
CA ALA D 743 -2.49 41.44 -17.37
C ALA D 743 -1.17 41.07 -18.04
N ASP D 744 -0.51 40.05 -17.52
CA ASP D 744 0.80 39.65 -18.00
C ASP D 744 0.71 38.47 -18.96
N VAL D 745 -0.50 37.94 -19.16
CA VAL D 745 -0.79 36.92 -20.17
C VAL D 745 -1.47 37.64 -21.31
N LEU D 746 -0.69 38.11 -22.29
CA LEU D 746 -1.27 38.88 -23.40
C LEU D 746 -1.77 37.94 -24.49
N VAL D 747 -2.99 38.22 -24.96
CA VAL D 747 -3.59 37.49 -26.07
C VAL D 747 -3.09 38.08 -27.38
N PRO D 748 -3.04 37.32 -28.47
CA PRO D 748 -2.61 37.89 -29.75
C PRO D 748 -3.73 38.67 -30.40
N PRO D 749 -3.55 39.98 -30.62
CA PRO D 749 -4.52 40.75 -31.43
C PRO D 749 -4.98 40.06 -32.71
N ARG D 750 -4.11 39.40 -33.46
CA ARG D 750 -4.47 38.87 -34.77
C ARG D 750 -5.08 37.47 -34.69
N LYS D 751 -5.65 37.09 -33.55
CA LYS D 751 -6.20 35.73 -33.43
C LYS D 751 -7.50 35.59 -34.19
N LYS D 752 -8.40 36.57 -34.08
CA LYS D 752 -9.73 36.41 -34.67
C LYS D 752 -9.64 36.32 -36.19
N GLU D 753 -8.76 37.10 -36.80
CA GLU D 753 -8.58 37.01 -38.26
C GLU D 753 -8.04 35.65 -38.66
N ILE D 754 -7.07 35.12 -37.92
CA ILE D 754 -6.54 33.80 -38.22
C ILE D 754 -7.65 32.76 -38.11
N LEU D 755 -8.43 32.83 -37.03
CA LEU D 755 -9.50 31.86 -36.82
C LEU D 755 -10.56 31.97 -37.91
N ASP D 756 -10.90 33.18 -38.35
CA ASP D 756 -11.85 33.30 -39.45
C ASP D 756 -11.28 32.73 -40.74
N HIS D 757 -10.00 32.98 -41.00
CA HIS D 757 -9.38 32.47 -42.22
C HIS D 757 -9.39 30.95 -42.26
N TYR D 758 -9.13 30.29 -41.13
CA TYR D 758 -9.19 28.84 -41.10
C TYR D 758 -10.59 28.29 -40.92
N GLU D 759 -11.50 29.08 -40.34
CA GLU D 759 -12.90 28.67 -40.27
C GLU D 759 -13.53 28.62 -41.65
N GLU D 760 -13.15 29.53 -42.54
CA GLU D 760 -13.64 29.46 -43.91
C GLU D 760 -13.22 28.15 -44.57
N ARG D 761 -11.98 27.73 -44.36
CA ARG D 761 -11.50 26.49 -44.96
C ARG D 761 -12.18 25.28 -44.34
N ALA D 762 -12.39 25.30 -43.02
CA ALA D 762 -13.15 24.21 -42.39
C ALA D 762 -14.56 24.14 -42.94
N ASP D 763 -15.21 25.29 -43.11
CA ASP D 763 -16.55 25.34 -43.68
C ASP D 763 -16.55 24.77 -45.09
N LYS D 764 -15.57 25.14 -45.91
CA LYS D 764 -15.53 24.62 -47.27
C LYS D 764 -15.33 23.11 -47.27
N VAL D 765 -14.43 22.58 -46.44
CA VAL D 765 -14.23 21.14 -46.39
C VAL D 765 -15.52 20.44 -45.98
N GLU D 766 -16.21 20.97 -44.97
CA GLU D 766 -17.46 20.38 -44.55
C GLU D 766 -18.49 20.42 -45.69
N LYS D 767 -18.48 21.48 -46.49
CA LYS D 767 -19.42 21.55 -47.61
C LYS D 767 -19.10 20.51 -48.67
N GLN D 768 -17.81 20.34 -49.00
CA GLN D 768 -17.44 19.32 -49.98
C GLN D 768 -17.77 17.92 -49.47
N PHE D 769 -17.76 17.72 -48.16
CA PHE D 769 -18.25 16.45 -47.63
C PHE D 769 -19.77 16.35 -47.75
N GLN D 770 -20.48 17.43 -47.45
CA GLN D 770 -21.94 17.40 -47.49
C GLN D 770 -22.45 17.14 -48.91
N ARG D 771 -21.71 17.59 -49.92
CA ARG D 771 -22.10 17.36 -51.32
C ARG D 771 -21.60 16.02 -51.84
N GLY D 772 -21.06 15.17 -50.98
CA GLY D 772 -20.69 13.83 -51.39
C GLY D 772 -19.41 13.71 -52.18
N ALA D 773 -18.61 14.77 -52.27
CA ALA D 773 -17.38 14.70 -53.05
C ALA D 773 -16.31 13.85 -52.37
N LEU D 774 -16.40 13.62 -51.07
CA LEU D 774 -15.44 12.80 -50.37
C LEU D 774 -16.12 12.12 -49.18
N ASN D 775 -15.52 11.03 -48.73
CA ASN D 775 -16.15 10.17 -47.74
C ASN D 775 -15.98 10.77 -46.34
N HIS D 776 -16.31 9.98 -45.32
CA HIS D 776 -16.33 10.48 -43.96
C HIS D 776 -14.94 10.63 -43.36
N ASP D 777 -14.02 9.72 -43.70
CA ASP D 777 -12.69 9.78 -43.09
C ASP D 777 -11.84 10.89 -43.70
N GLU D 778 -11.95 11.08 -45.02
CA GLU D 778 -11.09 12.06 -45.68
C GLU D 778 -11.39 13.48 -45.19
N ARG D 779 -12.65 13.81 -44.96
CA ARG D 779 -12.96 15.15 -44.45
C ARG D 779 -12.44 15.32 -43.03
N ASN D 780 -12.47 14.26 -42.22
CA ASN D 780 -11.86 14.36 -40.89
C ASN D 780 -10.36 14.64 -41.01
N GLU D 781 -9.69 13.95 -41.94
CA GLU D 781 -8.26 14.18 -42.11
C GLU D 781 -7.99 15.62 -42.57
N ALA D 782 -8.80 16.11 -43.51
CA ALA D 782 -8.63 17.48 -43.99
C ALA D 782 -8.83 18.48 -42.86
N LEU D 783 -9.87 18.29 -42.06
CA LEU D 783 -10.10 19.20 -40.94
C LEU D 783 -8.97 19.14 -39.93
N VAL D 784 -8.45 17.94 -39.67
CA VAL D 784 -7.32 17.81 -38.75
C VAL D 784 -6.13 18.60 -39.25
N GLU D 785 -5.81 18.47 -40.53
CA GLU D 785 -4.67 19.22 -41.07
C GLU D 785 -4.91 20.72 -41.05
N ILE D 786 -6.13 21.15 -41.38
CA ILE D 786 -6.43 22.58 -41.38
C ILE D 786 -6.26 23.16 -39.99
N TRP D 787 -6.76 22.46 -38.97
CA TRP D 787 -6.66 22.99 -37.62
C TRP D 787 -5.25 22.85 -37.05
N LYS D 788 -4.46 21.88 -37.52
CA LYS D 788 -3.03 21.90 -37.18
C LYS D 788 -2.35 23.13 -37.74
N GLU D 789 -2.67 23.48 -39.00
CA GLU D 789 -2.14 24.70 -39.57
C GLU D 789 -2.55 25.91 -38.75
N ALA D 790 -3.82 25.94 -38.32
CA ALA D 790 -4.30 27.04 -37.50
C ALA D 790 -3.53 27.12 -36.18
N THR D 791 -3.28 25.97 -35.55
CA THR D 791 -2.51 25.96 -34.32
C THR D 791 -1.11 26.51 -34.54
N ASP D 792 -0.46 26.09 -35.62
CA ASP D 792 0.87 26.60 -35.91
C ASP D 792 0.84 28.10 -36.10
N GLU D 793 -0.14 28.62 -36.85
CA GLU D 793 -0.16 30.06 -37.11
C GLU D 793 -0.45 30.85 -35.85
N VAL D 794 -1.39 30.39 -35.02
CA VAL D 794 -1.68 31.09 -33.78
C VAL D 794 -0.46 31.09 -32.88
N GLY D 795 0.22 29.94 -32.77
CA GLY D 795 1.42 29.89 -31.97
C GLY D 795 2.49 30.85 -32.48
N GLN D 796 2.65 30.93 -33.80
CA GLN D 796 3.66 31.82 -34.36
C GLN D 796 3.34 33.28 -34.06
N ALA D 797 2.08 33.69 -34.24
CA ALA D 797 1.71 35.06 -33.94
C ALA D 797 1.90 35.35 -32.46
N LEU D 798 1.53 34.40 -31.60
CA LEU D 798 1.75 34.58 -30.17
C LEU D 798 3.24 34.76 -29.87
N ARG D 799 4.09 33.94 -30.49
CA ARG D 799 5.51 34.04 -30.20
C ARG D 799 6.07 35.38 -30.62
N GLU D 800 5.69 35.87 -31.81
CA GLU D 800 6.23 37.15 -32.24
C GLU D 800 5.59 38.32 -31.52
N HIS D 801 4.46 38.12 -30.83
CA HIS D 801 3.83 39.24 -30.14
C HIS D 801 4.53 39.59 -28.83
N TYR D 802 4.95 38.59 -28.06
CA TYR D 802 5.38 38.84 -26.69
C TYR D 802 6.70 39.62 -26.67
N PRO D 803 6.91 40.45 -25.63
CA PRO D 803 8.26 40.98 -25.40
C PRO D 803 9.20 39.92 -24.85
N ASP D 804 10.41 40.32 -24.48
CA ASP D 804 11.38 39.39 -23.91
C ASP D 804 11.35 39.38 -22.39
N ASP D 805 10.91 40.47 -21.76
CA ASP D 805 10.83 40.56 -20.32
C ASP D 805 9.49 40.07 -19.78
N ASN D 806 8.63 39.54 -20.64
CA ASN D 806 7.45 38.86 -20.16
C ASN D 806 7.82 37.67 -19.29
N PRO D 807 7.41 37.62 -18.01
CA PRO D 807 7.88 36.54 -17.14
C PRO D 807 7.56 35.14 -17.63
N ILE D 808 6.42 34.92 -18.26
CA ILE D 808 6.11 33.58 -18.74
C ILE D 808 7.09 33.16 -19.82
N ILE D 809 7.26 34.01 -20.83
CA ILE D 809 8.21 33.68 -21.88
C ILE D 809 9.64 33.76 -21.38
N THR D 810 9.91 34.59 -20.36
CA THR D 810 11.23 34.58 -19.74
C THR D 810 11.53 33.25 -19.08
N ILE D 811 10.55 32.68 -18.38
CA ILE D 811 10.73 31.38 -17.76
C ILE D 811 10.97 30.33 -18.83
N VAL D 812 10.22 30.40 -19.93
CA VAL D 812 10.36 29.37 -20.96
C VAL D 812 11.70 29.47 -21.66
N ASP D 813 12.01 30.64 -22.25
CA ASP D 813 13.24 30.75 -23.04
C ASP D 813 14.49 30.63 -22.19
N SER D 814 14.37 30.71 -20.87
CA SER D 814 15.51 30.44 -20.01
C SER D 814 15.88 28.97 -20.00
N GLY D 815 14.95 28.10 -20.34
CA GLY D 815 15.13 26.69 -20.11
C GLY D 815 14.89 26.28 -18.68
N ALA D 816 14.39 27.17 -17.84
CA ALA D 816 14.03 26.80 -16.48
C ALA D 816 13.01 25.68 -16.48
N THR D 817 11.83 25.93 -17.04
CA THR D 817 10.81 24.89 -17.11
C THR D 817 9.78 25.26 -18.17
N GLY D 818 9.05 24.24 -18.63
CA GLY D 818 7.92 24.44 -19.50
C GLY D 818 8.31 24.66 -20.94
N ASN D 819 7.67 23.95 -21.86
CA ASN D 819 7.90 24.17 -23.27
C ASN D 819 7.02 25.32 -23.74
N PHE D 820 7.12 25.66 -25.03
CA PHE D 820 6.33 26.75 -25.57
C PHE D 820 4.87 26.39 -25.76
N THR D 821 4.56 25.11 -25.93
CA THR D 821 3.17 24.72 -26.15
C THR D 821 2.28 25.12 -24.97
N GLN D 822 2.80 25.01 -23.75
CA GLN D 822 2.00 25.42 -22.60
C GLN D 822 1.68 26.92 -22.64
N THR D 823 2.62 27.74 -23.09
CA THR D 823 2.31 29.14 -23.30
C THR D 823 1.26 29.30 -24.40
N ARG D 824 1.35 28.48 -25.45
CA ARG D 824 0.36 28.56 -26.53
C ARG D 824 -1.04 28.23 -26.03
N THR D 825 -1.15 27.28 -25.10
CA THR D 825 -2.44 26.91 -24.53
C THR D 825 -2.91 27.89 -23.46
N LEU D 826 -1.99 28.55 -22.74
CA LEU D 826 -2.43 29.57 -21.80
C LEU D 826 -3.08 30.73 -22.52
N ALA D 827 -2.47 31.18 -23.61
CA ALA D 827 -2.99 32.27 -24.41
C ALA D 827 -2.96 31.86 -25.87
N GLY D 828 -4.10 32.03 -26.55
CA GLY D 828 -4.19 31.65 -27.95
C GLY D 828 -5.21 30.55 -28.16
N MET D 829 -4.73 29.36 -28.51
CA MET D 829 -5.60 28.25 -28.88
C MET D 829 -5.12 26.97 -28.24
N LYS D 830 -6.06 26.19 -27.71
CA LYS D 830 -5.72 24.86 -27.19
C LYS D 830 -5.35 23.91 -28.33
N GLY D 831 -6.06 23.97 -29.44
CA GLY D 831 -5.77 23.14 -30.59
C GLY D 831 -6.59 21.87 -30.65
N LEU D 832 -6.01 20.82 -31.22
CA LEU D 832 -6.70 19.54 -31.36
C LEU D 832 -6.57 18.75 -30.08
N VAL D 833 -7.67 18.12 -29.68
CA VAL D 833 -7.76 17.34 -28.44
C VAL D 833 -8.18 15.92 -28.80
N THR D 834 -7.58 14.95 -28.13
CA THR D 834 -7.64 13.58 -28.61
C THR D 834 -8.94 12.88 -28.23
N ASN D 835 -9.24 11.81 -28.96
CA ASN D 835 -10.33 10.89 -28.66
C ASN D 835 -9.94 9.99 -27.49
N PRO D 836 -10.92 9.40 -26.81
CA PRO D 836 -10.59 8.29 -25.90
C PRO D 836 -9.89 7.15 -26.61
N LYS D 837 -10.18 6.94 -27.89
CA LYS D 837 -9.55 5.85 -28.63
C LYS D 837 -8.15 6.21 -29.12
N GLY D 838 -7.90 7.49 -29.38
CA GLY D 838 -6.59 7.94 -29.82
C GLY D 838 -6.63 8.92 -30.98
N GLU D 839 -7.76 8.97 -31.69
CA GLU D 839 -7.88 9.87 -32.83
C GLU D 839 -8.06 11.31 -32.35
N PHE D 840 -8.18 12.24 -33.29
CA PHE D 840 -8.36 13.65 -33.00
C PHE D 840 -9.81 14.04 -33.21
N ILE D 841 -10.35 14.78 -32.26
CA ILE D 841 -11.71 15.30 -32.38
C ILE D 841 -11.70 16.46 -33.38
N PRO D 842 -12.52 16.42 -34.44
CA PRO D 842 -12.38 17.45 -35.49
C PRO D 842 -13.03 18.79 -35.19
N ARG D 843 -13.36 19.12 -33.93
CA ARG D 843 -14.19 20.31 -33.74
C ARG D 843 -13.42 21.58 -34.12
N PRO D 844 -12.29 21.94 -33.48
CA PRO D 844 -11.66 21.56 -32.20
C PRO D 844 -11.82 22.66 -31.15
N VAL D 845 -11.14 22.54 -30.01
CA VAL D 845 -11.16 23.61 -29.00
C VAL D 845 -10.49 24.84 -29.57
N LYS D 846 -11.15 26.01 -29.41
CA LYS D 846 -10.67 27.26 -29.97
C LYS D 846 -10.50 28.35 -28.93
N SER D 847 -10.52 28.02 -27.64
CA SER D 847 -10.43 29.00 -26.57
C SER D 847 -9.24 28.71 -25.69
N SER D 848 -8.52 29.75 -25.31
CA SER D 848 -7.42 29.63 -24.38
C SER D 848 -7.95 29.46 -22.96
N PHE D 849 -7.08 29.01 -22.07
CA PHE D 849 -7.46 28.92 -20.67
C PHE D 849 -7.49 30.29 -19.99
N ARG D 850 -6.95 31.32 -20.62
CA ARG D 850 -7.19 32.68 -20.13
C ARG D 850 -8.61 33.13 -20.46
N GLU D 851 -9.06 32.87 -21.68
CA GLU D 851 -10.42 33.26 -22.06
C GLU D 851 -11.47 32.41 -21.37
N GLY D 852 -11.09 31.24 -20.87
CA GLY D 852 -12.04 30.38 -20.21
C GLY D 852 -12.80 29.53 -21.22
N LEU D 853 -12.76 28.22 -21.05
CA LEU D 853 -13.38 27.33 -22.01
C LEU D 853 -14.89 27.30 -21.81
N THR D 854 -15.59 26.82 -22.83
CA THR D 854 -17.01 26.54 -22.72
C THR D 854 -17.18 25.11 -22.22
N VAL D 855 -18.44 24.68 -22.08
CA VAL D 855 -18.72 23.43 -21.39
C VAL D 855 -18.19 22.23 -22.19
N LEU D 856 -18.64 22.10 -23.43
CA LEU D 856 -18.32 20.92 -24.23
C LEU D 856 -16.82 20.79 -24.42
N GLU D 857 -16.15 21.91 -24.66
CA GLU D 857 -14.71 21.90 -24.86
C GLU D 857 -14.01 21.35 -23.62
N TYR D 858 -14.46 21.77 -22.43
CA TYR D 858 -13.88 21.22 -21.22
C TYR D 858 -14.15 19.72 -21.12
N PHE D 859 -15.33 19.28 -21.56
CA PHE D 859 -15.59 17.85 -21.56
C PHE D 859 -14.55 17.09 -22.37
N ILE D 860 -14.24 17.60 -23.57
CA ILE D 860 -13.28 16.89 -24.41
C ILE D 860 -11.89 16.90 -23.78
N ASN D 861 -11.51 18.04 -23.21
CA ASN D 861 -10.25 18.10 -22.49
C ASN D 861 -10.20 17.05 -21.38
N THR D 862 -11.33 16.83 -20.71
CA THR D 862 -11.37 15.80 -19.67
C THR D 862 -11.10 14.42 -20.24
N HIS D 863 -11.72 14.11 -21.40
CA HIS D 863 -11.40 12.86 -22.10
C HIS D 863 -9.90 12.67 -22.07
N GLY D 864 -9.23 13.64 -22.69
CA GLY D 864 -7.81 13.52 -22.91
C GLY D 864 -7.02 13.36 -21.64
N ALA D 865 -7.29 14.21 -20.65
CA ALA D 865 -6.45 14.24 -19.47
C ALA D 865 -6.65 13.01 -18.59
N ARG D 866 -7.89 12.54 -18.45
CA ARG D 866 -8.09 11.33 -17.64
C ARG D 866 -7.40 10.14 -18.27
N LYS D 867 -7.52 9.98 -19.59
CA LYS D 867 -6.82 8.88 -20.23
C LYS D 867 -5.32 9.01 -19.99
N GLY D 868 -4.81 10.23 -20.10
CA GLY D 868 -3.39 10.43 -19.89
C GLY D 868 -2.93 10.01 -18.50
N LEU D 869 -3.71 10.35 -17.48
CA LEU D 869 -3.31 10.01 -16.12
C LEU D 869 -3.29 8.50 -15.92
N ALA D 870 -4.34 7.81 -16.37
CA ALA D 870 -4.34 6.35 -16.23
C ALA D 870 -3.15 5.74 -16.97
N ASP D 871 -2.86 6.25 -18.17
CA ASP D 871 -1.77 5.71 -18.96
C ASP D 871 -0.43 5.93 -18.25
N THR D 872 -0.25 7.08 -17.61
CA THR D 872 1.00 7.35 -16.90
C THR D 872 1.18 6.36 -15.75
N ALA D 873 0.12 6.10 -15.00
CA ALA D 873 0.22 5.13 -13.93
C ALA D 873 0.66 3.77 -14.46
N LEU D 874 -0.03 3.28 -15.50
CA LEU D 874 0.33 1.97 -16.03
C LEU D 874 1.75 1.95 -16.59
N ARG D 875 2.16 3.03 -17.23
CA ARG D 875 3.50 3.11 -17.79
C ARG D 875 4.57 3.00 -16.72
N THR D 876 4.38 3.69 -15.59
CA THR D 876 5.31 3.50 -14.48
C THR D 876 5.35 2.04 -14.05
N ALA D 877 4.16 1.43 -13.93
CA ALA D 877 4.09 0.03 -13.54
C ALA D 877 4.93 -0.85 -14.46
N ASP D 878 4.91 -0.55 -15.76
CA ASP D 878 5.63 -1.35 -16.75
C ASP D 878 7.14 -1.09 -16.73
N SER D 879 7.52 0.17 -16.53
CA SER D 879 8.93 0.53 -16.40
C SER D 879 9.54 -0.31 -15.30
N GLY D 880 8.77 -0.55 -14.23
CA GLY D 880 9.26 -1.42 -13.17
C GLY D 880 9.64 -2.80 -13.68
N TYR D 881 8.77 -3.42 -14.48
CA TYR D 881 9.04 -4.76 -14.99
C TYR D 881 10.30 -4.77 -15.85
N LEU D 882 10.42 -3.78 -16.74
CA LEU D 882 11.60 -3.74 -17.58
C LEU D 882 12.87 -3.63 -16.74
N THR D 883 12.85 -2.77 -15.72
CA THR D 883 14.04 -2.64 -14.90
C THR D 883 14.36 -3.96 -14.20
N ARG D 884 13.35 -4.66 -13.70
CA ARG D 884 13.62 -5.93 -13.03
C ARG D 884 14.29 -6.92 -13.97
N ARG D 885 13.76 -7.04 -15.19
CA ARG D 885 14.34 -8.01 -16.11
C ARG D 885 15.76 -7.63 -16.48
N LEU D 886 16.01 -6.35 -16.74
CA LEU D 886 17.36 -5.93 -17.11
C LEU D 886 18.34 -6.16 -15.99
N VAL D 887 17.92 -5.94 -14.74
CA VAL D 887 18.81 -6.21 -13.62
C VAL D 887 19.09 -7.70 -13.50
N ASP D 888 18.08 -8.53 -13.75
CA ASP D 888 18.30 -9.97 -13.69
C ASP D 888 19.30 -10.42 -14.74
N VAL D 889 19.22 -9.87 -15.95
CA VAL D 889 20.10 -10.32 -17.02
C VAL D 889 21.54 -9.90 -16.77
N SER D 890 21.75 -8.69 -16.28
CA SER D 890 23.09 -8.10 -16.15
C SER D 890 23.51 -7.99 -14.70
N GLN D 891 23.20 -9.00 -13.89
CA GLN D 891 23.67 -9.04 -12.51
C GLN D 891 25.11 -9.51 -12.39
N ASP D 892 25.66 -10.13 -13.43
CA ASP D 892 26.97 -10.78 -13.36
C ASP D 892 27.98 -10.09 -14.26
N VAL D 893 27.74 -8.83 -14.63
CA VAL D 893 28.73 -8.05 -15.35
C VAL D 893 29.40 -7.11 -14.36
N ILE D 894 30.50 -7.56 -13.77
CA ILE D 894 31.25 -6.77 -12.79
C ILE D 894 32.70 -6.75 -13.24
N VAL D 895 33.32 -5.59 -13.09
CA VAL D 895 34.65 -5.34 -13.65
C VAL D 895 35.67 -6.12 -12.83
N ARG D 896 36.34 -7.08 -13.47
CA ARG D 896 37.29 -7.95 -12.78
C ARG D 896 38.74 -7.54 -12.99
N GLU D 897 39.20 -7.49 -14.23
CA GLU D 897 40.59 -7.22 -14.55
C GLU D 897 40.78 -5.78 -14.97
N HIS D 898 41.99 -5.27 -14.74
CA HIS D 898 42.31 -3.92 -15.20
C HIS D 898 42.29 -3.83 -16.72
N ASP D 899 42.77 -4.87 -17.39
CA ASP D 899 42.93 -4.80 -18.84
C ASP D 899 42.85 -6.21 -19.42
N CYS D 900 41.85 -6.45 -20.28
CA CYS D 900 41.78 -7.72 -20.98
C CYS D 900 42.88 -7.86 -22.01
N GLN D 901 43.49 -6.74 -22.43
CA GLN D 901 44.57 -6.73 -23.41
C GLN D 901 44.10 -7.22 -24.78
N THR D 902 42.82 -7.04 -25.09
CA THR D 902 42.33 -7.38 -26.40
C THR D 902 42.68 -6.29 -27.41
N GLU D 903 42.47 -6.58 -28.68
CA GLU D 903 42.69 -5.63 -29.77
C GLU D 903 41.44 -5.37 -30.60
N ARG D 904 40.44 -6.24 -30.54
CA ARG D 904 39.20 -6.01 -31.26
C ARG D 904 38.44 -4.85 -30.65
N GLY D 905 37.54 -4.28 -31.43
CA GLY D 905 36.73 -3.18 -30.96
C GLY D 905 35.88 -2.61 -32.08
N ILE D 906 34.80 -1.94 -31.66
CA ILE D 906 33.83 -1.36 -32.59
C ILE D 906 34.46 -0.15 -33.27
N VAL D 907 33.79 0.40 -34.28
CA VAL D 907 34.17 1.67 -34.87
C VAL D 907 33.09 2.68 -34.56
N VAL D 908 33.46 3.96 -34.58
CA VAL D 908 32.53 5.03 -34.24
C VAL D 908 32.36 5.97 -35.43
N GLU D 909 31.11 6.38 -35.67
CA GLU D 909 30.79 7.20 -36.83
C GLU D 909 31.56 8.53 -36.81
N LEU D 910 31.40 9.29 -35.73
CA LEU D 910 32.33 10.36 -35.37
C LEU D 910 32.47 11.40 -36.49
N ALA D 911 31.40 12.19 -36.63
CA ALA D 911 31.41 13.38 -37.49
C ALA D 911 31.60 13.01 -38.97
N GLU D 912 30.56 12.39 -39.50
CA GLU D 912 30.51 11.96 -40.88
C GLU D 912 30.83 13.10 -41.86
N ARG D 913 31.13 12.74 -43.10
CA ARG D 913 31.63 13.69 -44.09
C ARG D 913 30.51 14.56 -44.64
N ALA D 914 30.84 15.83 -44.95
CA ALA D 914 29.91 16.73 -45.61
C ALA D 914 29.98 16.54 -47.13
N PRO D 915 28.87 16.74 -47.85
CA PRO D 915 28.95 16.62 -49.31
C PRO D 915 29.88 17.63 -49.95
N ASP D 916 29.76 18.92 -49.58
CA ASP D 916 30.71 19.90 -50.07
C ASP D 916 32.11 19.60 -49.58
N GLY D 917 32.23 19.10 -48.35
CA GLY D 917 33.48 18.67 -47.79
C GLY D 917 33.95 19.52 -46.63
N THR D 918 33.64 19.05 -45.42
CA THR D 918 34.09 19.60 -44.16
C THR D 918 34.00 18.47 -43.14
N LEU D 919 34.09 18.80 -41.86
CA LEU D 919 33.82 17.85 -40.78
C LEU D 919 32.65 18.41 -39.98
N ILE D 920 31.43 18.14 -40.45
CA ILE D 920 30.25 18.46 -39.66
C ILE D 920 30.14 17.46 -38.52
N ARG D 921 30.03 17.96 -37.30
CA ARG D 921 30.01 17.09 -36.14
C ARG D 921 28.74 16.24 -36.13
N ASP D 922 28.90 14.96 -35.82
CA ASP D 922 27.74 14.11 -35.64
C ASP D 922 27.02 14.52 -34.37
N PRO D 923 25.71 14.80 -34.42
CA PRO D 923 25.04 15.32 -33.21
C PRO D 923 25.13 14.39 -32.02
N TYR D 924 25.03 13.08 -32.23
CA TYR D 924 25.02 12.13 -31.13
C TYR D 924 26.39 11.48 -30.96
N ILE D 925 27.34 12.34 -30.59
CA ILE D 925 28.69 11.91 -30.24
C ILE D 925 28.82 11.69 -28.74
N GLU D 926 28.16 12.54 -27.94
CA GLU D 926 28.28 12.45 -26.50
C GLU D 926 27.76 11.13 -25.96
N THR D 927 26.89 10.44 -26.70
CA THR D 927 26.41 9.14 -26.28
C THR D 927 27.16 7.98 -26.92
N SER D 928 27.86 8.21 -28.02
CA SER D 928 28.43 7.13 -28.81
C SER D 928 29.95 7.13 -28.90
N ALA D 929 30.62 8.21 -28.52
CA ALA D 929 32.07 8.28 -28.68
C ALA D 929 32.81 8.64 -27.40
N TYR D 930 32.24 9.51 -26.57
CA TYR D 930 32.95 9.94 -25.37
C TYR D 930 33.12 8.77 -24.40
N ALA D 931 34.02 8.96 -23.45
CA ALA D 931 34.24 7.99 -22.38
C ALA D 931 34.55 6.60 -22.93
N ARG D 932 35.42 6.55 -23.94
CA ARG D 932 35.84 5.30 -24.53
C ARG D 932 37.36 5.28 -24.66
N THR D 933 37.92 4.08 -24.75
CA THR D 933 39.35 3.87 -24.81
C THR D 933 39.71 3.27 -26.16
N LEU D 934 40.59 3.94 -26.88
CA LEU D 934 40.96 3.48 -28.22
C LEU D 934 41.80 2.21 -28.14
N GLY D 935 41.58 1.30 -29.08
CA GLY D 935 42.43 0.14 -29.25
C GLY D 935 43.51 0.40 -30.27
N THR D 936 43.15 1.13 -31.32
CA THR D 936 44.08 1.51 -32.37
C THR D 936 44.51 2.96 -32.17
N ASP D 937 45.25 3.49 -33.13
CA ASP D 937 45.75 4.85 -33.09
C ASP D 937 45.14 5.69 -34.20
N ALA D 938 45.28 7.01 -34.06
CA ALA D 938 44.76 7.96 -35.04
C ALA D 938 45.91 8.46 -35.90
N VAL D 939 45.91 8.07 -37.16
CA VAL D 939 46.91 8.50 -38.14
C VAL D 939 46.18 8.91 -39.41
N ASP D 940 46.70 9.92 -40.08
CA ASP D 940 46.02 10.52 -41.23
C ASP D 940 47.03 11.02 -42.24
N GLU D 941 46.74 10.76 -43.52
CA GLU D 941 47.60 11.21 -44.62
C GLU D 941 49.05 10.79 -44.39
N ALA D 942 49.23 9.58 -43.87
CA ALA D 942 50.56 9.06 -43.55
C ALA D 942 51.32 10.03 -42.64
N GLY D 943 50.57 10.71 -41.77
CA GLY D 943 51.14 11.67 -40.84
C GLY D 943 51.54 11.02 -39.54
N ASN D 944 51.62 11.83 -38.50
CA ASN D 944 51.99 11.34 -37.18
C ASN D 944 50.77 10.76 -36.47
N VAL D 945 51.04 10.00 -35.40
CA VAL D 945 49.97 9.59 -34.51
C VAL D 945 49.38 10.81 -33.83
N ILE D 946 48.08 10.77 -33.58
CA ILE D 946 47.35 11.88 -32.95
C ILE D 946 46.94 11.53 -31.53
N VAL D 947 46.18 10.46 -31.36
CA VAL D 947 45.82 9.92 -30.04
C VAL D 947 46.31 8.48 -30.00
N GLU D 948 47.09 8.15 -28.98
CA GLU D 948 47.72 6.84 -28.88
C GLU D 948 46.72 5.81 -28.34
N ARG D 949 47.17 4.56 -28.31
CA ARG D 949 46.32 3.48 -27.83
C ARG D 949 45.98 3.67 -26.36
N GLY D 950 44.71 3.46 -26.02
CA GLY D 950 44.28 3.50 -24.63
C GLY D 950 44.32 4.89 -24.01
N GLN D 951 43.49 5.79 -24.50
CA GLN D 951 43.31 7.11 -23.91
C GLN D 951 41.83 7.35 -23.67
N ASP D 952 41.56 8.13 -22.62
CA ASP D 952 40.18 8.30 -22.17
C ASP D 952 39.29 8.89 -23.24
N LEU D 953 39.85 9.67 -24.16
CA LEU D 953 39.12 10.23 -25.29
C LEU D 953 37.96 11.11 -24.81
N GLY D 954 38.34 12.19 -24.12
CA GLY D 954 37.41 13.20 -23.68
C GLY D 954 37.20 14.28 -24.73
N ASP D 955 36.71 15.43 -24.26
CA ASP D 955 36.40 16.52 -25.20
C ASP D 955 37.63 17.06 -25.91
N PRO D 956 38.71 17.43 -25.22
CA PRO D 956 39.84 18.06 -25.95
C PRO D 956 40.43 17.16 -27.03
N GLU D 957 40.52 15.86 -26.78
CA GLU D 957 41.08 14.97 -27.80
C GLU D 957 40.10 14.77 -28.96
N ILE D 958 38.80 14.79 -28.70
CA ILE D 958 37.85 14.74 -29.81
C ILE D 958 37.97 16.00 -30.65
N ASP D 959 38.16 17.15 -30.01
CA ASP D 959 38.39 18.38 -30.77
C ASP D 959 39.67 18.28 -31.59
N ALA D 960 40.72 17.71 -31.00
CA ALA D 960 41.97 17.51 -31.74
C ALA D 960 41.75 16.61 -32.95
N LEU D 961 40.97 15.53 -32.76
CA LEU D 961 40.71 14.61 -33.86
C LEU D 961 39.94 15.29 -34.97
N LEU D 962 38.88 16.02 -34.63
CA LEU D 962 38.12 16.74 -35.65
C LEU D 962 38.94 17.85 -36.30
N ALA D 963 39.91 18.41 -35.59
CA ALA D 963 40.78 19.40 -36.20
C ALA D 963 41.74 18.75 -37.20
N ALA D 964 42.30 17.60 -36.83
CA ALA D 964 43.23 16.91 -37.72
C ALA D 964 42.51 16.31 -38.93
N GLY D 965 41.21 16.04 -38.82
CA GLY D 965 40.42 15.68 -39.97
C GLY D 965 40.32 14.19 -40.25
N ILE D 966 39.92 13.40 -39.26
CA ILE D 966 39.56 12.01 -39.47
C ILE D 966 38.14 11.82 -38.97
N THR D 967 37.52 10.73 -39.42
CA THR D 967 36.10 10.51 -39.21
C THR D 967 35.77 9.22 -38.49
N GLN D 968 36.62 8.20 -38.55
CA GLN D 968 36.34 6.91 -37.94
C GLN D 968 37.49 6.52 -37.04
N VAL D 969 37.16 6.20 -35.78
CA VAL D 969 38.12 5.64 -34.83
C VAL D 969 37.62 4.28 -34.40
N LYS D 970 38.55 3.32 -34.34
CA LYS D 970 38.28 1.99 -33.82
C LYS D 970 38.52 2.02 -32.32
N VAL D 971 37.45 1.91 -31.55
CA VAL D 971 37.48 2.07 -30.10
C VAL D 971 37.01 0.79 -29.45
N ARG D 972 37.49 0.55 -28.23
CA ARG D 972 37.11 -0.63 -27.49
C ARG D 972 35.65 -0.54 -27.03
N SER D 973 35.14 -1.66 -26.56
CA SER D 973 33.78 -1.71 -26.05
C SER D 973 33.63 -2.93 -25.17
N VAL D 974 32.60 -2.92 -24.33
CA VAL D 974 32.28 -4.09 -23.52
C VAL D 974 31.70 -5.22 -24.35
N LEU D 975 31.49 -5.01 -25.65
CA LEU D 975 31.02 -6.08 -26.52
C LEU D 975 32.13 -7.06 -26.83
N THR D 976 33.37 -6.59 -26.96
CA THR D 976 34.48 -7.43 -27.39
C THR D 976 35.55 -7.58 -26.32
N CYS D 977 35.22 -7.32 -25.06
CA CYS D 977 36.17 -7.58 -23.98
C CYS D 977 36.36 -9.08 -23.87
N ALA D 978 37.62 -9.51 -23.82
CA ALA D 978 37.95 -10.92 -23.90
C ALA D 978 38.11 -11.58 -22.53
N THR D 979 37.75 -10.89 -21.46
CA THR D 979 37.82 -11.50 -20.13
C THR D 979 36.70 -12.52 -19.97
N SER D 980 36.99 -13.55 -19.17
CA SER D 980 36.09 -14.68 -19.03
C SER D 980 34.75 -14.28 -18.41
N THR D 981 34.80 -13.80 -17.17
CA THR D 981 33.59 -13.57 -16.36
C THR D 981 33.44 -12.07 -16.13
N GLY D 982 32.68 -11.42 -17.00
CA GLY D 982 32.50 -9.98 -16.92
C GLY D 982 33.58 -9.23 -17.67
N VAL D 983 33.41 -7.91 -17.72
CA VAL D 983 34.24 -7.05 -18.54
C VAL D 983 35.52 -6.69 -17.81
N CYS D 984 36.50 -6.19 -18.56
CA CYS D 984 37.68 -5.57 -17.97
C CYS D 984 37.36 -4.11 -17.68
N ALA D 985 38.36 -3.35 -17.26
CA ALA D 985 38.13 -1.94 -16.97
C ALA D 985 38.27 -1.07 -18.22
N THR D 986 39.37 -1.23 -18.95
CA THR D 986 39.62 -0.35 -20.09
C THR D 986 38.60 -0.51 -21.19
N CYS D 987 37.95 -1.68 -21.28
CA CYS D 987 36.83 -1.82 -22.19
C CYS D 987 35.64 -0.97 -21.79
N TYR D 988 35.35 -0.88 -20.50
CA TYR D 988 34.22 -0.08 -20.05
C TYR D 988 34.48 1.42 -20.12
N GLY D 989 35.75 1.82 -20.21
CA GLY D 989 36.06 3.23 -20.34
C GLY D 989 35.76 4.02 -19.07
N ARG D 990 35.60 5.32 -19.26
CA ARG D 990 35.37 6.21 -18.12
C ARG D 990 34.05 5.86 -17.45
N SER D 991 34.09 5.73 -16.13
CA SER D 991 32.85 5.64 -15.36
C SER D 991 32.15 6.98 -15.40
N MET D 992 30.90 6.98 -15.89
CA MET D 992 30.22 8.24 -16.13
C MET D 992 29.93 9.02 -14.85
N ALA D 993 29.99 8.36 -13.68
CA ALA D 993 29.71 9.04 -12.43
C ALA D 993 30.94 9.75 -11.85
N THR D 994 32.09 9.09 -11.89
CA THR D 994 33.29 9.69 -11.30
C THR D 994 33.90 10.74 -12.22
N GLY D 995 33.95 10.46 -13.52
CA GLY D 995 34.77 11.21 -14.43
C GLY D 995 36.17 10.65 -14.60
N LYS D 996 36.53 9.64 -13.81
CA LYS D 996 37.79 8.93 -13.95
C LYS D 996 37.52 7.55 -14.53
N LEU D 997 38.56 6.74 -14.64
CA LEU D 997 38.40 5.38 -15.13
C LEU D 997 37.62 4.55 -14.13
N VAL D 998 36.86 3.57 -14.64
CA VAL D 998 36.05 2.73 -13.78
C VAL D 998 36.95 1.92 -12.86
N ASP D 999 36.43 1.62 -11.67
CA ASP D 999 37.19 0.87 -10.68
C ASP D 999 37.12 -0.62 -11.00
N ILE D 1000 37.71 -1.44 -10.14
CA ILE D 1000 37.86 -2.87 -10.40
C ILE D 1000 36.87 -3.65 -9.53
N GLY D 1001 35.85 -2.98 -9.04
CA GLY D 1001 34.83 -3.64 -8.25
C GLY D 1001 33.42 -3.26 -8.65
N GLU D 1002 33.28 -2.34 -9.61
CA GLU D 1002 31.98 -1.81 -9.94
C GLU D 1002 31.06 -2.91 -10.46
N ALA D 1003 29.78 -2.78 -10.14
CA ALA D 1003 28.75 -3.68 -10.69
C ALA D 1003 28.09 -2.99 -11.88
N VAL D 1004 28.90 -2.78 -12.92
CA VAL D 1004 28.45 -1.98 -14.05
C VAL D 1004 27.22 -2.56 -14.72
N GLY D 1005 26.97 -3.86 -14.55
CA GLY D 1005 25.74 -4.43 -15.08
C GLY D 1005 24.50 -3.82 -14.44
N ILE D 1006 24.53 -3.64 -13.11
CA ILE D 1006 23.38 -3.08 -12.42
C ILE D 1006 23.24 -1.61 -12.77
N VAL D 1007 24.35 -0.88 -12.87
CA VAL D 1007 24.27 0.52 -13.26
C VAL D 1007 23.68 0.65 -14.66
N ALA D 1008 24.08 -0.25 -15.56
CA ALA D 1008 23.53 -0.22 -16.91
C ALA D 1008 22.04 -0.51 -16.90
N ALA D 1009 21.62 -1.53 -16.17
CA ALA D 1009 20.20 -1.86 -16.13
C ALA D 1009 19.38 -0.72 -15.56
N GLN D 1010 19.85 -0.11 -14.47
CA GLN D 1010 19.13 1.00 -13.88
C GLN D 1010 19.08 2.19 -14.83
N SER D 1011 20.20 2.53 -15.46
CA SER D 1011 20.21 3.69 -16.34
C SER D 1011 19.37 3.48 -17.58
N ILE D 1012 19.17 2.23 -18.00
CA ILE D 1012 18.31 1.99 -19.15
C ILE D 1012 16.84 2.01 -18.74
N GLY D 1013 16.48 1.31 -17.68
CA GLY D 1013 15.09 1.19 -17.30
C GLY D 1013 14.58 2.26 -16.36
N GLU D 1014 15.42 3.24 -16.03
CA GLU D 1014 14.99 4.32 -15.16
C GLU D 1014 14.17 5.34 -15.94
N PRO D 1015 14.69 5.92 -17.02
CA PRO D 1015 13.93 6.97 -17.69
C PRO D 1015 12.84 6.40 -18.58
N GLY D 1016 12.00 5.55 -18.01
CA GLY D 1016 10.81 5.09 -18.68
C GLY D 1016 9.72 6.07 -18.36
N THR D 1017 8.65 5.62 -17.69
CA THR D 1017 7.62 6.50 -17.14
C THR D 1017 7.30 7.64 -18.09
N GLN D 1018 8.21 8.60 -18.19
CA GLN D 1018 8.11 9.72 -19.13
C GLN D 1018 8.57 9.25 -20.50
N LEU D 1019 7.85 8.28 -21.06
CA LEU D 1019 8.13 7.79 -22.40
C LEU D 1019 6.82 7.57 -23.13
N THR D 1020 6.39 8.57 -23.90
CA THR D 1020 5.04 8.58 -24.46
C THR D 1020 4.92 7.65 -25.66
N MET D 1021 3.78 7.72 -26.33
CA MET D 1021 3.51 6.94 -27.52
C MET D 1021 3.31 7.93 -28.66
N ARG D 1022 2.91 7.45 -29.84
CA ARG D 1022 2.80 8.33 -31.00
C ARG D 1022 1.42 8.15 -31.63
N THR D 1023 1.17 8.91 -32.68
CA THR D 1023 -0.11 8.90 -33.37
C THR D 1023 -0.18 7.74 -34.37
N ASP D 1032 2.15 -0.57 -39.07
CA ASP D 1032 1.79 -0.40 -37.66
C ASP D 1032 3.00 -0.62 -36.77
N ILE D 1033 3.88 0.38 -36.73
CA ILE D 1033 5.12 0.27 -35.96
C ILE D 1033 4.86 0.70 -34.53
N THR D 1034 5.33 -0.10 -33.58
CA THR D 1034 5.33 0.30 -32.18
C THR D 1034 6.46 1.30 -31.94
N GLY D 1035 6.14 2.40 -31.28
CA GLY D 1035 7.08 3.52 -31.21
C GLY D 1035 7.31 4.11 -29.83
N GLY D 1036 7.35 3.28 -28.79
CA GLY D 1036 7.57 3.76 -27.44
C GLY D 1036 8.13 2.70 -26.54
N LEU D 1037 7.73 2.71 -25.27
CA LEU D 1037 8.25 1.74 -24.34
C LEU D 1037 7.99 0.30 -24.76
N PRO D 1038 6.80 -0.06 -25.27
CA PRO D 1038 6.64 -1.43 -25.77
C PRO D 1038 7.61 -1.77 -26.90
N ARG D 1039 7.99 -0.79 -27.73
CA ARG D 1039 9.00 -1.07 -28.75
C ARG D 1039 10.32 -1.47 -28.12
N VAL D 1040 10.75 -0.73 -27.09
CA VAL D 1040 11.98 -1.07 -26.39
C VAL D 1040 11.85 -2.46 -25.77
N GLN D 1041 10.70 -2.75 -25.18
CA GLN D 1041 10.52 -4.05 -24.53
C GLN D 1041 10.61 -5.17 -25.53
N GLU D 1042 9.99 -5.02 -26.70
CA GLU D 1042 10.06 -6.07 -27.71
C GLU D 1042 11.47 -6.17 -28.31
N LEU D 1043 12.22 -5.07 -28.32
CA LEU D 1043 13.61 -5.15 -28.74
C LEU D 1043 14.43 -6.00 -27.77
N PHE D 1044 14.29 -5.72 -26.47
CA PHE D 1044 15.08 -6.47 -25.50
C PHE D 1044 14.57 -7.89 -25.33
N GLU D 1045 13.27 -8.11 -25.51
CA GLU D 1045 12.75 -9.46 -25.51
C GLU D 1045 13.08 -10.21 -26.79
N ALA D 1046 13.66 -9.54 -27.78
CA ALA D 1046 14.04 -10.16 -29.05
C ALA D 1046 12.83 -10.79 -29.73
N ARG D 1047 11.68 -10.16 -29.60
CA ARG D 1047 10.48 -10.65 -30.26
C ARG D 1047 10.62 -10.51 -31.77
N VAL D 1048 9.72 -11.17 -32.49
CA VAL D 1048 9.57 -10.89 -33.92
C VAL D 1048 8.78 -9.59 -33.99
N PRO D 1049 9.28 -8.55 -34.66
CA PRO D 1049 8.61 -7.24 -34.61
C PRO D 1049 7.14 -7.31 -34.95
N ARG D 1050 6.34 -6.51 -34.24
CA ARG D 1050 4.92 -6.40 -34.57
C ARG D 1050 4.75 -6.08 -36.06
N GLY D 1051 5.45 -5.06 -36.53
CA GLY D 1051 5.49 -4.74 -37.94
C GLY D 1051 6.69 -5.33 -38.65
N LYS D 1052 6.76 -6.65 -38.72
CA LYS D 1052 7.89 -7.29 -39.40
C LYS D 1052 8.01 -6.79 -40.82
N ALA D 1053 9.25 -6.47 -41.22
CA ALA D 1053 9.52 -5.97 -42.55
C ALA D 1053 10.66 -6.78 -43.17
N PRO D 1054 10.66 -6.93 -44.49
CA PRO D 1054 11.70 -7.77 -45.12
C PRO D 1054 13.05 -7.07 -45.12
N ILE D 1055 14.10 -7.88 -45.06
CA ILE D 1055 15.48 -7.43 -45.17
C ILE D 1055 16.16 -8.23 -46.27
N ALA D 1056 17.05 -7.56 -47.00
CA ALA D 1056 17.73 -8.20 -48.12
C ALA D 1056 18.58 -9.37 -47.63
N ASP D 1057 19.09 -10.14 -48.59
CA ASP D 1057 19.93 -11.29 -48.30
C ASP D 1057 21.23 -11.23 -49.08
N VAL D 1058 21.22 -10.56 -50.24
CA VAL D 1058 22.41 -10.42 -51.05
C VAL D 1058 22.24 -9.19 -51.93
N THR D 1059 23.36 -8.63 -52.40
CA THR D 1059 23.33 -7.42 -53.20
C THR D 1059 22.76 -7.73 -54.58
N GLY D 1060 22.75 -6.71 -55.43
CA GLY D 1060 22.20 -6.80 -56.77
C GLY D 1060 21.00 -5.89 -56.94
N ARG D 1061 20.49 -5.87 -58.17
CA ARG D 1061 19.31 -5.08 -58.43
C ARG D 1061 18.05 -5.84 -57.98
N VAL D 1062 16.94 -5.14 -58.01
CA VAL D 1062 15.68 -5.63 -57.46
C VAL D 1062 14.74 -5.99 -58.59
N ARG D 1063 14.00 -7.08 -58.38
CA ARG D 1063 12.94 -7.53 -59.27
C ARG D 1063 11.64 -7.09 -58.60
N LEU D 1064 11.18 -5.90 -58.97
CA LEU D 1064 10.00 -5.28 -58.38
C LEU D 1064 8.76 -5.55 -59.21
N GLU D 1065 7.69 -5.95 -58.55
CA GLU D 1065 6.43 -6.22 -59.24
C GLU D 1065 5.28 -5.93 -58.28
N ASP D 1066 4.25 -5.25 -58.78
CA ASP D 1066 3.04 -5.01 -58.03
C ASP D 1066 2.02 -6.06 -58.46
N GLY D 1067 1.84 -7.08 -57.61
CA GLY D 1067 0.93 -8.17 -57.91
C GLY D 1067 -0.51 -7.80 -57.60
N GLU D 1068 -1.33 -8.83 -57.44
CA GLU D 1068 -2.75 -8.63 -57.16
C GLU D 1068 -2.91 -8.06 -55.75
N ARG D 1069 -3.25 -6.77 -55.68
CA ARG D 1069 -3.62 -6.09 -54.44
C ARG D 1069 -2.53 -6.10 -53.38
N PHE D 1070 -1.35 -6.60 -53.72
CA PHE D 1070 -0.16 -6.45 -52.87
C PHE D 1070 1.06 -6.76 -53.73
N TYR D 1071 2.24 -6.72 -53.12
CA TYR D 1071 3.48 -6.61 -53.87
C TYR D 1071 4.13 -7.96 -54.11
N LYS D 1072 5.25 -7.93 -54.83
CA LYS D 1072 6.04 -9.12 -55.13
C LYS D 1072 7.45 -8.64 -55.42
N ILE D 1073 8.37 -8.89 -54.51
CA ILE D 1073 9.74 -8.39 -54.60
C ILE D 1073 10.69 -9.58 -54.57
N THR D 1074 11.69 -9.54 -55.44
CA THR D 1074 12.71 -10.59 -55.50
C THR D 1074 14.07 -9.92 -55.66
N ILE D 1075 15.13 -10.60 -55.25
CA ILE D 1075 16.48 -10.05 -55.35
C ILE D 1075 17.21 -10.75 -56.49
N VAL D 1076 17.78 -9.97 -57.40
CA VAL D 1076 18.58 -10.56 -58.47
C VAL D 1076 19.98 -10.77 -57.94
N PRO D 1077 20.49 -12.00 -57.84
CA PRO D 1077 21.83 -12.21 -57.29
C PRO D 1077 22.90 -11.71 -58.26
N ASP D 1078 24.12 -11.58 -57.75
CA ASP D 1078 25.24 -11.23 -58.64
C ASP D 1078 26.06 -12.52 -58.70
N ASP D 1079 25.76 -13.43 -57.77
CA ASP D 1079 26.43 -14.76 -57.72
C ASP D 1079 25.64 -15.58 -56.68
N GLY D 1080 24.52 -15.04 -56.21
CA GLY D 1080 23.70 -15.73 -55.18
C GLY D 1080 22.81 -16.78 -55.79
N GLY D 1081 23.04 -17.11 -57.07
CA GLY D 1081 22.27 -18.19 -57.72
C GLY D 1081 20.79 -18.09 -57.45
N GLU D 1082 20.26 -18.90 -56.52
CA GLU D 1082 18.83 -18.92 -56.34
C GLU D 1082 18.33 -17.53 -55.96
N GLU D 1083 17.26 -17.09 -56.63
CA GLU D 1083 16.66 -15.80 -56.34
C GLU D 1083 15.78 -15.90 -55.10
N VAL D 1084 15.98 -15.01 -54.14
CA VAL D 1084 15.13 -14.93 -52.96
C VAL D 1084 13.87 -14.15 -53.33
N VAL D 1085 12.71 -14.79 -53.16
CA VAL D 1085 11.44 -14.22 -53.56
C VAL D 1085 10.66 -13.83 -52.31
N TYR D 1086 10.25 -12.57 -52.25
CA TYR D 1086 9.38 -12.06 -51.19
C TYR D 1086 8.02 -11.79 -51.82
N ASP D 1087 7.06 -12.68 -51.56
CA ASP D 1087 5.77 -12.63 -52.24
C ASP D 1087 4.72 -11.85 -51.43
N LYS D 1088 4.43 -12.32 -50.22
CA LYS D 1088 3.28 -11.82 -49.48
C LYS D 1088 3.60 -10.55 -48.71
N ILE D 1089 4.03 -9.51 -49.41
CA ILE D 1089 4.23 -8.20 -48.81
C ILE D 1089 3.00 -7.36 -49.09
N SER D 1090 2.33 -6.91 -48.02
CA SER D 1090 1.00 -6.33 -48.14
C SER D 1090 1.03 -4.99 -48.87
N LYS D 1091 -0.16 -4.59 -49.35
CA LYS D 1091 -0.35 -3.28 -49.96
C LYS D 1091 -0.44 -2.16 -48.94
N ARG D 1092 -0.63 -2.48 -47.66
CA ARG D 1092 -0.73 -1.44 -46.64
C ARG D 1092 0.64 -0.84 -46.29
N GLN D 1093 1.72 -1.50 -46.66
CA GLN D 1093 3.06 -1.06 -46.29
C GLN D 1093 3.55 0.04 -47.23
N ARG D 1094 4.80 0.44 -47.06
CA ARG D 1094 5.46 1.40 -47.93
C ARG D 1094 6.88 0.93 -48.21
N LEU D 1095 7.39 1.30 -49.38
CA LEU D 1095 8.76 0.99 -49.74
C LEU D 1095 9.73 1.92 -49.02
N ARG D 1096 10.95 1.45 -48.83
CA ARG D 1096 11.93 2.20 -48.05
C ARG D 1096 12.46 3.37 -48.86
N VAL D 1097 12.47 4.55 -48.23
CA VAL D 1097 13.04 5.77 -48.81
C VAL D 1097 14.35 6.06 -48.12
N PHE D 1098 15.37 6.45 -48.90
CA PHE D 1098 16.66 6.77 -48.34
C PHE D 1098 17.36 7.77 -49.27
N LYS D 1099 18.28 8.54 -48.69
CA LYS D 1099 19.03 9.54 -49.43
C LYS D 1099 18.10 10.48 -50.16
N ARG D 1106 15.98 9.04 -51.87
CA ARG D 1106 14.88 8.78 -52.81
C ARG D 1106 14.17 7.47 -52.44
N VAL D 1107 12.96 7.31 -52.96
CA VAL D 1107 12.21 6.09 -52.72
C VAL D 1107 12.87 4.92 -53.43
N LEU D 1108 12.56 3.71 -52.98
CA LEU D 1108 13.09 2.50 -53.60
C LEU D 1108 12.50 2.36 -55.00
N SER D 1109 13.34 2.50 -56.01
CA SER D 1109 12.94 2.34 -57.40
C SER D 1109 13.42 1.00 -57.93
N ASP D 1110 12.77 0.53 -59.00
CA ASP D 1110 13.13 -0.73 -59.60
C ASP D 1110 14.52 -0.64 -60.23
N GLY D 1111 15.24 -1.76 -60.19
CA GLY D 1111 16.58 -1.82 -60.70
C GLY D 1111 17.63 -1.21 -59.79
N ASP D 1112 17.25 -0.75 -58.60
CA ASP D 1112 18.18 -0.15 -57.68
C ASP D 1112 19.01 -1.21 -56.98
N HIS D 1113 20.28 -0.89 -56.75
CA HIS D 1113 21.24 -1.83 -56.17
C HIS D 1113 21.08 -1.84 -54.65
N VAL D 1114 20.76 -3.00 -54.10
CA VAL D 1114 20.53 -3.15 -52.68
C VAL D 1114 21.78 -3.72 -52.02
N GLU D 1115 21.86 -3.59 -50.70
CA GLU D 1115 22.98 -4.10 -49.92
C GLU D 1115 22.74 -5.58 -49.60
N VAL D 1116 23.63 -6.16 -48.80
CA VAL D 1116 23.46 -7.54 -48.36
C VAL D 1116 22.26 -7.66 -47.44
N GLY D 1117 22.15 -6.75 -46.48
CA GLY D 1117 21.04 -6.75 -45.54
C GLY D 1117 20.25 -5.45 -45.58
N GLN D 1118 20.10 -4.89 -46.77
CA GLN D 1118 19.29 -3.68 -46.91
C GLN D 1118 17.84 -3.98 -46.53
N GLN D 1119 17.23 -3.04 -45.83
CA GLN D 1119 15.83 -3.19 -45.46
C GLN D 1119 14.95 -2.92 -46.66
N LEU D 1120 14.05 -3.85 -46.98
CA LEU D 1120 13.16 -3.68 -48.12
C LEU D 1120 12.09 -2.64 -47.81
N MET D 1121 11.36 -2.83 -46.71
CA MET D 1121 10.25 -1.96 -46.36
C MET D 1121 10.62 -1.07 -45.18
N GLU D 1122 10.29 0.21 -45.30
CA GLU D 1122 10.45 1.13 -44.18
C GLU D 1122 9.63 0.64 -43.00
N GLY D 1123 10.31 0.40 -41.88
CA GLY D 1123 9.69 -0.25 -40.75
C GLY D 1123 10.72 -0.71 -39.75
N SER D 1124 10.65 -1.98 -39.37
CA SER D 1124 11.65 -2.57 -38.49
C SER D 1124 11.80 -4.04 -38.85
N ALA D 1125 12.94 -4.62 -38.45
CA ALA D 1125 13.30 -5.98 -38.82
C ALA D 1125 13.56 -6.81 -37.58
N ASP D 1126 13.46 -8.13 -37.74
CA ASP D 1126 13.63 -9.05 -36.62
C ASP D 1126 15.12 -9.28 -36.38
N PRO D 1127 15.62 -9.06 -35.15
CA PRO D 1127 17.06 -9.27 -34.91
C PRO D 1127 17.54 -10.68 -35.21
N HIS D 1128 16.67 -11.68 -35.11
CA HIS D 1128 17.09 -13.04 -35.46
C HIS D 1128 17.56 -13.11 -36.90
N GLU D 1129 16.80 -12.51 -37.82
CA GLU D 1129 17.13 -12.62 -39.23
C GLU D 1129 18.39 -11.85 -39.55
N VAL D 1130 18.52 -10.63 -39.03
CA VAL D 1130 19.74 -9.87 -39.29
C VAL D 1130 20.94 -10.54 -38.64
N LEU D 1131 20.76 -11.22 -37.50
CA LEU D 1131 21.85 -12.06 -37.00
C LEU D 1131 22.23 -13.10 -38.05
N ARG D 1132 21.27 -13.95 -38.41
CA ARG D 1132 21.59 -15.06 -39.31
C ARG D 1132 22.22 -14.59 -40.61
N VAL D 1133 21.91 -13.37 -41.05
CA VAL D 1133 22.42 -12.88 -42.32
C VAL D 1133 23.76 -12.17 -42.15
N GLN D 1134 23.86 -11.22 -41.23
CA GLN D 1134 24.98 -10.30 -41.14
C GLN D 1134 25.78 -10.42 -39.84
N GLY D 1135 25.73 -11.57 -39.18
CA GLY D 1135 26.64 -11.84 -38.08
C GLY D 1135 26.33 -11.08 -36.81
N PRO D 1136 27.19 -11.25 -35.80
CA PRO D 1136 26.93 -10.65 -34.47
C PRO D 1136 27.13 -9.15 -34.43
N ARG D 1137 28.20 -8.67 -35.09
CA ARG D 1137 28.49 -7.24 -35.13
C ARG D 1137 27.27 -6.46 -35.57
N GLU D 1138 26.67 -6.89 -36.67
CA GLU D 1138 25.56 -6.15 -37.24
C GLU D 1138 24.40 -6.08 -36.27
N VAL D 1139 24.10 -7.18 -35.59
CA VAL D 1139 22.94 -7.16 -34.71
C VAL D 1139 23.23 -6.32 -33.48
N GLN D 1140 24.47 -6.30 -33.02
CA GLN D 1140 24.80 -5.41 -31.91
C GLN D 1140 24.58 -3.96 -32.32
N ILE D 1141 25.10 -3.59 -33.49
CA ILE D 1141 24.92 -2.22 -33.96
C ILE D 1141 23.45 -1.91 -34.16
N HIS D 1142 22.70 -2.87 -34.71
CA HIS D 1142 21.29 -2.67 -34.96
C HIS D 1142 20.52 -2.46 -33.67
N LEU D 1143 20.78 -3.28 -32.66
CA LEU D 1143 20.09 -3.13 -31.38
C LEU D 1143 20.42 -1.81 -30.72
N VAL D 1144 21.71 -1.46 -30.67
CA VAL D 1144 22.10 -0.20 -30.05
C VAL D 1144 21.44 0.97 -30.77
N ARG D 1145 21.56 1.00 -32.10
CA ARG D 1145 20.96 2.08 -32.88
C ARG D 1145 19.46 2.13 -32.66
N GLU D 1146 18.79 0.97 -32.66
CA GLU D 1146 17.34 0.94 -32.60
C GLU D 1146 16.83 1.40 -31.24
N VAL D 1147 17.50 1.02 -30.15
CA VAL D 1147 17.07 1.50 -28.84
C VAL D 1147 17.38 2.98 -28.67
N GLN D 1148 18.57 3.40 -29.07
CA GLN D 1148 18.92 4.80 -28.94
C GLN D 1148 18.09 5.67 -29.88
N GLU D 1149 17.50 5.11 -30.93
CA GLU D 1149 16.57 5.88 -31.74
C GLU D 1149 15.33 6.23 -30.94
N VAL D 1150 14.83 5.28 -30.14
CA VAL D 1150 13.69 5.57 -29.27
C VAL D 1150 14.08 6.59 -28.22
N TYR D 1151 15.24 6.42 -27.59
CA TYR D 1151 15.59 7.30 -26.49
C TYR D 1151 15.98 8.71 -26.96
N ARG D 1152 16.59 8.84 -28.14
CA ARG D 1152 16.79 10.16 -28.69
C ARG D 1152 15.47 10.82 -29.04
N ALA D 1153 14.50 10.05 -29.51
CA ALA D 1153 13.21 10.62 -29.90
C ALA D 1153 12.55 11.33 -28.72
N GLN D 1154 12.72 10.82 -27.50
CA GLN D 1154 12.24 11.49 -26.31
C GLN D 1154 13.27 12.46 -25.72
N GLY D 1155 14.45 12.54 -26.30
CA GLY D 1155 15.47 13.45 -25.81
C GLY D 1155 15.99 13.10 -24.43
N VAL D 1156 16.32 11.83 -24.21
CA VAL D 1156 16.93 11.37 -22.97
C VAL D 1156 18.35 10.90 -23.28
N SER D 1157 19.32 11.42 -22.55
CA SER D 1157 20.72 11.11 -22.81
C SER D 1157 21.09 9.82 -22.07
N ILE D 1158 21.36 8.77 -22.83
CA ILE D 1158 21.88 7.52 -22.30
C ILE D 1158 23.12 7.14 -23.11
N HIS D 1159 24.23 6.94 -22.42
CA HIS D 1159 25.44 6.54 -23.12
C HIS D 1159 25.31 5.10 -23.59
N ASP D 1160 25.95 4.80 -24.72
CA ASP D 1160 25.71 3.53 -25.38
C ASP D 1160 26.30 2.35 -24.62
N LYS D 1161 27.29 2.57 -23.76
CA LYS D 1161 27.94 1.43 -23.13
C LYS D 1161 27.00 0.65 -22.22
N HIS D 1162 25.96 1.29 -21.68
CA HIS D 1162 24.99 0.53 -20.89
C HIS D 1162 24.21 -0.45 -21.77
N ILE D 1163 23.69 0.05 -22.89
CA ILE D 1163 23.01 -0.82 -23.83
C ILE D 1163 23.96 -1.88 -24.34
N GLU D 1164 25.24 -1.55 -24.48
CA GLU D 1164 26.21 -2.53 -24.93
C GLU D 1164 26.43 -3.62 -23.88
N VAL D 1165 26.42 -3.25 -22.60
CA VAL D 1165 26.49 -4.26 -21.55
C VAL D 1165 25.33 -5.23 -21.68
N ILE D 1166 24.11 -4.70 -21.81
CA ILE D 1166 22.96 -5.58 -21.90
C ILE D 1166 23.05 -6.46 -23.15
N VAL D 1167 23.38 -5.86 -24.31
CA VAL D 1167 23.45 -6.63 -25.53
C VAL D 1167 24.53 -7.70 -25.44
N ARG D 1168 25.69 -7.37 -24.87
CA ARG D 1168 26.70 -8.38 -24.63
C ARG D 1168 26.13 -9.52 -23.80
N GLN D 1169 25.25 -9.22 -22.85
CA GLN D 1169 24.62 -10.30 -22.10
C GLN D 1169 23.65 -11.08 -22.96
N MET D 1170 23.11 -10.47 -24.02
CA MET D 1170 22.19 -11.21 -24.89
C MET D 1170 22.92 -12.26 -25.74
N LEU D 1171 24.09 -11.90 -26.29
CA LEU D 1171 24.73 -12.67 -27.34
C LEU D 1171 25.77 -13.65 -26.79
N ARG D 1172 25.55 -14.18 -25.59
CA ARG D 1172 26.53 -15.10 -25.01
C ARG D 1172 26.53 -16.45 -25.71
N ARG D 1173 25.40 -17.15 -25.66
CA ARG D 1173 25.40 -18.57 -25.95
C ARG D 1173 25.37 -18.85 -27.45
N VAL D 1174 25.63 -20.11 -27.77
CA VAL D 1174 25.56 -20.63 -29.13
C VAL D 1174 24.71 -21.89 -29.11
N THR D 1175 24.12 -22.18 -30.27
CA THR D 1175 23.26 -23.33 -30.47
C THR D 1175 24.03 -24.44 -31.17
N ILE D 1176 23.63 -25.68 -30.86
CA ILE D 1176 24.31 -26.87 -31.34
C ILE D 1176 23.45 -27.41 -32.48
N ILE D 1177 24.00 -27.40 -33.68
CA ILE D 1177 23.37 -28.03 -34.83
C ILE D 1177 23.95 -29.42 -35.09
N ASP D 1178 25.18 -29.68 -34.64
CA ASP D 1178 25.80 -30.99 -34.74
C ASP D 1178 26.45 -31.30 -33.40
N SER D 1179 26.15 -32.48 -32.86
CA SER D 1179 26.67 -32.85 -31.54
C SER D 1179 28.16 -33.09 -31.56
N GLY D 1180 28.77 -33.23 -32.74
CA GLY D 1180 30.12 -33.75 -32.81
C GLY D 1180 30.10 -35.19 -32.35
N SER D 1181 30.78 -35.49 -31.25
CA SER D 1181 30.55 -36.75 -30.55
C SER D 1181 30.65 -36.57 -29.05
N THR D 1182 30.35 -35.39 -28.52
CA THR D 1182 30.68 -35.05 -27.14
C THR D 1182 29.57 -34.24 -26.47
N GLU D 1183 28.65 -34.94 -25.82
CA GLU D 1183 27.92 -34.41 -24.67
C GLU D 1183 26.86 -33.36 -24.99
N PHE D 1184 26.78 -32.90 -26.24
CA PHE D 1184 25.97 -31.74 -26.58
C PHE D 1184 24.75 -32.17 -27.37
N LEU D 1185 23.56 -31.96 -26.79
CA LEU D 1185 22.31 -32.28 -27.46
C LEU D 1185 22.02 -31.25 -28.56
N PRO D 1186 21.53 -31.69 -29.73
CA PRO D 1186 21.12 -30.71 -30.75
C PRO D 1186 19.93 -29.87 -30.28
N GLY D 1187 19.96 -28.59 -30.64
CA GLY D 1187 18.97 -27.63 -30.24
C GLY D 1187 19.21 -27.00 -28.89
N SER D 1188 20.09 -27.58 -28.08
CA SER D 1188 20.42 -27.02 -26.78
C SER D 1188 21.32 -25.79 -26.94
N LEU D 1189 21.22 -24.88 -25.98
CA LEU D 1189 21.95 -23.62 -25.99
C LEU D 1189 22.99 -23.67 -24.88
N ILE D 1190 24.25 -23.41 -25.24
CA ILE D 1190 25.34 -23.46 -24.26
C ILE D 1190 26.19 -22.21 -24.36
N ASP D 1191 26.81 -21.85 -23.24
CA ASP D 1191 27.69 -20.70 -23.18
C ASP D 1191 28.86 -20.88 -24.14
N ARG D 1192 29.28 -19.76 -24.74
CA ARG D 1192 30.35 -19.80 -25.74
C ARG D 1192 31.65 -20.30 -25.13
N ALA D 1193 32.01 -19.79 -23.95
CA ALA D 1193 33.29 -20.17 -23.35
C ALA D 1193 33.36 -21.67 -23.11
N GLU D 1194 32.28 -22.24 -22.56
CA GLU D 1194 32.23 -23.68 -22.37
C GLU D 1194 32.36 -24.42 -23.70
N PHE D 1195 31.70 -23.91 -24.73
CA PHE D 1195 31.76 -24.54 -26.05
C PHE D 1195 33.20 -24.59 -26.55
N GLU D 1196 33.90 -23.45 -26.52
CA GLU D 1196 35.27 -23.42 -27.02
C GLU D 1196 36.18 -24.29 -26.16
N ALA D 1197 36.00 -24.27 -24.83
CA ALA D 1197 36.83 -25.12 -23.99
C ALA D 1197 36.59 -26.60 -24.26
N GLU D 1198 35.33 -26.99 -24.47
CA GLU D 1198 35.02 -28.37 -24.81
C GLU D 1198 35.67 -28.77 -26.13
N ASN D 1199 35.61 -27.88 -27.12
CA ASN D 1199 36.28 -28.19 -28.39
C ASN D 1199 37.78 -28.28 -28.23
N ARG D 1200 38.37 -27.42 -27.40
CA ARG D 1200 39.81 -27.52 -27.13
C ARG D 1200 40.15 -28.86 -26.47
N ARG D 1201 39.29 -29.33 -25.57
CA ARG D 1201 39.53 -30.62 -24.94
C ARG D 1201 39.36 -31.78 -25.91
N VAL D 1202 38.38 -31.69 -26.81
CA VAL D 1202 37.99 -32.83 -27.63
C VAL D 1202 38.68 -32.84 -28.99
N VAL D 1203 39.44 -31.79 -29.34
CA VAL D 1203 40.31 -31.91 -30.50
C VAL D 1203 41.39 -32.96 -30.24
N ALA D 1204 41.85 -33.05 -28.99
CA ALA D 1204 42.65 -34.18 -28.57
C ALA D 1204 41.77 -35.39 -28.32
N GLU D 1205 42.40 -36.54 -28.08
CA GLU D 1205 41.69 -37.79 -27.86
C GLU D 1205 40.74 -38.10 -29.03
N GLY D 1206 41.22 -37.86 -30.25
CA GLY D 1206 40.39 -37.97 -31.42
C GLY D 1206 39.67 -36.66 -31.69
N GLY D 1207 39.81 -36.13 -32.91
CA GLY D 1207 39.32 -34.82 -33.24
C GLY D 1207 37.97 -34.86 -33.93
N GLU D 1208 36.98 -34.21 -33.30
CA GLU D 1208 35.69 -33.96 -33.93
C GLU D 1208 35.20 -32.61 -33.39
N PRO D 1209 34.78 -31.69 -34.27
CA PRO D 1209 34.17 -30.45 -33.76
C PRO D 1209 32.67 -30.57 -33.58
N ALA D 1210 32.18 -29.97 -32.50
CA ALA D 1210 30.76 -29.70 -32.35
C ALA D 1210 30.44 -28.39 -33.07
N ALA D 1211 29.51 -28.45 -34.02
CA ALA D 1211 29.20 -27.29 -34.84
C ALA D 1211 28.28 -26.35 -34.06
N GLY D 1212 28.70 -25.10 -33.93
CA GLY D 1212 27.96 -24.11 -33.16
C GLY D 1212 27.56 -22.94 -34.05
N ARG D 1213 26.39 -22.37 -33.77
CA ARG D 1213 25.94 -21.17 -34.45
C ARG D 1213 25.52 -20.12 -33.43
N PRO D 1214 25.89 -18.85 -33.60
CA PRO D 1214 25.44 -17.84 -32.64
C PRO D 1214 23.93 -17.72 -32.63
N VAL D 1215 23.38 -17.47 -31.44
CA VAL D 1215 21.94 -17.26 -31.26
C VAL D 1215 21.73 -15.92 -30.59
N LEU D 1216 20.60 -15.29 -30.87
CA LEU D 1216 20.18 -14.07 -30.21
C LEU D 1216 18.91 -14.40 -29.44
N MET D 1217 18.98 -14.29 -28.11
CA MET D 1217 17.87 -14.61 -27.23
C MET D 1217 17.47 -13.37 -26.44
N GLY D 1218 16.19 -13.28 -26.13
CA GLY D 1218 15.71 -12.15 -25.35
C GLY D 1218 16.21 -12.19 -23.92
N ILE D 1219 16.07 -11.04 -23.25
CA ILE D 1219 16.59 -10.90 -21.90
C ILE D 1219 15.96 -11.94 -20.97
N THR D 1220 14.65 -12.15 -21.11
CA THR D 1220 13.98 -13.12 -20.25
C THR D 1220 14.59 -14.50 -20.42
N LYS D 1221 14.72 -14.96 -21.67
CA LYS D 1221 15.33 -16.27 -21.92
C LYS D 1221 16.76 -16.31 -21.43
N ALA D 1222 17.49 -15.19 -21.58
CA ALA D 1222 18.86 -15.14 -21.10
C ALA D 1222 18.92 -15.37 -19.60
N SER D 1223 17.98 -14.77 -18.85
CA SER D 1223 17.94 -15.00 -17.42
C SER D 1223 17.56 -16.44 -17.10
N LEU D 1224 16.67 -17.04 -17.90
CA LEU D 1224 16.19 -18.38 -17.57
C LEU D 1224 17.33 -19.39 -17.53
N ALA D 1225 18.42 -19.15 -18.26
CA ALA D 1225 19.52 -20.09 -18.33
C ALA D 1225 20.63 -19.80 -17.32
N THR D 1226 20.31 -19.17 -16.20
CA THR D 1226 21.30 -18.97 -15.14
C THR D 1226 21.67 -20.30 -14.52
N ASP D 1227 22.94 -20.46 -14.17
CA ASP D 1227 23.40 -21.74 -13.64
C ASP D 1227 22.88 -21.97 -12.22
N SER D 1228 22.91 -20.93 -11.38
CA SER D 1228 22.56 -21.09 -9.98
C SER D 1228 21.07 -21.38 -9.84
N TRP D 1229 20.75 -22.54 -9.25
CA TRP D 1229 19.36 -22.88 -8.99
C TRP D 1229 18.72 -21.87 -8.04
N LEU D 1230 19.50 -21.29 -7.13
CA LEU D 1230 18.95 -20.38 -6.14
C LEU D 1230 18.33 -19.15 -6.82
N SER D 1231 19.13 -18.43 -7.61
CA SER D 1231 18.60 -17.28 -8.33
C SER D 1231 17.54 -17.71 -9.33
N ALA D 1232 17.74 -18.85 -9.98
CA ALA D 1232 16.78 -19.34 -10.98
C ALA D 1232 15.40 -19.50 -10.35
N ALA D 1233 15.33 -20.03 -9.14
CA ALA D 1233 14.06 -20.19 -8.45
C ALA D 1233 13.57 -18.84 -7.94
N SER D 1234 14.47 -18.00 -7.46
CA SER D 1234 14.06 -16.68 -7.00
C SER D 1234 13.45 -15.87 -8.12
N PHE D 1235 13.69 -16.26 -9.37
CA PHE D 1235 13.09 -15.57 -10.51
C PHE D 1235 11.60 -15.89 -10.64
N GLN D 1236 11.27 -17.13 -10.99
CA GLN D 1236 9.87 -17.56 -11.14
C GLN D 1236 9.87 -19.03 -11.53
N GLU D 1237 8.70 -19.66 -11.40
CA GLU D 1237 8.53 -21.09 -11.63
C GLU D 1237 9.34 -21.89 -10.61
N THR D 1238 9.14 -21.57 -9.33
CA THR D 1238 9.99 -22.12 -8.28
C THR D 1238 9.94 -23.64 -8.27
N THR D 1239 8.75 -24.20 -8.39
CA THR D 1239 8.60 -25.66 -8.31
C THR D 1239 9.47 -26.34 -9.35
N ARG D 1240 9.35 -25.92 -10.61
CA ARG D 1240 10.09 -26.57 -11.69
C ARG D 1240 11.59 -26.42 -11.49
N VAL D 1241 12.03 -25.22 -11.13
CA VAL D 1241 13.46 -24.99 -10.95
C VAL D 1241 13.99 -25.90 -9.86
N LEU D 1242 13.32 -25.92 -8.70
CA LEU D 1242 13.82 -26.71 -7.59
C LEU D 1242 13.82 -28.19 -7.93
N THR D 1243 12.75 -28.69 -8.56
CA THR D 1243 12.70 -30.11 -8.83
C THR D 1243 13.78 -30.54 -9.81
N ASP D 1244 14.01 -29.75 -10.87
CA ASP D 1244 15.04 -30.15 -11.82
C ASP D 1244 16.44 -30.02 -11.22
N ALA D 1245 16.67 -28.96 -10.44
CA ALA D 1245 17.95 -28.82 -9.76
C ALA D 1245 18.20 -30.03 -8.85
N ALA D 1246 17.16 -30.46 -8.14
CA ALA D 1246 17.28 -31.64 -7.29
C ALA D 1246 17.61 -32.86 -8.12
N ILE D 1247 16.93 -33.05 -9.23
CA ILE D 1247 17.12 -34.25 -10.03
C ILE D 1247 18.56 -34.32 -10.50
N ASN D 1248 19.17 -33.16 -10.79
CA ASN D 1248 20.52 -33.12 -11.32
C ASN D 1248 21.58 -32.84 -10.26
N CYS D 1249 21.21 -32.81 -8.99
CA CYS D 1249 22.16 -32.53 -7.90
C CYS D 1249 22.95 -31.27 -8.20
N ARG D 1250 22.22 -30.20 -8.53
CA ARG D 1250 22.85 -28.94 -8.88
C ARG D 1250 23.65 -28.39 -7.71
N SER D 1251 24.75 -27.72 -8.02
CA SER D 1251 25.63 -27.12 -7.02
C SER D 1251 25.89 -25.67 -7.39
N ASP D 1252 25.24 -24.76 -6.67
CA ASP D 1252 25.50 -23.34 -6.85
C ASP D 1252 26.75 -22.93 -6.07
N LYS D 1253 27.49 -21.97 -6.62
CA LYS D 1253 28.76 -21.54 -6.05
C LYS D 1253 28.65 -20.23 -5.30
N LEU D 1254 27.47 -19.63 -5.22
CA LEU D 1254 27.25 -18.41 -4.44
C LEU D 1254 28.22 -17.31 -4.86
N ASN D 1255 28.17 -16.96 -6.15
CA ASN D 1255 29.09 -15.99 -6.72
C ASN D 1255 28.40 -14.83 -7.43
N GLY D 1256 27.08 -14.85 -7.58
CA GLY D 1256 26.37 -13.73 -8.12
C GLY D 1256 26.17 -12.64 -7.09
N LEU D 1257 25.54 -11.55 -7.53
CA LEU D 1257 25.14 -10.49 -6.63
C LEU D 1257 23.67 -10.58 -6.25
N LYS D 1258 23.04 -11.71 -6.54
CA LYS D 1258 21.67 -12.00 -6.11
C LYS D 1258 21.59 -13.22 -5.23
N GLU D 1259 22.46 -14.21 -5.47
CA GLU D 1259 22.53 -15.37 -4.58
C GLU D 1259 23.19 -15.03 -3.26
N ASN D 1260 24.05 -14.01 -3.24
CA ASN D 1260 24.76 -13.62 -2.02
C ASN D 1260 24.02 -12.54 -1.23
N VAL D 1261 22.88 -12.06 -1.73
CA VAL D 1261 22.01 -11.18 -0.97
C VAL D 1261 20.92 -11.94 -0.23
N ILE D 1262 20.83 -13.24 -0.46
CA ILE D 1262 19.86 -14.10 0.21
C ILE D 1262 20.44 -14.71 1.47
N ILE D 1263 21.63 -15.31 1.35
CA ILE D 1263 22.20 -16.05 2.47
C ILE D 1263 23.00 -15.11 3.37
N GLY D 1264 22.95 -13.81 3.08
CA GLY D 1264 23.43 -12.81 4.01
C GLY D 1264 24.92 -12.62 4.07
N LYS D 1265 25.71 -13.41 3.34
CA LYS D 1265 27.15 -13.20 3.36
C LYS D 1265 27.50 -12.07 2.41
N LEU D 1266 28.79 -11.79 2.25
CA LEU D 1266 29.26 -10.57 1.61
C LEU D 1266 29.24 -10.73 0.09
N ILE D 1267 28.62 -9.78 -0.60
CA ILE D 1267 28.40 -9.88 -2.04
C ILE D 1267 29.72 -9.69 -2.78
N PRO D 1268 30.04 -10.49 -3.81
CA PRO D 1268 31.26 -10.27 -4.61
C PRO D 1268 31.15 -9.09 -5.58
N ALA D 1269 30.94 -7.89 -5.05
CA ALA D 1269 31.04 -6.67 -5.85
C ALA D 1269 31.35 -5.51 -4.94
N GLY D 1270 32.07 -4.53 -5.47
CA GLY D 1270 32.47 -3.39 -4.67
C GLY D 1270 33.45 -3.76 -3.58
N THR D 1271 33.09 -3.52 -2.33
CA THR D 1271 33.97 -3.78 -1.20
C THR D 1271 33.83 -5.19 -0.66
N GLY D 1272 33.39 -6.14 -1.48
CA GLY D 1272 33.24 -7.52 -1.05
C GLY D 1272 34.28 -8.45 -1.63
N ILE D 1273 34.82 -8.11 -2.80
CA ILE D 1273 35.78 -8.97 -3.46
C ILE D 1273 37.08 -8.99 -2.67
N ASN D 1274 37.83 -10.09 -2.82
CA ASN D 1274 39.00 -10.33 -1.97
C ASN D 1274 40.16 -9.41 -2.27
N ARG D 1275 40.15 -8.68 -3.39
CA ARG D 1275 41.17 -7.68 -3.61
C ARG D 1275 41.02 -6.49 -2.68
N TYR D 1276 39.84 -6.29 -2.11
CA TYR D 1276 39.54 -5.16 -1.23
C TYR D 1276 39.15 -5.59 0.18
N ARG D 1277 38.47 -6.73 0.32
CA ARG D 1277 37.99 -7.16 1.63
C ARG D 1277 39.12 -7.70 2.51
N ASN D 1278 40.26 -8.06 1.92
CA ASN D 1278 41.38 -8.62 2.68
C ASN D 1278 42.61 -7.70 2.64
N ILE D 1279 42.40 -6.40 2.51
CA ILE D 1279 43.53 -5.47 2.59
C ILE D 1279 43.96 -5.36 4.05
N ALA D 1280 45.26 -5.18 4.27
CA ALA D 1280 45.82 -5.07 5.61
C ALA D 1280 46.24 -3.63 5.87
N VAL D 1281 45.80 -3.09 7.00
CA VAL D 1281 46.06 -1.71 7.37
C VAL D 1281 47.00 -1.71 8.56
N GLN D 1282 48.17 -1.09 8.41
CA GLN D 1282 49.14 -1.02 9.46
C GLN D 1282 49.79 0.35 9.50
N PRO D 1283 50.12 0.87 10.68
CA PRO D 1283 50.88 2.13 10.74
C PRO D 1283 52.23 1.97 10.06
N THR D 1284 52.62 2.98 9.28
CA THR D 1284 53.89 2.92 8.61
C THR D 1284 55.02 2.96 9.65
N GLU D 1285 56.10 2.24 9.36
CA GLU D 1285 57.16 2.06 10.34
C GLU D 1285 57.70 3.39 10.84
N GLU D 1286 57.71 4.41 9.98
CA GLU D 1286 58.28 5.70 10.36
C GLU D 1286 57.40 6.40 11.39
N ALA D 1287 56.10 6.51 11.09
CA ALA D 1287 55.17 7.11 12.05
C ALA D 1287 55.03 6.25 13.29
N ARG D 1288 55.04 4.92 13.11
CA ARG D 1288 54.99 4.03 14.26
C ARG D 1288 56.18 4.25 15.18
N ALA D 1289 57.38 4.43 14.61
CA ALA D 1289 58.55 4.74 15.41
C ALA D 1289 58.41 6.09 16.10
N ALA D 1290 57.90 7.08 15.37
CA ALA D 1290 57.71 8.40 15.97
C ALA D 1290 56.73 8.34 17.12
N ALA D 1291 55.66 7.55 16.97
CA ALA D 1291 54.65 7.39 18.00
C ALA D 1291 55.26 7.06 19.35
N GLY E 27 46.72 23.69 -5.18
CA GLY E 27 45.46 23.24 -4.64
C GLY E 27 44.65 24.37 -4.02
N GLY E 28 43.75 24.95 -4.81
CA GLY E 28 42.94 26.06 -4.37
C GLY E 28 41.48 25.72 -4.21
N TYR E 29 40.97 25.79 -2.99
CA TYR E 29 39.56 25.56 -2.74
C TYR E 29 39.21 26.10 -1.36
N ASP E 30 37.92 26.33 -1.15
CA ASP E 30 37.45 26.77 0.17
C ASP E 30 37.60 25.64 1.18
N THR E 31 37.83 26.00 2.44
CA THR E 31 38.15 25.02 3.45
C THR E 31 37.01 24.01 3.60
N PRO E 32 37.30 22.70 3.58
CA PRO E 32 36.23 21.73 3.80
C PRO E 32 35.69 21.85 5.22
N LEU E 33 34.42 21.46 5.38
CA LEU E 33 33.71 21.62 6.65
C LEU E 33 32.90 20.37 6.95
N GLY E 34 33.26 19.68 8.02
CA GLY E 34 32.44 18.58 8.49
C GLY E 34 32.82 17.27 7.86
N ILE E 35 31.83 16.60 7.28
CA ILE E 35 31.99 15.23 6.79
C ILE E 35 32.81 15.21 5.50
N THR E 36 33.23 16.38 5.02
CA THR E 36 34.02 16.48 3.79
C THR E 36 35.47 16.87 4.04
N ASN E 37 35.94 16.78 5.28
CA ASN E 37 37.32 17.09 5.63
C ASN E 37 38.00 15.81 6.12
N PRO E 38 39.07 15.32 5.48
CA PRO E 38 39.80 15.86 4.32
C PRO E 38 39.10 15.63 3.00
N PRO E 39 39.44 16.40 1.96
CA PRO E 39 38.80 16.20 0.66
C PRO E 39 39.11 14.82 0.09
N ILE E 40 38.07 14.17 -0.42
CA ILE E 40 38.23 12.82 -0.94
C ILE E 40 39.12 12.77 -2.17
N ASP E 41 39.21 13.84 -2.96
CA ASP E 41 40.05 13.78 -4.14
C ASP E 41 41.52 13.73 -3.77
N GLU E 42 41.92 14.36 -2.67
CA GLU E 42 43.28 14.20 -2.17
C GLU E 42 43.47 12.86 -1.48
N LEU E 43 42.40 12.23 -1.01
CA LEU E 43 42.52 10.89 -0.44
C LEU E 43 42.73 9.85 -1.54
N LEU E 44 42.06 10.01 -2.68
CA LEU E 44 42.11 8.98 -3.71
C LEU E 44 43.50 8.83 -4.32
N ASP E 45 44.35 9.84 -4.19
CA ASP E 45 45.70 9.73 -4.74
C ASP E 45 46.57 8.78 -3.92
N ARG E 46 46.14 8.40 -2.72
CA ARG E 46 46.96 7.52 -1.89
C ARG E 46 46.76 6.06 -2.25
N VAL E 47 45.57 5.68 -2.67
CA VAL E 47 45.24 4.28 -2.91
C VAL E 47 44.87 4.07 -4.38
N SER E 48 44.54 2.82 -4.74
CA SER E 48 44.21 2.50 -6.12
C SER E 48 42.81 2.98 -6.47
N SER E 49 41.80 2.45 -5.79
CA SER E 49 40.41 2.80 -6.03
C SER E 49 39.75 3.12 -4.70
N LYS E 50 38.53 3.68 -4.78
CA LYS E 50 37.87 4.13 -3.56
C LYS E 50 37.41 2.97 -2.67
N TYR E 51 37.19 1.79 -3.23
CA TYR E 51 36.86 0.64 -2.39
C TYR E 51 38.01 0.30 -1.46
N ALA E 52 39.23 0.33 -1.98
CA ALA E 52 40.40 0.14 -1.12
C ALA E 52 40.44 1.23 -0.05
N LEU E 53 40.10 2.46 -0.42
CA LEU E 53 40.08 3.54 0.56
C LEU E 53 39.08 3.25 1.67
N VAL E 54 37.91 2.73 1.31
CA VAL E 54 36.87 2.45 2.31
C VAL E 54 37.35 1.38 3.28
N ILE E 55 37.83 0.25 2.75
CA ILE E 55 38.24 -0.81 3.66
C ILE E 55 39.44 -0.38 4.47
N TYR E 56 40.33 0.41 3.87
CA TYR E 56 41.50 0.91 4.56
C TYR E 56 41.11 1.75 5.76
N ALA E 57 40.23 2.73 5.53
CA ALA E 57 39.75 3.57 6.62
C ALA E 57 39.00 2.76 7.66
N ALA E 58 38.19 1.79 7.23
CA ALA E 58 37.37 1.06 8.19
C ALA E 58 38.22 0.17 9.09
N LYS E 59 39.19 -0.56 8.52
CA LYS E 59 40.05 -1.38 9.36
C LYS E 59 40.89 -0.52 10.29
N ARG E 60 41.38 0.63 9.82
CA ARG E 60 42.10 1.49 10.75
C ARG E 60 41.18 1.99 11.86
N ALA E 61 39.94 2.33 11.53
CA ALA E 61 39.02 2.81 12.55
C ALA E 61 38.72 1.73 13.58
N ARG E 62 38.59 0.47 13.14
CA ARG E 62 38.43 -0.60 14.10
C ARG E 62 39.66 -0.75 14.97
N GLN E 63 40.86 -0.64 14.39
CA GLN E 63 42.07 -0.64 15.21
C GLN E 63 42.02 0.44 16.27
N ILE E 64 41.55 1.63 15.90
CA ILE E 64 41.58 2.76 16.84
C ILE E 64 40.55 2.56 17.95
N ASN E 65 39.34 2.13 17.58
CA ASN E 65 38.32 1.87 18.59
C ASN E 65 38.79 0.79 19.56
N ASP E 66 39.41 -0.27 19.02
CA ASP E 66 39.97 -1.31 19.89
C ASP E 66 41.06 -0.75 20.78
N TYR E 67 41.91 0.12 20.24
CA TYR E 67 42.93 0.76 21.06
C TYR E 67 42.30 1.43 22.26
N TYR E 68 41.26 2.23 22.02
CA TYR E 68 40.58 2.89 23.13
C TYR E 68 40.06 1.87 24.12
N ASN E 69 39.35 0.84 23.64
CA ASN E 69 38.76 -0.12 24.57
C ASN E 69 39.83 -1.01 25.20
N GLN E 70 40.71 -1.58 24.38
CA GLN E 70 41.76 -2.44 24.92
C GLN E 70 42.72 -1.67 25.82
N LEU E 71 42.75 -0.34 25.72
CA LEU E 71 43.63 0.44 26.58
C LEU E 71 43.34 0.17 28.05
N GLY E 72 42.13 -0.26 28.37
CA GLY E 72 41.85 -0.66 29.74
C GLY E 72 42.77 -1.77 30.22
N GLU E 73 43.05 -2.74 29.36
CA GLU E 73 44.00 -3.80 29.65
C GLU E 73 45.38 -3.40 29.12
N GLY E 74 46.31 -4.35 29.09
CA GLY E 74 47.66 -4.04 28.66
C GLY E 74 47.74 -3.71 27.18
N ILE E 75 48.85 -3.08 26.79
CA ILE E 75 49.02 -2.59 25.43
C ILE E 75 49.02 -3.77 24.47
N LEU E 76 48.00 -3.83 23.61
CA LEU E 76 47.85 -4.88 22.61
C LEU E 76 48.47 -4.44 21.29
N GLU E 77 48.17 -5.18 20.22
CA GLU E 77 48.61 -4.84 18.87
C GLU E 77 47.84 -3.67 18.26
N TYR E 78 47.05 -2.96 19.05
CA TYR E 78 46.23 -1.85 18.58
C TYR E 78 46.89 -0.54 18.99
N VAL E 79 47.55 0.12 18.05
CA VAL E 79 48.15 1.42 18.27
C VAL E 79 47.24 2.47 17.64
N GLY E 80 46.69 3.34 18.48
CA GLY E 80 45.68 4.27 18.04
C GLY E 80 46.24 5.61 17.62
N PRO E 81 45.41 6.67 17.67
CA PRO E 81 45.61 7.81 16.77
C PRO E 81 47.06 8.26 16.67
N LEU E 82 47.64 8.04 15.49
CA LEU E 82 49.01 8.51 15.25
C LEU E 82 49.05 10.02 15.19
N VAL E 83 47.99 10.61 14.69
CA VAL E 83 47.78 12.06 14.72
C VAL E 83 46.93 12.39 15.94
N GLU E 84 47.12 13.57 16.48
CA GLU E 84 46.43 13.94 17.72
C GLU E 84 44.94 14.15 17.43
N PRO E 85 44.04 13.54 18.19
CA PRO E 85 42.61 13.66 17.90
C PRO E 85 42.05 14.98 18.43
N GLY E 86 40.77 15.18 18.21
CA GLY E 86 40.07 16.36 18.68
C GLY E 86 39.54 16.18 20.09
N LEU E 87 38.59 17.03 20.45
CA LEU E 87 38.01 16.96 21.79
C LEU E 87 37.22 15.67 21.97
N GLN E 88 36.16 15.50 21.17
CA GLN E 88 35.47 14.23 21.04
C GLN E 88 35.30 13.97 19.55
N GLU E 89 36.09 13.06 19.02
CA GLU E 89 36.15 12.82 17.58
C GLU E 89 35.88 11.35 17.31
N LYS E 90 35.15 11.08 16.24
CA LYS E 90 34.81 9.71 15.90
C LYS E 90 36.04 9.01 15.35
N PRO E 91 36.22 7.73 15.67
CA PRO E 91 37.46 7.05 15.24
C PRO E 91 37.60 7.00 13.74
N LEU E 92 36.50 6.96 12.99
CA LEU E 92 36.62 6.89 11.54
C LEU E 92 37.17 8.19 10.97
N SER E 93 36.74 9.34 11.52
CA SER E 93 37.30 10.61 11.06
C SER E 93 38.81 10.65 11.32
N ILE E 94 39.24 10.17 12.49
CA ILE E 94 40.66 10.04 12.77
C ILE E 94 41.32 9.18 11.71
N ALA E 95 40.71 8.03 11.38
CA ALA E 95 41.29 7.14 10.39
C ALA E 95 41.53 7.87 9.08
N LEU E 96 40.47 8.50 8.55
CA LEU E 96 40.58 9.13 7.24
C LEU E 96 41.57 10.29 7.27
N ARG E 97 41.57 11.06 8.36
CA ARG E 97 42.52 12.16 8.45
C ARG E 97 43.96 11.66 8.43
N GLU E 98 44.25 10.54 9.10
CA GLU E 98 45.59 9.97 8.95
C GLU E 98 45.84 9.50 7.52
N ILE E 99 44.83 8.92 6.86
CA ILE E 99 45.04 8.48 5.48
C ILE E 99 45.51 9.65 4.64
N HIS E 100 44.89 10.82 4.82
CA HIS E 100 45.30 11.99 4.05
C HIS E 100 46.74 12.40 4.37
N ALA E 101 47.11 12.40 5.64
CA ALA E 101 48.42 12.86 6.04
C ALA E 101 49.53 11.84 5.79
N ASP E 102 49.20 10.68 5.23
CA ASP E 102 50.18 9.64 4.92
C ASP E 102 50.92 9.20 6.18
N LEU E 103 50.18 8.68 7.15
CA LEU E 103 50.77 8.02 8.31
C LEU E 103 50.60 6.51 8.29
N LEU E 104 49.84 5.98 7.32
CA LEU E 104 49.50 4.57 7.26
C LEU E 104 49.87 4.02 5.89
N GLU E 105 50.01 2.69 5.82
CA GLU E 105 50.26 1.99 4.58
C GLU E 105 49.38 0.76 4.51
N HIS E 106 49.26 0.19 3.31
CA HIS E 106 48.36 -0.93 3.11
C HIS E 106 48.92 -1.87 2.05
N THR E 107 48.41 -3.11 2.06
CA THR E 107 48.71 -4.12 1.06
C THR E 107 47.40 -4.79 0.67
N GLU E 108 47.17 -4.94 -0.63
CA GLU E 108 45.90 -5.44 -1.12
C GLU E 108 45.92 -6.95 -1.27
N GLY E 109 44.77 -7.52 -1.64
CA GLY E 109 44.64 -8.95 -1.80
C GLY E 109 44.74 -9.39 -3.25
N ALA F 245 -10.15 -36.65 -15.69
CA ALA F 245 -9.50 -36.42 -14.42
C ALA F 245 -9.87 -37.51 -13.42
N SER F 246 -11.15 -37.57 -13.04
CA SER F 246 -11.63 -38.54 -12.06
C SER F 246 -10.83 -38.45 -10.77
N ALA F 247 -10.45 -37.21 -10.41
CA ALA F 247 -9.61 -37.02 -9.23
C ALA F 247 -10.40 -37.21 -7.95
N ASP F 248 -11.72 -37.17 -8.03
CA ASP F 248 -12.54 -37.33 -6.82
C ASP F 248 -12.38 -38.74 -6.28
N SER F 249 -11.60 -38.88 -5.21
CA SER F 249 -11.46 -40.18 -4.60
C SER F 249 -12.77 -40.63 -3.96
N VAL F 250 -13.69 -39.70 -3.70
CA VAL F 250 -15.04 -40.11 -3.30
C VAL F 250 -15.63 -41.02 -4.37
N ARG F 251 -15.55 -40.60 -5.62
CA ARG F 251 -16.05 -41.42 -6.72
C ARG F 251 -15.21 -42.68 -6.86
N ALA F 252 -13.90 -42.55 -6.76
CA ALA F 252 -13.00 -43.69 -6.92
C ALA F 252 -13.31 -44.76 -5.89
N TYR F 253 -13.96 -44.36 -4.81
CA TYR F 253 -14.36 -45.29 -3.76
C TYR F 253 -15.80 -45.78 -3.90
N LEU F 254 -16.74 -44.89 -4.21
CA LEU F 254 -18.13 -45.30 -4.34
C LEU F 254 -18.32 -46.26 -5.52
N LYS F 255 -17.69 -45.96 -6.66
CA LYS F 255 -17.79 -46.86 -7.80
C LYS F 255 -17.16 -48.21 -7.48
N GLN F 256 -16.19 -48.22 -6.57
CA GLN F 256 -15.58 -49.47 -6.14
C GLN F 256 -16.52 -50.26 -5.25
N ILE F 257 -17.15 -49.59 -4.27
CA ILE F 257 -17.98 -50.30 -3.29
C ILE F 257 -19.36 -50.63 -3.83
N GLY F 258 -19.74 -50.09 -4.98
CA GLY F 258 -21.00 -50.48 -5.58
C GLY F 258 -20.99 -51.84 -6.24
N LYS F 259 -19.90 -52.59 -6.13
CA LYS F 259 -19.74 -53.85 -6.85
C LYS F 259 -20.43 -55.01 -6.16
N VAL F 260 -20.00 -55.35 -4.95
CA VAL F 260 -20.45 -56.57 -4.29
C VAL F 260 -21.95 -56.49 -4.02
N ALA F 261 -22.67 -57.55 -4.36
CA ALA F 261 -24.13 -57.55 -4.26
C ALA F 261 -24.57 -57.50 -2.80
N LEU F 262 -25.72 -56.87 -2.59
CA LEU F 262 -26.28 -56.67 -1.26
C LEU F 262 -27.01 -57.93 -0.80
N LEU F 263 -26.95 -58.18 0.51
CA LEU F 263 -27.33 -59.47 1.09
C LEU F 263 -28.58 -59.33 1.95
N ASN F 264 -29.04 -60.45 2.50
CA ASN F 264 -30.28 -60.51 3.26
C ASN F 264 -30.08 -61.35 4.52
N ALA F 265 -31.11 -61.33 5.38
CA ALA F 265 -31.02 -62.03 6.65
C ALA F 265 -30.75 -63.52 6.46
N GLU F 266 -31.28 -64.11 5.39
CA GLU F 266 -30.99 -65.50 5.06
C GLU F 266 -29.49 -65.70 4.86
N GLU F 267 -28.94 -65.00 3.86
CA GLU F 267 -27.51 -65.09 3.61
C GLU F 267 -26.72 -64.59 4.80
N GLU F 268 -27.29 -63.66 5.59
CA GLU F 268 -26.59 -63.20 6.79
C GLU F 268 -26.43 -64.33 7.81
N VAL F 269 -27.49 -65.10 8.03
CA VAL F 269 -27.40 -66.23 8.95
C VAL F 269 -26.36 -67.21 8.44
N GLU F 270 -26.41 -67.52 7.15
CA GLU F 270 -25.43 -68.45 6.60
C GLU F 270 -24.00 -67.92 6.78
N LEU F 271 -23.80 -66.63 6.49
CA LEU F 271 -22.48 -66.03 6.57
C LEU F 271 -21.98 -66.02 8.02
N ALA F 272 -22.84 -65.65 8.95
CA ALA F 272 -22.42 -65.58 10.35
C ALA F 272 -22.09 -66.96 10.88
N LYS F 273 -22.88 -67.97 10.50
CA LYS F 273 -22.54 -69.32 10.90
C LYS F 273 -21.19 -69.74 10.33
N ARG F 274 -20.93 -69.42 9.06
CA ARG F 274 -19.64 -69.75 8.46
C ARG F 274 -18.50 -69.04 9.19
N ILE F 275 -18.67 -67.76 9.49
CA ILE F 275 -17.63 -66.99 10.17
C ILE F 275 -17.33 -67.58 11.53
N GLU F 276 -18.39 -67.88 12.29
CA GLU F 276 -18.20 -68.43 13.62
C GLU F 276 -17.55 -69.81 13.56
N ALA F 277 -17.97 -70.64 12.60
CA ALA F 277 -17.36 -71.95 12.43
C ALA F 277 -15.88 -71.81 12.10
N GLY F 278 -15.52 -70.86 11.24
CA GLY F 278 -14.12 -70.65 10.93
C GLY F 278 -13.31 -70.17 12.12
N LEU F 279 -13.85 -69.25 12.90
CA LEU F 279 -13.12 -68.77 14.07
C LEU F 279 -12.91 -69.90 15.07
N TYR F 280 -13.95 -70.70 15.31
CA TYR F 280 -13.80 -71.87 16.15
C TYR F 280 -12.77 -72.83 15.57
N ALA F 281 -12.78 -73.04 14.26
CA ALA F 281 -11.85 -73.95 13.62
C ALA F 281 -10.42 -73.52 13.83
N THR F 282 -10.14 -72.23 13.64
CA THR F 282 -8.77 -71.74 13.83
C THR F 282 -8.37 -71.78 15.30
N GLN F 283 -9.31 -71.51 16.21
CA GLN F 283 -9.00 -71.65 17.63
C GLN F 283 -8.58 -73.08 17.95
N LEU F 284 -9.33 -74.06 17.47
CA LEU F 284 -8.96 -75.45 17.74
C LEU F 284 -7.68 -75.85 17.03
N MET F 285 -7.45 -75.33 15.83
CA MET F 285 -6.19 -75.64 15.15
C MET F 285 -5.01 -75.12 15.94
N THR F 286 -5.14 -73.92 16.50
CA THR F 286 -4.09 -73.39 17.37
C THR F 286 -3.93 -74.25 18.62
N GLU F 287 -5.05 -74.71 19.19
CA GLU F 287 -4.98 -75.52 20.40
C GLU F 287 -4.30 -76.86 20.13
N LEU F 288 -4.70 -77.54 19.05
CA LEU F 288 -4.12 -78.82 18.67
C LEU F 288 -2.73 -78.67 18.04
N SER F 289 -2.36 -77.47 17.60
CA SER F 289 -1.01 -77.25 17.11
C SER F 289 0.00 -77.34 18.26
N GLU F 290 -0.37 -76.81 19.42
CA GLU F 290 0.52 -76.83 20.57
C GLU F 290 0.50 -78.20 21.24
N ARG F 291 1.68 -78.80 21.38
CA ARG F 291 1.86 -80.08 22.07
C ARG F 291 0.93 -81.17 21.56
N GLY F 292 0.41 -81.02 20.34
CA GLY F 292 -0.76 -81.78 19.95
C GLY F 292 -0.60 -82.90 18.95
N GLU F 293 -1.25 -82.74 17.80
CA GLU F 293 -1.70 -83.87 16.99
C GLU F 293 -0.97 -83.92 15.65
N LYS F 294 -0.70 -85.14 15.20
CA LYS F 294 -0.39 -85.41 13.79
C LYS F 294 -1.70 -85.65 13.08
N LEU F 295 -2.30 -84.58 12.55
CA LEU F 295 -3.68 -84.62 12.13
C LEU F 295 -3.88 -85.54 10.92
N PRO F 296 -5.08 -86.09 10.75
CA PRO F 296 -5.41 -86.74 9.48
C PRO F 296 -5.36 -85.74 8.33
N ALA F 297 -5.01 -86.25 7.15
CA ALA F 297 -4.83 -85.37 6.00
C ALA F 297 -6.14 -84.72 5.57
N ALA F 298 -7.20 -85.52 5.40
CA ALA F 298 -8.48 -84.95 4.98
C ALA F 298 -9.02 -84.01 6.03
N GLN F 299 -9.01 -84.44 7.29
CA GLN F 299 -9.49 -83.61 8.38
C GLN F 299 -8.73 -82.29 8.45
N ARG F 300 -7.40 -82.36 8.45
CA ARG F 300 -6.60 -81.14 8.51
C ARG F 300 -6.85 -80.23 7.31
N ARG F 301 -6.87 -80.82 6.11
CA ARG F 301 -7.04 -80.02 4.90
C ARG F 301 -8.36 -79.27 4.92
N ASP F 302 -9.46 -79.97 5.21
CA ASP F 302 -10.74 -79.29 5.12
C ASP F 302 -11.00 -78.39 6.33
N MET F 303 -10.34 -78.60 7.48
CA MET F 303 -10.53 -77.62 8.54
C MET F 303 -9.75 -76.34 8.23
N MET F 304 -8.61 -76.46 7.53
CA MET F 304 -7.99 -75.26 6.96
C MET F 304 -8.89 -74.62 5.92
N TRP F 305 -9.59 -75.42 5.13
CA TRP F 305 -10.57 -74.85 4.21
C TRP F 305 -11.62 -74.04 4.96
N ILE F 306 -12.10 -74.57 6.08
CA ILE F 306 -13.07 -73.84 6.90
C ILE F 306 -12.43 -72.56 7.46
N CYS F 307 -11.18 -72.65 7.89
CA CYS F 307 -10.51 -71.48 8.45
C CYS F 307 -10.42 -70.35 7.43
N ARG F 308 -10.08 -70.67 6.18
CA ARG F 308 -10.03 -69.64 5.15
C ARG F 308 -11.41 -69.21 4.69
N ASP F 309 -12.37 -70.14 4.65
CA ASP F 309 -13.72 -69.82 4.24
C ASP F 309 -14.40 -68.85 5.21
N GLY F 310 -14.08 -68.98 6.50
CA GLY F 310 -14.60 -68.03 7.46
C GLY F 310 -14.15 -66.61 7.17
N ASP F 311 -12.86 -66.43 6.85
CA ASP F 311 -12.38 -65.12 6.47
C ASP F 311 -13.02 -64.64 5.18
N ARG F 312 -13.21 -65.55 4.22
CA ARG F 312 -13.92 -65.17 2.99
C ARG F 312 -15.30 -64.62 3.31
N ALA F 313 -16.04 -65.31 4.18
CA ALA F 313 -17.39 -64.86 4.54
C ALA F 313 -17.35 -63.53 5.28
N LYS F 314 -16.38 -63.38 6.19
CA LYS F 314 -16.25 -62.13 6.92
C LYS F 314 -16.03 -60.97 5.96
N ASN F 315 -15.07 -61.11 5.05
CA ASN F 315 -14.81 -60.06 4.08
C ASN F 315 -16.02 -59.83 3.17
N HIS F 316 -16.72 -60.91 2.81
CA HIS F 316 -17.91 -60.76 1.98
C HIS F 316 -18.94 -59.89 2.67
N LEU F 317 -19.18 -60.13 3.96
CA LEU F 317 -20.16 -59.33 4.69
C LEU F 317 -19.70 -57.89 4.81
N LEU F 318 -18.39 -57.69 5.05
CA LEU F 318 -17.84 -56.34 5.13
C LEU F 318 -18.08 -55.58 3.82
N GLU F 319 -17.75 -56.23 2.69
CA GLU F 319 -18.00 -55.61 1.39
C GLU F 319 -19.48 -55.33 1.21
N ALA F 320 -20.32 -56.25 1.67
CA ALA F 320 -21.75 -56.06 1.52
C ALA F 320 -22.23 -54.79 2.21
N ASN F 321 -21.70 -54.52 3.40
CA ASN F 321 -22.23 -53.43 4.23
C ASN F 321 -21.42 -52.14 4.14
N LEU F 322 -20.38 -52.09 3.30
CA LEU F 322 -19.73 -50.80 3.03
C LEU F 322 -20.76 -49.74 2.63
N ARG F 323 -21.74 -50.13 1.82
CA ARG F 323 -22.78 -49.19 1.37
C ARG F 323 -23.55 -48.65 2.56
N LEU F 324 -23.88 -49.52 3.51
CA LEU F 324 -24.55 -49.07 4.73
C LEU F 324 -23.68 -48.06 5.49
N VAL F 325 -22.37 -48.32 5.54
CA VAL F 325 -21.48 -47.36 6.19
C VAL F 325 -21.62 -46.00 5.55
N VAL F 326 -21.62 -45.95 4.22
CA VAL F 326 -21.74 -44.66 3.54
C VAL F 326 -23.06 -44.01 3.89
N SER F 327 -24.15 -44.78 3.86
CA SER F 327 -25.47 -44.21 4.11
C SER F 327 -25.56 -43.64 5.52
N LEU F 328 -24.87 -44.25 6.48
CA LEU F 328 -24.89 -43.72 7.84
C LEU F 328 -23.91 -42.55 8.02
N ALA F 329 -22.84 -42.52 7.23
CA ALA F 329 -21.81 -41.51 7.43
C ALA F 329 -22.12 -40.20 6.72
N LYS F 330 -22.94 -40.24 5.67
CA LYS F 330 -23.22 -39.01 4.93
C LYS F 330 -23.74 -37.89 5.82
N ARG F 331 -24.49 -38.25 6.87
CA ARG F 331 -25.16 -37.25 7.70
C ARG F 331 -24.23 -36.46 8.64
N TYR F 332 -22.96 -36.83 8.81
CA TYR F 332 -21.98 -36.17 9.68
C TYR F 332 -20.89 -35.45 8.90
N THR F 333 -21.21 -34.92 7.72
CA THR F 333 -20.29 -34.11 6.95
C THR F 333 -20.70 -32.64 7.08
N GLY F 334 -20.02 -31.76 6.34
CA GLY F 334 -20.32 -30.34 6.40
C GLY F 334 -19.70 -29.66 7.60
N ARG F 335 -18.95 -30.42 8.39
CA ARG F 335 -18.34 -29.89 9.60
C ARG F 335 -17.24 -30.82 10.06
N GLY F 336 -16.22 -30.26 10.68
CA GLY F 336 -15.16 -31.07 11.25
C GLY F 336 -14.43 -31.88 10.19
N MET F 337 -14.40 -33.20 10.40
CA MET F 337 -13.63 -34.09 9.56
C MET F 337 -14.16 -34.09 8.12
N ALA F 338 -13.40 -34.75 7.25
CA ALA F 338 -13.78 -34.88 5.85
C ALA F 338 -14.47 -36.22 5.62
N PHE F 339 -15.22 -36.28 4.52
CA PHE F 339 -16.08 -37.44 4.26
C PHE F 339 -15.27 -38.75 4.23
N LEU F 340 -14.11 -38.74 3.57
CA LEU F 340 -13.38 -40.00 3.38
C LEU F 340 -12.88 -40.54 4.71
N ASP F 341 -12.31 -39.67 5.54
CA ASP F 341 -11.83 -40.10 6.84
C ASP F 341 -12.97 -40.65 7.68
N LEU F 342 -14.15 -40.01 7.59
CA LEU F 342 -15.31 -40.51 8.29
C LEU F 342 -15.70 -41.89 7.80
N ILE F 343 -15.63 -42.12 6.49
CA ILE F 343 -15.95 -43.45 5.97
C ILE F 343 -14.99 -44.48 6.53
N GLN F 344 -13.71 -44.15 6.58
CA GLN F 344 -12.76 -45.12 7.13
C GLN F 344 -13.02 -45.40 8.61
N GLU F 345 -13.30 -44.37 9.41
CA GLU F 345 -13.58 -44.63 10.81
C GLU F 345 -14.88 -45.41 10.98
N GLY F 346 -15.88 -45.11 10.16
CA GLY F 346 -17.10 -45.91 10.20
C GLY F 346 -16.84 -47.35 9.80
N ASN F 347 -15.92 -47.56 8.86
CA ASN F 347 -15.52 -48.92 8.52
C ASN F 347 -14.92 -49.61 9.72
N LEU F 348 -14.08 -48.90 10.48
CA LEU F 348 -13.52 -49.51 11.68
C LEU F 348 -14.62 -49.87 12.66
N GLY F 349 -15.57 -48.97 12.87
CA GLY F 349 -16.71 -49.29 13.72
C GLY F 349 -17.47 -50.50 13.21
N LEU F 350 -17.59 -50.64 11.90
CA LEU F 350 -18.25 -51.81 11.33
C LEU F 350 -17.47 -53.09 11.59
N ILE F 351 -16.13 -53.04 11.50
CA ILE F 351 -15.35 -54.22 11.86
C ILE F 351 -15.64 -54.59 13.30
N ARG F 352 -15.73 -53.58 14.17
CA ARG F 352 -16.05 -53.86 15.56
C ARG F 352 -17.44 -54.48 15.70
N ALA F 353 -18.40 -53.96 14.95
CA ALA F 353 -19.77 -54.44 15.06
C ALA F 353 -19.90 -55.88 14.60
N VAL F 354 -19.21 -56.23 13.50
CA VAL F 354 -19.26 -57.60 13.04
C VAL F 354 -18.44 -58.52 13.95
N GLU F 355 -17.34 -58.02 14.51
CA GLU F 355 -16.55 -58.79 15.47
C GLU F 355 -17.36 -59.12 16.71
N LYS F 356 -17.69 -58.09 17.47
CA LYS F 356 -18.44 -58.26 18.71
C LYS F 356 -19.90 -58.39 18.34
N PHE F 357 -20.34 -59.62 18.09
CA PHE F 357 -21.57 -59.82 17.32
C PHE F 357 -22.25 -61.08 17.82
N ASP F 358 -23.50 -61.25 17.41
CA ASP F 358 -24.33 -62.40 17.71
C ASP F 358 -25.40 -62.47 16.62
N TYR F 359 -25.80 -63.70 16.29
CA TYR F 359 -26.91 -63.92 15.37
C TYR F 359 -28.01 -64.76 15.96
N THR F 360 -27.79 -65.44 17.08
CA THR F 360 -28.84 -66.23 17.70
C THR F 360 -29.94 -65.36 18.28
N LYS F 361 -29.67 -64.09 18.53
CA LYS F 361 -30.75 -63.18 18.89
C LYS F 361 -31.71 -62.95 17.74
N GLY F 362 -31.36 -63.38 16.53
CA GLY F 362 -32.27 -63.33 15.41
C GLY F 362 -32.59 -61.93 14.97
N TYR F 363 -31.56 -61.16 14.63
CA TYR F 363 -31.73 -59.78 14.19
C TYR F 363 -30.87 -59.52 12.96
N LYS F 364 -31.50 -58.85 12.00
CA LYS F 364 -30.78 -58.29 10.85
C LYS F 364 -29.53 -57.56 11.31
N PHE F 365 -28.47 -57.64 10.49
CA PHE F 365 -27.17 -57.09 10.88
C PHE F 365 -27.24 -55.58 11.09
N SER F 366 -27.93 -54.86 10.21
CA SER F 366 -27.89 -53.41 10.26
C SER F 366 -28.40 -52.88 11.58
N THR F 367 -29.43 -53.49 12.15
CA THR F 367 -29.96 -52.99 13.41
C THR F 367 -28.82 -52.84 14.41
N TYR F 368 -28.01 -53.88 14.55
CA TYR F 368 -27.02 -53.80 15.61
C TYR F 368 -25.86 -52.91 15.14
N ALA F 369 -25.44 -53.10 13.87
CA ALA F 369 -24.24 -52.43 13.37
C ALA F 369 -24.39 -50.91 13.35
N THR F 370 -25.52 -50.42 12.82
CA THR F 370 -25.85 -49.00 12.81
C THR F 370 -25.41 -48.32 14.10
N TRP F 371 -25.77 -48.88 15.25
CA TRP F 371 -25.32 -48.35 16.53
C TRP F 371 -23.80 -48.20 16.57
N TRP F 372 -23.08 -49.28 16.24
CA TRP F 372 -21.62 -49.26 16.33
C TRP F 372 -21.02 -48.25 15.38
N ILE F 373 -21.50 -48.24 14.14
CA ILE F 373 -20.94 -47.35 13.13
C ILE F 373 -21.17 -45.90 13.52
N ARG F 374 -22.37 -45.60 13.99
CA ARG F 374 -22.64 -44.25 14.47
C ARG F 374 -21.71 -43.90 15.62
N GLN F 375 -21.51 -44.84 16.55
CA GLN F 375 -20.63 -44.59 17.68
C GLN F 375 -19.21 -44.33 17.21
N ALA F 376 -18.71 -45.13 16.26
CA ALA F 376 -17.34 -44.99 15.80
C ALA F 376 -17.14 -43.66 15.10
N ILE F 377 -18.07 -43.28 14.23
CA ILE F 377 -17.97 -42.00 13.55
C ILE F 377 -17.96 -40.88 14.58
N THR F 378 -18.84 -40.95 15.58
CA THR F 378 -18.89 -39.89 16.58
C THR F 378 -17.61 -39.86 17.40
N ARG F 379 -17.07 -41.02 17.77
CA ARG F 379 -15.83 -41.08 18.52
C ARG F 379 -14.71 -40.40 17.76
N ALA F 380 -14.58 -40.72 16.48
CA ALA F 380 -13.54 -40.09 15.66
C ALA F 380 -13.78 -38.59 15.57
N MET F 381 -15.00 -38.18 15.22
CA MET F 381 -15.29 -36.77 15.05
C MET F 381 -15.06 -36.00 16.34
N ALA F 382 -15.17 -36.68 17.49
CA ALA F 382 -14.89 -36.03 18.76
C ALA F 382 -13.40 -35.89 18.99
N ASP F 383 -12.66 -36.99 18.89
CA ASP F 383 -11.24 -36.94 19.20
C ASP F 383 -10.45 -36.23 18.10
N GLN F 384 -10.46 -36.79 16.89
CA GLN F 384 -9.56 -36.34 15.83
C GLN F 384 -10.26 -35.32 14.93
N ALA F 385 -10.86 -34.30 15.54
CA ALA F 385 -11.42 -33.20 14.74
C ALA F 385 -10.83 -31.85 15.11
N ARG F 386 -10.92 -31.48 16.39
CA ARG F 386 -10.42 -30.18 16.83
C ARG F 386 -8.92 -30.24 16.97
N THR F 387 -8.24 -29.17 16.54
CA THR F 387 -6.79 -29.15 16.55
C THR F 387 -6.28 -29.42 17.95
N ILE F 388 -6.59 -28.53 18.90
CA ILE F 388 -6.33 -28.83 20.31
C ILE F 388 -7.30 -29.92 20.75
N ARG F 389 -6.78 -31.12 21.01
CA ARG F 389 -7.64 -32.24 21.33
C ARG F 389 -8.37 -32.00 22.63
N ILE F 390 -9.70 -32.00 22.57
CA ILE F 390 -10.56 -31.90 23.75
C ILE F 390 -11.25 -33.25 23.92
N PRO F 391 -11.20 -33.86 25.10
CA PRO F 391 -11.72 -35.23 25.22
C PRO F 391 -13.24 -35.30 25.14
N VAL F 392 -13.73 -36.54 25.06
CA VAL F 392 -15.09 -36.80 24.59
C VAL F 392 -16.15 -36.36 25.58
N HIS F 393 -15.94 -36.57 26.88
CA HIS F 393 -16.91 -36.07 27.85
C HIS F 393 -17.12 -34.57 27.70
N MET F 394 -16.02 -33.82 27.69
CA MET F 394 -16.05 -32.40 27.40
C MET F 394 -16.67 -32.09 26.05
N VAL F 395 -16.47 -32.95 25.06
CA VAL F 395 -17.05 -32.72 23.73
C VAL F 395 -18.57 -32.85 23.78
N GLU F 396 -19.06 -33.90 24.44
CA GLU F 396 -20.51 -34.11 24.53
C GLU F 396 -21.17 -32.98 25.31
N VAL F 397 -20.55 -32.54 26.40
CA VAL F 397 -21.14 -31.42 27.12
C VAL F 397 -21.03 -30.13 26.29
N ILE F 398 -19.98 -29.98 25.49
CA ILE F 398 -19.91 -28.85 24.58
C ILE F 398 -21.07 -28.89 23.60
N ASN F 399 -21.37 -30.05 23.04
CA ASN F 399 -22.44 -30.17 22.07
C ASN F 399 -23.80 -29.92 22.74
N LYS F 400 -23.98 -30.42 23.96
CA LYS F 400 -25.21 -30.15 24.67
C LYS F 400 -25.37 -28.66 24.93
N LEU F 401 -24.28 -27.97 25.30
CA LEU F 401 -24.39 -26.54 25.51
C LEU F 401 -24.77 -25.86 24.20
N GLY F 402 -24.09 -26.24 23.12
CA GLY F 402 -24.37 -25.63 21.83
C GLY F 402 -25.81 -25.80 21.43
N ARG F 403 -26.35 -27.01 21.60
CA ARG F 403 -27.74 -27.25 21.27
C ARG F 403 -28.66 -26.43 22.15
N ILE F 404 -28.38 -26.36 23.44
CA ILE F 404 -29.27 -25.63 24.34
C ILE F 404 -29.23 -24.15 24.00
N GLN F 405 -28.03 -23.59 23.84
CA GLN F 405 -27.92 -22.17 23.51
C GLN F 405 -28.59 -21.87 22.19
N ARG F 406 -28.42 -22.73 21.18
CA ARG F 406 -29.02 -22.48 19.87
C ARG F 406 -30.54 -22.58 19.93
N GLU F 407 -31.05 -23.66 20.50
CA GLU F 407 -32.50 -23.86 20.55
C GLU F 407 -33.15 -22.77 21.38
N LEU F 408 -32.54 -22.37 22.49
CA LEU F 408 -33.11 -21.31 23.31
C LEU F 408 -32.88 -19.94 22.70
N LEU F 409 -31.89 -19.82 21.82
CA LEU F 409 -31.76 -18.60 21.02
C LEU F 409 -32.97 -18.44 20.12
N GLN F 410 -33.38 -19.52 19.46
CA GLN F 410 -34.56 -19.45 18.60
C GLN F 410 -35.83 -19.31 19.45
N ASP F 411 -35.94 -20.08 20.54
CA ASP F 411 -37.11 -20.02 21.39
C ASP F 411 -37.30 -18.63 21.98
N LEU F 412 -36.26 -18.12 22.64
CA LEU F 412 -36.29 -16.78 23.20
C LEU F 412 -36.27 -15.71 22.12
N GLY F 413 -35.79 -16.05 20.92
CA GLY F 413 -35.47 -15.03 19.93
C GLY F 413 -34.14 -14.39 20.23
N ARG F 414 -34.01 -13.86 21.44
CA ARG F 414 -32.77 -13.30 21.93
C ARG F 414 -31.79 -14.41 22.33
N GLU F 415 -30.51 -14.07 22.32
CA GLU F 415 -29.48 -15.02 22.73
C GLU F 415 -29.62 -15.35 24.21
N PRO F 416 -29.48 -16.61 24.61
CA PRO F 416 -29.58 -16.95 26.03
C PRO F 416 -28.44 -16.36 26.85
N THR F 417 -28.75 -16.05 28.10
CA THR F 417 -27.78 -15.53 29.05
C THR F 417 -27.07 -16.68 29.77
N PRO F 418 -25.89 -16.44 30.35
CA PRO F 418 -25.15 -17.55 30.93
C PRO F 418 -25.88 -18.20 32.08
N GLU F 419 -26.69 -17.44 32.80
CA GLU F 419 -27.47 -18.00 33.90
C GLU F 419 -28.68 -18.76 33.38
N GLU F 420 -29.28 -18.30 32.28
CA GLU F 420 -30.37 -19.06 31.67
C GLU F 420 -29.88 -20.43 31.21
N LEU F 421 -28.71 -20.48 30.58
CA LEU F 421 -28.18 -21.76 30.14
C LEU F 421 -27.70 -22.60 31.32
N ALA F 422 -27.12 -21.95 32.34
CA ALA F 422 -26.67 -22.65 33.53
C ALA F 422 -27.85 -23.31 34.25
N LYS F 423 -28.96 -22.58 34.39
CA LYS F 423 -30.15 -23.17 34.98
C LYS F 423 -30.74 -24.24 34.08
N GLU F 424 -30.72 -24.05 32.75
CA GLU F 424 -31.33 -25.07 31.93
C GLU F 424 -30.56 -26.38 32.09
N MET F 425 -29.24 -26.35 31.90
CA MET F 425 -28.43 -27.56 31.90
C MET F 425 -28.13 -28.03 33.31
N ASP F 426 -28.59 -27.31 34.32
CA ASP F 426 -28.36 -27.68 35.71
C ASP F 426 -26.85 -27.69 36.01
N ILE F 427 -26.15 -26.71 35.46
CA ILE F 427 -24.73 -26.51 35.72
C ILE F 427 -24.53 -25.06 36.17
N THR F 428 -23.29 -24.70 36.41
CA THR F 428 -22.99 -23.38 36.97
C THR F 428 -22.61 -22.40 35.88
N PRO F 429 -22.93 -21.11 36.03
CA PRO F 429 -22.61 -20.15 34.96
C PRO F 429 -21.15 -20.11 34.57
N GLU F 430 -20.23 -20.22 35.54
CA GLU F 430 -18.82 -20.23 35.20
C GLU F 430 -18.49 -21.44 34.32
N LYS F 431 -19.17 -22.57 34.53
CA LYS F 431 -18.97 -23.72 33.66
C LYS F 431 -19.52 -23.45 32.26
N VAL F 432 -20.67 -22.77 32.17
CA VAL F 432 -21.18 -22.35 30.87
C VAL F 432 -20.13 -21.52 30.14
N LEU F 433 -19.55 -20.55 30.85
CA LEU F 433 -18.55 -19.67 30.24
C LEU F 433 -17.30 -20.46 29.86
N GLU F 434 -16.87 -21.40 30.71
CA GLU F 434 -15.70 -22.19 30.40
C GLU F 434 -15.92 -23.00 29.13
N ILE F 435 -17.08 -23.64 29.02
CA ILE F 435 -17.36 -24.44 27.84
C ILE F 435 -17.37 -23.55 26.61
N GLN F 436 -18.02 -22.38 26.71
CA GLN F 436 -18.05 -21.47 25.57
C GLN F 436 -16.63 -21.09 25.16
N GLN F 437 -15.79 -20.77 26.14
CA GLN F 437 -14.39 -20.46 25.88
C GLN F 437 -13.65 -21.63 25.25
N TYR F 438 -14.08 -22.86 25.50
CA TYR F 438 -13.46 -24.03 24.89
C TYR F 438 -14.02 -24.34 23.50
N ALA F 439 -15.13 -23.71 23.11
CA ALA F 439 -15.65 -23.87 21.76
C ALA F 439 -14.95 -22.98 20.76
N ARG F 440 -14.03 -22.13 21.20
CA ARG F 440 -13.37 -21.19 20.29
C ARG F 440 -12.48 -21.96 19.34
N GLU F 441 -12.62 -21.68 18.05
CA GLU F 441 -11.87 -22.39 17.03
C GLU F 441 -10.59 -21.63 16.72
N PRO F 442 -9.40 -22.21 16.94
CA PRO F 442 -8.17 -21.49 16.60
C PRO F 442 -8.20 -20.90 15.21
N ILE F 443 -8.15 -19.58 15.12
CA ILE F 443 -8.08 -18.93 13.82
C ILE F 443 -6.79 -19.35 13.12
N SER F 444 -6.74 -19.10 11.82
CA SER F 444 -5.57 -19.46 11.02
C SER F 444 -4.69 -18.22 10.87
N LEU F 445 -3.39 -18.40 11.08
CA LEU F 445 -2.43 -17.33 10.84
C LEU F 445 -2.36 -17.03 9.34
N ASP F 446 -2.94 -17.91 8.53
CA ASP F 446 -2.98 -17.76 7.08
C ASP F 446 -4.35 -17.22 6.69
N GLN F 447 -4.45 -15.90 6.64
CA GLN F 447 -5.67 -15.22 6.24
C GLN F 447 -5.30 -13.87 5.66
N THR F 448 -5.95 -13.49 4.58
CA THR F 448 -5.66 -12.20 3.93
C THR F 448 -6.42 -11.12 4.68
N ILE F 449 -5.78 -10.56 5.71
CA ILE F 449 -6.41 -9.50 6.48
C ILE F 449 -6.67 -8.30 5.60
N GLY F 450 -5.81 -8.07 4.61
CA GLY F 450 -6.07 -7.05 3.60
C GLY F 450 -6.90 -7.61 2.46
N ASP F 451 -7.55 -6.69 1.73
CA ASP F 451 -8.45 -7.11 0.66
C ASP F 451 -7.69 -7.92 -0.40
N GLU F 452 -6.60 -7.38 -0.91
CA GLU F 452 -5.74 -8.14 -1.81
C GLU F 452 -4.92 -9.16 -1.01
N GLY F 453 -4.59 -10.26 -1.66
CA GLY F 453 -3.91 -11.35 -0.99
C GLY F 453 -2.42 -11.12 -0.78
N ASP F 454 -2.08 -10.17 0.10
CA ASP F 454 -0.68 -9.90 0.41
C ASP F 454 -0.44 -9.74 1.91
N SER F 455 -1.47 -9.39 2.67
CA SER F 455 -1.35 -9.10 4.08
C SER F 455 -1.87 -10.27 4.90
N GLN F 456 -1.00 -10.86 5.72
CA GLN F 456 -1.33 -12.01 6.54
C GLN F 456 -1.23 -11.65 8.01
N LEU F 457 -2.11 -12.25 8.82
CA LEU F 457 -2.13 -11.94 10.25
C LEU F 457 -0.78 -12.19 10.89
N GLY F 458 -0.11 -13.27 10.49
CA GLY F 458 1.18 -13.61 11.08
C GLY F 458 2.24 -12.56 10.91
N ASP F 459 2.01 -11.55 10.08
CA ASP F 459 2.96 -10.46 9.87
C ASP F 459 2.62 -9.22 10.68
N PHE F 460 1.70 -9.32 11.64
CA PHE F 460 1.36 -8.19 12.49
C PHE F 460 1.27 -8.58 13.96
N ILE F 461 1.86 -9.70 14.34
CA ILE F 461 1.74 -10.23 15.70
C ILE F 461 3.06 -9.96 16.40
N GLU F 462 3.12 -8.89 17.18
CA GLU F 462 4.27 -8.66 18.03
C GLU F 462 4.45 -9.87 18.93
N ASP F 463 5.65 -10.44 18.94
CA ASP F 463 5.93 -11.54 19.85
C ASP F 463 6.32 -10.94 21.20
N SER F 464 5.39 -11.00 22.15
CA SER F 464 5.63 -10.42 23.46
C SER F 464 6.44 -11.37 24.32
N GLU F 465 7.53 -11.92 23.76
CA GLU F 465 8.47 -12.71 24.54
C GLU F 465 9.90 -12.50 24.05
N ALA F 466 10.10 -11.60 23.09
CA ALA F 466 11.40 -11.46 22.45
C ALA F 466 12.38 -10.74 23.36
N VAL F 467 13.66 -10.85 23.01
CA VAL F 467 14.69 -10.13 23.76
C VAL F 467 14.51 -8.63 23.50
N VAL F 468 14.42 -7.86 24.60
CA VAL F 468 14.15 -6.43 24.48
C VAL F 468 15.39 -5.63 24.15
N ALA F 469 16.52 -6.30 23.91
CA ALA F 469 17.78 -5.64 23.57
C ALA F 469 18.29 -4.81 24.74
N VAL F 470 17.55 -3.76 25.11
CA VAL F 470 17.98 -2.93 26.23
C VAL F 470 17.87 -3.69 27.54
N ASP F 471 16.89 -4.59 27.66
CA ASP F 471 16.75 -5.37 28.89
C ASP F 471 17.95 -6.28 29.10
N ALA F 472 18.42 -6.95 28.05
CA ALA F 472 19.54 -7.87 28.20
C ALA F 472 20.82 -7.13 28.59
N VAL F 473 21.14 -6.05 27.87
CA VAL F 473 22.32 -5.29 28.22
C VAL F 473 22.18 -4.71 29.63
N SER F 474 20.97 -4.25 29.99
CA SER F 474 20.76 -3.74 31.33
C SER F 474 21.03 -4.82 32.37
N PHE F 475 20.62 -6.05 32.10
CA PHE F 475 20.89 -7.12 33.05
C PHE F 475 22.39 -7.39 33.17
N THR F 476 23.12 -7.33 32.05
CA THR F 476 24.57 -7.49 32.13
C THR F 476 25.19 -6.39 32.99
N LEU F 477 24.75 -5.14 32.78
CA LEU F 477 25.27 -4.04 33.58
C LEU F 477 24.93 -4.22 35.05
N LEU F 478 23.72 -4.71 35.34
CA LEU F 478 23.34 -4.97 36.72
C LEU F 478 24.25 -6.00 37.34
N GLN F 479 24.53 -7.09 36.61
CA GLN F 479 25.47 -8.08 37.10
C GLN F 479 26.79 -7.43 37.49
N ASP F 480 27.33 -6.62 36.58
CA ASP F 480 28.63 -6.00 36.84
C ASP F 480 28.58 -5.11 38.08
N GLN F 481 27.60 -4.21 38.14
CA GLN F 481 27.54 -3.25 39.24
C GLN F 481 27.34 -3.96 40.57
N LEU F 482 26.45 -4.95 40.60
CA LEU F 482 26.23 -5.70 41.82
C LEU F 482 27.48 -6.45 42.23
N GLN F 483 28.20 -7.02 41.27
CA GLN F 483 29.44 -7.71 41.61
C GLN F 483 30.43 -6.76 42.28
N SER F 484 30.58 -5.56 41.72
CA SER F 484 31.49 -4.60 42.32
C SER F 484 31.05 -4.25 43.74
N VAL F 485 29.76 -3.92 43.90
CA VAL F 485 29.27 -3.50 45.21
C VAL F 485 29.49 -4.62 46.23
N LEU F 486 29.13 -5.85 45.87
CA LEU F 486 29.37 -6.97 46.77
C LEU F 486 30.85 -7.14 47.08
N ASP F 487 31.71 -6.88 46.09
CA ASP F 487 33.15 -6.92 46.37
C ASP F 487 33.55 -5.86 47.37
N THR F 488 32.76 -4.79 47.52
CA THR F 488 33.01 -3.86 48.63
C THR F 488 32.80 -4.53 49.98
N LEU F 489 31.97 -5.57 50.06
CA LEU F 489 31.73 -6.25 51.32
C LEU F 489 32.95 -7.05 51.73
N SER F 490 33.03 -7.34 53.02
CA SER F 490 34.10 -8.18 53.54
C SER F 490 33.96 -9.60 53.03
N GLU F 491 35.04 -10.38 53.16
CA GLU F 491 35.06 -11.72 52.61
C GLU F 491 33.91 -12.56 53.15
N ARG F 492 33.75 -12.58 54.47
CA ARG F 492 32.61 -13.28 55.06
C ARG F 492 31.30 -12.73 54.50
N GLU F 493 31.21 -11.41 54.42
CA GLU F 493 29.99 -10.76 53.97
C GLU F 493 29.70 -11.07 52.50
N ALA F 494 30.71 -10.95 51.64
CA ALA F 494 30.51 -11.28 50.24
C ALA F 494 30.10 -12.72 50.08
N GLY F 495 30.75 -13.64 50.80
CA GLY F 495 30.39 -15.04 50.70
C GLY F 495 28.97 -15.30 51.13
N VAL F 496 28.57 -14.75 52.27
CA VAL F 496 27.22 -15.00 52.77
C VAL F 496 26.20 -14.49 51.77
N VAL F 497 26.43 -13.31 51.20
CA VAL F 497 25.45 -12.76 50.27
C VAL F 497 25.36 -13.63 49.01
N ARG F 498 26.51 -13.94 48.41
CA ARG F 498 26.51 -14.71 47.17
C ARG F 498 25.84 -16.06 47.37
N LEU F 499 26.18 -16.76 48.46
CA LEU F 499 25.58 -18.07 48.70
C LEU F 499 24.10 -17.94 49.03
N ARG F 500 23.73 -16.94 49.82
CA ARG F 500 22.34 -16.77 50.23
C ARG F 500 21.45 -16.50 49.03
N PHE F 501 21.97 -15.83 48.01
CA PHE F 501 21.18 -15.51 46.83
C PHE F 501 21.69 -16.19 45.58
N GLY F 502 22.52 -17.22 45.70
CA GLY F 502 22.87 -18.04 44.57
C GLY F 502 23.52 -17.32 43.42
N LEU F 503 24.41 -16.37 43.70
CA LEU F 503 25.08 -15.62 42.64
C LEU F 503 26.30 -16.35 42.07
N THR F 504 26.67 -17.50 42.62
CA THR F 504 27.86 -18.22 42.18
C THR F 504 27.55 -19.44 41.33
N ASP F 505 26.42 -20.11 41.54
CA ASP F 505 26.05 -21.27 40.75
C ASP F 505 24.59 -21.28 40.30
N GLY F 506 23.76 -20.35 40.75
CA GLY F 506 22.34 -20.42 40.51
C GLY F 506 21.57 -21.24 41.51
N GLN F 507 22.27 -21.94 42.41
CA GLN F 507 21.63 -22.69 43.48
C GLN F 507 21.53 -21.77 44.69
N PRO F 508 20.33 -21.45 45.18
CA PRO F 508 20.25 -20.64 46.40
C PRO F 508 20.51 -21.45 47.66
N ARG F 509 21.68 -21.28 48.26
CA ARG F 509 21.99 -21.94 49.53
C ARG F 509 21.22 -21.26 50.66
N THR F 510 20.84 -22.04 51.65
CA THR F 510 20.09 -21.54 52.79
C THR F 510 21.01 -21.43 54.01
N LEU F 511 20.44 -21.00 55.14
CA LEU F 511 21.27 -20.63 56.28
C LEU F 511 22.04 -21.81 56.82
N ASP F 512 21.41 -22.99 56.92
CA ASP F 512 22.11 -24.14 57.48
C ASP F 512 23.29 -24.55 56.60
N GLU F 513 23.10 -24.58 55.29
CA GLU F 513 24.21 -24.91 54.40
C GLU F 513 25.35 -23.90 54.55
N ILE F 514 25.01 -22.61 54.60
CA ILE F 514 26.04 -21.58 54.67
C ILE F 514 26.81 -21.69 55.98
N GLY F 515 26.10 -21.90 57.09
CA GLY F 515 26.77 -22.14 58.36
C GLY F 515 27.59 -23.40 58.39
N GLN F 516 27.19 -24.42 57.61
CA GLN F 516 27.96 -25.66 57.55
C GLN F 516 29.25 -25.46 56.77
N VAL F 517 29.18 -24.78 55.62
CA VAL F 517 30.39 -24.59 54.81
C VAL F 517 31.33 -23.56 55.43
N TYR F 518 30.83 -22.73 56.36
CA TYR F 518 31.67 -21.85 57.14
C TYR F 518 31.91 -22.36 58.55
N GLY F 519 31.25 -23.45 58.95
CA GLY F 519 31.49 -24.04 60.25
C GLY F 519 31.07 -23.18 61.43
N VAL F 520 29.91 -22.52 61.34
CA VAL F 520 29.34 -21.75 62.42
C VAL F 520 27.85 -22.10 62.53
N THR F 521 27.17 -21.46 63.47
CA THR F 521 25.75 -21.66 63.68
C THR F 521 24.95 -20.75 62.77
N ARG F 522 23.74 -21.20 62.43
CA ARG F 522 22.90 -20.46 61.50
C ARG F 522 22.47 -19.11 62.05
N GLU F 523 22.38 -18.97 63.37
CA GLU F 523 22.07 -17.67 63.93
C GLU F 523 23.14 -16.65 63.59
N ARG F 524 24.41 -17.06 63.66
CA ARG F 524 25.48 -16.16 63.25
C ARG F 524 25.36 -15.81 61.78
N ILE F 525 24.99 -16.78 60.95
CA ILE F 525 24.81 -16.49 59.52
C ILE F 525 23.70 -15.48 59.32
N ARG F 526 22.58 -15.65 60.02
CA ARG F 526 21.47 -14.70 59.87
C ARG F 526 21.88 -13.31 60.35
N GLN F 527 22.70 -13.24 61.41
CA GLN F 527 23.11 -11.92 61.88
C GLN F 527 24.04 -11.24 60.86
N ILE F 528 24.99 -11.99 60.32
CA ILE F 528 25.85 -11.43 59.28
C ILE F 528 24.98 -11.01 58.10
N GLU F 529 23.95 -11.80 57.79
CA GLU F 529 23.03 -11.47 56.71
C GLU F 529 22.36 -10.14 56.95
N SER F 530 21.76 -9.97 58.13
CA SER F 530 21.07 -8.72 58.44
C SER F 530 22.02 -7.54 58.42
N LYS F 531 23.21 -7.70 59.01
CA LYS F 531 24.19 -6.62 59.02
C LYS F 531 24.58 -6.23 57.60
N THR F 532 24.86 -7.21 56.75
CA THR F 532 25.25 -6.91 55.37
C THR F 532 24.13 -6.22 54.63
N MET F 533 22.89 -6.72 54.77
CA MET F 533 21.78 -6.08 54.09
C MET F 533 21.66 -4.63 54.51
N SER F 534 21.73 -4.37 55.82
CA SER F 534 21.65 -2.99 56.29
C SER F 534 22.77 -2.14 55.72
N LYS F 535 23.98 -2.70 55.65
CA LYS F 535 25.09 -1.97 55.06
C LYS F 535 24.81 -1.61 53.60
N LEU F 536 24.25 -2.55 52.85
CA LEU F 536 23.97 -2.28 51.44
C LEU F 536 22.82 -1.30 51.27
N ARG F 537 21.87 -1.29 52.21
CA ARG F 537 20.80 -0.31 52.18
C ARG F 537 21.33 1.11 52.29
N HIS F 538 22.56 1.28 52.76
CA HIS F 538 23.16 2.60 52.87
C HIS F 538 23.20 3.24 51.48
N PRO F 539 22.80 4.51 51.34
CA PRO F 539 22.71 5.11 49.99
C PRO F 539 23.98 5.03 49.17
N SER F 540 25.14 4.90 49.81
CA SER F 540 26.41 4.91 49.09
C SER F 540 26.45 3.82 48.03
N ARG F 541 26.17 2.59 48.43
CA ARG F 541 26.17 1.44 47.52
C ARG F 541 24.78 1.03 47.09
N SER F 542 23.76 1.81 47.44
CA SER F 542 22.37 1.49 47.12
C SER F 542 21.87 2.25 45.89
N GLN F 543 22.02 3.58 45.89
CA GLN F 543 21.48 4.38 44.79
C GLN F 543 22.06 3.95 43.46
N VAL F 544 23.25 3.34 43.46
CA VAL F 544 23.83 2.85 42.21
C VAL F 544 22.95 1.78 41.59
N LEU F 545 22.37 0.90 42.40
CA LEU F 545 21.58 -0.22 41.91
C LEU F 545 20.08 0.02 41.91
N ARG F 546 19.62 1.20 42.36
CA ARG F 546 18.19 1.45 42.44
C ARG F 546 17.54 1.40 41.06
N ASP F 547 18.21 1.95 40.05
CA ASP F 547 17.59 2.13 38.75
C ASP F 547 17.21 0.80 38.11
N TYR F 548 18.01 -0.24 38.34
CA TYR F 548 17.72 -1.53 37.73
C TYR F 548 16.36 -2.05 38.17
N LEU F 549 15.96 -1.74 39.40
CA LEU F 549 14.61 -2.08 39.86
C LEU F 549 13.62 -1.03 39.40
N LEU G 6 -2.58 -6.90 16.43
CA LEU G 6 -2.79 -7.72 17.62
C LEU G 6 -1.46 -8.16 18.20
N ARG G 7 -1.44 -8.46 19.50
CA ARG G 7 -0.23 -8.87 20.21
C ARG G 7 -0.48 -10.24 20.81
N GLY G 8 0.32 -11.22 20.38
CA GLY G 8 0.27 -12.54 20.95
C GLY G 8 1.67 -13.12 21.04
N SER G 9 1.81 -14.16 21.84
CA SER G 9 3.09 -14.83 21.99
C SER G 9 2.85 -16.30 22.31
N ARG G 10 3.66 -17.17 21.71
CA ARG G 10 3.60 -18.57 22.06
C ARG G 10 3.79 -18.73 23.56
N LEU G 11 2.84 -19.41 24.20
CA LEU G 11 2.88 -19.62 25.64
C LEU G 11 4.25 -20.19 26.03
N GLY G 12 5.01 -19.42 26.79
CA GLY G 12 6.37 -19.81 27.09
C GLY G 12 7.07 -18.78 27.95
N ALA G 13 8.40 -18.81 27.90
CA ALA G 13 9.22 -17.91 28.70
C ALA G 13 10.59 -17.77 28.06
N VAL G 14 11.31 -16.74 28.49
CA VAL G 14 12.64 -16.43 27.98
C VAL G 14 13.56 -16.09 29.15
N SER G 15 14.82 -16.51 29.05
CA SER G 15 15.82 -16.22 30.06
C SER G 15 16.94 -15.38 29.47
N TYR G 16 17.55 -14.54 30.31
CA TYR G 16 18.71 -13.74 29.94
C TYR G 16 19.83 -14.03 30.95
N GLU G 17 20.60 -15.08 30.69
CA GLU G 17 21.75 -15.43 31.50
C GLU G 17 22.88 -15.90 30.59
N THR G 18 24.11 -15.56 30.96
CA THR G 18 25.26 -15.98 30.18
C THR G 18 25.33 -17.51 30.14
N ASP G 19 25.59 -18.04 28.94
CA ASP G 19 25.70 -19.50 28.76
C ASP G 19 27.13 -19.93 29.06
N ARG G 20 27.46 -19.87 30.35
CA ARG G 20 28.77 -20.35 30.80
C ARG G 20 29.00 -21.76 30.31
N ASN G 21 30.11 -21.97 29.62
CA ASN G 21 30.46 -23.26 29.05
C ASN G 21 31.45 -24.04 29.91
N HIS G 22 31.74 -23.56 31.12
CA HIS G 22 32.80 -24.12 31.95
C HIS G 22 32.24 -24.73 33.23
N ASP G 23 31.50 -23.97 34.03
CA ASP G 23 31.04 -24.44 35.34
C ASP G 23 29.61 -24.92 35.20
N LEU G 24 29.46 -26.22 34.93
CA LEU G 24 28.16 -26.85 34.74
C LEU G 24 28.10 -28.07 35.66
N ALA G 25 27.06 -28.88 35.50
CA ALA G 25 26.94 -30.13 36.23
C ALA G 25 27.45 -31.27 35.34
N PRO G 26 28.51 -32.00 35.72
CA PRO G 26 29.07 -33.01 34.82
C PRO G 26 28.03 -34.04 34.36
N ARG G 27 28.11 -34.41 33.09
CA ARG G 27 27.15 -35.33 32.49
C ARG G 27 27.72 -36.75 32.46
N GLN G 28 26.95 -37.69 31.93
CA GLN G 28 27.40 -39.07 31.82
C GLN G 28 26.62 -39.76 30.70
N ILE G 29 27.26 -39.94 29.54
CA ILE G 29 26.58 -40.46 28.36
C ILE G 29 26.23 -41.93 28.58
N ALA G 30 24.97 -42.26 28.36
CA ALA G 30 24.49 -43.63 28.50
C ALA G 30 24.00 -44.16 27.14
N ARG G 31 24.35 -45.42 26.86
CA ARG G 31 24.02 -46.10 25.61
C ARG G 31 22.68 -46.83 25.70
N TYR G 32 21.88 -46.75 24.64
CA TYR G 32 20.57 -47.41 24.70
C TYR G 32 20.36 -48.08 23.34
N ARG G 33 20.56 -49.40 23.31
CA ARG G 33 20.41 -50.17 22.08
C ARG G 33 18.94 -50.34 21.73
N THR G 34 18.60 -50.07 20.47
CA THR G 34 17.25 -50.32 19.97
C THR G 34 17.10 -51.76 19.51
N ASP G 35 15.87 -52.13 19.17
CA ASP G 35 15.61 -53.50 18.73
C ASP G 35 16.39 -53.83 17.47
N ASN G 36 16.48 -52.89 16.53
CA ASN G 36 17.31 -53.12 15.36
C ASN G 36 18.79 -53.08 15.71
N GLY G 37 19.15 -52.43 16.82
CA GLY G 37 20.51 -52.43 17.31
C GLY G 37 21.24 -51.11 17.22
N GLU G 38 20.60 -50.05 16.72
CA GLU G 38 21.30 -48.77 16.61
C GLU G 38 21.49 -48.16 17.99
N GLU G 39 22.60 -47.46 18.15
CA GLU G 39 22.99 -46.86 19.42
C GLU G 39 22.67 -45.37 19.42
N PHE G 40 22.10 -44.89 20.52
CA PHE G 40 21.66 -43.50 20.62
C PHE G 40 22.09 -42.95 21.97
N GLU G 41 23.05 -42.03 21.94
CA GLU G 41 23.65 -41.49 23.15
C GLU G 41 22.64 -40.65 23.91
N VAL G 42 22.59 -40.84 25.23
CA VAL G 42 21.67 -40.09 26.09
C VAL G 42 22.50 -39.55 27.25
N PRO G 43 22.96 -38.29 27.18
CA PRO G 43 23.71 -37.73 28.31
C PRO G 43 22.88 -37.61 29.58
N PHE G 44 23.41 -38.15 30.67
CA PHE G 44 22.79 -38.07 31.99
C PHE G 44 23.77 -37.44 32.98
N ALA G 45 23.21 -36.86 34.04
CA ALA G 45 24.03 -36.33 35.11
C ALA G 45 24.63 -37.47 35.93
N ASP G 46 25.66 -37.13 36.71
CA ASP G 46 26.38 -38.13 37.49
C ASP G 46 25.47 -38.78 38.53
N ASP G 47 24.99 -37.98 39.49
CA ASP G 47 24.11 -38.47 40.54
C ASP G 47 22.70 -38.56 39.98
N ALA G 48 22.45 -39.62 39.23
CA ALA G 48 21.23 -39.74 38.44
C ALA G 48 20.96 -41.21 38.17
N GLU G 49 19.84 -41.71 38.67
CA GLU G 49 19.50 -43.13 38.50
C GLU G 49 19.22 -43.39 37.02
N ILE G 50 20.10 -44.15 36.38
CA ILE G 50 20.01 -44.37 34.94
C ILE G 50 18.94 -45.43 34.67
N PRO G 51 17.91 -45.14 33.88
CA PRO G 51 16.89 -46.15 33.62
C PRO G 51 17.40 -47.27 32.72
N GLY G 52 16.82 -48.46 32.92
CA GLY G 52 17.22 -49.60 32.12
C GLY G 52 16.80 -49.47 30.66
N THR G 53 15.59 -48.98 30.43
CA THR G 53 15.04 -48.80 29.08
C THR G 53 14.79 -47.33 28.81
N TRP G 54 14.53 -47.00 27.55
CA TRP G 54 14.39 -45.60 27.17
C TRP G 54 13.78 -45.49 25.78
N LEU G 55 13.05 -44.41 25.56
CA LEU G 55 12.61 -44.09 24.21
C LEU G 55 13.71 -43.30 23.51
N CYS G 56 14.31 -43.91 22.50
CA CYS G 56 15.50 -43.39 21.85
C CYS G 56 15.17 -42.31 20.83
N ARG G 57 16.21 -41.89 20.11
CA ARG G 57 16.06 -40.91 19.03
C ARG G 57 15.35 -41.51 17.83
N ASN G 58 15.51 -42.82 17.59
CA ASN G 58 14.83 -43.46 16.47
C ASN G 58 13.33 -43.51 16.69
N GLY G 59 12.90 -43.62 17.95
CA GLY G 59 11.49 -43.65 18.30
C GLY G 59 11.00 -44.98 18.79
N MET G 60 11.77 -46.05 18.61
CA MET G 60 11.42 -47.34 19.17
C MET G 60 12.12 -47.53 20.51
N GLU G 61 11.53 -48.37 21.36
CA GLU G 61 12.07 -48.62 22.68
C GLU G 61 13.46 -49.23 22.55
N GLY G 62 14.40 -48.74 23.34
CA GLY G 62 15.76 -49.25 23.34
C GLY G 62 16.25 -49.49 24.76
N THR G 63 16.91 -50.62 24.96
CA THR G 63 17.43 -50.99 26.27
C THR G 63 18.89 -50.58 26.41
N LEU G 64 19.34 -50.52 27.66
CA LEU G 64 20.72 -50.17 27.95
C LEU G 64 21.67 -51.16 27.28
N ILE G 65 22.76 -50.64 26.70
CA ILE G 65 23.81 -51.53 26.24
C ILE G 65 24.35 -52.34 27.41
N GLU G 66 24.42 -51.72 28.59
CA GLU G 66 24.78 -52.43 29.79
C GLU G 66 23.74 -53.51 30.08
N GLY G 67 24.20 -54.67 30.53
CA GLY G 67 23.32 -55.79 30.74
C GLY G 67 22.41 -55.61 31.95
N ASP G 68 21.13 -55.34 31.70
CA ASP G 68 20.15 -55.25 32.78
C ASP G 68 19.05 -56.28 32.62
N LEU G 69 18.39 -56.28 31.45
CA LEU G 69 17.25 -57.16 31.13
C LEU G 69 16.31 -57.28 32.32
N PRO G 70 15.70 -56.18 32.79
CA PRO G 70 14.85 -56.23 33.99
C PRO G 70 13.39 -56.53 33.66
N GLU G 71 13.13 -57.74 33.17
CA GLU G 71 11.79 -58.27 32.95
C GLU G 71 11.08 -57.48 31.83
N PRO G 72 10.46 -58.16 30.86
CA PRO G 72 9.77 -57.41 29.79
C PRO G 72 8.61 -56.56 30.29
N LYS G 73 7.91 -56.98 31.35
CA LYS G 73 6.74 -56.26 31.85
C LYS G 73 5.63 -56.25 30.80
N LYS G 74 5.33 -57.43 30.26
CA LYS G 74 4.31 -57.56 29.24
C LYS G 74 2.94 -57.21 29.81
N VAL G 75 2.07 -56.70 28.95
CA VAL G 75 0.73 -56.29 29.34
C VAL G 75 -0.28 -57.30 28.81
N LYS G 76 -1.51 -57.20 29.30
CA LYS G 76 -2.56 -58.07 28.81
C LYS G 76 -2.84 -57.76 27.33
N PRO G 77 -3.16 -58.75 26.51
CA PRO G 77 -3.44 -58.47 25.11
C PRO G 77 -4.74 -57.72 24.93
N PRO G 78 -4.75 -56.70 24.05
CA PRO G 78 -6.02 -56.19 23.54
C PRO G 78 -7.05 -57.29 23.28
N ARG G 79 -8.26 -57.05 23.75
CA ARG G 79 -9.40 -57.91 23.46
C ARG G 79 -9.43 -58.29 21.98
N THR G 80 -9.48 -59.59 21.72
CA THR G 80 -9.46 -60.11 20.36
C THR G 80 -10.88 -60.41 19.89
N HIS G 81 -11.02 -60.66 18.59
CA HIS G 81 -12.28 -61.14 18.07
C HIS G 81 -12.69 -62.45 18.76
N TRP G 82 -11.71 -63.31 19.04
CA TRP G 82 -12.00 -64.54 19.77
C TRP G 82 -12.58 -64.24 21.14
N ASP G 83 -12.05 -63.23 21.83
CA ASP G 83 -12.60 -62.88 23.14
C ASP G 83 -14.04 -62.40 23.01
N MET G 84 -14.32 -61.53 22.04
CA MET G 84 -15.66 -61.02 21.86
C MET G 84 -16.64 -62.08 21.40
N LEU G 85 -16.16 -63.18 20.82
CA LEU G 85 -17.05 -64.27 20.44
C LEU G 85 -17.26 -65.25 21.59
N LEU G 86 -16.17 -65.58 22.29
CA LEU G 86 -16.19 -66.68 23.24
C LEU G 86 -17.17 -66.44 24.38
N GLU G 87 -17.41 -65.18 24.73
CA GLU G 87 -18.29 -64.92 25.87
C GLU G 87 -19.73 -65.30 25.53
N ARG G 88 -20.26 -64.76 24.43
CA ARG G 88 -21.66 -64.99 24.11
C ARG G 88 -21.95 -66.43 23.73
N ARG G 89 -20.93 -67.20 23.36
CA ARG G 89 -21.10 -68.55 22.84
C ARG G 89 -20.14 -69.51 23.51
N SER G 90 -20.60 -70.73 23.73
CA SER G 90 -19.84 -71.74 24.45
C SER G 90 -19.11 -72.66 23.47
N ILE G 91 -18.04 -73.28 23.96
CA ILE G 91 -17.17 -74.10 23.12
C ILE G 91 -17.96 -75.24 22.50
N GLU G 92 -18.68 -75.98 23.34
CA GLU G 92 -19.42 -77.12 22.83
C GLU G 92 -20.46 -76.66 21.81
N GLU G 93 -20.99 -75.44 21.98
CA GLU G 93 -21.98 -74.89 21.06
C GLU G 93 -21.39 -74.60 19.68
N LEU G 94 -20.15 -74.14 19.66
CA LEU G 94 -19.50 -73.96 18.36
C LEU G 94 -19.09 -75.33 17.79
N GLU G 95 -19.00 -76.34 18.65
CA GLU G 95 -18.65 -77.68 18.20
C GLU G 95 -19.62 -78.21 17.14
N GLU G 96 -20.93 -78.20 17.42
CA GLU G 96 -21.89 -78.70 16.44
C GLU G 96 -21.80 -77.96 15.11
N LEU G 97 -21.68 -76.62 15.15
CA LEU G 97 -21.52 -75.89 13.90
C LEU G 97 -20.27 -76.34 13.16
N LEU G 98 -19.17 -76.54 13.89
CA LEU G 98 -17.95 -76.99 13.23
C LEU G 98 -18.18 -78.33 12.55
N LYS G 99 -18.93 -79.23 13.19
CA LYS G 99 -19.12 -80.54 12.58
C LYS G 99 -20.04 -80.42 11.37
N GLU G 100 -21.00 -79.50 11.41
CA GLU G 100 -21.83 -79.28 10.23
C GLU G 100 -21.00 -78.80 9.05
N ARG G 101 -20.11 -77.83 9.27
CA ARG G 101 -19.24 -77.39 8.18
C ARG G 101 -18.26 -78.48 7.76
N LEU G 102 -17.75 -79.23 8.74
CA LEU G 102 -16.84 -80.35 8.47
C LEU G 102 -17.48 -81.37 7.56
N GLU G 103 -18.69 -81.83 7.91
CA GLU G 103 -19.41 -82.76 7.05
C GLU G 103 -19.74 -82.14 5.70
N LEU G 104 -20.10 -80.86 5.67
CA LEU G 104 -20.37 -80.21 4.38
C LEU G 104 -19.16 -80.29 3.45
N ILE G 105 -18.01 -79.82 3.93
CA ILE G 105 -16.84 -79.75 3.07
C ILE G 105 -16.31 -81.15 2.74
N ARG G 106 -16.37 -82.07 3.70
CA ARG G 106 -15.85 -83.41 3.39
C ARG G 106 -16.81 -84.19 2.50
N SER G 107 -18.12 -83.90 2.57
CA SER G 107 -19.06 -84.43 1.60
C SER G 107 -18.73 -83.91 0.20
N ARG G 108 -18.35 -82.64 0.12
CA ARG G 108 -17.82 -82.14 -1.15
C ARG G 108 -16.56 -82.89 -1.56
N ARG G 109 -15.69 -83.18 -0.58
CA ARG G 109 -14.44 -83.88 -0.87
C ARG G 109 -14.69 -85.27 -1.40
N ARG G 110 -15.51 -86.06 -0.70
CA ARG G 110 -15.76 -87.43 -1.13
C ARG G 110 -16.51 -87.48 -2.45
N GLY G 111 -17.22 -86.41 -2.81
CA GLY G 111 -17.92 -86.35 -4.07
C GLY G 111 -16.99 -86.20 -5.25
N PHE H 126 -71.73 -25.83 15.96
CA PHE H 126 -70.89 -24.73 16.42
C PHE H 126 -71.63 -23.40 16.33
N LYS H 127 -71.51 -22.59 17.37
CA LYS H 127 -72.07 -21.25 17.43
C LYS H 127 -70.96 -20.27 17.78
N VAL H 128 -71.28 -18.98 17.71
CA VAL H 128 -70.32 -17.94 18.06
C VAL H 128 -70.16 -17.88 19.57
N GLY H 129 -68.95 -17.61 20.01
CA GLY H 129 -68.64 -17.45 21.41
C GLY H 129 -68.36 -18.71 22.20
N ASP H 130 -68.50 -19.90 21.59
CA ASP H 130 -68.29 -21.13 22.34
C ASP H 130 -66.81 -21.38 22.53
N THR H 131 -66.41 -21.60 23.79
CA THR H 131 -65.01 -21.84 24.15
C THR H 131 -64.65 -23.28 23.75
N VAL H 132 -64.27 -23.44 22.48
CA VAL H 132 -64.14 -24.77 21.89
C VAL H 132 -62.68 -25.20 21.91
N VAL H 133 -62.46 -26.50 22.08
CA VAL H 133 -61.13 -27.06 22.29
C VAL H 133 -60.57 -27.60 20.97
N TYR H 134 -59.27 -27.39 20.75
CA TYR H 134 -58.62 -27.69 19.48
C TYR H 134 -57.22 -28.22 19.80
N PRO H 135 -56.85 -29.41 19.32
CA PRO H 135 -55.48 -29.89 19.55
C PRO H 135 -54.50 -29.30 18.55
N HIS H 136 -53.28 -28.97 19.00
CA HIS H 136 -52.68 -29.18 20.31
C HIS H 136 -52.84 -27.91 21.16
N HIS H 137 -53.54 -26.92 20.62
CA HIS H 137 -53.49 -25.55 21.11
C HIS H 137 -54.51 -25.27 22.21
N GLY H 138 -55.09 -26.31 22.81
CA GLY H 138 -55.95 -26.06 23.94
C GLY H 138 -57.28 -25.44 23.52
N ALA H 139 -57.91 -24.74 24.46
CA ALA H 139 -59.16 -24.09 24.14
C ALA H 139 -58.93 -22.83 23.34
N ALA H 140 -60.00 -22.36 22.70
CA ALA H 140 -59.93 -21.23 21.79
C ALA H 140 -61.32 -20.62 21.68
N LEU H 141 -61.36 -19.36 21.26
CA LEU H 141 -62.61 -18.66 21.04
C LEU H 141 -62.86 -18.54 19.54
N VAL H 142 -64.02 -19.02 19.10
CA VAL H 142 -64.51 -18.69 17.78
C VAL H 142 -64.85 -17.21 17.76
N GLU H 143 -64.72 -16.58 16.61
CA GLU H 143 -65.02 -15.16 16.46
C GLU H 143 -66.12 -14.89 15.44
N ALA H 144 -66.32 -15.80 14.49
CA ALA H 144 -67.41 -15.69 13.54
C ALA H 144 -67.37 -16.91 12.64
N ILE H 145 -68.46 -17.12 11.91
CA ILE H 145 -68.57 -18.22 10.94
C ILE H 145 -68.35 -17.59 9.57
N GLU H 146 -67.20 -17.88 8.97
CA GLU H 146 -66.78 -17.20 7.75
C GLU H 146 -67.35 -17.87 6.52
N THR H 147 -67.82 -17.04 5.60
CA THR H 147 -68.33 -17.47 4.30
C THR H 147 -67.29 -17.27 3.22
N ARG H 148 -66.01 -17.41 3.57
CA ARG H 148 -64.92 -17.21 2.63
C ARG H 148 -64.97 -18.26 1.55
N THR H 149 -65.31 -17.84 0.33
CA THR H 149 -65.46 -18.75 -0.79
C THR H 149 -64.10 -19.15 -1.34
N ILE H 150 -64.01 -20.39 -1.83
CA ILE H 150 -62.89 -20.81 -2.67
C ILE H 150 -63.46 -21.67 -3.80
N LYS H 151 -63.04 -21.38 -5.03
CA LYS H 151 -63.54 -22.05 -6.23
C LYS H 151 -65.07 -21.96 -6.33
N GLY H 152 -65.59 -20.76 -6.05
CA GLY H 152 -67.01 -20.51 -6.23
C GLY H 152 -67.90 -21.31 -5.32
N GLU H 153 -67.37 -21.82 -4.22
CA GLU H 153 -68.11 -22.68 -3.29
C GLU H 153 -67.94 -22.11 -1.90
N GLN H 154 -69.04 -21.64 -1.31
CA GLN H 154 -69.01 -20.84 -0.08
C GLN H 154 -68.90 -21.78 1.13
N LYS H 155 -67.67 -22.15 1.48
CA LYS H 155 -67.44 -22.93 2.68
C LYS H 155 -67.73 -22.10 3.92
N GLU H 156 -68.28 -22.77 4.94
CA GLU H 156 -68.59 -22.11 6.20
C GLU H 156 -67.38 -22.25 7.11
N TYR H 157 -66.33 -21.51 6.75
CA TYR H 157 -65.17 -21.42 7.62
C TYR H 157 -65.58 -20.80 8.95
N LEU H 158 -64.81 -21.12 9.98
CA LEU H 158 -64.95 -20.48 11.29
C LEU H 158 -63.57 -19.99 11.70
N VAL H 159 -63.48 -18.72 12.07
CA VAL H 159 -62.24 -18.16 12.61
C VAL H 159 -62.19 -18.45 14.10
N LEU H 160 -61.01 -18.89 14.56
CA LEU H 160 -60.86 -19.50 15.86
C LEU H 160 -59.47 -19.16 16.38
N LYS H 161 -59.40 -18.40 17.46
CA LYS H 161 -58.13 -17.87 17.95
C LYS H 161 -57.85 -18.35 19.36
N VAL H 162 -56.58 -18.63 19.62
CA VAL H 162 -56.10 -19.01 20.94
C VAL H 162 -55.42 -17.80 21.57
N ALA H 163 -55.14 -17.92 22.87
CA ALA H 163 -54.51 -16.84 23.61
C ALA H 163 -52.98 -16.97 23.68
N GLN H 164 -52.45 -18.19 23.60
CA GLN H 164 -51.01 -18.37 23.77
C GLN H 164 -50.25 -17.93 22.53
N GLY H 165 -50.58 -18.50 21.37
CA GLY H 165 -49.85 -18.21 20.16
C GLY H 165 -50.30 -16.97 19.42
N ASP H 166 -51.43 -16.38 19.84
CA ASP H 166 -51.97 -15.19 19.20
C ASP H 166 -52.18 -15.42 17.71
N LEU H 167 -52.58 -16.63 17.33
CA LEU H 167 -52.83 -16.99 15.94
C LEU H 167 -54.31 -17.27 15.75
N THR H 168 -54.80 -16.97 14.54
CA THR H 168 -56.18 -17.21 14.16
C THR H 168 -56.22 -18.29 13.09
N VAL H 169 -57.11 -19.26 13.27
CA VAL H 169 -57.20 -20.44 12.41
C VAL H 169 -58.60 -20.50 11.85
N ARG H 170 -58.73 -20.67 10.54
CA ARG H 170 -60.02 -20.74 9.87
C ARG H 170 -60.22 -22.16 9.37
N VAL H 171 -61.27 -22.81 9.86
CA VAL H 171 -61.50 -24.22 9.54
C VAL H 171 -62.89 -24.39 8.94
N PRO H 172 -63.05 -25.22 7.89
CA PRO H 172 -64.40 -25.54 7.43
C PRO H 172 -65.14 -26.40 8.45
N ALA H 173 -66.42 -26.10 8.66
CA ALA H 173 -67.22 -26.86 9.61
C ALA H 173 -67.48 -28.28 9.16
N GLU H 174 -67.20 -28.60 7.89
CA GLU H 174 -67.47 -29.94 7.38
C GLU H 174 -66.47 -30.94 7.93
N ASN H 175 -65.18 -30.72 7.64
CA ASN H 175 -64.11 -31.54 8.16
C ASN H 175 -63.56 -30.99 9.47
N ALA H 176 -64.36 -30.21 10.20
CA ALA H 176 -63.94 -29.71 11.50
C ALA H 176 -63.67 -30.86 12.46
N GLU H 177 -64.54 -31.87 12.48
CA GLU H 177 -64.31 -33.04 13.30
C GLU H 177 -63.17 -33.90 12.78
N TYR H 178 -62.90 -33.86 11.46
CA TYR H 178 -61.74 -34.57 10.93
C TYR H 178 -60.44 -33.95 11.45
N VAL H 179 -60.30 -32.63 11.32
CA VAL H 179 -59.13 -31.98 11.90
C VAL H 179 -59.17 -32.05 13.42
N GLY H 180 -60.35 -32.23 14.01
CA GLY H 180 -60.45 -32.61 15.41
C GLY H 180 -60.70 -31.47 16.37
N VAL H 181 -61.55 -30.51 16.01
CA VAL H 181 -61.95 -29.50 16.98
C VAL H 181 -62.86 -30.16 18.00
N ARG H 182 -62.42 -30.18 19.26
CA ARG H 182 -63.09 -30.90 20.33
C ARG H 182 -63.77 -29.92 21.27
N ASP H 183 -64.54 -30.46 22.20
CA ASP H 183 -65.18 -29.68 23.25
C ASP H 183 -64.54 -30.02 24.59
N VAL H 184 -64.81 -29.16 25.58
CA VAL H 184 -64.14 -29.28 26.88
C VAL H 184 -64.39 -30.67 27.48
N VAL H 185 -63.34 -31.25 28.04
CA VAL H 185 -63.45 -32.56 28.68
C VAL H 185 -64.46 -32.48 29.81
N GLY H 186 -65.27 -33.54 29.95
CA GLY H 186 -66.29 -33.56 30.97
C GLY H 186 -65.73 -33.73 32.36
N GLN H 187 -66.62 -33.54 33.35
CA GLN H 187 -66.22 -33.70 34.74
C GLN H 187 -65.79 -35.14 35.02
N GLU H 188 -66.49 -36.12 34.43
CA GLU H 188 -66.07 -37.50 34.60
C GLU H 188 -64.68 -37.73 34.02
N GLY H 189 -64.31 -36.94 33.00
CA GLY H 189 -62.95 -37.01 32.50
C GLY H 189 -61.93 -36.65 33.57
N LEU H 190 -62.30 -35.70 34.44
CA LEU H 190 -61.43 -35.37 35.56
C LEU H 190 -61.14 -36.59 36.41
N ASP H 191 -62.19 -37.23 36.95
CA ASP H 191 -61.97 -38.40 37.79
C ASP H 191 -61.38 -39.56 36.99
N LYS H 192 -61.57 -39.57 35.67
CA LYS H 192 -60.96 -40.58 34.82
C LYS H 192 -59.44 -40.46 34.84
N VAL H 193 -58.93 -39.28 34.45
CA VAL H 193 -57.48 -39.12 34.47
C VAL H 193 -56.96 -39.09 35.90
N PHE H 194 -57.81 -38.76 36.88
CA PHE H 194 -57.42 -38.90 38.28
C PHE H 194 -57.22 -40.36 38.65
N GLN H 195 -58.10 -41.23 38.18
CA GLN H 195 -57.95 -42.66 38.43
C GLN H 195 -56.72 -43.20 37.73
N VAL H 196 -56.46 -42.69 36.52
CA VAL H 196 -55.24 -43.05 35.80
C VAL H 196 -54.01 -42.56 36.55
N LEU H 197 -54.11 -41.39 37.18
CA LEU H 197 -52.99 -40.80 37.88
C LEU H 197 -52.78 -41.46 39.24
N ARG H 198 -53.85 -41.92 39.86
CA ARG H 198 -53.85 -42.72 41.07
C ARG H 198 -53.74 -44.21 40.75
N ALA H 199 -53.62 -44.57 39.48
CA ALA H 199 -53.54 -45.97 39.08
C ALA H 199 -52.21 -46.56 39.50
N PRO H 200 -52.19 -47.65 40.26
CA PRO H 200 -50.91 -48.27 40.63
C PRO H 200 -50.38 -49.20 39.54
N HIS H 201 -49.30 -49.91 39.83
CA HIS H 201 -48.78 -51.04 39.06
C HIS H 201 -48.03 -50.62 37.79
N THR H 202 -47.96 -49.33 37.47
CA THR H 202 -47.37 -48.92 36.20
C THR H 202 -45.85 -49.14 36.23
N GLU H 203 -45.34 -49.87 35.25
CA GLU H 203 -43.91 -50.05 35.04
C GLU H 203 -43.61 -49.85 33.56
N GLU H 204 -42.33 -49.76 33.25
CA GLU H 204 -41.84 -49.33 31.95
C GLU H 204 -40.74 -50.24 31.44
N PRO H 205 -40.41 -50.17 30.15
CA PRO H 205 -39.24 -50.90 29.65
C PRO H 205 -37.98 -50.47 30.39
N THR H 206 -37.10 -51.45 30.61
CA THR H 206 -35.91 -51.20 31.43
C THR H 206 -35.01 -50.16 30.78
N ASN H 207 -34.76 -50.29 29.47
CA ASN H 207 -33.96 -49.29 28.79
C ASN H 207 -34.75 -47.99 28.71
N TRP H 208 -34.20 -46.95 29.33
CA TRP H 208 -34.80 -45.63 29.34
C TRP H 208 -34.97 -45.01 27.95
N SER H 209 -34.22 -45.45 26.94
CA SER H 209 -34.42 -44.90 25.60
C SER H 209 -35.74 -45.36 25.01
N ARG H 210 -36.02 -46.67 25.09
CA ARG H 210 -37.31 -47.17 24.66
C ARG H 210 -38.43 -46.57 25.49
N ARG H 211 -38.22 -46.49 26.81
CA ARG H 211 -39.18 -45.85 27.70
C ARG H 211 -39.49 -44.43 27.26
N TYR H 212 -38.44 -43.66 26.97
CA TYR H 212 -38.62 -42.27 26.59
C TYR H 212 -39.39 -42.22 25.28
N LYS H 213 -38.84 -42.78 24.20
CA LYS H 213 -39.52 -42.69 22.91
C LYS H 213 -40.99 -43.11 23.05
N ALA H 214 -41.27 -44.11 23.89
CA ALA H 214 -42.66 -44.51 24.11
C ALA H 214 -43.49 -43.38 24.71
N ASN H 215 -43.04 -42.79 25.82
CA ASN H 215 -43.88 -41.76 26.43
C ASN H 215 -43.80 -40.43 25.67
N LEU H 216 -42.75 -40.22 24.88
CA LEU H 216 -42.73 -39.10 23.95
C LEU H 216 -43.82 -39.26 22.90
N GLU H 217 -43.99 -40.46 22.35
CA GLU H 217 -45.12 -40.72 21.47
C GLU H 217 -46.45 -40.59 22.22
N LYS H 218 -46.46 -40.93 23.51
CA LYS H 218 -47.67 -40.73 24.32
C LYS H 218 -48.04 -39.26 24.41
N LEU H 219 -47.05 -38.39 24.63
CA LEU H 219 -47.32 -36.96 24.69
C LEU H 219 -47.67 -36.40 23.32
N ALA H 220 -47.03 -36.91 22.27
CA ALA H 220 -47.26 -36.41 20.92
C ALA H 220 -48.61 -36.86 20.37
N SER H 221 -49.10 -38.02 20.82
CA SER H 221 -50.42 -38.48 20.36
C SER H 221 -51.51 -37.49 20.72
N GLY H 222 -51.27 -36.65 21.73
CA GLY H 222 -52.30 -35.74 22.19
C GLY H 222 -53.40 -36.40 22.98
N ASP H 223 -53.30 -37.70 23.23
CA ASP H 223 -54.31 -38.42 24.00
C ASP H 223 -54.12 -38.05 25.47
N VAL H 224 -55.13 -37.43 26.06
CA VAL H 224 -55.08 -36.95 27.43
C VAL H 224 -54.67 -38.11 28.33
N ASN H 225 -55.22 -39.29 28.05
CA ASN H 225 -54.87 -40.47 28.85
C ASN H 225 -53.39 -40.77 28.73
N LYS H 226 -52.88 -40.88 27.49
CA LYS H 226 -51.47 -41.19 27.28
C LYS H 226 -50.58 -40.15 27.95
N VAL H 227 -50.95 -38.87 27.78
CA VAL H 227 -50.17 -37.77 28.37
C VAL H 227 -50.14 -37.93 29.89
N ALA H 228 -51.28 -38.27 30.49
CA ALA H 228 -51.33 -38.45 31.94
C ALA H 228 -50.42 -39.57 32.38
N GLU H 229 -50.45 -40.71 31.67
CA GLU H 229 -49.53 -41.79 31.98
C GLU H 229 -48.10 -41.26 31.96
N VAL H 230 -47.77 -40.49 30.93
CA VAL H 230 -46.42 -39.95 30.77
C VAL H 230 -46.02 -39.21 32.02
N VAL H 231 -46.77 -38.15 32.35
CA VAL H 231 -46.34 -37.26 33.43
C VAL H 231 -46.28 -38.04 34.74
N ARG H 232 -47.29 -38.85 35.01
CA ARG H 232 -47.36 -39.51 36.32
C ARG H 232 -46.20 -40.49 36.49
N ASP H 233 -45.90 -41.28 35.45
CA ASP H 233 -44.80 -42.23 35.58
C ASP H 233 -43.45 -41.52 35.63
N LEU H 234 -43.29 -40.43 34.86
CA LEU H 234 -42.07 -39.66 34.92
C LEU H 234 -41.84 -39.13 36.32
N TRP H 235 -42.90 -38.62 36.95
CA TRP H 235 -42.76 -38.10 38.31
C TRP H 235 -42.54 -39.23 39.31
N ARG H 236 -43.18 -40.39 39.10
CA ARG H 236 -42.90 -41.52 39.97
C ARG H 236 -41.43 -41.91 39.89
N ARG H 237 -40.80 -41.72 38.73
CA ARG H 237 -39.38 -42.02 38.61
C ARG H 237 -38.53 -40.94 39.27
N ASP H 238 -38.88 -39.67 39.11
CA ASP H 238 -37.98 -38.60 39.58
C ASP H 238 -38.17 -38.29 41.06
N GLN H 239 -39.37 -38.50 41.59
CA GLN H 239 -39.64 -38.37 43.01
C GLN H 239 -38.86 -39.41 43.79
N GLU H 240 -38.39 -40.45 43.10
CA GLU H 240 -37.56 -41.48 43.71
C GLU H 240 -36.13 -40.98 43.92
N ARG H 241 -35.45 -40.61 42.83
CA ARG H 241 -34.06 -40.18 42.92
C ARG H 241 -33.72 -39.01 41.99
N GLY H 242 -34.71 -38.41 41.33
CA GLY H 242 -34.40 -37.35 40.37
C GLY H 242 -33.98 -37.91 39.03
N LEU H 243 -34.34 -37.18 37.98
CA LEU H 243 -34.16 -37.67 36.61
C LEU H 243 -33.41 -36.65 35.75
N SER H 244 -33.24 -36.98 34.47
CA SER H 244 -32.43 -36.17 33.57
C SER H 244 -33.12 -34.85 33.22
N ALA H 245 -32.30 -33.90 32.75
CA ALA H 245 -32.84 -32.59 32.37
C ALA H 245 -33.76 -32.69 31.17
N GLY H 246 -33.43 -33.56 30.21
CA GLY H 246 -34.36 -33.82 29.13
C GLY H 246 -35.68 -34.34 29.63
N GLU H 247 -35.62 -35.27 30.58
CA GLU H 247 -36.85 -35.77 31.19
C GLU H 247 -37.51 -34.72 32.08
N LYS H 248 -36.71 -33.81 32.66
CA LYS H 248 -37.30 -32.70 33.39
C LYS H 248 -38.13 -31.80 32.48
N ARG H 249 -37.59 -31.47 31.31
CA ARG H 249 -38.34 -30.70 30.32
C ARG H 249 -39.54 -31.49 29.81
N MET H 250 -39.39 -32.80 29.64
CA MET H 250 -40.51 -33.66 29.28
C MET H 250 -41.63 -33.52 30.30
N LEU H 251 -41.29 -33.58 31.58
CA LEU H 251 -42.30 -33.39 32.61
C LEU H 251 -42.87 -31.98 32.57
N ALA H 252 -42.02 -30.97 32.34
CA ALA H 252 -42.47 -29.60 32.41
C ALA H 252 -43.49 -29.26 31.34
N LYS H 253 -43.19 -29.60 30.08
CA LYS H 253 -44.12 -29.27 29.00
C LYS H 253 -45.46 -29.96 29.19
N ALA H 254 -45.43 -31.27 29.49
CA ALA H 254 -46.66 -32.02 29.66
C ALA H 254 -47.44 -31.53 30.87
N ARG H 255 -46.74 -31.19 31.96
CA ARG H 255 -47.41 -30.61 33.12
C ARG H 255 -48.07 -29.29 32.76
N GLN H 256 -47.38 -28.45 32.00
CA GLN H 256 -47.95 -27.16 31.62
C GLN H 256 -49.22 -27.33 30.83
N ILE H 257 -49.18 -28.16 29.78
CA ILE H 257 -50.36 -28.31 28.93
C ILE H 257 -51.49 -29.02 29.70
N LEU H 258 -51.15 -30.03 30.52
CA LEU H 258 -52.17 -30.72 31.30
C LEU H 258 -52.80 -29.78 32.33
N VAL H 259 -51.98 -28.95 32.99
CA VAL H 259 -52.49 -28.00 33.96
C VAL H 259 -53.42 -27.01 33.28
N GLY H 260 -53.03 -26.50 32.11
CA GLY H 260 -53.93 -25.66 31.36
C GLY H 260 -55.24 -26.35 31.04
N GLU H 261 -55.16 -27.60 30.58
CA GLU H 261 -56.35 -28.34 30.19
C GLU H 261 -57.31 -28.48 31.36
N LEU H 262 -56.81 -28.88 32.53
CA LEU H 262 -57.71 -29.01 33.68
C LEU H 262 -58.18 -27.64 34.18
N ALA H 263 -57.33 -26.62 34.10
CA ALA H 263 -57.68 -25.30 34.56
C ALA H 263 -58.75 -24.65 33.71
N LEU H 264 -58.94 -25.12 32.48
CA LEU H 264 -60.10 -24.71 31.69
C LEU H 264 -61.21 -25.76 31.69
N ALA H 265 -60.91 -26.99 32.11
CA ALA H 265 -61.93 -28.03 32.17
C ALA H 265 -62.84 -27.82 33.38
N GLU H 266 -62.25 -27.71 34.57
CA GLU H 266 -62.99 -27.38 35.78
C GLU H 266 -62.93 -25.90 36.10
N SER H 267 -62.34 -25.09 35.22
CA SER H 267 -62.18 -23.66 35.44
C SER H 267 -61.53 -23.38 36.80
N THR H 268 -60.51 -24.16 37.11
CA THR H 268 -59.86 -24.11 38.42
C THR H 268 -58.66 -23.18 38.48
N ASP H 269 -58.13 -22.74 37.32
CA ASP H 269 -57.00 -21.82 37.20
C ASP H 269 -55.68 -22.57 37.21
N ASP H 270 -54.68 -22.02 36.50
CA ASP H 270 -53.44 -22.75 36.25
C ASP H 270 -52.64 -22.95 37.54
N ALA H 271 -52.58 -21.93 38.39
CA ALA H 271 -51.87 -22.10 39.66
C ALA H 271 -52.53 -23.16 40.52
N LYS H 272 -53.85 -23.11 40.62
CA LYS H 272 -54.59 -24.11 41.37
C LYS H 272 -54.47 -25.48 40.72
N ALA H 273 -54.47 -25.54 39.39
CA ALA H 273 -54.27 -26.81 38.71
C ALA H 273 -52.87 -27.36 38.98
N GLU H 274 -51.87 -26.48 39.06
CA GLU H 274 -50.54 -26.92 39.48
C GLU H 274 -50.56 -27.50 40.87
N THR H 275 -51.24 -26.83 41.81
CA THR H 275 -51.28 -27.33 43.18
C THR H 275 -51.99 -28.67 43.26
N ILE H 276 -53.10 -28.83 42.52
CA ILE H 276 -53.81 -30.12 42.58
C ILE H 276 -53.03 -31.20 41.87
N LEU H 277 -52.32 -30.87 40.78
CA LEU H 277 -51.48 -31.87 40.12
C LEU H 277 -50.37 -32.33 41.07
N ASP H 278 -49.77 -31.41 41.81
CA ASP H 278 -48.79 -31.79 42.82
C ASP H 278 -49.43 -32.59 43.95
N GLU H 279 -50.66 -32.26 44.33
CA GLU H 279 -51.37 -33.03 45.36
C GLU H 279 -51.55 -34.48 44.92
N VAL H 280 -51.96 -34.70 43.68
CA VAL H 280 -52.29 -36.05 43.22
C VAL H 280 -51.06 -36.86 42.87
N LEU H 281 -49.92 -36.22 42.63
CA LEU H 281 -48.68 -36.96 42.38
C LEU H 281 -48.25 -37.75 43.60
N ALA H 282 -48.36 -37.16 44.79
CA ALA H 282 -47.94 -37.85 46.01
C ALA H 282 -48.93 -38.95 46.37
N ALA H 283 -50.21 -38.75 46.10
CA ALA H 283 -51.24 -39.73 46.39
C ALA H 283 -51.29 -40.02 47.89
ZN ZN K . 12.35 -33.68 33.55
ZN ZN L . 38.32 -5.64 -21.97
MG MG M . 5.03 14.19 -5.03
#